data_5D8Y
#
_entry.id   5D8Y
#
_cell.length_a   125.845
_cell.length_b   125.845
_cell.length_c   272.518
_cell.angle_alpha   90.000
_cell.angle_beta   90.000
_cell.angle_gamma   120.000
#
_symmetry.space_group_name_H-M   'P 32'
#
loop_
_entity.id
_entity.type
_entity.pdbx_description
1 polymer Ferroxidase
2 non-polymer 'FE (II) ION'
3 non-polymer 'ACETATE ION'
4 non-polymer 'POTASSIUM ION'
5 non-polymer 'PROTOPORPHYRIN IX CONTAINING FE'
6 water water
#
_entity_poly.entity_id   1
_entity_poly.type   'polypeptide(L)'
_entity_poly.pdbx_seq_one_letter_code
;MKGDKKVIQHLNKILGNELIAINQYFLHSRMWNDWGLKRLGAHEYHESIDEMKHADKLIERILFLEGAPNLQDLGKLLIG
ANTQEMLQCDLNLELKATKDLREAIVHCEQVHDYVSRDLLKDILESEEEHIDYLETQLGLIQKVGLENYLQSHMHEDD
;
_entity_poly.pdbx_strand_id   A,B,C,D,E,F,G,H,I,J,K,L,M,N,O,P,Q,R,S,T,U,V,W,X
#
loop_
_chem_comp.id
_chem_comp.type
_chem_comp.name
_chem_comp.formula
ACT non-polymer 'ACETATE ION' 'C2 H3 O2 -1'
FE2 non-polymer 'FE (II) ION' 'Fe 2'
HEM non-polymer 'PROTOPORPHYRIN IX CONTAINING FE' 'C34 H32 Fe N4 O4'
K non-polymer 'POTASSIUM ION' 'K 1'
#
# COMPACT_ATOMS: atom_id res chain seq x y z
N MET A 1 -25.49 -29.06 38.03
CA MET A 1 -26.04 -30.40 37.66
C MET A 1 -25.33 -31.38 38.58
N LYS A 2 -26.08 -32.09 39.44
CA LYS A 2 -25.46 -32.96 40.43
C LYS A 2 -24.68 -34.07 39.75
N GLY A 3 -23.38 -34.16 40.04
CA GLY A 3 -22.58 -35.24 39.54
C GLY A 3 -22.57 -36.42 40.48
N ASP A 4 -22.10 -37.54 39.97
CA ASP A 4 -21.91 -38.73 40.81
C ASP A 4 -20.78 -38.49 41.83
N LYS A 5 -21.05 -38.80 43.10
CA LYS A 5 -20.11 -38.49 44.17
C LYS A 5 -18.75 -39.17 43.96
N LYS A 6 -18.74 -40.41 43.50
CA LYS A 6 -17.49 -41.12 43.23
C LYS A 6 -16.74 -40.52 42.03
N VAL A 7 -17.47 -40.13 40.96
CA VAL A 7 -16.80 -39.47 39.84
C VAL A 7 -16.09 -38.21 40.32
N ILE A 8 -16.78 -37.41 41.14
CA ILE A 8 -16.15 -36.21 41.69
C ILE A 8 -14.91 -36.57 42.49
N GLN A 9 -14.96 -37.68 43.25
CA GLN A 9 -13.80 -38.09 44.04
C GLN A 9 -12.65 -38.46 43.11
N HIS A 10 -12.95 -39.19 42.03
CA HIS A 10 -11.93 -39.45 41.01
C HIS A 10 -11.37 -38.15 40.44
N LEU A 11 -12.24 -37.19 40.11
CA LEU A 11 -11.76 -35.97 39.48
C LEU A 11 -10.85 -35.21 40.44
N ASN A 12 -11.20 -35.15 41.72
CA ASN A 12 -10.32 -34.53 42.72
C ASN A 12 -9.01 -35.29 42.88
N LYS A 13 -9.02 -36.62 42.64
CA LYS A 13 -7.75 -37.36 42.69
C LYS A 13 -6.87 -36.99 41.49
N ILE A 14 -7.44 -36.96 40.29
CA ILE A 14 -6.71 -36.47 39.12
C ILE A 14 -6.17 -35.07 39.40
N LEU A 15 -7.01 -34.19 39.92
CA LEU A 15 -6.56 -32.83 40.18
C LEU A 15 -5.37 -32.83 41.12
N GLY A 16 -5.40 -33.70 42.13
CA GLY A 16 -4.30 -33.78 43.05
C GLY A 16 -3.00 -34.12 42.36
N ASN A 17 -3.06 -35.00 41.35
CA ASN A 17 -1.87 -35.33 40.59
C ASN A 17 -1.41 -34.16 39.74
N GLU A 18 -2.35 -33.39 39.15
CA GLU A 18 -1.97 -32.23 38.37
C GLU A 18 -1.23 -31.23 39.24
N LEU A 19 -1.67 -31.08 40.49
CA LEU A 19 -1.06 -30.10 41.37
C LEU A 19 0.38 -30.47 41.72
N ILE A 20 0.65 -31.76 41.95
CA ILE A 20 2.02 -32.21 42.13
C ILE A 20 2.86 -31.86 40.91
N ALA A 21 2.34 -32.21 39.73
CA ALA A 21 3.09 -32.04 38.48
C ALA A 21 3.38 -30.57 38.19
N ILE A 22 2.42 -29.69 38.43
CA ILE A 22 2.65 -28.26 38.23
C ILE A 22 3.88 -27.81 38.98
N ASN A 23 3.95 -28.14 40.27
CA ASN A 23 5.02 -27.63 41.13
C ASN A 23 6.35 -28.29 40.81
N GLN A 24 6.35 -29.63 40.69
CA GLN A 24 7.52 -30.40 40.29
C GLN A 24 8.11 -29.90 38.99
N TYR A 25 7.28 -29.80 37.94
CA TYR A 25 7.80 -29.39 36.65
C TYR A 25 8.23 -27.92 36.67
N PHE A 26 7.51 -27.07 37.43
CA PHE A 26 7.94 -25.67 37.46
C PHE A 26 9.28 -25.54 38.15
N LEU A 27 9.48 -26.25 39.27
CA LEU A 27 10.79 -26.20 39.92
C LEU A 27 11.87 -26.80 39.04
N HIS A 28 11.60 -27.94 38.39
CA HIS A 28 12.59 -28.52 37.49
C HIS A 28 12.94 -27.54 36.36
N SER A 29 11.93 -26.90 35.77
CA SER A 29 12.18 -25.87 34.77
C SER A 29 13.15 -24.81 35.28
N ARG A 30 12.91 -24.26 36.48
CA ARG A 30 13.75 -23.17 36.96
C ARG A 30 15.11 -23.66 37.41
N MET A 31 15.23 -24.92 37.86
CA MET A 31 16.55 -25.49 38.11
C MET A 31 17.36 -25.57 36.83
N TRP A 32 16.75 -26.06 35.74
CA TRP A 32 17.42 -26.12 34.45
C TRP A 32 17.82 -24.73 33.95
N ASN A 33 16.93 -23.73 34.06
CA ASN A 33 17.30 -22.38 33.66
C ASN A 33 18.44 -21.86 34.49
N ASP A 34 18.42 -22.15 35.79
CA ASP A 34 19.48 -21.73 36.69
C ASP A 34 20.85 -22.31 36.30
N TRP A 35 20.85 -23.51 35.73
CA TRP A 35 22.06 -24.21 35.33
C TRP A 35 22.51 -23.82 33.93
N GLY A 36 21.74 -22.99 33.24
CA GLY A 36 22.05 -22.57 31.89
C GLY A 36 21.69 -23.59 30.85
N LEU A 37 20.82 -24.53 31.18
CA LEU A 37 20.26 -25.48 30.22
C LEU A 37 18.87 -24.98 29.82
N LYS A 38 18.88 -23.91 29.00
CA LYS A 38 17.68 -23.11 28.78
C LYS A 38 16.66 -23.83 27.91
N ARG A 39 17.12 -24.67 26.99
CA ARG A 39 16.19 -25.43 26.15
C ARG A 39 15.38 -26.43 26.98
N LEU A 40 16.04 -27.15 27.88
CA LEU A 40 15.34 -28.00 28.83
C LEU A 40 14.42 -27.19 29.73
N GLY A 41 14.91 -26.07 30.27
CA GLY A 41 14.05 -25.23 31.10
C GLY A 41 12.79 -24.79 30.37
N ALA A 42 12.94 -24.34 29.12
CA ALA A 42 11.77 -23.87 28.38
C ALA A 42 10.79 -24.99 28.13
N HIS A 43 11.28 -26.18 27.78
CA HIS A 43 10.34 -27.25 27.49
C HIS A 43 9.63 -27.70 28.76
N GLU A 44 10.33 -27.75 29.89
CA GLU A 44 9.72 -28.16 31.15
C GLU A 44 8.71 -27.12 31.63
N TYR A 45 8.99 -25.83 31.39
CA TYR A 45 8.03 -24.77 31.66
C TYR A 45 6.73 -25.03 30.90
N HIS A 46 6.83 -25.36 29.62
CA HIS A 46 5.61 -25.60 28.86
CA HIS A 46 5.66 -25.68 28.77
C HIS A 46 4.88 -26.84 29.37
N GLU A 47 5.61 -27.87 29.82
CA GLU A 47 4.97 -29.00 30.47
C GLU A 47 4.18 -28.53 31.70
N SER A 48 4.80 -27.66 32.51
CA SER A 48 4.14 -27.12 33.69
C SER A 48 2.83 -26.41 33.30
N ILE A 49 2.88 -25.58 32.27
CA ILE A 49 1.69 -24.87 31.81
C ILE A 49 0.63 -25.86 31.36
N ASP A 50 1.03 -26.91 30.64
CA ASP A 50 0.09 -27.98 30.27
C ASP A 50 -0.67 -28.49 31.48
N GLU A 51 0.05 -28.77 32.59
CA GLU A 51 -0.64 -29.30 33.77
C GLU A 51 -1.53 -28.24 34.39
N MET A 52 -1.14 -26.98 34.32
CA MET A 52 -2.01 -25.93 34.84
C MET A 52 -3.32 -25.93 34.08
N LYS A 53 -3.26 -26.18 32.77
CA LYS A 53 -4.47 -26.17 31.97
C LYS A 53 -5.32 -27.40 32.25
N HIS A 54 -4.69 -28.54 32.55
CA HIS A 54 -5.45 -29.71 32.98
C HIS A 54 -6.18 -29.44 34.26
N ALA A 55 -5.46 -28.91 35.25
CA ALA A 55 -6.08 -28.59 36.53
C ALA A 55 -7.25 -27.64 36.33
N ASP A 56 -7.09 -26.63 35.48
CA ASP A 56 -8.18 -25.68 35.26
C ASP A 56 -9.44 -26.40 34.79
N LYS A 57 -9.30 -27.27 33.78
CA LYS A 57 -10.48 -27.99 33.29
C LYS A 57 -11.11 -28.88 34.36
N LEU A 58 -10.29 -29.54 35.18
CA LEU A 58 -10.83 -30.39 36.24
C LEU A 58 -11.62 -29.56 37.25
N ILE A 59 -11.04 -28.44 37.68
CA ILE A 59 -11.69 -27.55 38.63
C ILE A 59 -13.06 -27.10 38.10
N GLU A 60 -13.11 -26.69 36.82
CA GLU A 60 -14.37 -26.22 36.26
C GLU A 60 -15.40 -27.33 36.20
N ARG A 61 -14.99 -28.52 35.79
CA ARG A 61 -15.89 -29.66 35.74
C ARG A 61 -16.41 -30.01 37.13
N ILE A 62 -15.53 -30.05 38.14
CA ILE A 62 -15.95 -30.36 39.52
C ILE A 62 -16.98 -29.36 40.01
N LEU A 63 -16.77 -28.07 39.74
CA LEU A 63 -17.75 -27.05 40.18
C LEU A 63 -19.07 -27.22 39.44
N PHE A 64 -19.02 -27.50 38.13
CA PHE A 64 -20.25 -27.75 37.39
C PHE A 64 -21.02 -28.95 37.97
N LEU A 65 -20.30 -29.99 38.38
CA LEU A 65 -20.94 -31.15 38.97
C LEU A 65 -21.33 -30.94 40.42
N GLU A 66 -21.13 -29.72 40.93
CA GLU A 66 -21.57 -29.31 42.27
C GLU A 66 -20.71 -29.93 43.36
N GLY A 67 -19.45 -30.24 43.06
CA GLY A 67 -18.49 -30.68 44.04
C GLY A 67 -17.57 -29.54 44.46
N ALA A 68 -16.69 -29.88 45.38
CA ALA A 68 -15.74 -28.93 45.96
C ALA A 68 -14.35 -29.32 45.49
N PRO A 69 -13.73 -28.54 44.60
CA PRO A 69 -12.35 -28.83 44.17
C PRO A 69 -11.38 -28.76 45.35
N ASN A 70 -10.50 -29.76 45.44
CA ASN A 70 -9.53 -29.82 46.54
C ASN A 70 -8.19 -29.30 46.00
N LEU A 71 -7.87 -28.04 46.32
CA LEU A 71 -6.55 -27.51 45.99
C LEU A 71 -5.64 -27.47 47.21
N GLN A 72 -6.02 -28.13 48.29
CA GLN A 72 -5.38 -27.96 49.59
C GLN A 72 -4.36 -29.02 49.86
N ASP A 73 -4.60 -30.21 49.35
CA ASP A 73 -3.73 -31.36 49.57
C ASP A 73 -2.75 -31.45 48.42
N LEU A 74 -1.48 -31.43 48.77
CA LEU A 74 -0.38 -31.52 47.82
C LEU A 74 0.46 -32.73 48.20
N GLY A 75 0.46 -33.74 47.33
CA GLY A 75 1.27 -34.92 47.50
C GLY A 75 2.76 -34.64 47.26
N LYS A 76 3.53 -35.73 47.22
CA LYS A 76 4.97 -35.63 47.33
C LYS A 76 5.57 -35.26 45.98
N LEU A 77 6.32 -34.16 45.96
CA LEU A 77 7.12 -33.79 44.79
C LEU A 77 8.35 -34.66 44.72
N LEU A 78 8.70 -35.10 43.53
CA LEU A 78 9.95 -35.83 43.30
C LEU A 78 10.91 -34.90 42.57
N ILE A 79 11.85 -34.33 43.30
CA ILE A 79 12.81 -33.39 42.75
C ILE A 79 14.14 -34.12 42.53
N GLY A 80 14.58 -34.18 41.29
CA GLY A 80 15.84 -34.81 40.98
C GLY A 80 17.04 -33.89 41.24
N ALA A 81 18.21 -34.50 41.31
CA ALA A 81 19.45 -33.77 41.57
C ALA A 81 20.22 -33.41 40.32
N ASN A 82 19.94 -34.05 39.19
CA ASN A 82 20.56 -33.71 37.92
C ASN A 82 19.55 -34.02 36.82
N THR A 83 19.93 -33.69 35.57
CA THR A 83 19.00 -33.77 34.44
C THR A 83 18.38 -35.16 34.30
N GLN A 84 19.21 -36.20 34.32
CA GLN A 84 18.70 -37.54 34.13
C GLN A 84 17.72 -37.90 35.24
N GLU A 85 18.05 -37.58 36.48
CA GLU A 85 17.18 -37.90 37.60
C GLU A 85 15.88 -37.12 37.52
N MET A 86 15.96 -35.85 37.13
CA MET A 86 14.77 -35.01 36.99
C MET A 86 13.82 -35.58 35.94
N LEU A 87 14.36 -36.05 34.81
CA LEU A 87 13.52 -36.68 33.80
C LEU A 87 12.89 -37.95 34.34
N GLN A 88 13.65 -38.75 35.09
CA GLN A 88 13.11 -39.97 35.69
C GLN A 88 12.02 -39.67 36.70
N CYS A 89 12.20 -38.62 37.51
CA CYS A 89 11.18 -38.25 38.49
C CYS A 89 9.90 -37.80 37.80
N ASP A 90 10.01 -37.04 36.72
CA ASP A 90 8.84 -36.66 35.93
C ASP A 90 8.15 -37.91 35.37
N LEU A 91 8.94 -38.84 34.84
CA LEU A 91 8.38 -40.04 34.24
C LEU A 91 7.66 -40.90 35.27
N ASN A 92 8.25 -41.05 36.46
CA ASN A 92 7.56 -41.77 37.52
CA ASN A 92 7.59 -41.73 37.57
C ASN A 92 6.23 -41.10 37.87
N LEU A 93 6.19 -39.77 37.88
CA LEU A 93 4.96 -39.09 38.22
C LEU A 93 3.89 -39.30 37.13
N GLU A 94 4.29 -39.22 35.87
CA GLU A 94 3.33 -39.40 34.76
C GLU A 94 2.77 -40.80 34.72
N LEU A 95 3.61 -41.82 34.97
CA LEU A 95 3.12 -43.20 34.95
C LEU A 95 2.11 -43.45 36.06
N LYS A 96 2.38 -42.93 37.25
CA LYS A 96 1.40 -43.04 38.33
C LYS A 96 0.12 -42.30 37.98
N ALA A 97 0.23 -41.11 37.38
CA ALA A 97 -0.96 -40.34 37.04
C ALA A 97 -1.82 -41.04 35.99
N THR A 98 -1.19 -41.72 35.00
CA THR A 98 -2.02 -42.31 33.97
C THR A 98 -2.81 -43.50 34.52
N LYS A 99 -2.28 -44.17 35.54
CA LYS A 99 -3.03 -45.25 36.18
C LYS A 99 -4.28 -44.71 36.85
N ASP A 100 -4.14 -43.60 37.58
CA ASP A 100 -5.32 -42.97 38.17
C ASP A 100 -6.32 -42.52 37.11
N LEU A 101 -5.83 -41.99 35.98
CA LEU A 101 -6.74 -41.56 34.91
C LEU A 101 -7.52 -42.75 34.34
N ARG A 102 -6.86 -43.90 34.16
CA ARG A 102 -7.56 -45.05 33.58
C ARG A 102 -8.66 -45.54 34.51
N GLU A 103 -8.41 -45.52 35.83
CA GLU A 103 -9.43 -45.96 36.79
C GLU A 103 -10.62 -45.00 36.85
N ALA A 104 -10.37 -43.69 36.70
CA ALA A 104 -11.44 -42.72 36.66
C ALA A 104 -12.30 -42.85 35.40
N ILE A 105 -11.66 -43.11 34.26
CA ILE A 105 -12.42 -43.32 33.04
C ILE A 105 -13.34 -44.54 33.19
N VAL A 106 -12.80 -45.66 33.69
CA VAL A 106 -13.62 -46.83 33.98
C VAL A 106 -14.87 -46.42 34.76
N HIS A 107 -14.68 -45.63 35.80
CA HIS A 107 -15.83 -45.26 36.61
C HIS A 107 -16.78 -44.31 35.88
N CYS A 108 -16.24 -43.34 35.13
CA CYS A 108 -17.14 -42.45 34.37
C CYS A 108 -18.02 -43.27 33.45
N GLU A 109 -17.42 -44.24 32.75
CA GLU A 109 -18.16 -45.08 31.84
C GLU A 109 -19.25 -45.85 32.57
N GLN A 110 -18.94 -46.31 33.78
CA GLN A 110 -19.88 -47.16 34.51
C GLN A 110 -21.13 -46.38 34.90
N VAL A 111 -21.00 -45.09 35.21
CA VAL A 111 -22.17 -44.30 35.58
C VAL A 111 -22.67 -43.41 34.43
N HIS A 112 -22.18 -43.62 33.22
CA HIS A 112 -22.66 -42.92 32.03
C HIS A 112 -22.32 -41.42 32.04
N ASP A 113 -21.28 -41.00 32.78
CA ASP A 113 -20.80 -39.61 32.73
C ASP A 113 -19.81 -39.53 31.58
N TYR A 114 -20.38 -39.52 30.37
CA TYR A 114 -19.55 -39.59 29.18
C TYR A 114 -18.82 -38.28 28.90
N VAL A 115 -19.32 -37.14 29.38
CA VAL A 115 -18.59 -35.89 29.16
C VAL A 115 -17.36 -35.84 30.06
N SER A 116 -17.50 -36.27 31.30
CA SER A 116 -16.32 -36.41 32.16
C SER A 116 -15.32 -37.40 31.59
N ARG A 117 -15.80 -38.53 31.04
CA ARG A 117 -14.90 -39.49 30.41
C ARG A 117 -14.10 -38.82 29.31
N ASP A 118 -14.78 -38.07 28.45
CA ASP A 118 -14.11 -37.43 27.32
C ASP A 118 -13.05 -36.44 27.77
N LEU A 119 -13.34 -35.65 28.80
CA LEU A 119 -12.35 -34.77 29.38
C LEU A 119 -11.13 -35.53 29.88
N LEU A 120 -11.36 -36.64 30.60
CA LEU A 120 -10.21 -37.38 31.13
C LEU A 120 -9.42 -38.05 30.02
N LYS A 121 -10.09 -38.48 28.95
CA LYS A 121 -9.41 -39.06 27.81
C LYS A 121 -8.50 -38.03 27.13
N ASP A 122 -8.97 -36.78 27.04
CA ASP A 122 -8.14 -35.70 26.47
C ASP A 122 -6.92 -35.46 27.33
N ILE A 123 -7.08 -35.48 28.65
CA ILE A 123 -5.92 -35.34 29.52
C ILE A 123 -4.99 -36.54 29.35
N LEU A 124 -5.54 -37.75 29.29
CA LEU A 124 -4.71 -38.95 29.16
C LEU A 124 -3.88 -38.92 27.89
N GLU A 125 -4.46 -38.43 26.79
CA GLU A 125 -3.70 -38.31 25.55
C GLU A 125 -2.53 -37.35 25.74
N SER A 126 -2.75 -36.28 26.47
CA SER A 126 -1.67 -35.35 26.77
CA SER A 126 -1.66 -35.35 26.77
C SER A 126 -0.59 -36.02 27.64
N GLU A 127 -1.02 -36.78 28.66
CA GLU A 127 -0.02 -37.42 29.52
C GLU A 127 0.80 -38.45 28.75
N GLU A 128 0.18 -39.18 27.80
CA GLU A 128 0.97 -40.14 27.03
C GLU A 128 1.96 -39.44 26.11
N GLU A 129 1.61 -38.25 25.58
CA GLU A 129 2.61 -37.41 24.91
C GLU A 129 3.73 -36.99 25.86
N HIS A 130 3.40 -36.60 27.09
CA HIS A 130 4.44 -36.29 28.07
C HIS A 130 5.35 -37.50 28.32
N ILE A 131 4.75 -38.69 28.49
CA ILE A 131 5.55 -39.89 28.71
C ILE A 131 6.44 -40.16 27.52
N ASP A 132 5.90 -39.97 26.31
CA ASP A 132 6.74 -40.16 25.12
C ASP A 132 7.92 -39.20 25.13
N TYR A 133 7.69 -37.95 25.51
CA TYR A 133 8.79 -36.98 25.52
C TYR A 133 9.86 -37.41 26.52
N LEU A 134 9.44 -37.78 27.72
CA LEU A 134 10.38 -38.13 28.79
C LEU A 134 11.19 -39.38 28.45
N GLU A 135 10.50 -40.45 28.02
CA GLU A 135 11.19 -41.67 27.62
C GLU A 135 12.16 -41.40 26.51
N THR A 136 11.75 -40.54 25.57
CA THR A 136 12.59 -40.24 24.43
C THR A 136 13.86 -39.50 24.87
N GLN A 137 13.74 -38.60 25.85
CA GLN A 137 14.93 -37.88 26.30
C GLN A 137 15.87 -38.83 27.02
N LEU A 138 15.33 -39.74 27.82
CA LEU A 138 16.17 -40.68 28.53
C LEU A 138 16.89 -41.58 27.53
N GLY A 139 16.20 -41.98 26.46
CA GLY A 139 16.85 -42.75 25.42
C GLY A 139 17.91 -41.96 24.69
N LEU A 140 17.66 -40.67 24.45
CA LEU A 140 18.66 -39.86 23.76
C LEU A 140 19.92 -39.67 24.60
N ILE A 141 19.76 -39.54 25.93
CA ILE A 141 20.96 -39.50 26.76
C ILE A 141 21.82 -40.72 26.48
N GLN A 142 21.20 -41.89 26.30
CA GLN A 142 21.99 -43.09 26.00
C GLN A 142 22.61 -43.03 24.61
N LYS A 143 21.85 -42.57 23.61
CA LYS A 143 22.33 -42.66 22.23
C LYS A 143 23.41 -41.62 21.93
N VAL A 144 23.27 -40.40 22.44
CA VAL A 144 24.25 -39.36 22.11
C VAL A 144 25.22 -39.09 23.25
N GLY A 145 25.03 -39.72 24.40
CA GLY A 145 25.86 -39.44 25.55
C GLY A 145 25.32 -38.29 26.38
N LEU A 146 25.61 -38.33 27.67
CA LEU A 146 25.05 -37.34 28.58
C LEU A 146 25.58 -35.95 28.26
N GLU A 147 26.88 -35.81 28.04
CA GLU A 147 27.47 -34.52 27.76
C GLU A 147 26.86 -33.88 26.51
N ASN A 148 26.78 -34.64 25.41
CA ASN A 148 26.16 -34.11 24.19
C ASN A 148 24.71 -33.76 24.41
N TYR A 149 23.96 -34.62 25.09
CA TYR A 149 22.54 -34.33 25.31
C TYR A 149 22.38 -32.99 26.03
N LEU A 150 23.15 -32.77 27.10
CA LEU A 150 23.07 -31.49 27.80
C LEU A 150 23.53 -30.35 26.91
N GLN A 151 24.58 -30.57 26.14
CA GLN A 151 25.10 -29.51 25.26
C GLN A 151 24.01 -29.04 24.29
N SER A 152 23.25 -29.97 23.75
CA SER A 152 22.19 -29.68 22.81
C SER A 152 21.02 -28.96 23.42
N HIS A 153 20.95 -28.86 24.76
CA HIS A 153 19.84 -28.19 25.42
C HIS A 153 20.29 -27.00 26.25
N MET A 154 21.50 -26.51 25.98
CA MET A 154 22.01 -25.30 26.59
C MET A 154 21.32 -24.04 26.04
N HIS A 155 21.41 -23.86 24.72
CA HIS A 155 20.95 -22.65 24.05
C HIS A 155 19.58 -22.88 23.40
N GLU A 156 18.72 -21.86 23.48
CA GLU A 156 17.41 -21.95 22.83
C GLU A 156 17.49 -21.65 21.33
N MET B 1 25.67 -17.92 43.73
CA MET B 1 26.39 -17.06 44.73
C MET B 1 25.86 -17.41 46.12
N LYS B 2 26.74 -17.64 47.10
CA LYS B 2 26.28 -18.16 48.39
C LYS B 2 25.49 -17.08 49.12
N GLY B 3 24.19 -17.28 49.28
CA GLY B 3 23.37 -16.32 49.98
C GLY B 3 23.32 -16.58 51.48
N ASP B 4 22.74 -15.64 52.18
CA ASP B 4 22.59 -15.77 53.62
C ASP B 4 21.50 -16.78 53.96
N LYS B 5 21.80 -17.71 54.87
CA LYS B 5 20.88 -18.81 55.17
C LYS B 5 19.53 -18.29 55.64
N LYS B 6 19.54 -17.25 56.46
CA LYS B 6 18.32 -16.69 57.03
C LYS B 6 17.52 -15.91 56.00
N VAL B 7 18.20 -15.23 55.07
CA VAL B 7 17.49 -14.60 53.95
C VAL B 7 16.76 -15.65 53.14
N ILE B 8 17.45 -16.73 52.77
CA ILE B 8 16.82 -17.77 51.97
C ILE B 8 15.62 -18.33 52.69
N GLN B 9 15.69 -18.46 54.02
CA GLN B 9 14.53 -18.91 54.78
C GLN B 9 13.38 -17.93 54.65
N HIS B 10 13.67 -16.64 54.79
CA HIS B 10 12.66 -15.62 54.54
C HIS B 10 12.06 -15.75 53.15
N LEU B 11 12.92 -15.89 52.14
CA LEU B 11 12.45 -16.01 50.76
C LEU B 11 11.53 -17.21 50.61
N ASN B 12 11.90 -18.34 51.22
CA ASN B 12 11.04 -19.51 51.21
C ASN B 12 9.75 -19.26 51.98
N LYS B 13 9.79 -18.43 53.02
CA LYS B 13 8.55 -18.14 53.72
C LYS B 13 7.62 -17.31 52.86
N ILE B 14 8.17 -16.28 52.16
CA ILE B 14 7.37 -15.50 51.23
C ILE B 14 6.84 -16.40 50.12
N LEU B 15 7.69 -17.30 49.61
CA LEU B 15 7.27 -18.19 48.53
C LEU B 15 6.10 -19.04 48.98
N GLY B 16 6.15 -19.52 50.22
CA GLY B 16 5.03 -20.24 50.78
C GLY B 16 3.74 -19.45 50.79
N ASN B 17 3.81 -18.16 51.11
CA ASN B 17 2.61 -17.33 51.05
C ASN B 17 2.07 -17.22 49.62
N GLU B 18 2.97 -17.07 48.64
CA GLU B 18 2.56 -16.98 47.25
C GLU B 18 1.83 -18.24 46.81
N LEU B 19 2.31 -19.39 47.25
CA LEU B 19 1.70 -20.65 46.80
C LEU B 19 0.29 -20.78 47.34
N ILE B 20 0.02 -20.31 48.56
CA ILE B 20 -1.35 -20.28 49.06
C ILE B 20 -2.22 -19.37 48.19
N ALA B 21 -1.72 -18.16 47.92
CA ALA B 21 -2.48 -17.18 47.16
C ALA B 21 -2.80 -17.68 45.75
N ILE B 22 -1.84 -18.32 45.09
CA ILE B 22 -2.10 -18.85 43.75
C ILE B 22 -3.35 -19.72 43.74
N ASN B 23 -3.37 -20.70 44.64
CA ASN B 23 -4.44 -21.67 44.67
C ASN B 23 -5.73 -21.05 45.17
N GLN B 24 -5.66 -20.25 46.22
CA GLN B 24 -6.88 -19.61 46.75
C GLN B 24 -7.52 -18.71 45.69
N TYR B 25 -6.71 -17.85 45.04
CA TYR B 25 -7.26 -16.95 44.04
C TYR B 25 -7.74 -17.73 42.81
N PHE B 26 -7.03 -18.78 42.41
CA PHE B 26 -7.48 -19.55 41.26
C PHE B 26 -8.82 -20.21 41.54
N LEU B 27 -8.99 -20.76 42.73
CA LEU B 27 -10.25 -21.41 43.06
C LEU B 27 -11.38 -20.39 43.16
N HIS B 28 -11.15 -19.24 43.82
CA HIS B 28 -12.16 -18.19 43.86
C HIS B 28 -12.54 -17.74 42.45
N SER B 29 -11.55 -17.56 41.57
CA SER B 29 -11.86 -17.13 40.21
C SER B 29 -12.79 -18.12 39.52
N ARG B 30 -12.51 -19.41 39.67
CA ARG B 30 -13.32 -20.40 39.01
C ARG B 30 -14.67 -20.55 39.68
N MET B 31 -14.72 -20.31 40.98
CA MET B 31 -16.01 -20.23 41.65
C MET B 31 -16.85 -19.09 41.10
N TRP B 32 -16.26 -17.89 40.95
CA TRP B 32 -17.02 -16.79 40.39
C TRP B 32 -17.46 -17.09 38.96
N ASN B 33 -16.54 -17.62 38.13
CA ASN B 33 -16.94 -17.96 36.77
C ASN B 33 -18.10 -18.96 36.77
N ASP B 34 -18.04 -19.95 37.64
CA ASP B 34 -19.09 -20.97 37.70
C ASP B 34 -20.44 -20.36 38.03
N TRP B 35 -20.46 -19.35 38.90
CA TRP B 35 -21.68 -18.66 39.29
C TRP B 35 -22.13 -17.64 38.26
N GLY B 36 -21.38 -17.45 37.17
CA GLY B 36 -21.75 -16.48 36.16
C GLY B 36 -21.33 -15.07 36.46
N LEU B 37 -20.45 -14.87 37.42
CA LEU B 37 -19.91 -13.56 37.78
C LEU B 37 -18.54 -13.41 37.12
N LYS B 38 -18.58 -13.27 35.79
CA LYS B 38 -17.41 -13.44 34.95
C LYS B 38 -16.40 -12.32 35.14
N ARG B 39 -16.86 -11.11 35.44
CA ARG B 39 -15.93 -10.01 35.65
C ARG B 39 -15.15 -10.18 36.95
N LEU B 40 -15.82 -10.64 38.02
CA LEU B 40 -15.11 -11.03 39.22
C LEU B 40 -14.17 -12.20 38.94
N GLY B 41 -14.64 -13.18 38.17
CA GLY B 41 -13.80 -14.33 37.83
C GLY B 41 -12.54 -13.93 37.11
N ALA B 42 -12.66 -13.03 36.14
CA ALA B 42 -11.52 -12.61 35.33
C ALA B 42 -10.51 -11.82 36.14
N HIS B 43 -10.97 -10.92 37.01
CA HIS B 43 -10.03 -10.12 37.78
C HIS B 43 -9.32 -11.00 38.81
N GLU B 44 -10.04 -11.93 39.42
CA GLU B 44 -9.40 -12.81 40.38
C GLU B 44 -8.37 -13.71 39.71
N TYR B 45 -8.66 -14.15 38.49
CA TYR B 45 -7.69 -14.90 37.69
C TYR B 45 -6.41 -14.09 37.47
N HIS B 46 -6.56 -12.80 37.16
CA HIS B 46 -5.34 -12.03 36.96
CA HIS B 46 -5.41 -11.90 36.99
C HIS B 46 -4.60 -11.81 38.27
N GLU B 47 -5.28 -11.70 39.41
CA GLU B 47 -4.58 -11.69 40.69
C GLU B 47 -3.78 -12.98 40.87
N SER B 48 -4.41 -14.12 40.58
CA SER B 48 -3.71 -15.41 40.64
C SER B 48 -2.45 -15.39 39.78
N ILE B 49 -2.56 -14.85 38.57
CA ILE B 49 -1.40 -14.82 37.66
C ILE B 49 -0.28 -13.98 38.26
N ASP B 50 -0.63 -12.82 38.85
CA ASP B 50 0.35 -12.01 39.56
C ASP B 50 1.12 -12.84 40.58
N GLU B 51 0.41 -13.66 41.35
CA GLU B 51 1.07 -14.41 42.41
C GLU B 51 1.96 -15.49 41.81
N MET B 52 1.53 -16.09 40.70
CA MET B 52 2.40 -17.00 39.98
C MET B 52 3.70 -16.33 39.57
N LYS B 53 3.64 -15.06 39.14
CA LYS B 53 4.86 -14.35 38.76
C LYS B 53 5.75 -14.03 39.96
N HIS B 54 5.13 -13.69 41.10
CA HIS B 54 5.89 -13.48 42.32
C HIS B 54 6.63 -14.76 42.72
N ALA B 55 5.92 -15.89 42.66
CA ALA B 55 6.54 -17.15 43.03
C ALA B 55 7.71 -17.47 42.11
N ASP B 56 7.53 -17.24 40.80
CA ASP B 56 8.60 -17.46 39.84
C ASP B 56 9.86 -16.67 40.21
N LYS B 57 9.73 -15.37 40.48
CA LYS B 57 10.90 -14.58 40.80
C LYS B 57 11.55 -14.99 42.12
N LEU B 58 10.76 -15.42 43.10
CA LEU B 58 11.33 -15.92 44.35
C LEU B 58 12.09 -17.21 44.12
N ILE B 59 11.53 -18.13 43.34
CA ILE B 59 12.20 -19.40 43.05
C ILE B 59 13.55 -19.12 42.38
N GLU B 60 13.57 -18.21 41.41
CA GLU B 60 14.79 -17.94 40.67
C GLU B 60 15.85 -17.36 41.59
N ARG B 61 15.45 -16.43 42.45
CA ARG B 61 16.37 -15.82 43.39
C ARG B 61 16.89 -16.84 44.38
N ILE B 62 16.02 -17.69 44.91
CA ILE B 62 16.48 -18.70 45.86
C ILE B 62 17.53 -19.59 45.21
N LEU B 63 17.30 -19.98 43.96
CA LEU B 63 18.22 -20.89 43.29
C LEU B 63 19.54 -20.20 43.02
N PHE B 64 19.49 -18.92 42.64
CA PHE B 64 20.75 -18.21 42.41
C PHE B 64 21.57 -18.11 43.69
N LEU B 65 20.91 -17.91 44.84
CA LEU B 65 21.59 -17.86 46.12
C LEU B 65 21.94 -19.22 46.68
N GLU B 66 21.73 -20.30 45.92
CA GLU B 66 22.15 -21.67 46.25
C GLU B 66 21.29 -22.28 47.36
N GLY B 67 20.04 -21.84 47.46
CA GLY B 67 19.07 -22.44 48.33
C GLY B 67 18.21 -23.42 47.57
N ALA B 68 17.35 -24.10 48.33
CA ALA B 68 16.41 -25.08 47.82
C ALA B 68 15.01 -24.50 47.90
N PRO B 69 14.38 -24.11 46.80
CA PRO B 69 13.01 -23.61 46.90
C PRO B 69 12.08 -24.70 47.42
N ASN B 70 11.22 -24.31 48.34
CA ASN B 70 10.24 -25.21 48.95
C ASN B 70 8.88 -25.02 48.29
N LEU B 71 8.54 -25.92 47.37
CA LEU B 71 7.19 -25.93 46.80
C LEU B 71 6.32 -27.05 47.38
N GLN B 72 6.81 -27.75 48.39
CA GLN B 72 6.11 -28.92 48.94
C GLN B 72 5.09 -28.55 49.99
N ASP B 73 5.39 -27.56 50.80
CA ASP B 73 4.58 -27.25 51.96
C ASP B 73 3.59 -26.17 51.54
N LEU B 74 2.31 -26.48 51.69
CA LEU B 74 1.23 -25.60 51.28
C LEU B 74 0.42 -25.31 52.52
N GLY B 75 0.35 -24.05 52.91
CA GLY B 75 -0.42 -23.66 54.07
C GLY B 75 -1.91 -23.68 53.79
N LYS B 76 -2.66 -23.12 54.74
CA LYS B 76 -4.13 -23.19 54.75
C LYS B 76 -4.73 -22.20 53.76
N LEU B 77 -5.50 -22.72 52.80
CA LEU B 77 -6.30 -21.90 51.92
C LEU B 77 -7.52 -21.40 52.67
N LEU B 78 -7.83 -20.11 52.48
CA LEU B 78 -9.01 -19.45 53.05
C LEU B 78 -10.06 -19.36 51.95
N ILE B 79 -11.02 -20.29 51.92
CA ILE B 79 -12.01 -20.33 50.85
C ILE B 79 -13.31 -19.76 51.38
N GLY B 80 -13.82 -18.74 50.75
CA GLY B 80 -15.10 -18.23 51.18
C GLY B 80 -16.27 -18.96 50.55
N ALA B 81 -17.46 -18.70 51.07
CA ALA B 81 -18.67 -19.31 50.58
C ALA B 81 -19.53 -18.39 49.73
N ASN B 82 -19.32 -17.07 49.81
CA ASN B 82 -19.99 -16.11 48.95
C ASN B 82 -19.01 -14.99 48.62
N THR B 83 -19.45 -14.02 47.79
CA THR B 83 -18.53 -13.02 47.27
C THR B 83 -17.87 -12.22 48.39
N GLN B 84 -18.66 -11.74 49.35
CA GLN B 84 -18.10 -10.91 50.42
C GLN B 84 -17.05 -11.67 51.22
N GLU B 85 -17.37 -12.89 51.61
CA GLU B 85 -16.39 -13.69 52.33
C GLU B 85 -15.14 -13.98 51.49
N MET B 86 -15.31 -14.30 50.20
CA MET B 86 -14.14 -14.61 49.38
C MET B 86 -13.20 -13.41 49.27
N LEU B 87 -13.76 -12.22 49.07
CA LEU B 87 -12.94 -11.00 49.07
C LEU B 87 -12.25 -10.80 50.42
N GLN B 88 -12.96 -11.01 51.51
CA GLN B 88 -12.37 -10.81 52.84
C GLN B 88 -11.29 -11.84 53.14
N CYS B 89 -11.46 -13.10 52.67
CA CYS B 89 -10.40 -14.08 52.78
C CYS B 89 -9.15 -13.67 52.00
N ASP B 90 -9.32 -13.16 50.78
CA ASP B 90 -8.16 -12.68 50.03
C ASP B 90 -7.47 -11.56 50.81
N LEU B 91 -8.26 -10.64 51.39
CA LEU B 91 -7.67 -9.52 52.12
C LEU B 91 -6.90 -9.98 53.35
N ASN B 92 -7.45 -10.92 54.12
CA ASN B 92 -6.71 -11.43 55.29
C ASN B 92 -5.40 -12.09 54.87
N LEU B 93 -5.41 -12.83 53.76
CA LEU B 93 -4.17 -13.44 53.30
C LEU B 93 -3.15 -12.38 52.88
N GLU B 94 -3.60 -11.40 52.10
CA GLU B 94 -2.70 -10.30 51.68
C GLU B 94 -2.09 -9.61 52.88
N LEU B 95 -2.89 -9.33 53.91
CA LEU B 95 -2.37 -8.59 55.05
C LEU B 95 -1.34 -9.40 55.83
N LYS B 96 -1.57 -10.71 55.99
CA LYS B 96 -0.55 -11.59 56.58
C LYS B 96 0.71 -11.65 55.74
N ALA B 97 0.58 -11.74 54.42
CA ALA B 97 1.74 -11.73 53.53
C ALA B 97 2.57 -10.47 53.68
N THR B 98 1.93 -9.29 53.75
CA THR B 98 2.72 -8.06 53.81
C THR B 98 3.53 -8.00 55.10
N LYS B 99 2.98 -8.53 56.17
CA LYS B 99 3.72 -8.62 57.42
C LYS B 99 5.00 -9.44 57.24
N ASP B 100 4.91 -10.57 56.56
CA ASP B 100 6.11 -11.36 56.36
C ASP B 100 7.07 -10.68 55.37
N LEU B 101 6.54 -9.98 54.35
CA LEU B 101 7.44 -9.27 53.44
C LEU B 101 8.24 -8.20 54.19
N ARG B 102 7.59 -7.48 55.12
CA ARG B 102 8.31 -6.42 55.83
C ARG B 102 9.43 -7.00 56.69
N GLU B 103 9.16 -8.11 57.37
CA GLU B 103 10.20 -8.73 58.20
C GLU B 103 11.35 -9.22 57.35
N ALA B 104 11.07 -9.79 56.17
CA ALA B 104 12.13 -10.23 55.28
C ALA B 104 12.98 -9.05 54.80
N ILE B 105 12.33 -7.92 54.49
CA ILE B 105 13.11 -6.75 54.03
C ILE B 105 14.04 -6.24 55.14
N VAL B 106 13.53 -6.17 56.37
CA VAL B 106 14.40 -5.85 57.50
C VAL B 106 15.64 -6.73 57.49
N HIS B 107 15.47 -8.05 57.28
CA HIS B 107 16.62 -8.95 57.34
C HIS B 107 17.55 -8.78 56.14
N CYS B 108 17.00 -8.60 54.93
CA CYS B 108 17.89 -8.30 53.80
C CYS B 108 18.71 -7.06 54.07
N GLU B 109 18.09 -6.02 54.62
CA GLU B 109 18.83 -4.78 54.87
C GLU B 109 19.97 -5.03 55.85
N GLN B 110 19.69 -5.81 56.88
CA GLN B 110 20.65 -6.05 57.96
C GLN B 110 21.87 -6.82 57.47
N VAL B 111 21.72 -7.70 56.49
CA VAL B 111 22.87 -8.42 55.97
C VAL B 111 23.32 -7.90 54.61
N HIS B 112 22.80 -6.74 54.20
CA HIS B 112 23.27 -6.06 52.98
C HIS B 112 22.88 -6.81 51.70
N ASP B 113 21.83 -7.62 51.73
CA ASP B 113 21.38 -8.29 50.51
C ASP B 113 20.39 -7.35 49.84
N TYR B 114 20.96 -6.34 49.18
CA TYR B 114 20.16 -5.25 48.67
C TYR B 114 19.39 -5.63 47.42
N VAL B 115 19.88 -6.61 46.65
CA VAL B 115 19.10 -7.07 45.50
C VAL B 115 17.87 -7.85 45.98
N SER B 116 18.04 -8.72 46.97
CA SER B 116 16.86 -9.41 47.51
C SER B 116 15.87 -8.40 48.09
N ARG B 117 16.36 -7.39 48.80
CA ARG B 117 15.46 -6.37 49.33
C ARG B 117 14.65 -5.75 48.22
N ASP B 118 15.31 -5.43 47.10
CA ASP B 118 14.61 -4.74 46.01
C ASP B 118 13.51 -5.62 45.43
N LEU B 119 13.80 -6.90 45.20
CA LEU B 119 12.79 -7.83 44.73
C LEU B 119 11.60 -7.88 45.68
N LEU B 120 11.85 -8.03 46.98
CA LEU B 120 10.76 -8.11 47.93
C LEU B 120 9.98 -6.80 48.00
N LYS B 121 10.66 -5.66 47.80
CA LYS B 121 9.95 -4.38 47.74
C LYS B 121 9.02 -4.33 46.55
N ASP B 122 9.48 -4.84 45.40
CA ASP B 122 8.62 -4.91 44.21
C ASP B 122 7.39 -5.78 44.47
N ILE B 123 7.60 -6.93 45.11
CA ILE B 123 6.46 -7.79 45.46
C ILE B 123 5.53 -7.06 46.42
N LEU B 124 6.10 -6.39 47.43
CA LEU B 124 5.28 -5.70 48.42
C LEU B 124 4.43 -4.61 47.77
N GLU B 125 4.99 -3.89 46.80
CA GLU B 125 4.22 -2.88 46.08
C GLU B 125 3.02 -3.53 45.37
N SER B 126 3.24 -4.70 44.75
CA SER B 126 2.14 -5.44 44.12
CA SER B 126 2.12 -5.42 44.12
C SER B 126 1.09 -5.83 45.16
N GLU B 127 1.52 -6.31 46.34
CA GLU B 127 0.56 -6.75 47.34
C GLU B 127 -0.28 -5.58 47.87
N GLU B 128 0.33 -4.40 48.02
CA GLU B 128 -0.46 -3.25 48.47
C GLU B 128 -1.46 -2.83 47.41
N GLU B 129 -1.12 -2.98 46.14
CA GLU B 129 -2.13 -2.80 45.09
C GLU B 129 -3.23 -3.85 45.21
N HIS B 130 -2.89 -5.10 45.54
CA HIS B 130 -3.93 -6.12 45.74
C HIS B 130 -4.82 -5.74 46.91
N ILE B 131 -4.23 -5.24 48.00
CA ILE B 131 -5.00 -4.84 49.16
C ILE B 131 -5.93 -3.69 48.78
N ASP B 132 -5.40 -2.72 48.05
CA ASP B 132 -6.24 -1.62 47.60
C ASP B 132 -7.42 -2.13 46.77
N TYR B 133 -7.16 -3.01 45.82
CA TYR B 133 -8.27 -3.57 45.04
C TYR B 133 -9.33 -4.23 45.94
N LEU B 134 -8.89 -5.07 46.89
CA LEU B 134 -9.83 -5.84 47.72
C LEU B 134 -10.63 -4.92 48.65
N GLU B 135 -9.94 -4.01 49.32
CA GLU B 135 -10.62 -3.04 50.18
C GLU B 135 -11.61 -2.24 49.37
N THR B 136 -11.23 -1.83 48.17
CA THR B 136 -12.14 -1.00 47.39
C THR B 136 -13.41 -1.79 47.03
N GLN B 137 -13.28 -3.08 46.71
CA GLN B 137 -14.45 -3.86 46.31
C GLN B 137 -15.39 -4.03 47.50
N LEU B 138 -14.83 -4.30 48.68
CA LEU B 138 -15.66 -4.40 49.87
C LEU B 138 -16.38 -3.07 50.14
N GLY B 139 -15.68 -1.95 49.96
CA GLY B 139 -16.32 -0.65 50.11
C GLY B 139 -17.42 -0.42 49.10
N LEU B 140 -17.21 -0.84 47.84
CA LEU B 140 -18.25 -0.67 46.83
C LEU B 140 -19.47 -1.51 47.15
N ILE B 141 -19.28 -2.72 47.67
CA ILE B 141 -20.42 -3.51 48.11
C ILE B 141 -21.24 -2.72 49.13
N GLN B 142 -20.58 -2.02 50.05
CA GLN B 142 -21.35 -1.20 50.98
C GLN B 142 -21.98 0.01 50.28
N LYS B 143 -21.32 0.60 49.29
CA LYS B 143 -21.87 1.83 48.71
C LYS B 143 -23.00 1.56 47.73
N VAL B 144 -22.90 0.52 46.92
CA VAL B 144 -23.89 0.33 45.87
C VAL B 144 -24.87 -0.77 46.22
N GLY B 145 -24.62 -1.53 47.27
CA GLY B 145 -25.40 -2.71 47.63
C GLY B 145 -24.86 -3.96 46.95
N LEU B 146 -24.96 -5.09 47.66
CA LEU B 146 -24.45 -6.35 47.15
C LEU B 146 -25.07 -6.72 45.81
N GLU B 147 -26.39 -6.63 45.70
CA GLU B 147 -27.04 -7.12 44.49
C GLU B 147 -26.59 -6.31 43.27
N ASN B 148 -26.48 -4.98 43.41
CA ASN B 148 -25.94 -4.15 42.34
C ASN B 148 -24.47 -4.46 42.08
N TYR B 149 -23.67 -4.63 43.14
CA TYR B 149 -22.26 -4.95 42.94
C TYR B 149 -22.10 -6.22 42.12
N LEU B 150 -22.87 -7.27 42.46
CA LEU B 150 -22.81 -8.52 41.71
C LEU B 150 -23.32 -8.33 40.30
N GLN B 151 -24.40 -7.57 40.14
CA GLN B 151 -24.92 -7.30 38.81
C GLN B 151 -23.82 -6.71 37.91
N SER B 152 -23.07 -5.74 38.43
CA SER B 152 -22.02 -5.07 37.67
C SER B 152 -20.84 -5.98 37.35
N HIS B 153 -20.79 -7.17 37.91
CA HIS B 153 -19.68 -8.07 37.65
C HIS B 153 -20.12 -9.40 37.07
N MET B 154 -21.37 -9.47 36.57
CA MET B 154 -21.83 -10.59 35.77
C MET B 154 -21.12 -10.66 34.43
N HIS B 155 -21.14 -9.56 33.66
CA HIS B 155 -20.73 -9.57 32.26
C HIS B 155 -19.37 -8.91 32.08
N GLU B 156 -18.51 -9.52 31.27
CA GLU B 156 -17.16 -8.95 31.04
C GLU B 156 -17.18 -7.69 30.15
N MET C 1 0.64 46.12 27.85
CA MET C 1 -0.39 47.19 27.68
C MET C 1 -0.97 47.53 29.04
N LYS C 2 -0.93 48.77 29.46
CA LYS C 2 -1.39 49.09 30.81
C LYS C 2 -2.90 48.93 30.90
N GLY C 3 -3.37 48.00 31.73
CA GLY C 3 -4.79 47.81 31.91
C GLY C 3 -5.36 48.62 33.06
N ASP C 4 -6.67 48.56 33.17
CA ASP C 4 -7.40 49.23 34.24
C ASP C 4 -7.18 48.51 35.56
N LYS C 5 -6.77 49.25 36.60
CA LYS C 5 -6.39 48.61 37.87
C LYS C 5 -7.54 47.79 38.46
N LYS C 6 -8.80 48.29 38.40
CA LYS C 6 -9.92 47.54 38.95
C LYS C 6 -10.23 46.30 38.12
N VAL C 7 -10.02 46.35 36.82
CA VAL C 7 -10.17 45.17 35.98
C VAL C 7 -9.21 44.09 36.44
N ILE C 8 -7.95 44.47 36.67
CA ILE C 8 -6.95 43.51 37.10
C ILE C 8 -7.32 42.92 38.46
N GLN C 9 -7.90 43.74 39.36
CA GLN C 9 -8.37 43.22 40.64
C GLN C 9 -9.50 42.21 40.44
N HIS C 10 -10.42 42.50 39.54
CA HIS C 10 -11.45 41.53 39.21
C HIS C 10 -10.85 40.25 38.64
N LEU C 11 -9.89 40.37 37.74
CA LEU C 11 -9.30 39.17 37.14
C LEU C 11 -8.60 38.35 38.20
N ASN C 12 -7.87 39.00 39.11
CA ASN C 12 -7.23 38.29 40.20
C ASN C 12 -8.27 37.65 41.11
N LYS C 13 -9.45 38.25 41.23
CA LYS C 13 -10.47 37.61 42.06
C LYS C 13 -11.04 36.38 41.37
N ILE C 14 -11.32 36.46 40.07
CA ILE C 14 -11.69 35.27 39.31
C ILE C 14 -10.58 34.23 39.42
N LEU C 15 -9.32 34.65 39.34
CA LEU C 15 -8.24 33.70 39.41
C LEU C 15 -8.26 32.96 40.75
N GLY C 16 -8.50 33.70 41.83
CA GLY C 16 -8.65 33.08 43.14
C GLY C 16 -9.71 32.00 43.20
N ASN C 17 -10.86 32.22 42.55
CA ASN C 17 -11.89 31.19 42.51
C ASN C 17 -11.44 29.96 41.73
N GLU C 18 -10.72 30.16 40.62
CA GLU C 18 -10.22 29.04 39.85
C GLU C 18 -9.28 28.16 40.67
N LEU C 19 -8.42 28.79 41.49
CA LEU C 19 -7.45 28.04 42.26
C LEU C 19 -8.12 27.19 43.32
N ILE C 20 -9.19 27.69 43.95
CA ILE C 20 -10.00 26.87 44.85
C ILE C 20 -10.55 25.66 44.10
N ALA C 21 -11.14 25.92 42.94
CA ALA C 21 -11.83 24.86 42.23
C ALA C 21 -10.84 23.79 41.76
N ILE C 22 -9.65 24.21 41.30
CA ILE C 22 -8.62 23.25 40.89
C ILE C 22 -8.40 22.22 41.98
N ASN C 23 -8.05 22.69 43.18
CA ASN C 23 -7.70 21.79 44.29
C ASN C 23 -8.90 21.01 44.78
N GLN C 24 -10.04 21.68 44.90
CA GLN C 24 -11.24 21.01 45.39
C GLN C 24 -11.64 19.89 44.44
N TYR C 25 -11.69 20.16 43.14
CA TYR C 25 -12.11 19.11 42.22
C TYR C 25 -11.04 18.03 42.06
N PHE C 26 -9.77 18.40 42.17
CA PHE C 26 -8.76 17.37 42.06
C PHE C 26 -8.85 16.40 43.24
N LEU C 27 -9.00 16.92 44.45
CA LEU C 27 -9.15 16.07 45.62
C LEU C 27 -10.43 15.23 45.52
N HIS C 28 -11.54 15.84 45.11
CA HIS C 28 -12.76 15.06 44.96
C HIS C 28 -12.57 13.93 43.93
N SER C 29 -11.90 14.25 42.82
CA SER C 29 -11.63 13.25 41.80
C SER C 29 -10.86 12.09 42.40
N ARG C 30 -9.82 12.38 43.19
CA ARG C 30 -9.01 11.30 43.72
C ARG C 30 -9.73 10.56 44.82
N MET C 31 -10.62 11.23 45.55
CA MET C 31 -11.47 10.53 46.50
C MET C 31 -12.37 9.55 45.79
N TRP C 32 -12.97 9.98 44.69
CA TRP C 32 -13.85 9.08 43.96
C TRP C 32 -13.08 7.89 43.39
N ASN C 33 -11.87 8.13 42.87
CA ASN C 33 -11.04 7.03 42.35
C ASN C 33 -10.67 6.07 43.46
N ASP C 34 -10.32 6.61 44.63
CA ASP C 34 -9.94 5.78 45.76
C ASP C 34 -11.08 4.87 46.20
N TRP C 35 -12.32 5.35 46.11
CA TRP C 35 -13.49 4.54 46.43
C TRP C 35 -13.90 3.61 45.31
N GLY C 36 -13.22 3.63 44.16
CA GLY C 36 -13.66 2.77 43.08
C GLY C 36 -14.77 3.33 42.24
N LEU C 37 -15.11 4.60 42.39
CA LEU C 37 -16.12 5.27 41.56
C LEU C 37 -15.41 6.03 40.44
N LYS C 38 -14.87 5.26 39.48
CA LYS C 38 -13.86 5.76 38.54
C LYS C 38 -14.44 6.66 37.47
N ARG C 39 -15.71 6.46 37.11
CA ARG C 39 -16.33 7.33 36.13
C ARG C 39 -16.57 8.72 36.69
N LEU C 40 -16.95 8.81 37.97
CA LEU C 40 -17.05 10.11 38.65
C LEU C 40 -15.67 10.74 38.84
N GLY C 41 -14.68 9.94 39.23
CA GLY C 41 -13.34 10.48 39.39
C GLY C 41 -12.74 11.00 38.09
N ALA C 42 -13.00 10.30 36.97
CA ALA C 42 -12.46 10.76 35.69
C ALA C 42 -13.14 12.05 35.26
N HIS C 43 -14.47 12.13 35.40
CA HIS C 43 -15.14 13.36 35.02
C HIS C 43 -14.73 14.52 35.93
N GLU C 44 -14.56 14.24 37.22
CA GLU C 44 -14.13 15.32 38.11
C GLU C 44 -12.70 15.74 37.81
N TYR C 45 -11.85 14.79 37.41
CA TYR C 45 -10.52 15.17 36.97
C TYR C 45 -10.59 16.12 35.77
N HIS C 46 -11.50 15.87 34.85
CA HIS C 46 -11.58 16.74 33.67
C HIS C 46 -12.14 18.11 34.02
N GLU C 47 -13.06 18.21 34.97
CA GLU C 47 -13.45 19.52 35.47
C GLU C 47 -12.25 20.27 36.02
N SER C 48 -11.44 19.58 36.84
CA SER C 48 -10.24 20.17 37.44
C SER C 48 -9.30 20.73 36.38
N ILE C 49 -9.07 19.97 35.31
CA ILE C 49 -8.22 20.43 34.22
C ILE C 49 -8.83 21.64 33.51
N ASP C 50 -10.15 21.62 33.30
CA ASP C 50 -10.80 22.84 32.78
C ASP C 50 -10.45 24.07 33.61
N GLU C 51 -10.42 23.91 34.95
CA GLU C 51 -10.17 25.06 35.81
C GLU C 51 -8.72 25.50 35.71
N MET C 52 -7.80 24.53 35.58
CA MET C 52 -6.41 24.89 35.36
C MET C 52 -6.25 25.70 34.08
N LYS C 53 -7.05 25.37 33.06
CA LYS C 53 -6.96 26.12 31.80
C LYS C 53 -7.51 27.54 31.95
N HIS C 54 -8.60 27.71 32.71
CA HIS C 54 -9.10 29.05 33.04
C HIS C 54 -8.05 29.85 33.78
N ALA C 55 -7.47 29.27 34.83
CA ALA C 55 -6.42 29.94 35.58
C ALA C 55 -5.29 30.40 34.67
N ASP C 56 -4.86 29.52 33.76
CA ASP C 56 -3.77 29.87 32.82
C ASP C 56 -4.13 31.09 31.98
N LYS C 57 -5.34 31.11 31.41
CA LYS C 57 -5.69 32.24 30.55
C LYS C 57 -5.83 33.54 31.35
N LEU C 58 -6.29 33.45 32.58
CA LEU C 58 -6.35 34.62 33.45
C LEU C 58 -4.96 35.13 33.77
N ILE C 59 -4.06 34.23 34.16
CA ILE C 59 -2.68 34.61 34.47
C ILE C 59 -2.07 35.32 33.29
N GLU C 60 -2.30 34.81 32.09
CA GLU C 60 -1.67 35.38 30.90
C GLU C 60 -2.23 36.75 30.62
N ARG C 61 -3.55 36.92 30.79
CA ARG C 61 -4.20 38.21 30.57
C ARG C 61 -3.74 39.23 31.60
N ILE C 62 -3.58 38.80 32.84
CA ILE C 62 -3.14 39.72 33.90
C ILE C 62 -1.72 40.22 33.61
N LEU C 63 -0.84 39.33 33.16
CA LEU C 63 0.52 39.74 32.89
C LEU C 63 0.58 40.67 31.69
N PHE C 64 -0.19 40.36 30.64
CA PHE C 64 -0.26 41.25 29.48
C PHE C 64 -0.66 42.66 29.90
N LEU C 65 -1.66 42.78 30.77
CA LEU C 65 -2.11 44.07 31.26
C LEU C 65 -1.23 44.65 32.34
N GLU C 66 -0.05 44.05 32.58
CA GLU C 66 0.99 44.56 33.47
C GLU C 66 0.58 44.51 34.94
N GLY C 67 -0.22 43.52 35.29
CA GLY C 67 -0.58 43.27 36.67
C GLY C 67 0.19 42.09 37.22
N ALA C 68 -0.03 41.85 38.49
CA ALA C 68 0.69 40.80 39.22
C ALA C 68 -0.29 39.69 39.56
N PRO C 69 -0.20 38.53 38.92
CA PRO C 69 -1.11 37.43 39.24
C PRO C 69 -0.90 36.96 40.67
N ASN C 70 -2.00 36.75 41.37
CA ASN C 70 -1.97 36.30 42.76
C ASN C 70 -2.29 34.81 42.80
N LEU C 71 -1.25 33.99 42.89
CA LEU C 71 -1.39 32.56 43.11
C LEU C 71 -1.13 32.17 44.56
N GLN C 72 -0.98 33.16 45.45
CA GLN C 72 -0.62 32.95 46.83
C GLN C 72 -1.81 32.74 47.73
N ASP C 73 -2.93 33.38 47.44
CA ASP C 73 -4.10 33.35 48.30
C ASP C 73 -5.03 32.23 47.84
N LEU C 74 -5.25 31.26 48.71
CA LEU C 74 -6.12 30.14 48.42
C LEU C 74 -7.26 30.19 49.42
N GLY C 75 -8.46 30.44 48.92
CA GLY C 75 -9.67 30.44 49.72
C GLY C 75 -10.02 29.04 50.20
N LYS C 76 -11.22 28.94 50.77
CA LYS C 76 -11.62 27.75 51.51
C LYS C 76 -12.15 26.68 50.56
N LEU C 77 -11.51 25.52 50.56
CA LEU C 77 -12.02 24.37 49.84
C LEU C 77 -13.23 23.78 50.57
N LEU C 78 -14.26 23.45 49.81
CA LEU C 78 -15.43 22.76 50.33
C LEU C 78 -15.30 21.29 49.96
N ILE C 79 -14.87 20.48 50.92
CA ILE C 79 -14.64 19.05 50.70
C ILE C 79 -15.78 18.25 51.30
N GLY C 80 -16.48 17.48 50.46
CA GLY C 80 -17.57 16.64 50.94
C GLY C 80 -17.09 15.27 51.45
N ALA C 81 -17.98 14.56 52.15
CA ALA C 81 -17.66 13.28 52.75
C ALA C 81 -18.23 12.10 52.00
N ASN C 82 -19.15 12.34 51.06
CA ASN C 82 -19.79 11.33 50.24
C ASN C 82 -20.19 12.01 48.92
N THR C 83 -20.64 11.19 47.98
CA THR C 83 -20.86 11.65 46.60
C THR C 83 -21.85 12.81 46.55
N GLN C 84 -22.98 12.69 47.23
CA GLN C 84 -23.99 13.75 47.21
C GLN C 84 -23.46 15.06 47.78
N GLU C 85 -22.72 14.99 48.89
CA GLU C 85 -22.15 16.21 49.46
C GLU C 85 -21.07 16.79 48.56
N MET C 86 -20.28 15.95 47.90
CA MET C 86 -19.19 16.47 47.09
C MET C 86 -19.76 17.22 45.89
N LEU C 87 -20.80 16.65 45.29
CA LEU C 87 -21.43 17.29 44.14
C LEU C 87 -22.03 18.65 44.55
N GLN C 88 -22.59 18.72 45.76
CA GLN C 88 -23.22 19.97 46.22
C GLN C 88 -22.17 20.99 46.59
N CYS C 89 -21.07 20.56 47.20
CA CYS C 89 -19.96 21.47 47.43
C CYS C 89 -19.45 22.07 46.13
N ASP C 90 -19.31 21.24 45.09
CA ASP C 90 -18.86 21.76 43.81
C ASP C 90 -19.88 22.75 43.25
N LEU C 91 -21.16 22.39 43.35
CA LEU C 91 -22.22 23.26 42.87
C LEU C 91 -22.21 24.60 43.61
N ASN C 92 -22.04 24.55 44.93
CA ASN C 92 -21.98 25.80 45.69
C ASN C 92 -20.81 26.68 45.28
N LEU C 93 -19.67 26.05 44.93
CA LEU C 93 -18.51 26.84 44.51
C LEU C 93 -18.74 27.50 43.14
N GLU C 94 -19.32 26.76 42.19
CA GLU C 94 -19.62 27.30 40.87
C GLU C 94 -20.59 28.48 40.94
N LEU C 95 -21.65 28.36 41.75
CA LEU C 95 -22.63 29.44 41.85
C LEU C 95 -22.02 30.69 42.44
N LYS C 96 -21.15 30.53 43.43
CA LYS C 96 -20.41 31.68 43.95
C LYS C 96 -19.53 32.27 42.86
N ALA C 97 -18.89 31.41 42.08
CA ALA C 97 -17.94 31.87 41.09
C ALA C 97 -18.62 32.56 39.91
N THR C 98 -19.83 32.14 39.52
CA THR C 98 -20.46 32.84 38.41
C THR C 98 -20.86 34.24 38.83
N LYS C 99 -21.18 34.41 40.11
CA LYS C 99 -21.52 35.74 40.61
C LYS C 99 -20.35 36.69 40.42
N ASP C 100 -19.15 36.27 40.82
CA ASP C 100 -17.99 37.14 40.63
C ASP C 100 -17.70 37.38 39.14
N LEU C 101 -17.95 36.38 38.28
CA LEU C 101 -17.71 36.58 36.84
C LEU C 101 -18.64 37.62 36.27
N ARG C 102 -19.91 37.58 36.66
CA ARG C 102 -20.85 38.55 36.13
C ARG C 102 -20.42 39.95 36.51
N GLU C 103 -20.00 40.14 37.77
CA GLU C 103 -19.60 41.48 38.20
C GLU C 103 -18.31 41.91 37.52
N ALA C 104 -17.37 40.98 37.31
CA ALA C 104 -16.17 41.33 36.57
C ALA C 104 -16.51 41.78 35.14
N ILE C 105 -17.49 41.14 34.51
CA ILE C 105 -17.85 41.48 33.15
C ILE C 105 -18.49 42.86 33.09
N VAL C 106 -19.36 43.18 34.06
CA VAL C 106 -19.94 44.52 34.15
C VAL C 106 -18.84 45.57 34.12
N HIS C 107 -17.79 45.36 34.90
CA HIS C 107 -16.73 46.35 34.98
C HIS C 107 -15.92 46.42 33.69
N CYS C 108 -15.62 45.27 33.07
CA CYS C 108 -14.92 45.31 31.80
C CYS C 108 -15.69 46.16 30.80
N GLU C 109 -16.99 45.91 30.70
CA GLU C 109 -17.83 46.67 29.79
C GLU C 109 -17.78 48.16 30.10
N GLN C 110 -17.76 48.52 31.39
CA GLN C 110 -17.83 49.93 31.76
C GLN C 110 -16.57 50.67 31.38
N VAL C 111 -15.42 50.02 31.43
CA VAL C 111 -14.18 50.67 31.05
C VAL C 111 -13.73 50.27 29.65
N HIS C 112 -14.59 49.61 28.87
CA HIS C 112 -14.31 49.29 27.45
C HIS C 112 -13.18 48.27 27.25
N ASP C 113 -12.92 47.40 28.25
CA ASP C 113 -11.95 46.31 28.09
C ASP C 113 -12.68 45.12 27.49
N TYR C 114 -12.90 45.20 26.19
CA TYR C 114 -13.78 44.25 25.55
C TYR C 114 -13.11 42.89 25.40
N VAL C 115 -11.79 42.85 25.28
CA VAL C 115 -11.11 41.57 25.18
C VAL C 115 -11.17 40.84 26.51
N SER C 116 -10.94 41.53 27.64
CA SER C 116 -11.13 40.90 28.94
C SER C 116 -12.55 40.43 29.11
N ARG C 117 -13.53 41.23 28.69
CA ARG C 117 -14.92 40.78 28.78
C ARG C 117 -15.11 39.48 28.02
N ASP C 118 -14.55 39.39 26.83
CA ASP C 118 -14.76 38.18 26.02
C ASP C 118 -14.16 36.97 26.71
N LEU C 119 -12.93 37.11 27.24
CA LEU C 119 -12.33 36.02 27.98
C LEU C 119 -13.20 35.56 29.15
N LEU C 120 -13.74 36.51 29.92
CA LEU C 120 -14.55 36.13 31.07
C LEU C 120 -15.85 35.48 30.65
N LYS C 121 -16.44 35.96 29.57
CA LYS C 121 -17.63 35.33 29.02
C LYS C 121 -17.37 33.88 28.62
N ASP C 122 -16.21 33.61 28.01
CA ASP C 122 -15.85 32.23 27.67
C ASP C 122 -15.76 31.36 28.92
N ILE C 123 -15.11 31.87 29.96
CA ILE C 123 -15.06 31.16 31.24
C ILE C 123 -16.46 30.94 31.79
N LEU C 124 -17.28 32.00 31.78
CA LEU C 124 -18.66 31.90 32.27
C LEU C 124 -19.43 30.82 31.53
N GLU C 125 -19.28 30.74 30.22
CA GLU C 125 -19.96 29.70 29.44
C GLU C 125 -19.59 28.34 29.97
N SER C 126 -18.30 28.12 30.21
CA SER C 126 -17.83 26.87 30.76
CA SER C 126 -17.82 26.87 30.76
C SER C 126 -18.42 26.61 32.16
N GLU C 127 -18.40 27.64 33.01
CA GLU C 127 -18.94 27.44 34.38
C GLU C 127 -20.39 27.03 34.33
N GLU C 128 -21.17 27.61 33.42
CA GLU C 128 -22.58 27.24 33.36
C GLU C 128 -22.74 25.81 32.87
N GLU C 129 -21.86 25.35 31.98
CA GLU C 129 -21.85 23.93 31.62
C GLU C 129 -21.52 23.07 32.84
N HIS C 130 -20.57 23.52 33.67
CA HIS C 130 -20.25 22.79 34.90
C HIS C 130 -21.47 22.73 35.83
N ILE C 131 -22.14 23.87 36.02
CA ILE C 131 -23.37 23.88 36.82
C ILE C 131 -24.39 22.92 36.24
N ASP C 132 -24.56 22.91 34.91
CA ASP C 132 -25.52 21.98 34.32
C ASP C 132 -25.16 20.53 34.65
N TYR C 133 -23.87 20.20 34.58
CA TYR C 133 -23.45 18.84 34.89
C TYR C 133 -23.81 18.48 36.33
N LEU C 134 -23.39 19.33 37.28
CA LEU C 134 -23.62 19.09 38.70
C LEU C 134 -25.10 18.98 39.03
N GLU C 135 -25.91 19.94 38.56
CA GLU C 135 -27.34 19.88 38.84
C GLU C 135 -27.94 18.61 38.27
N THR C 136 -27.50 18.22 37.08
CA THR C 136 -28.04 17.03 36.43
C THR C 136 -27.71 15.78 37.24
N GLN C 137 -26.48 15.67 37.74
CA GLN C 137 -26.12 14.49 38.54
C GLN C 137 -26.96 14.43 39.81
N LEU C 138 -27.08 15.55 40.52
CA LEU C 138 -27.91 15.55 41.72
C LEU C 138 -29.34 15.17 41.36
N GLY C 139 -29.80 15.60 40.20
CA GLY C 139 -31.14 15.21 39.75
C GLY C 139 -31.24 13.73 39.42
N LEU C 140 -30.19 13.16 38.82
CA LEU C 140 -30.23 11.75 38.49
C LEU C 140 -30.22 10.89 39.75
N ILE C 141 -29.46 11.31 40.76
CA ILE C 141 -29.52 10.62 42.05
C ILE C 141 -30.96 10.47 42.53
N GLN C 142 -31.75 11.54 42.42
CA GLN C 142 -33.15 11.44 42.82
C GLN C 142 -33.95 10.52 41.90
N LYS C 143 -33.64 10.50 40.60
CA LYS C 143 -34.49 9.76 39.68
C LYS C 143 -34.17 8.28 39.63
N VAL C 144 -32.91 7.89 39.77
CA VAL C 144 -32.53 6.49 39.69
C VAL C 144 -32.20 5.90 41.06
N GLY C 145 -32.02 6.73 42.09
CA GLY C 145 -31.61 6.29 43.41
C GLY C 145 -30.10 6.31 43.58
N LEU C 146 -29.68 6.57 44.82
CA LEU C 146 -28.24 6.76 45.09
C LEU C 146 -27.44 5.52 44.68
N GLU C 147 -27.92 4.34 45.07
CA GLU C 147 -27.18 3.11 44.83
C GLU C 147 -27.06 2.81 43.34
N ASN C 148 -28.14 3.01 42.58
CA ASN C 148 -28.05 2.85 41.13
C ASN C 148 -27.10 3.88 40.52
N TYR C 149 -27.18 5.13 40.98
CA TYR C 149 -26.32 6.18 40.43
C TYR C 149 -24.85 5.85 40.67
N LEU C 150 -24.50 5.46 41.89
CA LEU C 150 -23.11 5.10 42.16
C LEU C 150 -22.69 3.89 41.32
N GLN C 151 -23.56 2.87 41.21
CA GLN C 151 -23.24 1.68 40.40
C GLN C 151 -22.85 2.07 38.98
N SER C 152 -23.62 2.97 38.38
CA SER C 152 -23.40 3.42 37.01
C SER C 152 -22.12 4.24 36.86
N HIS C 153 -21.49 4.63 37.96
CA HIS C 153 -20.24 5.38 37.87
C HIS C 153 -19.06 4.65 38.48
N MET C 154 -19.18 3.34 38.70
CA MET C 154 -18.03 2.51 39.10
C MET C 154 -17.03 2.38 37.98
N HIS C 155 -17.47 1.82 36.85
CA HIS C 155 -16.59 1.41 35.77
C HIS C 155 -16.55 2.47 34.68
N GLU C 156 -15.34 2.83 34.26
CA GLU C 156 -15.18 3.71 33.11
C GLU C 156 -15.51 2.92 31.85
N MET D 1 -5.93 0.86 53.52
CA MET D 1 -5.01 0.16 54.47
C MET D 1 -4.50 1.17 55.47
N LYS D 2 -4.54 0.85 56.76
CA LYS D 2 -4.27 1.85 57.78
C LYS D 2 -2.79 2.19 57.79
N GLY D 3 -2.45 3.43 57.50
CA GLY D 3 -1.08 3.86 57.53
C GLY D 3 -0.67 4.39 58.89
N ASP D 4 0.64 4.52 59.06
CA ASP D 4 1.25 5.20 60.19
C ASP D 4 0.92 6.70 60.19
N LYS D 5 0.38 7.19 61.32
CA LYS D 5 -0.06 8.60 61.41
C LYS D 5 1.06 9.59 61.12
N LYS D 6 2.28 9.29 61.59
CA LYS D 6 3.39 10.20 61.35
C LYS D 6 3.91 10.10 59.92
N VAL D 7 3.78 8.94 59.28
CA VAL D 7 4.14 8.87 57.86
C VAL D 7 3.20 9.75 57.05
N ILE D 8 1.90 9.67 57.35
CA ILE D 8 0.91 10.44 56.61
C ILE D 8 1.15 11.92 56.80
N GLN D 9 1.56 12.29 58.01
CA GLN D 9 1.92 13.67 58.28
C GLN D 9 3.12 14.09 57.42
N HIS D 10 4.15 13.26 57.36
CA HIS D 10 5.25 13.52 56.45
C HIS D 10 4.76 13.67 55.02
N LEU D 11 3.92 12.73 54.56
CA LEU D 11 3.43 12.78 53.19
C LEU D 11 2.68 14.09 52.94
N ASN D 12 1.88 14.52 53.90
CA ASN D 12 1.18 15.78 53.76
C ASN D 12 2.16 16.96 53.73
N LYS D 13 3.26 16.87 54.47
CA LYS D 13 4.25 17.93 54.40
C LYS D 13 4.92 17.99 53.02
N ILE D 14 5.31 16.84 52.46
CA ILE D 14 5.85 16.82 51.10
C ILE D 14 4.84 17.40 50.10
N LEU D 15 3.58 17.00 50.23
CA LEU D 15 2.54 17.51 49.34
C LEU D 15 2.45 19.03 49.42
N GLY D 16 2.58 19.59 50.62
CA GLY D 16 2.49 21.03 50.77
C GLY D 16 3.62 21.73 50.03
N ASN D 17 4.80 21.13 50.01
CA ASN D 17 5.89 21.67 49.21
C ASN D 17 5.59 21.56 47.71
N GLU D 18 5.01 20.43 47.27
CA GLU D 18 4.62 20.31 45.86
C GLU D 18 3.66 21.43 45.47
N LEU D 19 2.75 21.78 46.36
CA LEU D 19 1.73 22.77 46.02
C LEU D 19 2.36 24.15 45.85
N ILE D 20 3.37 24.46 46.65
CA ILE D 20 4.12 25.71 46.46
C ILE D 20 4.84 25.68 45.11
N ALA D 21 5.50 24.56 44.80
CA ALA D 21 6.27 24.49 43.56
C ALA D 21 5.37 24.60 42.33
N ILE D 22 4.21 23.91 42.33
CA ILE D 22 3.31 24.01 41.18
C ILE D 22 3.02 25.46 40.84
N ASN D 23 2.69 26.26 41.87
CA ASN D 23 2.21 27.61 41.63
C ASN D 23 3.36 28.54 41.29
N GLN D 24 4.45 28.43 42.05
CA GLN D 24 5.62 29.25 41.82
C GLN D 24 6.16 29.01 40.42
N TYR D 25 6.28 27.74 40.02
CA TYR D 25 6.85 27.43 38.72
C TYR D 25 5.88 27.75 37.60
N PHE D 26 4.58 27.58 37.83
CA PHE D 26 3.64 27.98 36.77
C PHE D 26 3.68 29.49 36.55
N LEU D 27 3.76 30.28 37.63
CA LEU D 27 3.85 31.72 37.46
C LEU D 27 5.17 32.12 36.79
N HIS D 28 6.28 31.54 37.22
CA HIS D 28 7.55 31.88 36.58
C HIS D 28 7.50 31.56 35.09
N SER D 29 6.87 30.44 34.73
CA SER D 29 6.75 30.04 33.34
C SER D 29 5.99 31.09 32.52
N ARG D 30 4.85 31.55 33.03
CA ARG D 30 4.05 32.53 32.32
C ARG D 30 4.70 33.90 32.28
N MET D 31 5.50 34.24 33.30
CA MET D 31 6.25 35.48 33.25
C MET D 31 7.32 35.42 32.17
N TRP D 32 8.06 34.31 32.10
CA TRP D 32 9.05 34.16 31.04
C TRP D 32 8.39 34.19 29.66
N ASN D 33 7.25 33.52 29.51
CA ASN D 33 6.50 33.57 28.25
C ASN D 33 6.07 35.00 27.94
N ASP D 34 5.53 35.68 28.96
CA ASP D 34 5.14 37.08 28.81
C ASP D 34 6.29 37.94 28.30
N TRP D 35 7.52 37.70 28.79
CA TRP D 35 8.66 38.49 28.37
C TRP D 35 9.25 38.03 27.04
N GLY D 36 8.68 37.02 26.40
CA GLY D 36 9.22 36.51 25.16
C GLY D 36 10.40 35.57 25.33
N LEU D 37 10.63 35.09 26.53
CA LEU D 37 11.65 34.08 26.78
C LEU D 37 11.01 32.69 26.78
N LYS D 38 10.64 32.24 25.57
CA LYS D 38 9.69 31.13 25.47
C LYS D 38 10.33 29.79 25.79
N ARG D 39 11.64 29.67 25.65
CA ARG D 39 12.30 28.43 25.98
C ARG D 39 12.37 28.24 27.49
N LEU D 40 12.75 29.28 28.22
CA LEU D 40 12.63 29.25 29.67
C LEU D 40 11.20 29.00 30.08
N GLY D 41 10.26 29.72 29.46
CA GLY D 41 8.86 29.53 29.80
C GLY D 41 8.41 28.08 29.63
N ALA D 42 8.80 27.44 28.52
CA ALA D 42 8.35 26.08 28.27
C ALA D 42 8.98 25.10 29.25
N HIS D 43 10.26 25.28 29.56
CA HIS D 43 10.93 24.34 30.46
C HIS D 43 10.40 24.46 31.89
N GLU D 44 10.13 25.68 32.35
CA GLU D 44 9.52 25.90 33.66
C GLU D 44 8.10 25.34 33.72
N TYR D 45 7.35 25.47 32.62
CA TYR D 45 6.05 24.83 32.54
C TYR D 45 6.17 23.34 32.80
N HIS D 46 7.17 22.71 32.19
CA HIS D 46 7.29 21.27 32.38
CA HIS D 46 7.41 21.27 32.35
C HIS D 46 7.74 20.94 33.80
N GLU D 47 8.58 21.75 34.43
CA GLU D 47 8.85 21.56 35.85
C GLU D 47 7.55 21.62 36.65
N SER D 48 6.71 22.62 36.35
CA SER D 48 5.40 22.73 36.98
C SER D 48 4.61 21.44 36.85
N ILE D 49 4.59 20.87 35.64
CA ILE D 49 3.80 19.67 35.42
C ILE D 49 4.38 18.52 36.22
N ASP D 50 5.72 18.40 36.27
CA ASP D 50 6.32 17.37 37.10
C ASP D 50 5.84 17.47 38.53
N GLU D 51 5.76 18.71 39.07
CA GLU D 51 5.31 18.85 40.45
C GLU D 51 3.84 18.50 40.58
N MET D 52 3.02 18.78 39.57
CA MET D 52 1.63 18.34 39.62
C MET D 52 1.56 16.81 39.72
N LYS D 53 2.44 16.11 39.00
CA LYS D 53 2.45 14.66 39.04
C LYS D 53 2.91 14.15 40.39
N HIS D 54 3.90 14.80 41.00
CA HIS D 54 4.29 14.44 42.36
C HIS D 54 3.12 14.60 43.33
N ALA D 55 2.43 15.75 43.25
CA ALA D 55 1.27 15.98 44.11
C ALA D 55 0.23 14.88 43.92
N ASP D 56 -0.02 14.49 42.67
CA ASP D 56 -1.06 13.49 42.43
C ASP D 56 -0.69 12.17 43.13
N LYS D 57 0.55 11.72 42.97
CA LYS D 57 0.94 10.45 43.58
C LYS D 57 0.89 10.53 45.10
N LEU D 58 1.30 11.68 45.67
CA LEU D 58 1.20 11.84 47.12
C LEU D 58 -0.25 11.80 47.60
N ILE D 59 -1.15 12.49 46.90
CA ILE D 59 -2.57 12.45 47.27
C ILE D 59 -3.11 11.02 47.21
N GLU D 60 -2.75 10.26 46.18
CA GLU D 60 -3.34 8.92 46.06
C GLU D 60 -2.85 8.02 47.18
N ARG D 61 -1.58 8.16 47.56
CA ARG D 61 -0.98 7.34 48.61
C ARG D 61 -1.56 7.70 49.98
N ILE D 62 -1.75 9.00 50.25
CA ILE D 62 -2.38 9.43 51.50
C ILE D 62 -3.77 8.83 51.62
N LEU D 63 -4.57 8.89 50.54
CA LEU D 63 -5.92 8.34 50.60
C LEU D 63 -5.90 6.82 50.74
N PHE D 64 -4.92 6.13 50.12
CA PHE D 64 -4.84 4.68 50.29
C PHE D 64 -4.58 4.33 51.75
N LEU D 65 -3.68 5.06 52.38
CA LEU D 65 -3.33 4.89 53.77
C LEU D 65 -4.38 5.46 54.72
N GLU D 66 -5.54 5.86 54.20
CA GLU D 66 -6.67 6.29 55.01
C GLU D 66 -6.40 7.62 55.72
N GLY D 67 -5.55 8.44 55.10
CA GLY D 67 -5.30 9.79 55.56
C GLY D 67 -6.16 10.80 54.82
N ALA D 68 -6.01 12.04 55.21
CA ALA D 68 -6.73 13.15 54.62
C ALA D 68 -5.75 14.08 53.92
N PRO D 69 -5.71 14.12 52.57
CA PRO D 69 -4.78 15.03 51.91
C PRO D 69 -5.14 16.48 52.19
N ASN D 70 -4.12 17.27 52.45
CA ASN D 70 -4.25 18.69 52.79
C ASN D 70 -3.87 19.48 51.55
N LEU D 71 -4.85 19.96 50.82
CA LEU D 71 -4.66 20.88 49.71
C LEU D 71 -5.05 22.30 50.08
N GLN D 72 -5.37 22.52 51.36
CA GLN D 72 -5.86 23.82 51.80
C GLN D 72 -4.72 24.77 52.14
N ASP D 73 -3.62 24.28 52.65
CA ASP D 73 -2.57 25.13 53.18
C ASP D 73 -1.50 25.33 52.10
N LEU D 74 -1.36 26.58 51.66
CA LEU D 74 -0.36 26.96 50.67
C LEU D 74 0.67 27.83 51.36
N GLY D 75 1.90 27.34 51.45
CA GLY D 75 3.00 28.12 51.97
C GLY D 75 3.38 29.22 50.99
N LYS D 76 4.51 29.83 51.27
CA LYS D 76 4.89 31.08 50.62
C LYS D 76 5.55 30.81 49.28
N LEU D 77 4.98 31.40 48.23
CA LEU D 77 5.60 31.43 46.91
C LEU D 77 6.79 32.39 46.93
N LEU D 78 7.91 31.96 46.36
CA LEU D 78 9.08 32.81 46.19
C LEU D 78 9.13 33.22 44.70
N ILE D 79 8.70 34.43 44.41
CA ILE D 79 8.57 34.91 43.04
C ILE D 79 9.69 35.90 42.77
N GLY D 80 10.53 35.60 41.78
CA GLY D 80 11.59 36.50 41.38
C GLY D 80 11.09 37.60 40.44
N ALA D 81 11.92 38.63 40.29
CA ALA D 81 11.62 39.78 39.44
C ALA D 81 12.39 39.79 38.13
N ASN D 82 13.43 38.94 38.02
CA ASN D 82 14.18 38.78 36.78
C ASN D 82 14.66 37.33 36.73
N THR D 83 15.21 36.94 35.57
CA THR D 83 15.58 35.55 35.35
C THR D 83 16.49 35.01 36.45
N GLN D 84 17.57 35.71 36.78
CA GLN D 84 18.47 35.19 37.78
C GLN D 84 17.78 34.97 39.13
N GLU D 85 16.93 35.91 39.55
CA GLU D 85 16.27 35.75 40.84
C GLU D 85 15.26 34.60 40.81
N MET D 86 14.50 34.49 39.74
CA MET D 86 13.52 33.41 39.62
C MET D 86 14.20 32.05 39.71
N LEU D 87 15.31 31.87 38.99
CA LEU D 87 16.02 30.59 39.06
C LEU D 87 16.52 30.33 40.47
N GLN D 88 17.07 31.36 41.13
CA GLN D 88 17.53 31.21 42.50
C GLN D 88 16.37 30.92 43.47
N CYS D 89 15.21 31.56 43.27
CA CYS D 89 14.04 31.24 44.09
C CYS D 89 13.63 29.79 43.94
N ASP D 90 13.59 29.29 42.69
CA ASP D 90 13.27 27.90 42.44
C ASP D 90 14.28 26.98 43.15
N LEU D 91 15.57 27.30 43.02
CA LEU D 91 16.60 26.48 43.61
C LEU D 91 16.44 26.45 45.13
N ASN D 92 16.26 27.63 45.74
CA ASN D 92 16.02 27.69 47.17
C ASN D 92 14.85 26.79 47.57
N LEU D 93 13.77 26.81 46.80
CA LEU D 93 12.63 25.99 47.12
C LEU D 93 12.96 24.49 46.99
N GLU D 94 13.65 24.09 45.92
CA GLU D 94 14.03 22.68 45.75
C GLU D 94 14.90 22.18 46.88
N LEU D 95 15.84 23.01 47.34
CA LEU D 95 16.74 22.54 48.39
C LEU D 95 16.00 22.36 49.72
N LYS D 96 15.01 23.20 50.01
CA LYS D 96 14.19 22.96 51.20
C LYS D 96 13.33 21.72 51.04
N ALA D 97 12.75 21.52 49.85
CA ALA D 97 11.97 20.31 49.59
C ALA D 97 12.77 19.05 49.83
N THR D 98 14.04 19.01 49.38
CA THR D 98 14.77 17.74 49.49
C THR D 98 15.13 17.45 50.94
N LYS D 99 15.36 18.49 51.74
CA LYS D 99 15.55 18.27 53.17
C LYS D 99 14.36 17.55 53.79
N ASP D 100 13.15 18.01 53.46
CA ASP D 100 11.93 17.38 53.98
C ASP D 100 11.74 15.96 53.44
N LEU D 101 12.05 15.73 52.16
CA LEU D 101 11.99 14.38 51.61
C LEU D 101 12.91 13.43 52.36
N ARG D 102 14.14 13.84 52.60
CA ARG D 102 15.06 12.95 53.29
C ARG D 102 14.52 12.56 54.68
N GLU D 103 13.99 13.53 55.44
CA GLU D 103 13.45 13.22 56.75
C GLU D 103 12.24 12.31 56.65
N ALA D 104 11.38 12.52 55.65
CA ALA D 104 10.27 11.60 55.44
C ALA D 104 10.75 10.17 55.14
N ILE D 105 11.81 10.04 54.33
CA ILE D 105 12.31 8.70 53.99
C ILE D 105 12.81 8.01 55.23
N VAL D 106 13.59 8.70 56.06
CA VAL D 106 14.05 8.14 57.33
C VAL D 106 12.87 7.56 58.09
N HIS D 107 11.78 8.33 58.21
CA HIS D 107 10.66 7.87 59.03
C HIS D 107 9.98 6.67 58.40
N CYS D 108 9.84 6.66 57.07
CA CYS D 108 9.27 5.51 56.39
C CYS D 108 10.09 4.26 56.66
N GLU D 109 11.39 4.39 56.61
CA GLU D 109 12.25 3.24 56.88
C GLU D 109 12.03 2.74 58.30
N GLN D 110 11.98 3.67 59.25
CA GLN D 110 11.87 3.31 60.67
C GLN D 110 10.61 2.49 60.96
N VAL D 111 9.49 2.78 60.28
CA VAL D 111 8.24 2.03 60.54
C VAL D 111 7.96 0.98 59.46
N HIS D 112 8.92 0.69 58.57
CA HIS D 112 8.79 -0.36 57.56
C HIS D 112 7.75 -0.03 56.48
N ASP D 113 7.51 1.24 56.20
CA ASP D 113 6.60 1.62 55.12
C ASP D 113 7.46 1.77 53.86
N TYR D 114 7.80 0.63 53.29
CA TYR D 114 8.80 0.58 52.25
C TYR D 114 8.24 1.09 50.94
N VAL D 115 6.93 0.94 50.72
CA VAL D 115 6.35 1.40 49.48
C VAL D 115 6.30 2.92 49.46
N SER D 116 5.93 3.54 50.58
CA SER D 116 6.01 5.00 50.68
C SER D 116 7.44 5.49 50.46
N ARG D 117 8.39 4.85 51.14
CA ARG D 117 9.79 5.22 50.94
C ARG D 117 10.13 5.24 49.45
N ASP D 118 9.69 4.20 48.73
CA ASP D 118 10.03 4.08 47.32
C ASP D 118 9.46 5.23 46.50
N LEU D 119 8.21 5.62 46.79
CA LEU D 119 7.60 6.77 46.14
C LEU D 119 8.38 8.04 46.43
N LEU D 120 8.69 8.27 47.70
CA LEU D 120 9.46 9.46 48.07
C LEU D 120 10.84 9.44 47.42
N LYS D 121 11.49 8.27 47.36
CA LYS D 121 12.76 8.17 46.64
C LYS D 121 12.59 8.55 45.18
N ASP D 122 11.51 8.11 44.53
CA ASP D 122 11.30 8.48 43.13
C ASP D 122 11.13 10.00 42.97
N ILE D 123 10.36 10.63 43.86
CA ILE D 123 10.20 12.09 43.85
C ILE D 123 11.55 12.76 44.11
N LEU D 124 12.32 12.26 45.06
CA LEU D 124 13.63 12.85 45.37
C LEU D 124 14.58 12.81 44.17
N GLU D 125 14.59 11.71 43.42
CA GLU D 125 15.39 11.66 42.19
C GLU D 125 15.01 12.81 41.25
N SER D 126 13.71 13.02 41.07
CA SER D 126 13.25 14.10 40.19
CA SER D 126 13.25 14.10 40.19
C SER D 126 13.66 15.46 40.73
N GLU D 127 13.56 15.66 42.05
CA GLU D 127 13.95 16.94 42.60
C GLU D 127 15.45 17.17 42.42
N GLU D 128 16.24 16.11 42.53
CA GLU D 128 17.67 16.28 42.32
C GLU D 128 17.97 16.63 40.86
N GLU D 129 17.17 16.14 39.91
CA GLU D 129 17.32 16.56 38.52
C GLU D 129 16.90 18.01 38.35
N HIS D 130 15.84 18.42 39.04
CA HIS D 130 15.47 19.83 39.04
C HIS D 130 16.61 20.69 39.58
N ILE D 131 17.24 20.25 40.67
CA ILE D 131 18.35 21.01 41.24
C ILE D 131 19.49 21.13 40.24
N ASP D 132 19.84 20.01 39.61
CA ASP D 132 20.89 20.03 38.59
C ASP D 132 20.55 21.02 37.49
N TYR D 133 19.31 21.00 37.00
CA TYR D 133 18.90 21.93 35.97
C TYR D 133 19.12 23.39 36.43
N LEU D 134 18.63 23.74 37.61
CA LEU D 134 18.72 25.12 38.09
C LEU D 134 20.17 25.56 38.33
N GLU D 135 20.93 24.78 39.10
CA GLU D 135 22.36 25.07 39.27
C GLU D 135 23.07 25.24 37.94
N THR D 136 22.72 24.42 36.95
CA THR D 136 23.39 24.46 35.65
C THR D 136 23.03 25.75 34.89
N GLN D 137 21.79 26.19 34.97
CA GLN D 137 21.47 27.45 34.29
C GLN D 137 22.24 28.60 34.92
N LEU D 138 22.28 28.63 36.25
CA LEU D 138 23.00 29.70 36.92
C LEU D 138 24.48 29.70 36.55
N GLY D 139 25.07 28.51 36.42
CA GLY D 139 26.43 28.43 35.94
C GLY D 139 26.59 28.92 34.51
N LEU D 140 25.58 28.68 33.66
CA LEU D 140 25.69 29.08 32.27
C LEU D 140 25.63 30.59 32.14
N ILE D 141 24.76 31.23 32.93
CA ILE D 141 24.73 32.69 32.94
C ILE D 141 26.13 33.26 33.19
N GLN D 142 26.86 32.65 34.13
CA GLN D 142 28.21 33.12 34.44
C GLN D 142 29.15 32.84 33.29
N LYS D 143 29.02 31.69 32.65
CA LYS D 143 29.96 31.27 31.62
C LYS D 143 29.72 32.00 30.30
N VAL D 144 28.47 32.21 29.92
CA VAL D 144 28.17 32.81 28.62
C VAL D 144 27.70 34.23 28.74
N GLY D 145 27.43 34.73 29.94
CA GLY D 145 26.91 36.08 30.15
C GLY D 145 25.40 36.11 30.11
N LEU D 146 24.83 37.02 30.89
CA LEU D 146 23.38 37.03 31.04
C LEU D 146 22.68 37.31 29.70
N GLU D 147 23.13 38.32 28.95
CA GLU D 147 22.47 38.68 27.69
C GLU D 147 22.47 37.52 26.70
N ASN D 148 23.64 36.93 26.44
CA ASN D 148 23.72 35.70 25.64
C ASN D 148 22.80 34.61 26.18
N TYR D 149 22.83 34.37 27.49
CA TYR D 149 22.01 33.29 28.03
C TYR D 149 20.51 33.54 27.72
N LEU D 150 20.04 34.78 27.95
CA LEU D 150 18.65 35.09 27.64
C LEU D 150 18.36 34.98 26.14
N GLN D 151 19.30 35.46 25.31
CA GLN D 151 19.12 35.35 23.87
C GLN D 151 18.86 33.90 23.47
N SER D 152 19.69 32.98 23.98
CA SER D 152 19.57 31.56 23.66
C SER D 152 18.25 30.96 24.14
N HIS D 153 17.50 31.66 24.98
CA HIS D 153 16.26 31.10 25.50
C HIS D 153 15.03 31.91 25.09
N MET D 154 15.15 32.80 24.09
CA MET D 154 14.01 33.48 23.50
C MET D 154 13.13 32.54 22.68
N HIS D 155 13.74 31.86 21.72
CA HIS D 155 13.03 31.03 20.75
C HIS D 155 13.12 29.55 21.13
N GLU D 156 12.00 28.85 21.01
CA GLU D 156 11.99 27.41 21.27
C GLU D 156 12.64 26.65 20.11
N MET E 1 6.55 -46.58 26.04
CA MET E 1 5.61 -47.03 27.12
C MET E 1 5.11 -48.41 26.72
N LYS E 2 5.20 -49.38 27.61
CA LYS E 2 4.95 -50.77 27.23
C LYS E 2 3.46 -50.95 26.97
N GLY E 3 3.10 -51.34 25.76
CA GLY E 3 1.71 -51.58 25.44
C GLY E 3 1.29 -53.04 25.56
N ASP E 4 -0.02 -53.24 25.48
CA ASP E 4 -0.60 -54.57 25.51
C ASP E 4 -0.33 -55.29 24.20
N LYS E 5 0.22 -56.51 24.29
CA LYS E 5 0.70 -57.19 23.09
C LYS E 5 -0.44 -57.49 22.13
N LYS E 6 -1.63 -57.81 22.67
CA LYS E 6 -2.79 -58.06 21.84
C LYS E 6 -3.29 -56.78 21.16
N VAL E 7 -3.23 -55.64 21.85
CA VAL E 7 -3.52 -54.35 21.19
C VAL E 7 -2.57 -54.12 20.03
N ILE E 8 -1.29 -54.31 20.28
CA ILE E 8 -0.31 -54.11 19.23
C ILE E 8 -0.58 -55.03 18.06
N GLN E 9 -0.92 -56.29 18.34
CA GLN E 9 -1.37 -57.20 17.29
C GLN E 9 -2.55 -56.64 16.52
N HIS E 10 -3.57 -56.13 17.22
CA HIS E 10 -4.69 -55.50 16.56
C HIS E 10 -4.25 -54.31 15.70
N LEU E 11 -3.37 -53.46 16.23
CA LEU E 11 -2.92 -52.29 15.47
C LEU E 11 -2.18 -52.70 14.22
N ASN E 12 -1.39 -53.78 14.29
CA ASN E 12 -0.71 -54.25 13.10
C ASN E 12 -1.70 -54.82 12.10
N LYS E 13 -2.77 -55.43 12.57
CA LYS E 13 -3.79 -55.92 11.65
C LYS E 13 -4.45 -54.76 10.92
N ILE E 14 -4.85 -53.73 11.65
CA ILE E 14 -5.39 -52.53 11.00
C ILE E 14 -4.37 -52.00 10.00
N LEU E 15 -3.10 -51.89 10.43
CA LEU E 15 -2.05 -51.39 9.54
C LEU E 15 -2.01 -52.21 8.25
N GLY E 16 -2.13 -53.54 8.36
CA GLY E 16 -2.14 -54.37 7.17
C GLY E 16 -3.24 -53.98 6.19
N ASN E 17 -4.44 -53.70 6.70
CA ASN E 17 -5.53 -53.31 5.82
C ASN E 17 -5.26 -51.97 5.14
N GLU E 18 -4.65 -51.01 5.86
CA GLU E 18 -4.27 -49.74 5.26
C GLU E 18 -3.29 -49.96 4.13
N LEU E 19 -2.33 -50.86 4.30
CA LEU E 19 -1.35 -51.08 3.25
C LEU E 19 -2.00 -51.64 1.99
N ILE E 20 -3.00 -52.52 2.16
CA ILE E 20 -3.77 -52.97 0.99
C ILE E 20 -4.48 -51.80 0.34
N ALA E 21 -5.15 -50.95 1.15
CA ALA E 21 -5.95 -49.87 0.61
C ALA E 21 -5.10 -48.87 -0.12
N ILE E 22 -3.92 -48.53 0.45
CA ILE E 22 -3.00 -47.59 -0.20
C ILE E 22 -2.73 -48.02 -1.64
N ASN E 23 -2.33 -49.28 -1.83
CA ASN E 23 -1.89 -49.73 -3.15
C ASN E 23 -3.07 -49.90 -4.09
N GLN E 24 -4.17 -50.46 -3.58
CA GLN E 24 -5.35 -50.67 -4.41
C GLN E 24 -5.92 -49.34 -4.91
N TYR E 25 -6.10 -48.37 -4.00
CA TYR E 25 -6.62 -47.07 -4.39
C TYR E 25 -5.62 -46.31 -5.25
N PHE E 26 -4.32 -46.45 -5.00
CA PHE E 26 -3.39 -45.76 -5.89
C PHE E 26 -3.42 -46.35 -7.30
N LEU E 27 -3.50 -47.67 -7.43
CA LEU E 27 -3.56 -48.23 -8.78
C LEU E 27 -4.88 -47.85 -9.47
N HIS E 28 -6.00 -47.89 -8.74
CA HIS E 28 -7.28 -47.50 -9.34
C HIS E 28 -7.27 -46.03 -9.78
N SER E 29 -6.70 -45.15 -8.94
CA SER E 29 -6.56 -43.76 -9.33
C SER E 29 -5.84 -43.62 -10.66
N ARG E 30 -4.71 -44.33 -10.80
CA ARG E 30 -3.91 -44.15 -12.01
C ARG E 30 -4.55 -44.81 -13.22
N MET E 31 -5.34 -45.86 -13.01
CA MET E 31 -6.11 -46.45 -14.10
C MET E 31 -7.18 -45.48 -14.60
N TRP E 32 -7.87 -44.82 -13.67
CA TRP E 32 -8.86 -43.83 -14.06
C TRP E 32 -8.20 -42.67 -14.81
N ASN E 33 -7.05 -42.19 -14.32
CA ASN E 33 -6.34 -41.12 -15.02
C ASN E 33 -5.94 -41.57 -16.41
N ASP E 34 -5.46 -42.81 -16.52
CA ASP E 34 -4.99 -43.33 -17.80
C ASP E 34 -6.14 -43.44 -18.80
N TRP E 35 -7.35 -43.70 -18.33
CA TRP E 35 -8.52 -43.78 -19.20
C TRP E 35 -9.13 -42.41 -19.46
N GLY E 36 -8.54 -41.33 -18.93
CA GLY E 36 -9.07 -39.99 -19.07
C GLY E 36 -10.25 -39.67 -18.18
N LEU E 37 -10.49 -40.45 -17.13
CA LEU E 37 -11.53 -40.13 -16.16
C LEU E 37 -10.89 -39.42 -14.94
N LYS E 38 -10.49 -38.18 -15.20
CA LYS E 38 -9.53 -37.51 -14.34
C LYS E 38 -10.14 -37.17 -13.00
N ARG E 39 -11.45 -36.96 -12.96
CA ARG E 39 -12.07 -36.59 -11.70
C ARG E 39 -12.21 -37.80 -10.78
N LEU E 40 -12.50 -38.98 -11.33
CA LEU E 40 -12.44 -40.20 -10.52
C LEU E 40 -11.01 -40.46 -10.05
N GLY E 41 -10.05 -40.28 -10.93
CA GLY E 41 -8.66 -40.49 -10.58
C GLY E 41 -8.20 -39.59 -9.46
N ALA E 42 -8.57 -38.29 -9.52
CA ALA E 42 -8.19 -37.35 -8.47
C ALA E 42 -8.82 -37.72 -7.13
N HIS E 43 -10.09 -38.10 -7.15
CA HIS E 43 -10.70 -38.45 -5.87
C HIS E 43 -10.12 -39.73 -5.31
N GLU E 44 -9.86 -40.71 -6.17
CA GLU E 44 -9.28 -41.96 -5.69
C GLU E 44 -7.86 -41.72 -5.15
N TYR E 45 -7.11 -40.80 -5.77
CA TYR E 45 -5.80 -40.43 -5.25
C TYR E 45 -5.92 -39.88 -3.83
N HIS E 46 -6.91 -39.01 -3.60
CA HIS E 46 -7.02 -38.48 -2.26
CA HIS E 46 -7.15 -38.45 -2.27
C HIS E 46 -7.47 -39.54 -1.26
N GLU E 47 -8.26 -40.54 -1.68
CA GLU E 47 -8.57 -41.65 -0.78
C GLU E 47 -7.28 -42.38 -0.42
N SER E 48 -6.43 -42.60 -1.42
CA SER E 48 -5.14 -43.24 -1.21
C SER E 48 -4.32 -42.49 -0.18
N ILE E 49 -4.25 -41.17 -0.32
CA ILE E 49 -3.48 -40.36 0.62
C ILE E 49 -4.06 -40.50 2.02
N ASP E 50 -5.38 -40.50 2.15
CA ASP E 50 -5.99 -40.73 3.46
C ASP E 50 -5.48 -42.01 4.10
N GLU E 51 -5.34 -43.07 3.30
CA GLU E 51 -4.91 -44.33 3.91
C GLU E 51 -3.43 -44.27 4.30
N MET E 52 -2.64 -43.54 3.51
CA MET E 52 -1.24 -43.29 3.85
C MET E 52 -1.12 -42.61 5.21
N LYS E 53 -2.02 -41.66 5.50
CA LYS E 53 -2.00 -40.99 6.80
C LYS E 53 -2.52 -41.90 7.91
N HIS E 54 -3.51 -42.76 7.66
CA HIS E 54 -3.88 -43.74 8.67
C HIS E 54 -2.70 -44.65 9.01
N ALA E 55 -2.05 -45.17 7.96
CA ALA E 55 -0.90 -46.03 8.18
C ALA E 55 0.16 -45.31 9.03
N ASP E 56 0.40 -44.03 8.73
CA ASP E 56 1.39 -43.27 9.50
C ASP E 56 1.02 -43.20 10.97
N LYS E 57 -0.23 -42.89 11.29
CA LYS E 57 -0.58 -42.78 12.70
C LYS E 57 -0.51 -44.12 13.41
N LEU E 58 -0.85 -45.21 12.71
CA LEU E 58 -0.72 -46.53 13.32
C LEU E 58 0.75 -46.91 13.56
N ILE E 59 1.63 -46.64 12.59
CA ILE E 59 3.05 -46.97 12.76
C ILE E 59 3.62 -46.23 13.98
N GLU E 60 3.26 -44.96 14.14
CA GLU E 60 3.78 -44.18 15.27
C GLU E 60 3.27 -44.69 16.60
N ARG E 61 1.98 -45.05 16.66
CA ARG E 61 1.41 -45.57 17.90
C ARG E 61 2.05 -46.91 18.28
N ILE E 62 2.25 -47.78 17.30
CA ILE E 62 2.87 -49.09 17.53
C ILE E 62 4.27 -48.93 18.10
N LEU E 63 5.06 -48.02 17.51
CA LEU E 63 6.42 -47.80 17.99
C LEU E 63 6.43 -47.20 19.39
N PHE E 64 5.53 -46.24 19.66
CA PHE E 64 5.44 -45.71 21.02
C PHE E 64 5.19 -46.82 22.02
N LEU E 65 4.33 -47.77 21.66
CA LEU E 65 3.95 -48.88 22.55
C LEU E 65 4.99 -49.99 22.56
N GLU E 66 6.15 -49.76 21.94
CA GLU E 66 7.30 -50.66 21.94
C GLU E 66 7.02 -51.93 21.14
N GLY E 67 6.16 -51.81 20.12
CA GLY E 67 5.92 -52.88 19.18
C GLY E 67 6.72 -52.69 17.91
N ALA E 68 6.59 -53.67 17.03
CA ALA E 68 7.29 -53.65 15.77
C ALA E 68 6.28 -53.50 14.66
N PRO E 69 6.25 -52.39 13.93
CA PRO E 69 5.29 -52.28 12.84
C PRO E 69 5.62 -53.26 11.72
N ASN E 70 4.59 -53.96 11.25
CA ASN E 70 4.73 -54.91 10.15
C ASN E 70 4.29 -54.25 8.85
N LEU E 71 5.26 -53.85 8.02
CA LEU E 71 4.98 -53.35 6.69
C LEU E 71 5.35 -54.36 5.62
N GLN E 72 5.62 -55.61 6.02
CA GLN E 72 6.16 -56.64 5.13
C GLN E 72 5.06 -57.43 4.45
N ASP E 73 3.98 -57.72 5.18
CA ASP E 73 2.92 -58.61 4.71
C ASP E 73 1.85 -57.77 4.06
N LEU E 74 1.70 -57.93 2.75
CA LEU E 74 0.68 -57.24 1.97
C LEU E 74 -0.37 -58.25 1.53
N GLY E 75 -1.57 -58.12 2.06
CA GLY E 75 -2.67 -58.97 1.63
C GLY E 75 -3.10 -58.70 0.18
N LYS E 76 -4.28 -59.23 -0.14
CA LYS E 76 -4.75 -59.36 -1.52
C LYS E 76 -5.36 -58.04 -2.04
N LEU E 77 -4.76 -57.46 -3.05
CA LEU E 77 -5.37 -56.32 -3.72
C LEU E 77 -6.52 -56.81 -4.58
N LEU E 78 -7.68 -56.16 -4.43
CA LEU E 78 -8.86 -56.35 -5.30
C LEU E 78 -8.87 -55.26 -6.37
N ILE E 79 -8.42 -55.62 -7.57
CA ILE E 79 -8.29 -54.70 -8.70
C ILE E 79 -9.46 -54.94 -9.64
N GLY E 80 -10.24 -53.90 -9.91
CA GLY E 80 -11.34 -54.00 -10.84
C GLY E 80 -10.91 -53.80 -12.28
N ALA E 81 -11.78 -54.17 -13.20
CA ALA E 81 -11.48 -54.03 -14.63
C ALA E 81 -12.23 -52.88 -15.27
N ASN E 82 -13.19 -52.29 -14.58
CA ASN E 82 -13.94 -51.14 -15.06
C ASN E 82 -14.40 -50.35 -13.84
N THR E 83 -15.01 -49.18 -14.09
CA THR E 83 -15.33 -48.25 -13.00
C THR E 83 -16.22 -48.90 -11.96
N GLN E 84 -17.27 -49.58 -12.39
CA GLN E 84 -18.21 -50.16 -11.43
C GLN E 84 -17.53 -51.21 -10.55
N GLU E 85 -16.73 -52.09 -11.16
CA GLU E 85 -16.02 -53.10 -10.39
C GLU E 85 -14.99 -52.48 -9.45
N MET E 86 -14.26 -51.47 -9.93
CA MET E 86 -13.26 -50.83 -9.08
C MET E 86 -13.92 -50.25 -7.84
N LEU E 87 -15.04 -49.54 -8.02
CA LEU E 87 -15.78 -49.03 -6.87
C LEU E 87 -16.25 -50.16 -5.94
N GLN E 88 -16.84 -51.22 -6.49
CA GLN E 88 -17.25 -52.36 -5.67
C GLN E 88 -16.05 -52.96 -4.95
N CYS E 89 -14.90 -53.05 -5.65
CA CYS E 89 -13.71 -53.59 -5.00
C CYS E 89 -13.29 -52.75 -3.81
N ASP E 90 -13.31 -51.42 -3.96
CA ASP E 90 -12.94 -50.54 -2.86
C ASP E 90 -13.94 -50.68 -1.72
N LEU E 91 -15.22 -50.82 -2.05
CA LEU E 91 -16.25 -50.88 -1.00
C LEU E 91 -16.13 -52.18 -0.18
N ASN E 92 -15.85 -53.30 -0.84
CA ASN E 92 -15.64 -54.55 -0.11
C ASN E 92 -14.43 -54.46 0.82
N LEU E 93 -13.34 -53.84 0.36
CA LEU E 93 -12.20 -53.65 1.25
C LEU E 93 -12.56 -52.79 2.45
N GLU E 94 -13.27 -51.68 2.24
CA GLU E 94 -13.61 -50.80 3.36
C GLU E 94 -14.47 -51.52 4.39
N LEU E 95 -15.45 -52.29 3.92
CA LEU E 95 -16.36 -52.98 4.85
C LEU E 95 -15.63 -54.07 5.64
N LYS E 96 -14.72 -54.78 5.00
CA LYS E 96 -13.89 -55.72 5.73
C LYS E 96 -13.01 -54.99 6.75
N ALA E 97 -12.47 -53.82 6.37
CA ALA E 97 -11.59 -53.09 7.27
C ALA E 97 -12.33 -52.58 8.50
N THR E 98 -13.59 -52.16 8.35
CA THR E 98 -14.29 -51.59 9.51
C THR E 98 -14.63 -52.67 10.52
N LYS E 99 -14.81 -53.91 10.05
CA LYS E 99 -15.00 -55.03 10.97
C LYS E 99 -13.75 -55.25 11.84
N ASP E 100 -12.57 -55.21 11.23
CA ASP E 100 -11.36 -55.35 12.03
C ASP E 100 -11.18 -54.16 12.97
N LEU E 101 -11.58 -52.95 12.55
CA LEU E 101 -11.45 -51.79 13.42
C LEU E 101 -12.32 -51.91 14.65
N ARG E 102 -13.55 -52.41 14.48
CA ARG E 102 -14.45 -52.53 15.62
C ARG E 102 -13.93 -53.55 16.63
N GLU E 103 -13.41 -54.69 16.15
CA GLU E 103 -12.82 -55.67 17.05
C GLU E 103 -11.65 -55.07 17.82
N ALA E 104 -10.81 -54.28 17.13
CA ALA E 104 -9.66 -53.65 17.78
C ALA E 104 -10.11 -52.66 18.85
N ILE E 105 -11.18 -51.93 18.59
CA ILE E 105 -11.65 -50.98 19.59
C ILE E 105 -12.18 -51.73 20.81
N VAL E 106 -12.89 -52.84 20.57
CA VAL E 106 -13.36 -53.66 21.68
C VAL E 106 -12.20 -54.04 22.55
N HIS E 107 -11.10 -54.46 21.93
CA HIS E 107 -9.97 -54.92 22.71
C HIS E 107 -9.28 -53.76 23.44
N CYS E 108 -9.18 -52.58 22.80
CA CYS E 108 -8.59 -51.43 23.49
C CYS E 108 -9.39 -51.07 24.74
N GLU E 109 -10.71 -51.07 24.64
CA GLU E 109 -11.54 -50.72 25.79
C GLU E 109 -11.36 -51.73 26.92
N GLN E 110 -11.23 -53.02 26.58
CA GLN E 110 -11.12 -54.07 27.59
C GLN E 110 -9.88 -53.89 28.45
N VAL E 111 -8.76 -53.48 27.85
CA VAL E 111 -7.52 -53.33 28.60
C VAL E 111 -7.22 -51.87 28.92
N HIS E 112 -8.20 -50.98 28.75
CA HIS E 112 -8.10 -49.58 29.14
C HIS E 112 -7.07 -48.79 28.33
N ASP E 113 -6.79 -49.18 27.08
CA ASP E 113 -5.95 -48.35 26.19
C ASP E 113 -6.87 -47.35 25.47
N TYR E 114 -7.27 -46.32 26.21
CA TYR E 114 -8.25 -45.38 25.69
C TYR E 114 -7.66 -44.46 24.63
N VAL E 115 -6.35 -44.22 24.67
CA VAL E 115 -5.74 -43.42 23.61
C VAL E 115 -5.73 -44.19 22.28
N SER E 116 -5.42 -45.49 22.32
CA SER E 116 -5.46 -46.27 21.08
C SER E 116 -6.90 -46.39 20.56
N ARG E 117 -7.85 -46.57 21.48
CA ARG E 117 -9.25 -46.60 21.08
C ARG E 117 -9.60 -45.33 20.31
N ASP E 118 -9.18 -44.18 20.83
CA ASP E 118 -9.54 -42.91 20.22
C ASP E 118 -8.95 -42.77 18.83
N LEU E 119 -7.72 -43.24 18.64
CA LEU E 119 -7.08 -43.20 17.34
C LEU E 119 -7.84 -44.06 16.34
N LEU E 120 -8.20 -45.27 16.77
CA LEU E 120 -8.93 -46.19 15.91
C LEU E 120 -10.32 -45.62 15.60
N LYS E 121 -10.98 -45.00 16.57
CA LYS E 121 -12.27 -44.37 16.29
C LYS E 121 -12.14 -43.28 15.24
N ASP E 122 -11.06 -42.48 15.30
CA ASP E 122 -10.83 -41.45 14.29
C ASP E 122 -10.70 -42.07 12.92
N ILE E 123 -9.94 -43.16 12.84
CA ILE E 123 -9.78 -43.88 11.58
C ILE E 123 -11.14 -44.39 11.11
N LEU E 124 -11.91 -44.99 12.02
CA LEU E 124 -13.19 -45.58 11.65
C LEU E 124 -14.14 -44.52 11.09
N GLU E 125 -14.14 -43.35 11.70
CA GLU E 125 -14.94 -42.24 11.18
C GLU E 125 -14.56 -41.93 9.74
N SER E 126 -13.26 -41.84 9.47
CA SER E 126 -12.78 -41.65 8.10
CA SER E 126 -12.78 -41.65 8.10
C SER E 126 -13.21 -42.82 7.21
N GLU E 127 -13.12 -44.05 7.70
CA GLU E 127 -13.50 -45.16 6.84
C GLU E 127 -15.01 -45.13 6.54
N GLU E 128 -15.83 -44.70 7.49
CA GLU E 128 -17.27 -44.66 7.20
C GLU E 128 -17.57 -43.59 6.17
N GLU E 129 -16.81 -42.48 6.20
CA GLU E 129 -16.91 -41.50 5.12
C GLU E 129 -16.52 -42.11 3.79
N HIS E 130 -15.44 -42.91 3.76
CA HIS E 130 -15.06 -43.57 2.51
C HIS E 130 -16.21 -44.45 2.00
N ILE E 131 -16.81 -45.23 2.90
CA ILE E 131 -17.91 -46.11 2.51
C ILE E 131 -19.07 -45.30 1.93
N ASP E 132 -19.40 -44.18 2.57
CA ASP E 132 -20.46 -43.29 2.08
C ASP E 132 -20.14 -42.79 0.67
N TYR E 133 -18.92 -42.35 0.45
CA TYR E 133 -18.54 -41.92 -0.89
C TYR E 133 -18.75 -43.01 -1.91
N LEU E 134 -18.28 -44.22 -1.60
CA LEU E 134 -18.29 -45.31 -2.58
C LEU E 134 -19.72 -45.79 -2.84
N GLU E 135 -20.49 -46.01 -1.77
CA GLU E 135 -21.90 -46.35 -1.93
C GLU E 135 -22.63 -45.31 -2.76
N THR E 136 -22.38 -44.02 -2.46
CA THR E 136 -23.07 -42.95 -3.17
C THR E 136 -22.71 -42.96 -4.66
N GLN E 137 -21.45 -43.23 -5.02
CA GLN E 137 -21.08 -43.30 -6.43
C GLN E 137 -21.76 -44.45 -7.14
N LEU E 138 -21.81 -45.62 -6.51
CA LEU E 138 -22.53 -46.75 -7.08
C LEU E 138 -24.01 -46.39 -7.24
N GLY E 139 -24.58 -45.68 -6.29
CA GLY E 139 -25.97 -45.28 -6.42
C GLY E 139 -26.19 -44.26 -7.53
N LEU E 140 -25.20 -43.40 -7.77
CA LEU E 140 -25.37 -42.40 -8.82
C LEU E 140 -25.26 -43.04 -10.19
N ILE E 141 -24.42 -44.07 -10.32
CA ILE E 141 -24.35 -44.81 -11.57
C ILE E 141 -25.73 -45.34 -11.94
N GLN E 142 -26.49 -45.80 -10.95
CA GLN E 142 -27.83 -46.32 -11.23
C GLN E 142 -28.82 -45.21 -11.54
N LYS E 143 -28.70 -44.06 -10.87
CA LYS E 143 -29.69 -42.98 -11.03
C LYS E 143 -29.49 -42.19 -12.33
N VAL E 144 -28.25 -41.94 -12.75
CA VAL E 144 -27.98 -41.10 -13.92
C VAL E 144 -27.48 -41.92 -15.10
N GLY E 145 -27.25 -43.21 -14.90
CA GLY E 145 -26.74 -44.10 -15.94
C GLY E 145 -25.24 -44.10 -15.97
N LEU E 146 -24.66 -45.27 -16.31
CA LEU E 146 -23.21 -45.38 -16.35
C LEU E 146 -22.57 -44.35 -17.29
N GLU E 147 -23.14 -44.13 -18.47
CA GLU E 147 -22.43 -43.30 -19.43
C GLU E 147 -22.37 -41.85 -18.95
N ASN E 148 -23.48 -41.35 -18.38
CA ASN E 148 -23.52 -40.01 -17.83
C ASN E 148 -22.56 -39.88 -16.65
N TYR E 149 -22.50 -40.90 -15.80
CA TYR E 149 -21.64 -40.81 -14.62
C TYR E 149 -20.18 -40.67 -15.02
N LEU E 150 -19.75 -41.49 -15.99
CA LEU E 150 -18.38 -41.39 -16.46
C LEU E 150 -18.15 -40.05 -17.14
N GLN E 151 -19.11 -39.61 -17.97
CA GLN E 151 -18.98 -38.30 -18.64
C GLN E 151 -18.68 -37.20 -17.61
N SER E 152 -19.44 -37.20 -16.53
CA SER E 152 -19.33 -36.23 -15.45
C SER E 152 -18.03 -36.33 -14.67
N HIS E 153 -17.22 -37.39 -14.87
CA HIS E 153 -15.97 -37.54 -14.14
C HIS E 153 -14.79 -37.63 -15.09
N MET E 154 -15.01 -37.17 -16.32
CA MET E 154 -13.95 -36.99 -17.29
C MET E 154 -13.07 -35.81 -16.91
N HIS E 155 -13.67 -34.65 -16.63
CA HIS E 155 -12.96 -33.39 -16.51
C HIS E 155 -12.92 -32.93 -15.06
N GLU E 156 -11.74 -32.55 -14.60
CA GLU E 156 -11.58 -32.07 -13.23
C GLU E 156 -12.31 -30.72 -13.04
N MET F 1 -0.65 -47.24 -26.22
CA MET F 1 0.39 -47.57 -27.25
C MET F 1 1.01 -48.91 -26.86
N LYS F 2 1.00 -49.89 -27.77
CA LYS F 2 1.47 -51.25 -27.44
C LYS F 2 2.95 -51.24 -27.08
N GLY F 3 3.29 -51.57 -25.81
CA GLY F 3 4.67 -51.63 -25.40
C GLY F 3 5.32 -53.00 -25.65
N ASP F 4 6.64 -53.02 -25.57
CA ASP F 4 7.39 -54.27 -25.65
C ASP F 4 7.22 -55.04 -24.35
N LYS F 5 6.88 -56.34 -24.46
CA LYS F 5 6.49 -57.10 -23.27
C LYS F 5 7.63 -57.21 -22.26
N LYS F 6 8.87 -57.33 -22.76
CA LYS F 6 10.00 -57.45 -21.87
C LYS F 6 10.38 -56.11 -21.25
N VAL F 7 10.18 -54.99 -21.96
CA VAL F 7 10.36 -53.68 -21.35
C VAL F 7 9.40 -53.55 -20.18
N ILE F 8 8.14 -53.92 -20.41
CA ILE F 8 7.13 -53.78 -19.38
C ILE F 8 7.48 -54.64 -18.17
N GLN F 9 7.99 -55.86 -18.40
CA GLN F 9 8.48 -56.69 -17.29
C GLN F 9 9.59 -55.99 -16.51
N HIS F 10 10.55 -55.41 -17.22
CA HIS F 10 11.60 -54.63 -16.56
C HIS F 10 11.00 -53.50 -15.73
N LEU F 11 10.04 -52.74 -16.29
CA LEU F 11 9.46 -51.65 -15.53
C LEU F 11 8.73 -52.16 -14.30
N ASN F 12 8.06 -53.30 -14.42
CA ASN F 12 7.43 -53.86 -13.22
C ASN F 12 8.49 -54.35 -12.21
N LYS F 13 9.68 -54.73 -12.66
CA LYS F 13 10.71 -55.10 -11.71
C LYS F 13 11.26 -53.86 -10.98
N ILE F 14 11.51 -52.77 -11.72
CA ILE F 14 11.90 -51.53 -11.05
C ILE F 14 10.81 -51.11 -10.07
N LEU F 15 9.55 -51.18 -10.50
CA LEU F 15 8.45 -50.81 -9.61
C LEU F 15 8.49 -51.62 -8.32
N GLY F 16 8.79 -52.91 -8.42
CA GLY F 16 8.84 -53.73 -7.23
C GLY F 16 9.92 -53.28 -6.27
N ASN F 17 11.06 -52.85 -6.79
CA ASN F 17 12.10 -52.29 -5.94
C ASN F 17 11.64 -51.00 -5.26
N GLU F 18 10.95 -50.13 -6.00
CA GLU F 18 10.41 -48.91 -5.40
C GLU F 18 9.51 -49.23 -4.21
N LEU F 19 8.65 -50.24 -4.36
CA LEU F 19 7.69 -50.51 -3.29
C LEU F 19 8.39 -50.97 -2.03
N ILE F 20 9.50 -51.69 -2.17
CA ILE F 20 10.30 -52.08 -1.01
C ILE F 20 10.88 -50.86 -0.35
N ALA F 21 11.47 -49.97 -1.16
CA ALA F 21 12.11 -48.78 -0.62
C ALA F 21 11.09 -47.88 0.08
N ILE F 22 9.90 -47.69 -0.51
CA ILE F 22 8.89 -46.87 0.14
C ILE F 22 8.70 -47.34 1.58
N ASN F 23 8.47 -48.64 1.75
CA ASN F 23 8.10 -49.15 3.07
C ASN F 23 9.28 -49.16 4.01
N GLN F 24 10.47 -49.57 3.51
CA GLN F 24 11.66 -49.60 4.33
C GLN F 24 12.01 -48.21 4.84
N TYR F 25 12.03 -47.23 3.93
CA TYR F 25 12.40 -45.89 4.32
C TYR F 25 11.34 -45.24 5.18
N PHE F 26 10.06 -45.52 4.92
CA PHE F 26 9.05 -44.94 5.79
C PHE F 26 9.17 -45.50 7.19
N LEU F 27 9.38 -46.80 7.32
CA LEU F 27 9.50 -47.36 8.66
C LEU F 27 10.74 -46.81 9.34
N HIS F 28 11.86 -46.73 8.62
CA HIS F 28 13.09 -46.19 9.19
C HIS F 28 12.91 -44.76 9.62
N SER F 29 12.15 -43.98 8.83
CA SER F 29 11.88 -42.60 9.17
C SER F 29 11.15 -42.53 10.51
N ARG F 30 10.12 -43.36 10.67
CA ARG F 30 9.32 -43.30 11.89
C ARG F 30 10.07 -43.88 13.09
N MET F 31 10.98 -44.82 12.87
CA MET F 31 11.84 -45.26 13.97
C MET F 31 12.74 -44.13 14.43
N TRP F 32 13.34 -43.41 13.49
CA TRP F 32 14.22 -42.31 13.90
C TRP F 32 13.42 -41.25 14.64
N ASN F 33 12.24 -40.88 14.12
CA ASN F 33 11.39 -39.94 14.86
C ASN F 33 11.04 -40.48 16.24
N ASP F 34 10.65 -41.74 16.32
CA ASP F 34 10.29 -42.31 17.62
C ASP F 34 11.45 -42.18 18.61
N TRP F 35 12.68 -42.31 18.13
CA TRP F 35 13.86 -42.19 18.98
C TRP F 35 14.29 -40.74 19.25
N GLY F 36 13.62 -39.76 18.65
CA GLY F 36 14.00 -38.38 18.87
C GLY F 36 15.11 -37.90 17.98
N LEU F 37 15.43 -38.65 16.92
CA LEU F 37 16.41 -38.21 15.95
C LEU F 37 15.67 -37.60 14.75
N LYS F 38 15.00 -36.47 15.02
CA LYS F 38 13.99 -35.95 14.10
C LYS F 38 14.57 -35.46 12.78
N ARG F 39 15.84 -35.06 12.77
CA ARG F 39 16.46 -34.64 11.53
C ARG F 39 16.78 -35.84 10.64
N LEU F 40 17.17 -36.98 11.22
CA LEU F 40 17.29 -38.21 10.44
C LEU F 40 15.93 -38.68 9.97
N GLY F 41 14.91 -38.56 10.81
CA GLY F 41 13.58 -39.03 10.43
C GLY F 41 13.00 -38.21 9.29
N ALA F 42 13.24 -36.90 9.30
CA ALA F 42 12.75 -36.02 8.24
C ALA F 42 13.42 -36.34 6.91
N HIS F 43 14.73 -36.53 6.91
CA HIS F 43 15.41 -36.79 5.65
C HIS F 43 14.99 -38.15 5.08
N GLU F 44 14.83 -39.14 5.95
CA GLU F 44 14.41 -40.45 5.50
C GLU F 44 12.99 -40.40 4.98
N TYR F 45 12.16 -39.55 5.60
CA TYR F 45 10.81 -39.35 5.09
C TYR F 45 10.84 -38.81 3.66
N HIS F 46 11.73 -37.86 3.38
CA HIS F 46 11.76 -37.32 2.02
C HIS F 46 12.36 -38.31 1.04
N GLU F 47 13.27 -39.18 1.48
CA GLU F 47 13.70 -40.29 0.63
C GLU F 47 12.50 -41.17 0.28
N SER F 48 11.67 -41.48 1.27
CA SER F 48 10.48 -42.31 1.03
C SER F 48 9.56 -41.65 0.01
N ILE F 49 9.32 -40.34 0.15
CA ILE F 49 8.49 -39.61 -0.80
C ILE F 49 9.09 -39.67 -2.19
N ASP F 50 10.42 -39.56 -2.29
CA ASP F 50 11.07 -39.70 -3.58
C ASP F 50 10.70 -41.04 -4.23
N GLU F 51 10.65 -42.11 -3.44
CA GLU F 51 10.41 -43.43 -4.02
C GLU F 51 8.95 -43.57 -4.40
N MET F 52 8.06 -42.93 -3.63
CA MET F 52 6.66 -42.90 -4.01
C MET F 52 6.49 -42.24 -5.37
N LYS F 53 7.28 -41.20 -5.64
CA LYS F 53 7.16 -40.49 -6.91
C LYS F 53 7.69 -41.33 -8.06
N HIS F 54 8.83 -41.99 -7.84
CA HIS F 54 9.31 -42.98 -8.82
C HIS F 54 8.23 -44.00 -9.14
N ALA F 55 7.61 -44.56 -8.11
CA ALA F 55 6.62 -45.60 -8.36
C ALA F 55 5.44 -45.06 -9.15
N ASP F 56 5.03 -43.81 -8.87
CA ASP F 56 3.91 -43.22 -9.61
C ASP F 56 4.26 -43.12 -11.10
N LYS F 57 5.48 -42.68 -11.41
CA LYS F 57 5.84 -42.51 -12.82
C LYS F 57 5.93 -43.85 -13.54
N LEU F 58 6.41 -44.90 -12.86
CA LEU F 58 6.50 -46.23 -13.47
C LEU F 58 5.11 -46.81 -13.71
N ILE F 59 4.22 -46.69 -12.72
CA ILE F 59 2.85 -47.13 -12.87
C ILE F 59 2.21 -46.46 -14.08
N GLU F 60 2.43 -45.14 -14.24
CA GLU F 60 1.82 -44.41 -15.34
C GLU F 60 2.37 -44.88 -16.65
N ARG F 61 3.67 -45.14 -16.72
CA ARG F 61 4.28 -45.58 -17.96
C ARG F 61 3.81 -46.99 -18.31
N ILE F 62 3.77 -47.88 -17.34
CA ILE F 62 3.30 -49.23 -17.60
C ILE F 62 1.90 -49.20 -18.17
N LEU F 63 1.01 -48.41 -17.55
CA LEU F 63 -0.36 -48.34 -18.01
C LEU F 63 -0.45 -47.73 -19.42
N PHE F 64 0.36 -46.71 -19.70
CA PHE F 64 0.37 -46.17 -21.04
C PHE F 64 0.77 -47.25 -22.04
N LEU F 65 1.73 -48.10 -21.68
CA LEU F 65 2.22 -49.13 -22.57
C LEU F 65 1.32 -50.37 -22.59
N GLU F 66 0.15 -50.27 -21.98
CA GLU F 66 -0.89 -51.30 -21.98
C GLU F 66 -0.47 -52.52 -21.18
N GLY F 67 0.41 -52.32 -20.20
CA GLY F 67 0.74 -53.34 -19.22
C GLY F 67 -0.06 -53.22 -17.94
N ALA F 68 0.16 -54.19 -17.06
CA ALA F 68 -0.54 -54.32 -15.79
C ALA F 68 0.47 -54.07 -14.67
N PRO F 69 0.43 -52.89 -14.02
CA PRO F 69 1.37 -52.63 -12.93
C PRO F 69 1.12 -53.61 -11.79
N ASN F 70 2.20 -54.17 -11.26
CA ASN F 70 2.13 -55.14 -10.16
C ASN F 70 2.49 -54.42 -8.87
N LEU F 71 1.47 -54.14 -8.08
CA LEU F 71 1.65 -53.60 -6.73
C LEU F 71 1.43 -54.66 -5.67
N GLN F 72 1.33 -55.93 -6.06
CA GLN F 72 0.91 -56.98 -5.16
C GLN F 72 2.08 -57.68 -4.46
N ASP F 73 3.22 -57.76 -5.13
CA ASP F 73 4.33 -58.57 -4.64
C ASP F 73 5.34 -57.65 -3.98
N LEU F 74 5.44 -57.74 -2.66
CA LEU F 74 6.35 -56.91 -1.90
C LEU F 74 7.54 -57.77 -1.48
N GLY F 75 8.72 -57.43 -2.01
CA GLY F 75 9.96 -58.09 -1.63
C GLY F 75 10.37 -57.81 -0.20
N LYS F 76 11.54 -58.33 0.17
CA LYS F 76 11.97 -58.36 1.56
C LYS F 76 12.47 -56.97 1.97
N LEU F 77 11.85 -56.41 3.01
CA LEU F 77 12.35 -55.19 3.65
C LEU F 77 13.57 -55.50 4.50
N LEU F 78 14.56 -54.63 4.46
CA LEU F 78 15.76 -54.71 5.27
C LEU F 78 15.65 -53.65 6.36
N ILE F 79 15.22 -54.05 7.55
CA ILE F 79 15.03 -53.15 8.67
C ILE F 79 16.23 -53.28 9.60
N GLY F 80 16.96 -52.18 9.80
CA GLY F 80 18.05 -52.16 10.75
C GLY F 80 17.59 -51.98 12.18
N ALA F 81 18.51 -52.22 13.10
CA ALA F 81 18.18 -52.10 14.52
C ALA F 81 18.70 -50.82 15.15
N ASN F 82 19.62 -50.14 14.49
CA ASN F 82 20.23 -48.92 14.99
C ASN F 82 20.62 -48.10 13.77
N THR F 83 21.03 -46.84 14.02
CA THR F 83 21.20 -45.88 12.92
C THR F 83 22.18 -46.41 11.88
N GLN F 84 23.33 -46.94 12.31
CA GLN F 84 24.32 -47.38 11.35
C GLN F 84 23.81 -48.54 10.47
N GLU F 85 23.10 -49.49 11.06
CA GLU F 85 22.55 -50.61 10.30
C GLU F 85 21.46 -50.14 9.33
N MET F 86 20.55 -49.28 9.80
CA MET F 86 19.50 -48.73 8.95
C MET F 86 20.09 -48.03 7.73
N LEU F 87 21.11 -47.21 7.93
CA LEU F 87 21.75 -46.56 6.79
C LEU F 87 22.34 -47.59 5.82
N GLN F 88 23.03 -48.61 6.36
CA GLN F 88 23.61 -49.64 5.50
C GLN F 88 22.53 -50.48 4.82
N CYS F 89 21.44 -50.82 5.52
CA CYS F 89 20.31 -51.49 4.88
C CYS F 89 19.78 -50.69 3.69
N ASP F 90 19.58 -49.37 3.89
CA ASP F 90 19.14 -48.52 2.79
C ASP F 90 20.12 -48.58 1.62
N LEU F 91 21.43 -48.50 1.92
CA LEU F 91 22.43 -48.46 0.87
C LEU F 91 22.46 -49.77 0.09
N ASN F 92 22.32 -50.89 0.78
CA ASN F 92 22.28 -52.18 0.10
C ASN F 92 21.09 -52.26 -0.83
N LEU F 93 19.91 -51.83 -0.38
CA LEU F 93 18.75 -51.79 -1.25
C LEU F 93 19.01 -50.93 -2.47
N GLU F 94 19.61 -49.74 -2.28
CA GLU F 94 19.87 -48.82 -3.40
C GLU F 94 20.79 -49.44 -4.43
N LEU F 95 21.85 -50.12 -3.98
CA LEU F 95 22.80 -50.70 -4.92
C LEU F 95 22.18 -51.82 -5.75
N LYS F 96 21.31 -52.64 -5.14
CA LYS F 96 20.62 -53.67 -5.92
C LYS F 96 19.68 -53.04 -6.94
N ALA F 97 19.01 -51.95 -6.57
CA ALA F 97 18.07 -51.34 -7.50
C ALA F 97 18.78 -50.68 -8.66
N THR F 98 19.93 -50.02 -8.42
CA THR F 98 20.64 -49.47 -9.55
C THR F 98 21.09 -50.56 -10.52
N LYS F 99 21.41 -51.76 -10.01
CA LYS F 99 21.77 -52.84 -10.92
C LYS F 99 20.60 -53.19 -11.85
N ASP F 100 19.37 -53.25 -11.31
CA ASP F 100 18.21 -53.56 -12.14
C ASP F 100 17.87 -52.42 -13.10
N LEU F 101 18.05 -51.16 -12.66
CA LEU F 101 17.81 -50.04 -13.55
C LEU F 101 18.71 -50.11 -14.78
N ARG F 102 19.99 -50.37 -14.57
CA ARG F 102 20.94 -50.43 -15.68
C ARG F 102 20.57 -51.51 -16.68
N GLU F 103 20.15 -52.69 -16.19
CA GLU F 103 19.67 -53.76 -17.07
C GLU F 103 18.42 -53.34 -17.84
N ALA F 104 17.49 -52.65 -17.16
CA ALA F 104 16.29 -52.21 -17.86
C ALA F 104 16.61 -51.17 -18.93
N ILE F 105 17.62 -50.32 -18.68
CA ILE F 105 17.99 -49.29 -19.63
C ILE F 105 18.60 -49.93 -20.87
N VAL F 106 19.46 -50.93 -20.69
CA VAL F 106 20.00 -51.67 -21.84
C VAL F 106 18.85 -52.19 -22.70
N HIS F 107 17.84 -52.78 -22.08
CA HIS F 107 16.78 -53.38 -22.87
C HIS F 107 15.96 -52.33 -23.62
N CYS F 108 15.73 -51.17 -23.00
CA CYS F 108 15.02 -50.09 -23.67
C CYS F 108 15.76 -49.65 -24.91
N GLU F 109 17.06 -49.39 -24.75
CA GLU F 109 17.90 -49.03 -25.88
C GLU F 109 17.81 -50.09 -26.98
N GLN F 110 17.82 -51.37 -26.62
CA GLN F 110 17.88 -52.42 -27.64
C GLN F 110 16.61 -52.45 -28.48
N VAL F 111 15.46 -52.15 -27.87
CA VAL F 111 14.20 -52.15 -28.62
C VAL F 111 13.72 -50.75 -28.98
N HIS F 112 14.56 -49.73 -28.81
CA HIS F 112 14.26 -48.37 -29.28
C HIS F 112 13.14 -47.70 -28.48
N ASP F 113 12.91 -48.10 -27.24
CA ASP F 113 11.96 -47.44 -26.35
C ASP F 113 12.69 -46.33 -25.60
N TYR F 114 13.00 -45.26 -26.34
CA TYR F 114 13.88 -44.23 -25.83
C TYR F 114 13.21 -43.39 -24.74
N VAL F 115 11.88 -43.35 -24.72
CA VAL F 115 11.20 -42.60 -23.68
C VAL F 115 11.23 -43.35 -22.36
N SER F 116 11.00 -44.66 -22.38
CA SER F 116 11.17 -45.42 -21.16
C SER F 116 12.62 -45.37 -20.67
N ARG F 117 13.59 -45.33 -21.59
CA ARG F 117 14.99 -45.20 -21.15
C ARG F 117 15.21 -43.87 -20.43
N ASP F 118 14.64 -42.80 -20.96
CA ASP F 118 14.85 -41.49 -20.33
C ASP F 118 14.23 -41.44 -18.94
N LEU F 119 13.04 -42.00 -18.78
CA LEU F 119 12.43 -42.06 -17.46
C LEU F 119 13.30 -42.85 -16.49
N LEU F 120 13.75 -44.05 -16.89
CA LEU F 120 14.61 -44.85 -16.03
C LEU F 120 15.91 -44.14 -15.72
N LYS F 121 16.47 -43.44 -16.70
CA LYS F 121 17.68 -42.68 -16.44
C LYS F 121 17.43 -41.58 -15.41
N ASP F 122 16.26 -40.92 -15.47
CA ASP F 122 15.93 -39.93 -14.44
C ASP F 122 15.85 -40.58 -13.06
N ILE F 123 15.22 -41.74 -12.99
CA ILE F 123 15.16 -42.46 -11.73
C ILE F 123 16.58 -42.83 -11.27
N LEU F 124 17.41 -43.33 -12.18
CA LEU F 124 18.76 -43.75 -11.82
C LEU F 124 19.56 -42.59 -11.25
N GLU F 125 19.39 -41.40 -11.82
CA GLU F 125 20.09 -40.22 -11.29
C GLU F 125 19.67 -39.93 -9.85
N SER F 126 18.37 -40.04 -9.55
CA SER F 126 17.93 -39.89 -8.17
CA SER F 126 17.92 -39.90 -8.17
C SER F 126 18.48 -41.00 -7.28
N GLU F 127 18.53 -42.24 -7.77
CA GLU F 127 19.08 -43.31 -6.92
C GLU F 127 20.56 -43.06 -6.60
N GLU F 128 21.34 -42.60 -7.58
CA GLU F 128 22.75 -42.34 -7.31
C GLU F 128 22.91 -41.15 -6.36
N GLU F 129 21.99 -40.19 -6.37
CA GLU F 129 21.95 -39.18 -5.32
C GLU F 129 21.62 -39.80 -3.96
N HIS F 130 20.68 -40.76 -3.91
CA HIS F 130 20.39 -41.44 -2.65
C HIS F 130 21.63 -42.19 -2.16
N ILE F 131 22.31 -42.90 -3.06
CA ILE F 131 23.53 -43.61 -2.66
C ILE F 131 24.55 -42.64 -2.10
N ASP F 132 24.69 -41.48 -2.74
CA ASP F 132 25.67 -40.50 -2.27
C ASP F 132 25.33 -40.00 -0.87
N TYR F 133 24.06 -39.67 -0.63
CA TYR F 133 23.63 -39.33 0.71
C TYR F 133 24.01 -40.40 1.72
N LEU F 134 23.60 -41.66 1.47
CA LEU F 134 23.86 -42.74 2.42
C LEU F 134 25.36 -42.96 2.62
N GLU F 135 26.13 -43.07 1.54
CA GLU F 135 27.56 -43.27 1.73
C GLU F 135 28.14 -42.13 2.55
N THR F 136 27.59 -40.93 2.39
CA THR F 136 28.17 -39.75 3.03
C THR F 136 27.86 -39.77 4.52
N GLN F 137 26.65 -40.18 4.89
CA GLN F 137 26.29 -40.26 6.31
C GLN F 137 27.17 -41.27 7.02
N LEU F 138 27.40 -42.42 6.39
CA LEU F 138 28.23 -43.45 6.99
C LEU F 138 29.67 -42.97 7.13
N GLY F 139 30.17 -42.21 6.15
CA GLY F 139 31.48 -41.61 6.28
C GLY F 139 31.55 -40.55 7.37
N LEU F 140 30.47 -39.79 7.56
CA LEU F 140 30.45 -38.81 8.65
C LEU F 140 30.46 -39.50 10.01
N ILE F 141 29.73 -40.60 10.16
CA ILE F 141 29.79 -41.34 11.41
C ILE F 141 31.23 -41.67 11.77
N GLN F 142 32.05 -41.98 10.75
CA GLN F 142 33.46 -42.31 11.01
C GLN F 142 34.26 -41.07 11.36
N LYS F 143 33.97 -39.94 10.69
CA LYS F 143 34.76 -38.74 10.88
C LYS F 143 34.43 -38.01 12.19
N VAL F 144 33.13 -37.87 12.52
CA VAL F 144 32.75 -37.08 13.70
C VAL F 144 32.41 -37.94 14.91
N GLY F 145 32.33 -39.24 14.77
CA GLY F 145 31.90 -40.16 15.82
C GLY F 145 30.40 -40.38 15.81
N LEU F 146 30.00 -41.58 16.21
CA LEU F 146 28.57 -41.89 16.21
C LEU F 146 27.78 -40.96 17.12
N GLU F 147 28.24 -40.73 18.35
CA GLU F 147 27.47 -39.91 19.28
C GLU F 147 27.30 -38.48 18.77
N ASN F 148 28.35 -37.90 18.19
CA ASN F 148 28.23 -36.57 17.60
C ASN F 148 27.30 -36.59 16.40
N TYR F 149 27.40 -37.63 15.58
CA TYR F 149 26.57 -37.69 14.40
C TYR F 149 25.10 -37.70 14.80
N LEU F 150 24.76 -38.55 15.76
CA LEU F 150 23.38 -38.63 16.22
C LEU F 150 22.95 -37.32 16.86
N GLN F 151 23.82 -36.75 17.69
CA GLN F 151 23.52 -35.45 18.29
C GLN F 151 23.09 -34.44 17.22
N SER F 152 23.87 -34.34 16.14
CA SER F 152 23.60 -33.39 15.07
C SER F 152 22.32 -33.68 14.31
N HIS F 153 21.69 -34.84 14.52
CA HIS F 153 20.47 -35.17 13.81
C HIS F 153 19.29 -35.34 14.76
N MET F 154 19.41 -34.81 15.97
CA MET F 154 18.33 -34.81 16.95
C MET F 154 17.27 -33.77 16.62
N HIS F 155 17.67 -32.49 16.56
CA HIS F 155 16.77 -31.38 16.32
C HIS F 155 16.76 -30.99 14.85
N GLU F 156 15.58 -30.60 14.37
CA GLU F 156 15.37 -30.20 12.97
C GLU F 156 15.83 -28.77 12.65
N MET G 1 30.53 -44.13 -4.44
CA MET G 1 30.17 -45.29 -5.29
C MET G 1 31.33 -45.62 -6.23
N LYS G 2 31.79 -46.87 -6.28
CA LYS G 2 33.00 -47.13 -7.06
C LYS G 2 32.68 -47.00 -8.54
N GLY G 3 33.33 -46.06 -9.20
CA GLY G 3 33.14 -45.90 -10.63
C GLY G 3 34.14 -46.74 -11.44
N ASP G 4 33.87 -46.81 -12.74
CA ASP G 4 34.77 -47.48 -13.68
C ASP G 4 36.02 -46.63 -13.88
N LYS G 5 37.19 -47.25 -13.77
CA LYS G 5 38.46 -46.52 -13.81
C LYS G 5 38.65 -45.79 -15.13
N LYS G 6 38.24 -46.39 -16.25
CA LYS G 6 38.45 -45.72 -17.53
C LYS G 6 37.47 -44.56 -17.70
N VAL G 7 36.24 -44.69 -17.18
CA VAL G 7 35.33 -43.54 -17.17
C VAL G 7 35.96 -42.38 -16.40
N ILE G 8 36.51 -42.67 -15.22
CA ILE G 8 37.14 -41.61 -14.44
C ILE G 8 38.27 -40.96 -15.23
N GLN G 9 39.06 -41.75 -15.97
CA GLN G 9 40.13 -41.13 -16.77
C GLN G 9 39.54 -40.23 -17.85
N HIS G 10 38.45 -40.66 -18.48
CA HIS G 10 37.75 -39.81 -19.44
C HIS G 10 37.28 -38.52 -18.77
N LEU G 11 36.60 -38.63 -17.63
CA LEU G 11 36.15 -37.44 -16.90
C LEU G 11 37.31 -36.52 -16.60
N ASN G 12 38.44 -37.08 -16.16
CA ASN G 12 39.60 -36.24 -15.91
C ASN G 12 40.14 -35.62 -17.20
N LYS G 13 40.01 -36.30 -18.34
CA LYS G 13 40.45 -35.69 -19.58
C LYS G 13 39.58 -34.52 -19.98
N ILE G 14 38.24 -34.66 -19.81
CA ILE G 14 37.33 -33.55 -20.09
C ILE G 14 37.63 -32.39 -19.13
N LEU G 15 37.87 -32.70 -17.87
CA LEU G 15 38.21 -31.67 -16.89
C LEU G 15 39.43 -30.90 -17.33
N GLY G 16 40.47 -31.61 -17.79
CA GLY G 16 41.62 -30.92 -18.30
C GLY G 16 41.30 -29.97 -19.43
N ASN G 17 40.40 -30.36 -20.33
CA ASN G 17 39.98 -29.44 -21.39
C ASN G 17 39.28 -28.21 -20.80
N GLU G 18 38.43 -28.41 -19.79
CA GLU G 18 37.74 -27.28 -19.16
C GLU G 18 38.72 -26.29 -18.57
N LEU G 19 39.78 -26.78 -17.94
CA LEU G 19 40.73 -25.90 -17.26
C LEU G 19 41.49 -25.04 -18.25
N ILE G 20 41.82 -25.58 -19.43
CA ILE G 20 42.41 -24.76 -20.49
C ILE G 20 41.42 -23.67 -20.91
N ALA G 21 40.17 -24.06 -21.13
CA ALA G 21 39.19 -23.11 -21.62
C ALA G 21 38.90 -22.02 -20.59
N ILE G 22 38.82 -22.37 -19.30
CA ILE G 22 38.66 -21.32 -18.28
C ILE G 22 39.75 -20.26 -18.43
N ASN G 23 41.01 -20.69 -18.42
CA ASN G 23 42.09 -19.70 -18.47
C ASN G 23 42.18 -18.99 -19.82
N GLN G 24 41.98 -19.73 -20.93
CA GLN G 24 42.06 -19.09 -22.24
C GLN G 24 40.97 -18.05 -22.41
N TYR G 25 39.73 -18.42 -22.10
CA TYR G 25 38.63 -17.47 -22.24
C TYR G 25 38.75 -16.32 -21.26
N PHE G 26 39.24 -16.56 -20.04
CA PHE G 26 39.32 -15.44 -19.09
C PHE G 26 40.36 -14.42 -19.56
N LEU G 27 41.49 -14.88 -20.11
CA LEU G 27 42.50 -13.94 -20.60
C LEU G 27 42.02 -13.22 -21.85
N HIS G 28 41.40 -13.95 -22.79
CA HIS G 28 40.79 -13.31 -23.95
C HIS G 28 39.78 -12.25 -23.50
N SER G 29 38.96 -12.57 -22.50
CA SER G 29 37.99 -11.62 -21.98
C SER G 29 38.67 -10.35 -21.53
N ARG G 30 39.74 -10.49 -20.74
CA ARG G 30 40.36 -9.30 -20.17
C ARG G 30 41.17 -8.55 -21.19
N MET G 31 41.67 -9.23 -22.23
CA MET G 31 42.32 -8.54 -23.35
C MET G 31 41.32 -7.67 -24.12
N TRP G 32 40.14 -8.21 -24.43
CA TRP G 32 39.11 -7.41 -25.08
C TRP G 32 38.66 -6.24 -24.20
N ASN G 33 38.46 -6.46 -22.90
CA ASN G 33 38.12 -5.31 -22.04
C ASN G 33 39.24 -4.30 -22.04
N ASP G 34 40.48 -4.77 -21.98
CA ASP G 34 41.59 -3.84 -21.97
C ASP G 34 41.62 -3.01 -23.25
N TRP G 35 41.24 -3.60 -24.39
CA TRP G 35 41.22 -2.81 -25.63
C TRP G 35 39.98 -1.93 -25.76
N GLY G 36 39.07 -1.92 -24.79
CA GLY G 36 37.82 -1.19 -24.91
C GLY G 36 36.74 -1.88 -25.73
N LEU G 37 36.90 -3.18 -26.00
CA LEU G 37 35.88 -3.94 -26.69
C LEU G 37 35.07 -4.70 -25.66
N LYS G 38 34.26 -3.92 -24.90
CA LYS G 38 33.66 -4.41 -23.66
C LYS G 38 32.57 -5.43 -23.91
N ARG G 39 31.84 -5.30 -25.01
CA ARG G 39 30.81 -6.28 -25.27
C ARG G 39 31.42 -7.65 -25.57
N LEU G 40 32.52 -7.68 -26.36
CA LEU G 40 33.26 -8.93 -26.53
C LEU G 40 33.81 -9.43 -25.19
N GLY G 41 34.34 -8.52 -24.37
CA GLY G 41 34.90 -8.94 -23.09
C GLY G 41 33.86 -9.60 -22.20
N ALA G 42 32.68 -9.02 -22.12
CA ALA G 42 31.63 -9.56 -21.26
C ALA G 42 31.16 -10.92 -21.76
N HIS G 43 31.00 -11.07 -23.05
CA HIS G 43 30.52 -12.35 -23.53
C HIS G 43 31.57 -13.44 -23.31
N GLU G 44 32.84 -13.10 -23.48
CA GLU G 44 33.90 -14.06 -23.26
C GLU G 44 34.02 -14.39 -21.78
N TYR G 45 33.81 -13.40 -20.91
CA TYR G 45 33.72 -13.68 -19.48
C TYR G 45 32.64 -14.72 -19.21
N HIS G 46 31.47 -14.58 -19.82
CA HIS G 46 30.42 -15.54 -19.51
CA HIS G 46 30.37 -15.52 -19.60
C HIS G 46 30.73 -16.92 -20.09
N GLU G 47 31.46 -17.00 -21.21
CA GLU G 47 31.93 -18.31 -21.67
C GLU G 47 32.91 -18.91 -20.67
N SER G 48 33.84 -18.09 -20.16
CA SER G 48 34.74 -18.54 -19.10
C SER G 48 33.96 -19.11 -17.90
N ILE G 49 32.92 -18.40 -17.47
CA ILE G 49 32.15 -18.82 -16.29
C ILE G 49 31.44 -20.15 -16.57
N ASP G 50 30.92 -20.31 -17.80
CA ASP G 50 30.33 -21.57 -18.25
C ASP G 50 31.28 -22.75 -18.05
N GLU G 51 32.54 -22.57 -18.44
CA GLU G 51 33.53 -23.63 -18.32
C GLU G 51 33.89 -23.90 -16.87
N MET G 52 33.94 -22.85 -16.04
CA MET G 52 34.08 -23.06 -14.60
C MET G 52 32.99 -23.97 -14.05
N LYS G 53 31.74 -23.80 -14.54
CA LYS G 53 30.64 -24.62 -14.05
C LYS G 53 30.75 -26.06 -14.55
N HIS G 54 31.18 -26.26 -15.80
CA HIS G 54 31.49 -27.61 -16.27
C HIS G 54 32.53 -28.26 -15.39
N ALA G 55 33.63 -27.55 -15.13
CA ALA G 55 34.71 -28.13 -14.33
C ALA G 55 34.20 -28.56 -12.96
N ASP G 56 33.37 -27.72 -12.33
CA ASP G 56 32.77 -28.01 -11.03
C ASP G 56 32.01 -29.32 -11.07
N LYS G 57 31.11 -29.46 -12.04
CA LYS G 57 30.29 -30.65 -12.11
C LYS G 57 31.13 -31.89 -12.35
N LEU G 58 32.17 -31.77 -13.16
CA LEU G 58 33.03 -32.91 -13.41
C LEU G 58 33.78 -33.33 -12.15
N ILE G 59 34.35 -32.33 -11.45
CA ILE G 59 35.05 -32.59 -10.20
C ILE G 59 34.13 -33.29 -9.20
N GLU G 60 32.89 -32.83 -9.08
CA GLU G 60 31.97 -33.47 -8.14
C GLU G 60 31.67 -34.90 -8.56
N ARG G 61 31.47 -35.11 -9.85
CA ARG G 61 31.22 -36.47 -10.34
C ARG G 61 32.41 -37.37 -10.04
N ILE G 62 33.62 -36.91 -10.39
CA ILE G 62 34.82 -37.72 -10.16
C ILE G 62 34.89 -38.15 -8.69
N LEU G 63 34.70 -37.19 -7.79
CA LEU G 63 34.82 -37.46 -6.35
C LEU G 63 33.77 -38.46 -5.89
N PHE G 64 32.55 -38.35 -6.40
CA PHE G 64 31.50 -39.30 -6.03
C PHE G 64 31.84 -40.72 -6.46
N LEU G 65 32.43 -40.86 -7.65
CA LEU G 65 32.86 -42.13 -8.17
C LEU G 65 34.18 -42.60 -7.57
N GLU G 66 34.72 -41.82 -6.63
CA GLU G 66 35.89 -42.21 -5.84
C GLU G 66 37.17 -42.13 -6.65
N GLY G 67 37.20 -41.22 -7.62
CA GLY G 67 38.43 -40.87 -8.29
C GLY G 67 39.08 -39.64 -7.67
N ALA G 68 40.25 -39.31 -8.21
CA ALA G 68 41.02 -38.15 -7.77
C ALA G 68 40.97 -37.09 -8.87
N PRO G 69 40.26 -35.99 -8.70
CA PRO G 69 40.25 -34.97 -9.75
C PRO G 69 41.65 -34.42 -9.96
N ASN G 70 41.99 -34.20 -11.23
CA ASN G 70 43.30 -33.67 -11.62
C ASN G 70 43.15 -32.20 -12.01
N LEU G 71 43.55 -31.31 -11.13
CA LEU G 71 43.59 -29.89 -11.46
C LEU G 71 45.01 -29.43 -11.65
N GLN G 72 45.98 -30.35 -11.65
CA GLN G 72 47.39 -29.98 -11.65
C GLN G 72 47.93 -29.77 -13.05
N ASP G 73 47.44 -30.54 -14.03
CA ASP G 73 47.99 -30.53 -15.38
C ASP G 73 47.14 -29.62 -16.26
N LEU G 74 47.76 -28.55 -16.73
CA LEU G 74 47.12 -27.54 -17.57
C LEU G 74 47.77 -27.65 -18.94
N GLY G 75 47.01 -28.07 -19.94
CA GLY G 75 47.49 -28.10 -21.31
C GLY G 75 47.69 -26.70 -21.88
N LYS G 76 47.89 -26.69 -23.20
CA LYS G 76 48.39 -25.47 -23.84
C LYS G 76 47.23 -24.51 -24.13
N LEU G 77 47.35 -23.29 -23.61
CA LEU G 77 46.44 -22.20 -23.95
C LEU G 77 46.78 -21.66 -25.33
N LEU G 78 45.75 -21.37 -26.10
CA LEU G 78 45.87 -20.80 -27.44
C LEU G 78 45.39 -19.35 -27.37
N ILE G 79 46.34 -18.41 -27.28
CA ILE G 79 46.07 -17.01 -27.08
C ILE G 79 46.27 -16.27 -28.40
N GLY G 80 45.21 -15.62 -28.89
CA GLY G 80 45.33 -14.82 -30.10
C GLY G 80 45.92 -13.45 -29.82
N ALA G 81 46.25 -12.76 -30.92
CA ALA G 81 46.82 -11.42 -30.85
C ALA G 81 45.86 -10.34 -31.33
N ASN G 82 44.72 -10.74 -31.88
CA ASN G 82 43.70 -9.80 -32.33
C ASN G 82 42.39 -10.56 -32.36
N THR G 83 41.27 -9.84 -32.52
CA THR G 83 39.96 -10.46 -32.32
C THR G 83 39.76 -11.70 -33.18
N GLN G 84 40.12 -11.62 -34.45
CA GLN G 84 39.87 -12.78 -35.32
C GLN G 84 40.66 -14.00 -34.87
N GLU G 85 41.92 -13.81 -34.47
CA GLU G 85 42.73 -14.95 -34.00
C GLU G 85 42.18 -15.51 -32.69
N MET G 86 41.78 -14.63 -31.78
CA MET G 86 41.24 -15.07 -30.50
C MET G 86 40.02 -15.93 -30.69
N LEU G 87 39.09 -15.50 -31.56
CA LEU G 87 37.89 -16.28 -31.82
C LEU G 87 38.20 -17.62 -32.47
N GLN G 88 39.18 -17.65 -33.38
CA GLN G 88 39.59 -18.91 -34.01
C GLN G 88 40.32 -19.82 -33.03
N CYS G 89 41.12 -19.25 -32.12
CA CYS G 89 41.73 -20.05 -31.06
C CYS G 89 40.67 -20.69 -30.17
N ASP G 90 39.65 -19.93 -29.76
CA ASP G 90 38.56 -20.54 -29.01
C ASP G 90 37.87 -21.64 -29.83
N LEU G 91 37.55 -21.36 -31.10
CA LEU G 91 36.87 -22.38 -31.90
C LEU G 91 37.71 -23.67 -31.98
N ASN G 92 39.03 -23.53 -32.17
CA ASN G 92 39.87 -24.71 -32.27
C ASN G 92 39.83 -25.52 -30.98
N LEU G 93 39.86 -24.84 -29.84
CA LEU G 93 39.75 -25.54 -28.57
C LEU G 93 38.39 -26.21 -28.40
N GLU G 94 37.31 -25.52 -28.75
CA GLU G 94 35.99 -26.16 -28.63
C GLU G 94 35.88 -27.38 -29.51
N LEU G 95 36.42 -27.33 -30.71
CA LEU G 95 36.35 -28.50 -31.59
C LEU G 95 37.16 -29.68 -31.04
N LYS G 96 38.37 -29.42 -30.54
CA LYS G 96 39.11 -30.50 -29.89
C LYS G 96 38.32 -31.05 -28.71
N ALA G 97 37.69 -30.18 -27.93
CA ALA G 97 37.02 -30.61 -26.72
C ALA G 97 35.81 -31.50 -27.02
N THR G 98 35.05 -31.21 -28.07
CA THR G 98 33.88 -32.03 -28.37
C THR G 98 34.27 -33.43 -28.83
N LYS G 99 35.39 -33.56 -29.54
CA LYS G 99 35.93 -34.89 -29.88
C LYS G 99 36.11 -35.74 -28.62
N ASP G 100 36.75 -35.18 -27.59
CA ASP G 100 36.96 -35.93 -26.35
C ASP G 100 35.64 -36.26 -25.64
N LEU G 101 34.66 -35.35 -25.68
CA LEU G 101 33.35 -35.63 -25.07
C LEU G 101 32.66 -36.79 -25.75
N ARG G 102 32.67 -36.81 -27.08
CA ARG G 102 32.01 -37.93 -27.77
C ARG G 102 32.69 -39.26 -27.44
N GLU G 103 34.04 -39.28 -27.39
CA GLU G 103 34.73 -40.51 -27.00
C GLU G 103 34.38 -40.91 -25.56
N ALA G 104 34.27 -39.93 -24.65
CA ALA G 104 33.92 -40.27 -23.27
C ALA G 104 32.49 -40.79 -23.18
N ILE G 105 31.59 -40.23 -23.98
CA ILE G 105 30.20 -40.68 -23.95
C ILE G 105 30.10 -42.13 -24.42
N VAL G 106 30.81 -42.46 -25.51
CA VAL G 106 30.85 -43.85 -25.98
C VAL G 106 31.26 -44.76 -24.83
N HIS G 107 32.32 -44.40 -24.10
CA HIS G 107 32.78 -45.28 -23.04
C HIS G 107 31.76 -45.38 -21.89
N CYS G 108 31.14 -44.27 -21.50
CA CYS G 108 30.10 -44.35 -20.49
C CYS G 108 29.02 -45.35 -20.92
N GLU G 109 28.58 -45.24 -22.17
CA GLU G 109 27.50 -46.10 -22.65
C GLU G 109 27.91 -47.57 -22.60
N GLN G 110 29.18 -47.86 -22.96
CA GLN G 110 29.70 -49.23 -22.95
C GLN G 110 29.62 -49.86 -21.57
N VAL G 111 29.99 -49.12 -20.52
CA VAL G 111 29.99 -49.69 -19.17
C VAL G 111 28.71 -49.34 -18.40
N HIS G 112 27.70 -48.77 -19.05
CA HIS G 112 26.39 -48.54 -18.43
C HIS G 112 26.44 -47.47 -17.34
N ASP G 113 27.39 -46.52 -17.43
CA ASP G 113 27.38 -45.36 -16.54
C ASP G 113 26.52 -44.26 -17.17
N TYR G 114 25.20 -44.48 -17.11
CA TYR G 114 24.27 -43.59 -17.82
C TYR G 114 24.20 -42.21 -17.19
N VAL G 115 24.38 -42.10 -15.86
CA VAL G 115 24.38 -40.79 -15.23
C VAL G 115 25.59 -39.99 -15.69
N SER G 116 26.76 -40.61 -15.80
CA SER G 116 27.90 -39.85 -16.32
C SER G 116 27.67 -39.47 -17.77
N ARG G 117 27.03 -40.34 -18.56
CA ARG G 117 26.73 -40.01 -19.94
C ARG G 117 25.88 -38.75 -20.01
N ASP G 118 24.85 -38.69 -19.18
CA ASP G 118 23.92 -37.59 -19.22
C ASP G 118 24.62 -36.27 -18.87
N LEU G 119 25.48 -36.29 -17.86
CA LEU G 119 26.27 -35.11 -17.53
C LEU G 119 27.11 -34.65 -18.71
N LEU G 120 27.79 -35.58 -19.40
CA LEU G 120 28.64 -35.19 -20.53
C LEU G 120 27.82 -34.70 -21.72
N LYS G 121 26.66 -35.32 -21.98
CA LYS G 121 25.78 -34.82 -23.02
C LYS G 121 25.35 -33.38 -22.72
N ASP G 122 25.06 -33.07 -21.45
CA ASP G 122 24.73 -31.70 -21.07
C ASP G 122 25.88 -30.76 -21.35
N ILE G 123 27.10 -31.17 -20.98
CA ILE G 123 28.26 -30.35 -21.31
C ILE G 123 28.40 -30.20 -22.82
N LEU G 124 28.23 -31.30 -23.55
CA LEU G 124 28.41 -31.26 -25.01
C LEU G 124 27.41 -30.29 -25.66
N GLU G 125 26.16 -30.28 -25.20
CA GLU G 125 25.17 -29.33 -25.71
C GLU G 125 25.69 -27.91 -25.57
N SER G 126 26.20 -27.60 -24.38
CA SER G 126 26.73 -26.26 -24.14
CA SER G 126 26.73 -26.26 -24.16
C SER G 126 27.89 -25.95 -25.07
N GLU G 127 28.79 -26.93 -25.28
CA GLU G 127 29.94 -26.66 -26.15
C GLU G 127 29.49 -26.41 -27.59
N GLU G 128 28.46 -27.11 -28.03
CA GLU G 128 27.95 -26.87 -29.38
C GLU G 128 27.31 -25.49 -29.50
N GLU G 129 26.70 -24.99 -28.42
CA GLU G 129 26.32 -23.58 -28.37
C GLU G 129 27.54 -22.67 -28.46
N HIS G 130 28.63 -23.00 -27.75
CA HIS G 130 29.82 -22.15 -27.81
C HIS G 130 30.36 -22.13 -29.23
N ILE G 131 30.34 -23.30 -29.88
CA ILE G 131 30.83 -23.41 -31.26
C ILE G 131 29.95 -22.57 -32.17
N ASP G 132 28.63 -22.70 -32.02
CA ASP G 132 27.71 -21.87 -32.79
C ASP G 132 28.02 -20.39 -32.62
N TYR G 133 28.21 -19.96 -31.37
CA TYR G 133 28.53 -18.56 -31.12
C TYR G 133 29.80 -18.13 -31.87
N LEU G 134 30.85 -18.94 -31.81
CA LEU G 134 32.13 -18.55 -32.40
C LEU G 134 32.06 -18.57 -33.92
N GLU G 135 31.47 -19.62 -34.49
CA GLU G 135 31.31 -19.68 -35.93
C GLU G 135 30.50 -18.48 -36.42
N THR G 136 29.44 -18.12 -35.66
CA THR G 136 28.59 -16.99 -36.03
C THR G 136 29.37 -15.68 -35.99
N GLN G 137 30.20 -15.45 -34.97
CA GLN G 137 30.97 -14.22 -34.94
C GLN G 137 31.94 -14.13 -36.13
N LEU G 138 32.63 -15.22 -36.44
CA LEU G 138 33.54 -15.18 -37.57
C LEU G 138 32.76 -14.91 -38.85
N GLY G 139 31.60 -15.54 -39.00
CA GLY G 139 30.75 -15.24 -40.13
C GLY G 139 30.35 -13.76 -40.17
N LEU G 140 30.01 -13.19 -39.02
CA LEU G 140 29.55 -11.81 -39.02
C LEU G 140 30.68 -10.88 -39.43
N ILE G 141 31.91 -11.21 -39.04
CA ILE G 141 33.05 -10.39 -39.43
C ILE G 141 33.13 -10.30 -40.95
N GLN G 142 32.80 -11.40 -41.63
CA GLN G 142 32.86 -11.39 -43.09
C GLN G 142 31.71 -10.59 -43.67
N LYS G 143 30.51 -10.69 -43.08
CA LYS G 143 29.31 -10.06 -43.62
C LYS G 143 29.23 -8.55 -43.38
N VAL G 144 29.70 -8.06 -42.23
CA VAL G 144 29.62 -6.63 -41.90
C VAL G 144 30.99 -5.99 -41.90
N GLY G 145 32.06 -6.76 -41.94
CA GLY G 145 33.39 -6.17 -41.98
C GLY G 145 33.99 -6.01 -40.59
N LEU G 146 35.31 -6.20 -40.52
CA LEU G 146 35.95 -6.28 -39.22
C LEU G 146 35.76 -5.00 -38.43
N GLU G 147 35.93 -3.86 -39.08
CA GLU G 147 35.83 -2.60 -38.36
C GLU G 147 34.42 -2.39 -37.80
N ASN G 148 33.37 -2.68 -38.59
CA ASN G 148 32.00 -2.57 -38.09
C ASN G 148 31.75 -3.58 -36.97
N TYR G 149 32.28 -4.81 -37.13
CA TYR G 149 32.07 -5.81 -36.10
C TYR G 149 32.66 -5.36 -34.77
N LEU G 150 33.89 -4.82 -34.80
CA LEU G 150 34.50 -4.34 -33.57
C LEU G 150 33.71 -3.16 -33.01
N GLN G 151 33.31 -2.23 -33.87
CA GLN G 151 32.50 -1.10 -33.41
C GLN G 151 31.27 -1.55 -32.63
N SER G 152 30.58 -2.57 -33.11
CA SER G 152 29.38 -3.08 -32.48
C SER G 152 29.66 -3.80 -31.17
N HIS G 153 30.93 -4.09 -30.87
CA HIS G 153 31.24 -4.79 -29.62
C HIS G 153 32.09 -3.93 -28.70
N MET G 154 32.11 -2.62 -28.97
CA MET G 154 32.78 -1.65 -28.12
C MET G 154 32.00 -1.42 -26.83
N HIS G 155 30.73 -1.06 -26.95
CA HIS G 155 29.90 -0.67 -25.84
C HIS G 155 28.93 -1.80 -25.48
N GLU G 156 28.66 -1.92 -24.19
CA GLU G 156 27.68 -2.92 -23.71
C GLU G 156 26.23 -2.44 -23.79
N MET H 1 49.84 2.08 -20.58
CA MET H 1 50.97 2.84 -19.93
C MET H 1 52.17 1.91 -19.73
N LYS H 2 53.37 2.33 -20.14
CA LYS H 2 54.53 1.43 -20.08
C LYS H 2 54.89 1.16 -18.63
N GLY H 3 54.67 -0.06 -18.18
CA GLY H 3 55.11 -0.43 -16.85
C GLY H 3 56.55 -0.86 -16.83
N ASP H 4 57.10 -0.88 -15.63
CA ASP H 4 58.45 -1.36 -15.36
C ASP H 4 58.50 -2.88 -15.49
N LYS H 5 59.45 -3.37 -16.31
CA LYS H 5 59.48 -4.79 -16.66
C LYS H 5 59.63 -5.68 -15.42
N LYS H 6 60.36 -5.23 -14.40
CA LYS H 6 60.53 -6.09 -13.23
C LYS H 6 59.26 -6.10 -12.36
N VAL H 7 58.57 -4.96 -12.26
CA VAL H 7 57.29 -4.94 -11.59
C VAL H 7 56.34 -5.92 -12.26
N ILE H 8 56.30 -5.89 -13.60
CA ILE H 8 55.42 -6.82 -14.31
C ILE H 8 55.80 -8.26 -14.03
N GLN H 9 57.11 -8.56 -13.94
CA GLN H 9 57.52 -9.90 -13.57
C GLN H 9 57.02 -10.28 -12.18
N HIS H 10 57.16 -9.37 -11.21
CA HIS H 10 56.56 -9.59 -9.88
C HIS H 10 55.06 -9.86 -9.97
N LEU H 11 54.32 -9.05 -10.74
CA LEU H 11 52.87 -9.26 -10.78
C LEU H 11 52.54 -10.62 -11.36
N ASN H 12 53.31 -11.06 -12.37
CA ASN H 12 53.07 -12.39 -12.88
C ASN H 12 53.44 -13.46 -11.85
N LYS H 13 54.45 -13.22 -11.02
CA LYS H 13 54.75 -14.17 -9.96
C LYS H 13 53.59 -14.27 -8.96
N ILE H 14 53.08 -13.12 -8.50
CA ILE H 14 51.90 -13.13 -7.65
C ILE H 14 50.75 -13.86 -8.33
N LEU H 15 50.50 -13.53 -9.61
CA LEU H 15 49.43 -14.19 -10.37
C LEU H 15 49.59 -15.70 -10.36
N GLY H 16 50.82 -16.17 -10.57
CA GLY H 16 51.06 -17.61 -10.52
C GLY H 16 50.65 -18.23 -9.19
N ASN H 17 50.96 -17.54 -8.10
CA ASN H 17 50.53 -18.02 -6.78
C ASN H 17 49.01 -18.07 -6.67
N GLU H 18 48.33 -17.02 -7.17
CA GLU H 18 46.85 -17.00 -7.12
C GLU H 18 46.26 -18.20 -7.85
N LEU H 19 46.85 -18.58 -8.99
CA LEU H 19 46.31 -19.68 -9.78
C LEU H 19 46.44 -21.01 -9.05
N ILE H 20 47.53 -21.20 -8.31
CA ILE H 20 47.66 -22.39 -7.47
C ILE H 20 46.55 -22.38 -6.41
N ALA H 21 46.42 -21.25 -5.72
CA ALA H 21 45.45 -21.17 -4.63
C ALA H 21 44.03 -21.40 -5.13
N ILE H 22 43.68 -20.83 -6.29
CA ILE H 22 42.38 -21.09 -6.91
C ILE H 22 42.09 -22.58 -7.00
N ASN H 23 43.00 -23.33 -7.63
CA ASN H 23 42.72 -24.74 -7.87
C ASN H 23 42.82 -25.53 -6.57
N GLN H 24 43.79 -25.21 -5.73
CA GLN H 24 43.93 -25.93 -4.48
C GLN H 24 42.71 -25.74 -3.60
N TYR H 25 42.23 -24.50 -3.48
CA TYR H 25 41.10 -24.30 -2.58
C TYR H 25 39.80 -24.80 -3.19
N PHE H 26 39.67 -24.74 -4.52
CA PHE H 26 38.47 -25.29 -5.13
C PHE H 26 38.38 -26.79 -4.94
N LEU H 27 39.48 -27.51 -5.17
CA LEU H 27 39.43 -28.95 -4.94
C LEU H 27 39.20 -29.27 -3.46
N HIS H 28 39.89 -28.59 -2.55
CA HIS H 28 39.62 -28.81 -1.13
C HIS H 28 38.16 -28.53 -0.80
N SER H 29 37.59 -27.46 -1.36
CA SER H 29 36.19 -27.16 -1.13
C SER H 29 35.31 -28.34 -1.54
N ARG H 30 35.53 -28.90 -2.74
CA ARG H 30 34.67 -29.99 -3.19
C ARG H 30 34.98 -31.32 -2.51
N MET H 31 36.18 -31.49 -1.97
CA MET H 31 36.41 -32.67 -1.16
C MET H 31 35.62 -32.59 0.12
N TRP H 32 35.63 -31.42 0.77
CA TRP H 32 34.85 -31.25 1.99
C TRP H 32 33.36 -31.46 1.72
N ASN H 33 32.85 -30.90 0.63
CA ASN H 33 31.44 -31.11 0.30
C ASN H 33 31.17 -32.59 0.05
N ASP H 34 32.06 -33.24 -0.70
CA ASP H 34 31.87 -34.65 -0.99
C ASP H 34 31.79 -35.47 0.28
N TRP H 35 32.58 -35.10 1.30
CA TRP H 35 32.56 -35.71 2.62
C TRP H 35 31.38 -35.25 3.50
N GLY H 36 30.56 -34.32 3.05
CA GLY H 36 29.43 -33.88 3.87
C GLY H 36 29.81 -32.86 4.91
N LEU H 37 31.01 -32.32 4.81
CA LEU H 37 31.48 -31.23 5.66
C LEU H 37 31.19 -29.89 4.94
N LYS H 38 29.90 -29.59 4.85
CA LYS H 38 29.44 -28.57 3.91
C LYS H 38 29.85 -27.18 4.35
N ARG H 39 29.95 -26.95 5.65
CA ARG H 39 30.34 -25.63 6.12
C ARG H 39 31.81 -25.34 5.82
N LEU H 40 32.65 -26.36 5.98
CA LEU H 40 34.03 -26.22 5.53
C LEU H 40 34.09 -26.03 4.01
N GLY H 41 33.31 -26.81 3.27
CA GLY H 41 33.33 -26.69 1.83
C GLY H 41 32.90 -25.31 1.38
N ALA H 42 31.88 -24.75 2.01
CA ALA H 42 31.39 -23.43 1.61
C ALA H 42 32.44 -22.37 1.86
N HIS H 43 33.07 -22.39 3.02
CA HIS H 43 34.06 -21.37 3.32
C HIS H 43 35.28 -21.49 2.43
N GLU H 44 35.71 -22.72 2.16
CA GLU H 44 36.83 -22.90 1.24
C GLU H 44 36.47 -22.45 -0.17
N TYR H 45 35.22 -22.68 -0.59
CA TYR H 45 34.74 -22.13 -1.85
C TYR H 45 34.87 -20.61 -1.87
N HIS H 46 34.45 -19.94 -0.79
CA HIS H 46 34.60 -18.49 -0.83
CA HIS H 46 34.60 -18.48 -0.70
C HIS H 46 36.07 -18.07 -0.79
N GLU H 47 36.95 -18.83 -0.13
CA GLU H 47 38.38 -18.53 -0.25
C GLU H 47 38.83 -18.66 -1.70
N SER H 48 38.35 -19.69 -2.39
CA SER H 48 38.71 -19.87 -3.80
C SER H 48 38.25 -18.67 -4.63
N ILE H 49 37.02 -18.18 -4.40
CA ILE H 49 36.51 -17.04 -5.15
C ILE H 49 37.37 -15.81 -4.86
N ASP H 50 37.77 -15.62 -3.60
CA ASP H 50 38.68 -14.53 -3.25
C ASP H 50 39.89 -14.51 -4.17
N GLU H 51 40.48 -15.68 -4.41
CA GLU H 51 41.73 -15.73 -5.19
C GLU H 51 41.46 -15.54 -6.69
N MET H 52 40.29 -15.97 -7.17
CA MET H 52 39.89 -15.67 -8.52
C MET H 52 39.83 -14.17 -8.74
N LYS H 53 39.30 -13.43 -7.77
CA LYS H 53 39.24 -11.97 -7.87
C LYS H 53 40.61 -11.33 -7.73
N HIS H 54 41.50 -11.87 -6.89
CA HIS H 54 42.87 -11.37 -6.91
C HIS H 54 43.50 -11.56 -8.29
N ALA H 55 43.35 -12.75 -8.84
CA ALA H 55 43.90 -13.05 -10.16
C ALA H 55 43.38 -12.08 -11.20
N ASP H 56 42.05 -11.84 -11.19
CA ASP H 56 41.43 -10.88 -12.10
C ASP H 56 42.12 -9.52 -12.03
N LYS H 57 42.27 -8.98 -10.82
CA LYS H 57 42.83 -7.63 -10.70
C LYS H 57 44.28 -7.60 -11.18
N LEU H 58 45.05 -8.64 -10.87
CA LEU H 58 46.43 -8.72 -11.34
C LEU H 58 46.49 -8.75 -12.85
N ILE H 59 45.67 -9.60 -13.48
CA ILE H 59 45.62 -9.67 -14.93
C ILE H 59 45.29 -8.31 -15.51
N GLU H 60 44.32 -7.59 -14.94
CA GLU H 60 43.95 -6.32 -15.53
C GLU H 60 45.08 -5.31 -15.40
N ARG H 61 45.79 -5.33 -14.28
CA ARG H 61 46.88 -4.40 -14.07
C ARG H 61 48.04 -4.71 -15.03
N ILE H 62 48.37 -5.99 -15.18
CA ILE H 62 49.44 -6.38 -16.11
C ILE H 62 49.12 -5.90 -17.52
N LEU H 63 47.87 -6.11 -17.96
CA LEU H 63 47.49 -5.69 -19.30
C LEU H 63 47.58 -4.16 -19.45
N PHE H 64 47.12 -3.41 -18.44
CA PHE H 64 47.24 -1.96 -18.51
C PHE H 64 48.69 -1.54 -18.60
N LEU H 65 49.59 -2.26 -17.96
CA LEU H 65 51.01 -1.90 -17.96
C LEU H 65 51.73 -2.48 -19.17
N GLU H 66 50.99 -3.07 -20.10
CA GLU H 66 51.49 -3.52 -21.40
C GLU H 66 52.34 -4.79 -21.27
N GLY H 67 52.07 -5.62 -20.26
CA GLY H 67 52.70 -6.90 -20.14
C GLY H 67 51.75 -8.02 -20.57
N ALA H 68 52.28 -9.22 -20.58
CA ALA H 68 51.50 -10.38 -20.98
C ALA H 68 51.19 -11.21 -19.75
N PRO H 69 49.94 -11.31 -19.31
CA PRO H 69 49.62 -12.15 -18.14
C PRO H 69 49.91 -13.61 -18.45
N ASN H 70 50.58 -14.29 -17.53
CA ASN H 70 50.94 -15.68 -17.72
C ASN H 70 49.95 -16.52 -16.92
N LEU H 71 49.03 -17.15 -17.66
CA LEU H 71 48.09 -18.09 -17.09
C LEU H 71 48.43 -19.52 -17.45
N GLN H 72 49.57 -19.73 -18.10
CA GLN H 72 49.97 -21.04 -18.61
C GLN H 72 50.71 -21.87 -17.58
N ASP H 73 51.46 -21.22 -16.71
CA ASP H 73 52.27 -21.93 -15.74
C ASP H 73 51.48 -22.05 -14.45
N LEU H 74 51.27 -23.29 -14.04
CA LEU H 74 50.58 -23.64 -12.81
C LEU H 74 51.55 -24.47 -12.00
N GLY H 75 52.03 -23.89 -10.90
CA GLY H 75 52.84 -24.63 -9.93
C GLY H 75 52.15 -25.77 -9.20
N LYS H 76 52.83 -26.28 -8.17
CA LYS H 76 52.41 -27.51 -7.49
C LYS H 76 51.26 -27.21 -6.54
N LEU H 77 50.16 -27.92 -6.72
CA LEU H 77 49.08 -27.89 -5.74
C LEU H 77 49.44 -28.79 -4.57
N LEU H 78 49.15 -28.33 -3.37
CA LEU H 78 49.35 -29.11 -2.15
C LEU H 78 47.98 -29.59 -1.72
N ILE H 79 47.69 -30.85 -1.99
CA ILE H 79 46.37 -31.42 -1.70
C ILE H 79 46.52 -32.31 -0.48
N GLY H 80 45.71 -32.09 0.54
CA GLY H 80 45.78 -32.91 1.73
C GLY H 80 44.81 -34.08 1.67
N ALA H 81 45.00 -35.02 2.61
CA ALA H 81 44.19 -36.21 2.61
C ALA H 81 43.09 -36.17 3.68
N ASN H 82 43.18 -35.25 4.63
CA ASN H 82 42.15 -35.09 5.64
C ASN H 82 42.09 -33.63 6.03
N THR H 83 41.12 -33.28 6.88
CA THR H 83 40.85 -31.87 7.15
C THR H 83 42.09 -31.16 7.69
N GLN H 84 42.80 -31.79 8.61
CA GLN H 84 43.97 -31.15 9.23
C GLN H 84 45.08 -30.90 8.22
N GLU H 85 45.38 -31.88 7.39
CA GLU H 85 46.39 -31.69 6.35
C GLU H 85 45.98 -30.63 5.35
N MET H 86 44.69 -30.60 4.99
CA MET H 86 44.23 -29.64 3.99
C MET H 86 44.35 -28.22 4.50
N LEU H 87 43.98 -27.99 5.76
CA LEU H 87 44.14 -26.67 6.33
C LEU H 87 45.62 -26.27 6.40
N GLN H 88 46.50 -27.22 6.74
CA GLN H 88 47.93 -26.90 6.82
C GLN H 88 48.51 -26.64 5.43
N CYS H 89 48.04 -27.40 4.44
CA CYS H 89 48.52 -27.16 3.08
C CYS H 89 48.10 -25.79 2.59
N ASP H 90 46.86 -25.39 2.88
CA ASP H 90 46.43 -24.03 2.54
C ASP H 90 47.32 -23.01 3.25
N LEU H 91 47.56 -23.24 4.54
CA LEU H 91 48.37 -22.30 5.31
C LEU H 91 49.79 -22.20 4.75
N ASN H 92 50.41 -23.35 4.44
CA ASN H 92 51.72 -23.35 3.81
C ASN H 92 51.73 -22.52 2.52
N LEU H 93 50.71 -22.68 1.69
CA LEU H 93 50.64 -21.90 0.46
C LEU H 93 50.52 -20.41 0.76
N GLU H 94 49.65 -20.03 1.69
CA GLU H 94 49.46 -18.61 1.99
C GLU H 94 50.76 -17.99 2.51
N LEU H 95 51.48 -18.68 3.39
CA LEU H 95 52.72 -18.10 3.92
C LEU H 95 53.76 -17.87 2.82
N LYS H 96 53.90 -18.81 1.89
CA LYS H 96 54.80 -18.60 0.77
C LYS H 96 54.36 -17.40 -0.06
N ALA H 97 53.05 -17.28 -0.31
CA ALA H 97 52.55 -16.18 -1.14
C ALA H 97 52.79 -14.82 -0.50
N THR H 98 52.63 -14.69 0.82
CA THR H 98 52.84 -13.39 1.42
C THR H 98 54.30 -12.96 1.32
N LYS H 99 55.23 -13.90 1.37
CA LYS H 99 56.65 -13.55 1.19
C LYS H 99 56.88 -12.96 -0.20
N ASP H 100 56.28 -13.54 -1.22
CA ASP H 100 56.41 -12.97 -2.56
C ASP H 100 55.74 -11.61 -2.66
N LEU H 101 54.58 -11.41 -2.00
CA LEU H 101 53.90 -10.12 -2.06
C LEU H 101 54.74 -9.04 -1.41
N ARG H 102 55.42 -9.36 -0.31
CA ARG H 102 56.21 -8.33 0.34
C ARG H 102 57.36 -7.90 -0.55
N GLU H 103 57.99 -8.86 -1.24
CA GLU H 103 59.10 -8.56 -2.13
C GLU H 103 58.63 -7.76 -3.35
N ALA H 104 57.43 -8.04 -3.86
CA ALA H 104 56.92 -7.25 -4.97
C ALA H 104 56.60 -5.82 -4.54
N ILE H 105 56.14 -5.65 -3.30
CA ILE H 105 55.86 -4.29 -2.81
C ILE H 105 57.13 -3.49 -2.69
N VAL H 106 58.19 -4.09 -2.13
CA VAL H 106 59.49 -3.42 -2.06
C VAL H 106 59.86 -2.89 -3.43
N HIS H 107 59.72 -3.72 -4.47
CA HIS H 107 60.14 -3.31 -5.80
C HIS H 107 59.26 -2.20 -6.36
N CYS H 108 57.94 -2.31 -6.23
CA CYS H 108 57.07 -1.19 -6.61
C CYS H 108 57.49 0.10 -5.94
N GLU H 109 57.74 0.05 -4.63
CA GLU H 109 58.12 1.27 -3.94
C GLU H 109 59.36 1.88 -4.56
N GLN H 110 60.32 1.02 -4.92
CA GLN H 110 61.61 1.49 -5.39
C GLN H 110 61.52 2.17 -6.77
N VAL H 111 60.61 1.75 -7.64
CA VAL H 111 60.44 2.39 -8.94
C VAL H 111 59.23 3.32 -8.95
N HIS H 112 58.67 3.63 -7.77
CA HIS H 112 57.60 4.62 -7.65
C HIS H 112 56.32 4.20 -8.35
N ASP H 113 56.07 2.89 -8.53
CA ASP H 113 54.78 2.37 -9.01
C ASP H 113 53.84 2.21 -7.81
N TYR H 114 53.32 3.35 -7.36
CA TYR H 114 52.54 3.37 -6.14
C TYR H 114 51.14 2.76 -6.30
N VAL H 115 50.56 2.83 -7.49
CA VAL H 115 49.26 2.20 -7.71
C VAL H 115 49.38 0.68 -7.67
N SER H 116 50.45 0.12 -8.25
CA SER H 116 50.67 -1.32 -8.13
C SER H 116 50.93 -1.72 -6.69
N ARG H 117 51.71 -0.93 -5.96
CA ARG H 117 51.90 -1.21 -4.54
C ARG H 117 50.57 -1.27 -3.83
N ASP H 118 49.67 -0.32 -4.12
CA ASP H 118 48.40 -0.26 -3.41
C ASP H 118 47.58 -1.51 -3.67
N LEU H 119 47.56 -1.97 -4.92
CA LEU H 119 46.86 -3.22 -5.26
C LEU H 119 47.44 -4.40 -4.52
N LEU H 120 48.78 -4.51 -4.49
CA LEU H 120 49.41 -5.62 -3.80
C LEU H 120 49.14 -5.58 -2.29
N LYS H 121 49.12 -4.38 -1.70
CA LYS H 121 48.83 -4.24 -0.28
C LYS H 121 47.41 -4.72 0.04
N ASP H 122 46.44 -4.38 -0.82
CA ASP H 122 45.07 -4.86 -0.65
C ASP H 122 45.02 -6.37 -0.70
N ILE H 123 45.75 -6.97 -1.63
CA ILE H 123 45.81 -8.42 -1.71
C ILE H 123 46.48 -8.97 -0.46
N LEU H 124 47.59 -8.38 -0.05
CA LEU H 124 48.29 -8.83 1.14
C LEU H 124 47.38 -8.82 2.37
N GLU H 125 46.60 -7.74 2.54
CA GLU H 125 45.59 -7.65 3.59
C GLU H 125 44.65 -8.85 3.57
N SER H 126 44.14 -9.19 2.39
CA SER H 126 43.29 -10.36 2.25
CA SER H 126 43.28 -10.37 2.26
C SER H 126 44.02 -11.65 2.62
N GLU H 127 45.28 -11.80 2.16
CA GLU H 127 45.99 -13.03 2.51
C GLU H 127 46.22 -13.12 4.02
N GLU H 128 46.43 -11.99 4.70
CA GLU H 128 46.63 -12.10 6.14
C GLU H 128 45.34 -12.50 6.83
N GLU H 129 44.19 -12.07 6.31
CA GLU H 129 42.93 -12.58 6.83
C GLU H 129 42.78 -14.06 6.55
N HIS H 130 43.22 -14.55 5.38
CA HIS H 130 43.20 -15.98 5.12
C HIS H 130 44.10 -16.74 6.10
N ILE H 131 45.30 -16.19 6.37
CA ILE H 131 46.19 -16.85 7.32
C ILE H 131 45.53 -16.92 8.70
N ASP H 132 44.90 -15.82 9.12
CA ASP H 132 44.21 -15.78 10.41
C ASP H 132 43.12 -16.84 10.46
N TYR H 133 42.29 -16.92 9.41
CA TYR H 133 41.27 -17.96 9.36
C TYR H 133 41.90 -19.34 9.53
N LEU H 134 42.95 -19.64 8.75
CA LEU H 134 43.54 -20.97 8.77
C LEU H 134 44.17 -21.29 10.13
N GLU H 135 44.98 -20.38 10.66
CA GLU H 135 45.59 -20.60 11.98
C GLU H 135 44.52 -20.79 13.05
N THR H 136 43.42 -20.03 12.96
CA THR H 136 42.37 -20.14 13.95
C THR H 136 41.69 -21.50 13.87
N GLN H 137 41.46 -22.01 12.65
CA GLN H 137 40.83 -23.32 12.54
C GLN H 137 41.73 -24.42 13.12
N LEU H 138 43.05 -24.33 12.86
CA LEU H 138 43.95 -25.33 13.44
C LEU H 138 43.96 -25.22 14.95
N GLY H 139 43.90 -24.01 15.50
CA GLY H 139 43.79 -23.86 16.94
C GLY H 139 42.48 -24.37 17.51
N LEU H 140 41.38 -24.22 16.78
CA LEU H 140 40.10 -24.71 17.28
C LEU H 140 40.10 -26.23 17.32
N ILE H 141 40.65 -26.88 16.30
CA ILE H 141 40.77 -28.32 16.34
C ILE H 141 41.42 -28.76 17.64
N GLN H 142 42.43 -28.02 18.10
CA GLN H 142 43.10 -28.39 19.34
C GLN H 142 42.23 -28.11 20.55
N LYS H 143 41.44 -27.04 20.53
CA LYS H 143 40.65 -26.65 21.70
C LYS H 143 39.37 -27.45 21.85
N VAL H 144 38.68 -27.73 20.74
CA VAL H 144 37.41 -28.43 20.83
C VAL H 144 37.55 -29.91 20.49
N GLY H 145 38.67 -30.33 19.93
CA GLY H 145 38.86 -31.70 19.46
C GLY H 145 38.44 -31.85 18.01
N LEU H 146 39.10 -32.77 17.31
CA LEU H 146 38.86 -32.89 15.87
C LEU H 146 37.41 -33.31 15.59
N GLU H 147 36.87 -34.26 16.34
CA GLU H 147 35.51 -34.71 16.04
C GLU H 147 34.48 -33.60 16.27
N ASN H 148 34.60 -32.85 17.35
CA ASN H 148 33.68 -31.73 17.54
C ASN H 148 33.87 -30.68 16.44
N TYR H 149 35.11 -30.40 16.07
CA TYR H 149 35.33 -29.39 15.04
C TYR H 149 34.66 -29.80 13.71
N LEU H 150 34.85 -31.05 13.28
CA LEU H 150 34.18 -31.52 12.08
C LEU H 150 32.66 -31.52 12.25
N GLN H 151 32.16 -31.97 13.40
CA GLN H 151 30.71 -31.93 13.64
C GLN H 151 30.16 -30.53 13.40
N SER H 152 30.81 -29.53 13.97
CA SER H 152 30.37 -28.14 13.85
C SER H 152 30.50 -27.61 12.42
N HIS H 153 31.15 -28.34 11.51
CA HIS H 153 31.21 -27.90 10.12
C HIS H 153 30.55 -28.88 9.15
N MET H 154 29.73 -29.81 9.66
CA MET H 154 28.89 -30.63 8.77
C MET H 154 27.80 -29.77 8.11
N HIS H 155 26.97 -29.12 8.92
CA HIS H 155 25.77 -28.44 8.46
C HIS H 155 26.04 -26.95 8.28
N GLU H 156 25.58 -26.40 7.17
CA GLU H 156 25.76 -24.96 6.90
C GLU H 156 25.04 -24.10 7.92
N MET I 1 -49.76 -4.18 20.63
CA MET I 1 -50.95 -3.56 20.01
C MET I 1 -52.00 -4.63 19.71
N LYS I 2 -53.22 -4.51 20.24
CA LYS I 2 -54.16 -5.62 20.17
C LYS I 2 -54.64 -5.81 18.73
N GLY I 3 -54.32 -6.94 18.12
CA GLY I 3 -54.77 -7.22 16.78
C GLY I 3 -56.15 -7.84 16.74
N ASP I 4 -56.62 -8.06 15.52
CA ASP I 4 -57.87 -8.75 15.27
C ASP I 4 -57.69 -10.24 15.49
N LYS I 5 -58.61 -10.86 16.25
CA LYS I 5 -58.48 -12.28 16.59
C LYS I 5 -58.48 -13.17 15.35
N LYS I 6 -59.33 -12.87 14.37
CA LYS I 6 -59.35 -13.67 13.15
C LYS I 6 -58.10 -13.44 12.30
N VAL I 7 -57.49 -12.27 12.36
CA VAL I 7 -56.23 -12.07 11.64
C VAL I 7 -55.15 -12.93 12.27
N ILE I 8 -55.05 -12.90 13.60
CA ILE I 8 -54.11 -13.73 14.34
C ILE I 8 -54.33 -15.22 14.02
N GLN I 9 -55.58 -15.67 14.07
CA GLN I 9 -55.89 -17.02 13.61
C GLN I 9 -55.35 -17.29 12.20
N HIS I 10 -55.55 -16.34 11.28
CA HIS I 10 -55.01 -16.53 9.93
C HIS I 10 -53.48 -16.59 9.94
N LEU I 11 -52.83 -15.72 10.71
CA LEU I 11 -51.37 -15.74 10.76
C LEU I 11 -50.86 -17.07 11.32
N ASN I 12 -51.56 -17.59 12.33
CA ASN I 12 -51.19 -18.87 12.90
C ASN I 12 -51.40 -19.99 11.89
N LYS I 13 -52.37 -19.86 11.01
CA LYS I 13 -52.53 -20.87 9.97
C LYS I 13 -51.41 -20.82 8.94
N ILE I 14 -51.05 -19.62 8.49
CA ILE I 14 -49.91 -19.49 7.58
C ILE I 14 -48.68 -20.10 8.24
N LEU I 15 -48.47 -19.74 9.52
CA LEU I 15 -47.31 -20.25 10.26
C LEU I 15 -47.30 -21.77 10.26
N GLY I 16 -48.46 -22.39 10.47
CA GLY I 16 -48.55 -23.83 10.41
C GLY I 16 -48.05 -24.41 9.10
N ASN I 17 -48.36 -23.74 7.96
CA ASN I 17 -47.85 -24.20 6.67
C ASN I 17 -46.33 -24.03 6.58
N GLU I 18 -45.79 -22.92 7.11
CA GLU I 18 -44.35 -22.70 7.07
C GLU I 18 -43.64 -23.82 7.82
N LEU I 19 -44.19 -24.23 8.97
CA LEU I 19 -43.54 -25.28 9.76
C LEU I 19 -43.48 -26.58 9.00
N ILE I 20 -44.55 -26.93 8.27
CA ILE I 20 -44.52 -28.11 7.42
C ILE I 20 -43.45 -27.99 6.36
N ALA I 21 -43.39 -26.83 5.69
CA ALA I 21 -42.45 -26.67 4.60
C ALA I 21 -41.01 -26.69 5.12
N ILE I 22 -40.76 -26.08 6.28
CA ILE I 22 -39.42 -26.16 6.86
C ILE I 22 -38.94 -27.61 6.93
N ASN I 23 -39.73 -28.46 7.59
CA ASN I 23 -39.31 -29.84 7.84
C ASN I 23 -39.25 -30.64 6.56
N GLN I 24 -40.30 -30.54 5.73
CA GLN I 24 -40.32 -31.28 4.48
C GLN I 24 -39.15 -30.89 3.59
N TYR I 25 -38.86 -29.59 3.49
CA TYR I 25 -37.79 -29.18 2.57
C TYR I 25 -36.43 -29.54 3.15
N PHE I 26 -36.26 -29.42 4.46
CA PHE I 26 -34.99 -29.83 5.06
C PHE I 26 -34.72 -31.33 4.89
N LEU I 27 -35.74 -32.18 5.05
CA LEU I 27 -35.53 -33.61 4.83
C LEU I 27 -35.25 -33.91 3.37
N HIS I 28 -35.99 -33.30 2.45
CA HIS I 28 -35.70 -33.54 1.04
C HIS I 28 -34.28 -33.10 0.71
N SER I 29 -33.87 -31.95 1.26
CA SER I 29 -32.51 -31.48 1.02
C SER I 29 -31.49 -32.53 1.42
N ARG I 30 -31.64 -33.08 2.63
CA ARG I 30 -30.67 -34.02 3.14
C ARG I 30 -30.75 -35.36 2.42
N MET I 31 -31.93 -35.73 1.90
CA MET I 31 -32.01 -36.93 1.08
C MET I 31 -31.25 -36.75 -0.21
N TRP I 32 -31.43 -35.61 -0.87
CA TRP I 32 -30.68 -35.36 -2.09
C TRP I 32 -29.17 -35.34 -1.81
N ASN I 33 -28.75 -34.74 -0.68
CA ASN I 33 -27.31 -34.74 -0.38
C ASN I 33 -26.81 -36.17 -0.17
N ASP I 34 -27.59 -36.95 0.58
CA ASP I 34 -27.24 -38.34 0.84
C ASP I 34 -27.05 -39.10 -0.44
N TRP I 35 -27.90 -38.84 -1.45
CA TRP I 35 -27.83 -39.51 -2.74
C TRP I 35 -26.72 -38.98 -3.64
N GLY I 36 -26.03 -37.92 -3.24
CA GLY I 36 -24.99 -37.34 -4.08
C GLY I 36 -25.51 -36.34 -5.07
N LEU I 37 -26.75 -35.91 -4.94
CA LEU I 37 -27.30 -34.92 -5.85
C LEU I 37 -27.23 -33.56 -5.16
N LYS I 38 -25.98 -33.11 -5.02
CA LYS I 38 -25.66 -32.02 -4.12
C LYS I 38 -26.24 -30.70 -4.61
N ARG I 39 -26.43 -30.53 -5.91
CA ARG I 39 -26.97 -29.26 -6.39
C ARG I 39 -28.45 -29.12 -6.03
N LEU I 40 -29.21 -30.20 -6.21
CA LEU I 40 -30.58 -30.23 -5.71
C LEU I 40 -30.64 -30.03 -4.20
N GLY I 41 -29.73 -30.65 -3.46
CA GLY I 41 -29.79 -30.57 -2.01
C GLY I 41 -29.52 -29.16 -1.48
N ALA I 42 -28.52 -28.49 -2.06
CA ALA I 42 -28.22 -27.13 -1.64
C ALA I 42 -29.37 -26.19 -1.97
N HIS I 43 -29.99 -26.36 -3.13
CA HIS I 43 -31.10 -25.49 -3.46
C HIS I 43 -32.26 -25.71 -2.51
N GLU I 44 -32.57 -26.98 -2.22
CA GLU I 44 -33.65 -27.31 -1.30
C GLU I 44 -33.36 -26.80 0.10
N TYR I 45 -32.09 -26.84 0.52
CA TYR I 45 -31.71 -26.27 1.80
C TYR I 45 -32.05 -24.78 1.85
N HIS I 46 -31.73 -24.05 0.79
CA HIS I 46 -32.05 -22.63 0.75
C HIS I 46 -33.56 -22.38 0.72
N GLU I 47 -34.37 -23.25 0.08
CA GLU I 47 -35.82 -23.09 0.22
C GLU I 47 -36.24 -23.25 1.68
N SER I 48 -35.68 -24.27 2.37
CA SER I 48 -36.00 -24.47 3.79
C SER I 48 -35.69 -23.23 4.59
N ILE I 49 -34.54 -22.61 4.33
CA ILE I 49 -34.14 -21.40 5.08
C ILE I 49 -35.10 -20.25 4.80
N ASP I 50 -35.55 -20.10 3.54
CA ASP I 50 -36.59 -19.11 3.23
C ASP I 50 -37.82 -19.30 4.11
N GLU I 51 -38.25 -20.55 4.30
CA GLU I 51 -39.46 -20.79 5.08
C GLU I 51 -39.22 -20.50 6.55
N MET I 52 -38.01 -20.79 7.04
CA MET I 52 -37.70 -20.45 8.42
C MET I 52 -37.80 -18.94 8.64
N LYS I 53 -37.31 -18.16 7.68
CA LYS I 53 -37.42 -16.70 7.76
C LYS I 53 -38.88 -16.21 7.70
N HIS I 54 -39.71 -16.84 6.86
CA HIS I 54 -41.16 -16.55 6.87
C HIS I 54 -41.77 -16.82 8.23
N ALA I 55 -41.47 -18.00 8.79
CA ALA I 55 -41.96 -18.34 10.12
C ALA I 55 -41.53 -17.30 11.12
N ASP I 56 -40.26 -16.89 11.05
CA ASP I 56 -39.76 -15.88 11.97
C ASP I 56 -40.63 -14.62 11.93
N LYS I 57 -40.86 -14.08 10.73
CA LYS I 57 -41.62 -12.86 10.60
C LYS I 57 -43.05 -13.05 11.08
N LEU I 58 -43.64 -14.22 10.83
CA LEU I 58 -45.00 -14.47 11.31
C LEU I 58 -45.05 -14.51 12.83
N ILE I 59 -44.08 -15.20 13.48
CA ILE I 59 -44.03 -15.26 14.93
C ILE I 59 -43.90 -13.87 15.53
N GLU I 60 -43.04 -13.01 14.97
CA GLU I 60 -42.87 -11.67 15.54
C GLU I 60 -44.15 -10.82 15.40
N ARG I 61 -44.83 -10.91 14.24
CA ARG I 61 -46.09 -10.19 14.03
C ARG I 61 -47.18 -10.67 14.99
N ILE I 62 -47.33 -11.99 15.14
CA ILE I 62 -48.34 -12.53 16.05
C ILE I 62 -48.10 -12.02 17.46
N LEU I 63 -46.85 -12.05 17.91
CA LEU I 63 -46.54 -11.53 19.25
C LEU I 63 -46.81 -10.04 19.36
N PHE I 64 -46.40 -9.24 18.36
CA PHE I 64 -46.71 -7.82 18.40
C PHE I 64 -48.22 -7.60 18.52
N LEU I 65 -49.00 -8.39 17.79
CA LEU I 65 -50.46 -8.25 17.83
C LEU I 65 -51.08 -8.86 19.08
N GLU I 66 -50.25 -9.39 19.99
CA GLU I 66 -50.66 -9.90 21.31
C GLU I 66 -51.34 -11.24 21.22
N GLY I 67 -50.94 -12.02 20.21
CA GLY I 67 -51.38 -13.37 20.05
C GLY I 67 -50.32 -14.35 20.55
N ALA I 68 -50.70 -15.62 20.53
CA ALA I 68 -49.89 -16.72 21.01
C ALA I 68 -49.48 -17.52 19.79
N PRO I 69 -48.23 -17.43 19.35
CA PRO I 69 -47.83 -18.19 18.16
C PRO I 69 -47.89 -19.68 18.44
N ASN I 70 -48.44 -20.43 17.50
CA ASN I 70 -48.65 -21.87 17.66
C ASN I 70 -47.57 -22.61 16.89
N LEU I 71 -46.53 -23.06 17.59
CA LEU I 71 -45.50 -23.90 16.99
C LEU I 71 -45.66 -25.38 17.36
N GLN I 72 -46.77 -25.75 18.01
CA GLN I 72 -46.99 -27.10 18.53
C GLN I 72 -47.59 -28.00 17.48
N ASP I 73 -48.50 -27.47 16.68
CA ASP I 73 -49.24 -28.27 15.72
C ASP I 73 -48.46 -28.34 14.41
N LEU I 74 -48.09 -29.55 14.03
CA LEU I 74 -47.36 -29.78 12.81
C LEU I 74 -48.20 -30.68 11.94
N GLY I 75 -48.57 -30.19 10.76
CA GLY I 75 -49.36 -30.96 9.84
C GLY I 75 -48.53 -31.96 9.07
N LYS I 76 -49.17 -32.58 8.09
CA LYS I 76 -48.59 -33.73 7.40
C LYS I 76 -47.47 -33.30 6.47
N LEU I 77 -46.29 -33.89 6.65
CA LEU I 77 -45.22 -33.76 5.69
C LEU I 77 -45.49 -34.67 4.50
N LEU I 78 -45.26 -34.14 3.30
CA LEU I 78 -45.33 -34.91 2.06
C LEU I 78 -43.90 -35.23 1.63
N ILE I 79 -43.44 -36.45 1.92
CA ILE I 79 -42.06 -36.87 1.61
C ILE I 79 -42.08 -37.75 0.38
N GLY I 80 -41.32 -37.37 -0.63
CA GLY I 80 -41.22 -38.17 -1.82
C GLY I 80 -40.15 -39.24 -1.72
N ALA I 81 -40.23 -40.22 -2.62
CA ALA I 81 -39.27 -41.32 -2.65
C ALA I 81 -38.21 -41.18 -3.74
N ASN I 82 -38.40 -40.27 -4.70
CA ASN I 82 -37.41 -40.00 -5.73
C ASN I 82 -37.55 -38.53 -6.16
N THR I 83 -36.61 -38.06 -6.99
CA THR I 83 -36.50 -36.62 -7.27
C THR I 83 -37.80 -36.04 -7.80
N GLN I 84 -38.40 -36.71 -8.79
CA GLN I 84 -39.64 -36.21 -9.39
C GLN I 84 -40.77 -36.12 -8.37
N GLU I 85 -40.94 -37.14 -7.54
CA GLU I 85 -42.00 -37.11 -6.54
C GLU I 85 -41.74 -36.06 -5.47
N MET I 86 -40.47 -35.88 -5.08
CA MET I 86 -40.14 -34.87 -4.07
C MET I 86 -40.46 -33.47 -4.60
N LEU I 87 -40.09 -33.19 -5.85
CA LEU I 87 -40.45 -31.88 -6.43
C LEU I 87 -41.96 -31.71 -6.45
N GLN I 88 -42.69 -32.73 -6.92
CA GLN I 88 -44.15 -32.63 -6.96
C GLN I 88 -44.75 -32.47 -5.57
N CYS I 89 -44.20 -33.16 -4.56
CA CYS I 89 -44.71 -32.99 -3.19
C CYS I 89 -44.51 -31.57 -2.68
N ASP I 90 -43.36 -30.96 -3.00
CA ASP I 90 -43.14 -29.56 -2.61
C ASP I 90 -44.13 -28.65 -3.32
N LEU I 91 -44.32 -28.88 -4.62
CA LEU I 91 -45.26 -28.09 -5.40
C LEU I 91 -46.66 -28.19 -4.82
N ASN I 92 -47.09 -29.40 -4.45
CA ASN I 92 -48.39 -29.58 -3.83
C ASN I 92 -48.50 -28.76 -2.55
N LEU I 93 -47.46 -28.80 -1.71
CA LEU I 93 -47.50 -28.01 -0.48
C LEU I 93 -47.56 -26.51 -0.80
N GLU I 94 -46.76 -26.05 -1.77
CA GLU I 94 -46.77 -24.61 -2.10
C GLU I 94 -48.16 -24.15 -2.54
N LEU I 95 -48.80 -24.90 -3.43
CA LEU I 95 -50.10 -24.48 -3.97
C LEU I 95 -51.14 -24.41 -2.87
N LYS I 96 -51.11 -25.36 -1.94
CA LYS I 96 -52.04 -25.32 -0.82
C LYS I 96 -51.79 -24.09 0.05
N ALA I 97 -50.52 -23.75 0.26
CA ALA I 97 -50.20 -22.63 1.12
C ALA I 97 -50.55 -21.29 0.47
N THR I 98 -50.44 -21.15 -0.86
CA THR I 98 -50.80 -19.87 -1.46
C THR I 98 -52.30 -19.64 -1.32
N LYS I 99 -53.09 -20.72 -1.44
CA LYS I 99 -54.52 -20.60 -1.22
C LYS I 99 -54.80 -20.00 0.16
N ASP I 100 -54.11 -20.48 1.19
CA ASP I 100 -54.32 -19.94 2.53
C ASP I 100 -53.84 -18.48 2.66
N LEU I 101 -52.74 -18.14 1.98
CA LEU I 101 -52.25 -16.77 2.03
C LEU I 101 -53.27 -15.81 1.43
N ARG I 102 -53.82 -16.16 0.28
CA ARG I 102 -54.83 -15.31 -0.34
C ARG I 102 -55.98 -15.03 0.62
N GLU I 103 -56.50 -16.08 1.27
CA GLU I 103 -57.63 -15.87 2.18
C GLU I 103 -57.25 -15.00 3.36
N ALA I 104 -56.02 -15.10 3.82
CA ALA I 104 -55.58 -14.26 4.93
C ALA I 104 -55.44 -12.82 4.48
N ILE I 105 -54.93 -12.59 3.27
CA ILE I 105 -54.85 -11.23 2.76
C ILE I 105 -56.24 -10.61 2.65
N VAL I 106 -57.20 -11.37 2.09
CA VAL I 106 -58.59 -10.91 2.05
C VAL I 106 -59.02 -10.40 3.41
N HIS I 107 -58.71 -11.16 4.46
CA HIS I 107 -59.22 -10.81 5.78
C HIS I 107 -58.47 -9.62 6.34
N CYS I 108 -57.15 -9.55 6.10
CA CYS I 108 -56.42 -8.36 6.52
C CYS I 108 -57.01 -7.09 5.90
N GLU I 109 -57.32 -7.14 4.61
CA GLU I 109 -57.90 -5.97 3.95
C GLU I 109 -59.22 -5.58 4.61
N GLN I 110 -60.13 -6.54 4.81
CA GLN I 110 -61.45 -6.26 5.40
C GLN I 110 -61.34 -5.53 6.74
N VAL I 111 -60.37 -5.88 7.58
CA VAL I 111 -60.26 -5.25 8.90
C VAL I 111 -59.22 -4.14 8.94
N HIS I 112 -58.65 -3.75 7.80
CA HIS I 112 -57.71 -2.62 7.72
C HIS I 112 -56.36 -2.92 8.39
N ASP I 113 -55.97 -4.20 8.52
CA ASP I 113 -54.64 -4.53 9.06
C ASP I 113 -53.70 -4.54 7.85
N TYR I 114 -53.38 -3.33 7.39
CA TYR I 114 -52.64 -3.23 6.15
C TYR I 114 -51.19 -3.65 6.31
N VAL I 115 -50.63 -3.58 7.52
CA VAL I 115 -49.26 -4.02 7.72
C VAL I 115 -49.17 -5.55 7.67
N SER I 116 -50.12 -6.26 8.28
CA SER I 116 -50.12 -7.72 8.12
C SER I 116 -50.33 -8.11 6.66
N ARG I 117 -51.18 -7.37 5.94
CA ARG I 117 -51.40 -7.72 4.54
C ARG I 117 -50.07 -7.63 3.78
N ASP I 118 -49.30 -6.59 4.05
CA ASP I 118 -48.04 -6.38 3.34
C ASP I 118 -47.05 -7.51 3.64
N LEU I 119 -46.93 -7.90 4.91
CA LEU I 119 -46.10 -9.04 5.26
C LEU I 119 -46.55 -10.27 4.49
N LEU I 120 -47.86 -10.55 4.48
CA LEU I 120 -48.36 -11.74 3.81
C LEU I 120 -48.13 -11.66 2.30
N LYS I 121 -48.27 -10.47 1.72
CA LYS I 121 -48.03 -10.32 0.30
C LYS I 121 -46.57 -10.60 -0.01
N ASP I 122 -45.65 -10.16 0.87
CA ASP I 122 -44.24 -10.47 0.65
C ASP I 122 -43.97 -11.97 0.74
N ILE I 123 -44.58 -12.66 1.71
CA ILE I 123 -44.43 -14.11 1.74
C ILE I 123 -44.97 -14.73 0.46
N LEU I 124 -46.14 -14.25 0.00
CA LEU I 124 -46.76 -14.81 -1.19
C LEU I 124 -45.89 -14.63 -2.43
N GLU I 125 -45.24 -13.49 -2.55
CA GLU I 125 -44.29 -13.30 -3.65
C GLU I 125 -43.23 -14.38 -3.63
N SER I 126 -42.67 -14.65 -2.44
CA SER I 126 -41.68 -15.71 -2.29
CA SER I 126 -41.67 -15.71 -2.29
C SER I 126 -42.26 -17.07 -2.64
N GLU I 127 -43.48 -17.37 -2.18
CA GLU I 127 -44.02 -18.68 -2.52
C GLU I 127 -44.24 -18.84 -4.04
N GLU I 128 -44.63 -17.77 -4.76
CA GLU I 128 -44.78 -17.92 -6.21
C GLU I 128 -43.45 -18.13 -6.90
N GLU I 129 -42.40 -17.52 -6.39
CA GLU I 129 -41.04 -17.85 -6.84
C GLU I 129 -40.72 -19.32 -6.60
N HIS I 130 -41.10 -19.87 -5.44
CA HIS I 130 -40.88 -21.30 -5.22
C HIS I 130 -41.67 -22.13 -6.21
N ILE I 131 -42.93 -21.76 -6.46
CA ILE I 131 -43.75 -22.51 -7.41
C ILE I 131 -43.11 -22.47 -8.78
N ASP I 132 -42.64 -21.30 -9.20
CA ASP I 132 -41.94 -21.19 -10.48
C ASP I 132 -40.75 -22.13 -10.51
N TYR I 133 -39.94 -22.13 -9.44
CA TYR I 133 -38.77 -22.98 -9.44
C TYR I 133 -39.16 -24.45 -9.60
N LEU I 134 -40.16 -24.90 -8.85
CA LEU I 134 -40.58 -26.32 -8.86
C LEU I 134 -41.19 -26.70 -10.20
N GLU I 135 -42.13 -25.92 -10.68
CA GLU I 135 -42.71 -26.16 -11.99
C GLU I 135 -41.64 -26.24 -13.05
N THR I 136 -40.64 -25.37 -12.96
CA THR I 136 -39.60 -25.32 -13.98
C THR I 136 -38.74 -26.57 -13.97
N GLN I 137 -38.41 -27.09 -12.77
CA GLN I 137 -37.61 -28.31 -12.71
C GLN I 137 -38.38 -29.52 -13.25
N LEU I 138 -39.66 -29.65 -12.89
CA LEU I 138 -40.47 -30.72 -13.48
C LEU I 138 -40.51 -30.59 -15.00
N GLY I 139 -40.65 -29.37 -15.51
CA GLY I 139 -40.59 -29.16 -16.94
C GLY I 139 -39.26 -29.56 -17.53
N LEU I 140 -38.17 -29.26 -16.80
CA LEU I 140 -36.85 -29.58 -17.35
C LEU I 140 -36.61 -31.08 -17.42
N ILE I 141 -37.13 -31.84 -16.44
CA ILE I 141 -37.03 -33.30 -16.50
C ILE I 141 -37.66 -33.82 -17.80
N GLN I 142 -38.82 -33.29 -18.17
CA GLN I 142 -39.41 -33.67 -19.45
C GLN I 142 -38.52 -33.28 -20.62
N LYS I 143 -37.90 -32.09 -20.60
CA LYS I 143 -37.18 -31.65 -21.79
C LYS I 143 -35.81 -32.31 -21.92
N VAL I 144 -35.05 -32.42 -20.83
CA VAL I 144 -33.70 -32.98 -20.94
C VAL I 144 -33.66 -34.46 -20.61
N GLY I 145 -34.71 -35.01 -20.02
CA GLY I 145 -34.73 -36.37 -19.53
C GLY I 145 -34.23 -36.45 -18.09
N LEU I 146 -34.83 -37.39 -17.35
CA LEU I 146 -34.53 -37.53 -15.93
C LEU I 146 -33.04 -37.80 -15.69
N GLU I 147 -32.45 -38.76 -16.41
CA GLU I 147 -31.05 -39.08 -16.19
C GLU I 147 -30.16 -37.85 -16.42
N ASN I 148 -30.37 -37.12 -17.51
CA ASN I 148 -29.60 -35.89 -17.74
C ASN I 148 -29.85 -34.88 -16.63
N TYR I 149 -31.11 -34.76 -16.19
CA TYR I 149 -31.42 -33.75 -15.19
C TYR I 149 -30.69 -34.05 -13.89
N LEU I 150 -30.67 -35.31 -13.47
CA LEU I 150 -30.00 -35.66 -12.23
C LEU I 150 -28.51 -35.49 -12.39
N GLN I 151 -27.98 -35.89 -13.56
CA GLN I 151 -26.57 -35.69 -13.84
C GLN I 151 -26.16 -34.24 -13.63
N SER I 152 -27.00 -33.31 -14.09
CA SER I 152 -26.70 -31.88 -14.00
C SER I 152 -26.82 -31.34 -12.59
N HIS I 153 -27.32 -32.13 -11.65
CA HIS I 153 -27.47 -31.67 -10.27
C HIS I 153 -26.69 -32.55 -9.29
N MET I 154 -25.73 -33.33 -9.79
CA MET I 154 -24.83 -34.07 -8.89
C MET I 154 -23.84 -33.12 -8.24
N HIS I 155 -23.17 -32.33 -9.05
CA HIS I 155 -22.07 -31.48 -8.64
C HIS I 155 -22.54 -30.04 -8.48
N GLU I 156 -22.06 -29.36 -7.45
CA GLU I 156 -22.29 -27.92 -7.29
C GLU I 156 -21.32 -27.09 -8.15
N MET J 1 -24.82 -47.51 4.22
CA MET J 1 -24.29 -48.62 5.07
C MET J 1 -25.39 -49.09 6.00
N LYS J 2 -25.57 -50.39 6.15
CA LYS J 2 -26.70 -50.91 6.92
C LYS J 2 -26.48 -50.65 8.41
N GLY J 3 -27.33 -49.84 9.01
CA GLY J 3 -27.24 -49.59 10.43
C GLY J 3 -28.09 -50.55 11.28
N ASP J 4 -27.77 -50.57 12.56
CA ASP J 4 -28.56 -51.30 13.53
C ASP J 4 -29.91 -50.63 13.75
N LYS J 5 -31.00 -51.40 13.57
CA LYS J 5 -32.35 -50.81 13.62
C LYS J 5 -32.66 -50.16 14.96
N LYS J 6 -32.16 -50.71 16.07
CA LYS J 6 -32.38 -50.07 17.37
C LYS J 6 -31.53 -48.81 17.54
N VAL J 7 -30.32 -48.76 16.99
CA VAL J 7 -29.56 -47.50 17.02
C VAL J 7 -30.34 -46.41 16.29
N ILE J 8 -30.87 -46.74 15.11
CA ILE J 8 -31.63 -45.78 14.32
C ILE J 8 -32.84 -45.29 15.10
N GLN J 9 -33.55 -46.20 15.79
CA GLN J 9 -34.65 -45.76 16.66
C GLN J 9 -34.17 -44.78 17.72
N HIS J 10 -33.04 -45.08 18.36
CA HIS J 10 -32.45 -44.12 19.30
C HIS J 10 -32.14 -42.78 18.63
N LEU J 11 -31.52 -42.81 17.45
CA LEU J 11 -31.19 -41.56 16.78
C LEU J 11 -32.47 -40.76 16.47
N ASN J 12 -33.52 -41.45 16.02
CA ASN J 12 -34.80 -40.77 15.77
C ASN J 12 -35.40 -40.22 17.05
N LYS J 13 -35.23 -40.91 18.16
CA LYS J 13 -35.73 -40.35 19.42
C LYS J 13 -34.97 -39.09 19.82
N ILE J 14 -33.65 -39.10 19.69
CA ILE J 14 -32.88 -37.91 20.01
C ILE J 14 -33.31 -36.78 19.10
N LEU J 15 -33.49 -37.11 17.81
CA LEU J 15 -33.94 -36.15 16.82
C LEU J 15 -35.26 -35.52 17.24
N GLY J 16 -36.18 -36.33 17.74
CA GLY J 16 -37.45 -35.81 18.23
C GLY J 16 -37.27 -34.81 19.36
N ASN J 17 -36.31 -35.07 20.25
CA ASN J 17 -36.04 -34.09 21.30
C ASN J 17 -35.50 -32.79 20.72
N GLU J 18 -34.64 -32.89 19.69
CA GLU J 18 -34.08 -31.69 19.07
C GLU J 18 -35.18 -30.84 18.47
N LEU J 19 -36.14 -31.50 17.80
CA LEU J 19 -37.21 -30.78 17.14
C LEU J 19 -38.04 -30.00 18.13
N ILE J 20 -38.27 -30.56 19.33
CA ILE J 20 -38.97 -29.85 20.40
C ILE J 20 -38.18 -28.62 20.83
N ALA J 21 -36.87 -28.81 21.07
CA ALA J 21 -36.04 -27.70 21.56
C ALA J 21 -35.95 -26.58 20.53
N ILE J 22 -35.81 -26.92 19.24
CA ILE J 22 -35.78 -25.88 18.20
C ILE J 22 -36.98 -24.94 18.34
N ASN J 23 -38.19 -25.50 18.41
CA ASN J 23 -39.38 -24.66 18.42
C ASN J 23 -39.52 -23.96 19.75
N GLN J 24 -39.33 -24.69 20.85
CA GLN J 24 -39.49 -24.09 22.18
C GLN J 24 -38.49 -22.95 22.40
N TYR J 25 -37.23 -23.12 21.99
CA TYR J 25 -36.27 -22.05 22.19
C TYR J 25 -36.50 -20.92 21.20
N PHE J 26 -36.86 -21.25 19.95
CA PHE J 26 -37.11 -20.16 19.01
C PHE J 26 -38.25 -19.30 19.52
N LEU J 27 -39.31 -19.92 20.04
CA LEU J 27 -40.43 -19.14 20.54
C LEU J 27 -40.04 -18.35 21.78
N HIS J 28 -39.31 -18.97 22.72
CA HIS J 28 -38.85 -18.21 23.87
C HIS J 28 -37.99 -17.03 23.41
N SER J 29 -37.11 -17.25 22.44
CA SER J 29 -36.27 -16.16 21.94
C SER J 29 -37.12 -14.98 21.48
N ARG J 30 -38.11 -15.25 20.65
CA ARG J 30 -38.90 -14.16 20.10
C ARG J 30 -39.79 -13.53 21.15
N MET J 31 -40.24 -14.30 22.16
CA MET J 31 -40.97 -13.68 23.27
C MET J 31 -40.07 -12.70 24.01
N TRP J 32 -38.82 -13.09 24.29
CA TRP J 32 -37.94 -12.17 24.99
C TRP J 32 -37.67 -10.93 24.13
N ASN J 33 -37.44 -11.12 22.83
CA ASN J 33 -37.26 -9.96 21.93
C ASN J 33 -38.49 -9.05 21.97
N ASP J 34 -39.68 -9.64 21.96
CA ASP J 34 -40.91 -8.87 21.98
C ASP J 34 -41.04 -8.01 23.23
N TRP J 35 -40.57 -8.51 24.37
CA TRP J 35 -40.59 -7.76 25.62
C TRP J 35 -39.41 -6.81 25.76
N GLY J 36 -38.51 -6.76 24.79
CA GLY J 36 -37.38 -5.86 24.92
C GLY J 36 -36.24 -6.40 25.74
N LEU J 37 -36.25 -7.70 26.01
CA LEU J 37 -35.13 -8.36 26.69
C LEU J 37 -34.25 -9.02 25.66
N LYS J 38 -33.57 -8.15 24.89
CA LYS J 38 -32.93 -8.55 23.65
C LYS J 38 -31.69 -9.40 23.88
N ARG J 39 -30.99 -9.17 24.99
CA ARG J 39 -29.85 -10.01 25.30
C ARG J 39 -30.29 -11.45 25.59
N LEU J 40 -31.32 -11.62 26.41
CA LEU J 40 -31.92 -12.94 26.59
C LEU J 40 -32.38 -13.52 25.27
N GLY J 41 -33.09 -12.72 24.47
CA GLY J 41 -33.61 -13.23 23.20
C GLY J 41 -32.51 -13.66 22.22
N ALA J 42 -31.41 -12.91 22.17
CA ALA J 42 -30.33 -13.27 21.26
C ALA J 42 -29.66 -14.56 21.71
N HIS J 43 -29.48 -14.74 23.01
CA HIS J 43 -28.88 -15.97 23.52
C HIS J 43 -29.79 -17.17 23.23
N GLU J 44 -31.09 -17.02 23.49
CA GLU J 44 -32.02 -18.11 23.26
C GLU J 44 -32.09 -18.47 21.77
N TYR J 45 -31.98 -17.47 20.90
CA TYR J 45 -31.88 -17.70 19.46
C TYR J 45 -30.69 -18.57 19.09
N HIS J 46 -29.53 -18.27 19.67
CA HIS J 46 -28.35 -19.07 19.40
C HIS J 46 -28.47 -20.48 19.97
N GLU J 47 -29.08 -20.65 21.15
CA GLU J 47 -29.36 -22.01 21.61
C GLU J 47 -30.24 -22.75 20.60
N SER J 48 -31.26 -22.06 20.06
CA SER J 48 -32.13 -22.67 19.06
C SER J 48 -31.34 -23.10 17.82
N ILE J 49 -30.43 -22.25 17.34
CA ILE J 49 -29.59 -22.60 16.20
C ILE J 49 -28.73 -23.83 16.53
N ASP J 50 -28.20 -23.89 17.76
CA ASP J 50 -27.45 -25.08 18.22
C ASP J 50 -28.25 -26.35 18.01
N GLU J 51 -29.53 -26.35 18.40
CA GLU J 51 -30.35 -27.54 18.26
C GLU J 51 -30.62 -27.87 16.79
N MET J 52 -30.73 -26.84 15.95
CA MET J 52 -30.96 -27.10 14.53
C MET J 52 -29.76 -27.80 13.92
N LYS J 53 -28.55 -27.43 14.37
CA LYS J 53 -27.35 -28.12 13.91
C LYS J 53 -27.30 -29.54 14.42
N HIS J 54 -27.70 -29.77 15.68
CA HIS J 54 -27.84 -31.14 16.18
C HIS J 54 -28.79 -31.97 15.32
N ALA J 55 -29.98 -31.43 15.02
CA ALA J 55 -30.93 -32.17 14.19
C ALA J 55 -30.33 -32.51 12.85
N ASP J 56 -29.64 -31.55 12.24
CA ASP J 56 -28.99 -31.78 10.95
C ASP J 56 -28.03 -32.96 11.00
N LYS J 57 -27.18 -33.01 12.03
CA LYS J 57 -26.22 -34.10 12.08
C LYS J 57 -26.93 -35.44 12.32
N LEU J 58 -27.96 -35.45 13.17
CA LEU J 58 -28.72 -36.68 13.39
C LEU J 58 -29.41 -37.15 12.10
N ILE J 59 -29.98 -36.20 11.33
CA ILE J 59 -30.68 -36.56 10.10
C ILE J 59 -29.72 -37.17 9.09
N GLU J 60 -28.54 -36.58 8.97
CA GLU J 60 -27.54 -37.06 8.04
C GLU J 60 -27.05 -38.46 8.42
N ARG J 61 -26.89 -38.69 9.72
CA ARG J 61 -26.44 -40.00 10.20
C ARG J 61 -27.49 -41.07 9.95
N ILE J 62 -28.75 -40.74 10.25
CA ILE J 62 -29.85 -41.69 10.05
C ILE J 62 -29.92 -42.10 8.60
N LEU J 63 -29.78 -41.12 7.68
CA LEU J 63 -29.87 -41.42 6.26
C LEU J 63 -28.69 -42.25 5.80
N PHE J 64 -27.48 -41.90 6.22
CA PHE J 64 -26.32 -42.74 5.90
C PHE J 64 -26.55 -44.17 6.37
N LEU J 65 -27.13 -44.35 7.55
CA LEU J 65 -27.37 -45.69 8.09
C LEU J 65 -28.60 -46.36 7.49
N GLU J 66 -29.18 -45.74 6.45
CA GLU J 66 -30.29 -46.30 5.68
C GLU J 66 -31.58 -46.34 6.50
N GLY J 67 -31.69 -45.47 7.50
CA GLY J 67 -32.95 -45.25 8.17
C GLY J 67 -33.72 -44.08 7.57
N ALA J 68 -34.91 -43.88 8.12
CA ALA J 68 -35.84 -42.85 7.68
C ALA J 68 -35.97 -41.84 8.80
N PRO J 69 -35.44 -40.62 8.65
CA PRO J 69 -35.55 -39.62 9.71
C PRO J 69 -37.01 -39.24 9.91
N ASN J 70 -37.43 -39.20 11.16
CA ASN J 70 -38.79 -38.82 11.53
C ASN J 70 -38.81 -37.35 11.93
N LEU J 71 -39.30 -36.51 11.04
CA LEU J 71 -39.52 -35.11 11.37
C LEU J 71 -40.99 -34.79 11.54
N GLN J 72 -41.85 -35.81 11.51
CA GLN J 72 -43.30 -35.63 11.59
C GLN J 72 -43.81 -35.54 13.02
N ASP J 73 -43.22 -36.26 13.96
CA ASP J 73 -43.71 -36.31 15.33
C ASP J 73 -43.01 -35.22 16.15
N LEU J 74 -43.81 -34.33 16.73
CA LEU J 74 -43.34 -33.22 17.54
C LEU J 74 -44.00 -33.34 18.90
N GLY J 75 -43.19 -33.61 19.92
CA GLY J 75 -43.69 -33.72 21.26
C GLY J 75 -44.02 -32.38 21.84
N LYS J 76 -44.27 -32.38 23.14
CA LYS J 76 -44.89 -31.25 23.82
C LYS J 76 -43.87 -30.16 24.07
N LEU J 77 -44.15 -28.96 23.56
CA LEU J 77 -43.36 -27.78 23.92
C LEU J 77 -43.77 -27.29 25.31
N LEU J 78 -42.78 -26.92 26.11
CA LEU J 78 -43.01 -26.32 27.43
C LEU J 78 -42.73 -24.83 27.28
N ILE J 79 -43.79 -24.04 27.12
CA ILE J 79 -43.69 -22.61 26.91
C ILE J 79 -44.00 -21.94 28.24
N GLY J 80 -43.04 -21.18 28.73
CA GLY J 80 -43.24 -20.41 29.94
C GLY J 80 -43.89 -19.08 29.68
N ALA J 81 -44.30 -18.44 30.78
CA ALA J 81 -45.03 -17.18 30.73
C ALA J 81 -44.21 -16.00 31.20
N ASN J 82 -43.09 -16.24 31.84
CA ASN J 82 -42.16 -15.20 32.24
C ASN J 82 -40.77 -15.80 32.24
N THR J 83 -39.77 -14.94 32.48
CA THR J 83 -38.36 -15.32 32.31
C THR J 83 -37.99 -16.54 33.16
N GLN J 84 -38.37 -16.50 34.45
CA GLN J 84 -38.02 -17.60 35.35
C GLN J 84 -38.61 -18.92 34.86
N GLU J 85 -39.90 -18.93 34.54
CA GLU J 85 -40.55 -20.14 34.03
C GLU J 85 -39.93 -20.59 32.72
N MET J 86 -39.60 -19.63 31.83
CA MET J 86 -39.06 -20.01 30.52
C MET J 86 -37.72 -20.72 30.67
N LEU J 87 -36.86 -20.17 31.52
CA LEU J 87 -35.58 -20.81 31.82
C LEU J 87 -35.80 -22.18 32.46
N GLN J 88 -36.77 -22.30 33.36
CA GLN J 88 -37.00 -23.60 33.98
C GLN J 88 -37.57 -24.59 32.97
N CYS J 89 -38.42 -24.12 32.05
CA CYS J 89 -38.95 -25.01 31.03
C CYS J 89 -37.83 -25.53 30.14
N ASP J 90 -36.90 -24.66 29.75
CA ASP J 90 -35.77 -25.12 28.95
C ASP J 90 -34.94 -26.13 29.73
N LEU J 91 -34.70 -25.86 31.00
CA LEU J 91 -33.88 -26.76 31.82
C LEU J 91 -34.55 -28.13 31.94
N ASN J 92 -35.87 -28.15 32.14
CA ASN J 92 -36.56 -29.44 32.16
C ASN J 92 -36.38 -30.19 30.86
N LEU J 93 -36.50 -29.49 29.72
CA LEU J 93 -36.32 -30.19 28.45
C LEU J 93 -34.90 -30.73 28.30
N GLU J 94 -33.89 -29.93 28.67
CA GLU J 94 -32.50 -30.38 28.54
C GLU J 94 -32.26 -31.62 29.38
N LEU J 95 -32.74 -31.61 30.62
CA LEU J 95 -32.54 -32.77 31.50
C LEU J 95 -33.18 -34.03 30.94
N LYS J 96 -34.40 -33.94 30.43
CA LYS J 96 -34.99 -35.10 29.77
C LYS J 96 -34.13 -35.54 28.60
N ALA J 97 -33.63 -34.59 27.80
CA ALA J 97 -32.88 -34.95 26.59
C ALA J 97 -31.57 -35.65 26.91
N THR J 98 -30.88 -35.26 28.00
CA THR J 98 -29.60 -35.90 28.30
C THR J 98 -29.81 -37.33 28.78
N LYS J 99 -30.92 -37.59 29.46
CA LYS J 99 -31.27 -38.97 29.82
C LYS J 99 -31.38 -39.84 28.58
N ASP J 100 -32.08 -39.35 27.57
CA ASP J 100 -32.21 -40.10 26.33
C ASP J 100 -30.87 -40.24 25.62
N LEU J 101 -30.03 -39.20 25.67
CA LEU J 101 -28.71 -39.29 25.04
C LEU J 101 -27.89 -40.40 25.67
N ARG J 102 -27.90 -40.50 27.00
CA ARG J 102 -27.10 -41.49 27.70
C ARG J 102 -27.57 -42.90 27.37
N GLU J 103 -28.89 -43.12 27.30
CA GLU J 103 -29.38 -44.44 26.91
C GLU J 103 -28.98 -44.78 25.48
N ALA J 104 -29.04 -43.79 24.58
CA ALA J 104 -28.63 -44.07 23.21
C ALA J 104 -27.14 -44.42 23.13
N ILE J 105 -26.30 -43.74 23.91
CA ILE J 105 -24.87 -44.03 23.86
C ILE J 105 -24.58 -45.44 24.35
N VAL J 106 -25.28 -45.87 25.41
CA VAL J 106 -25.17 -47.24 25.90
C VAL J 106 -25.45 -48.21 24.75
N HIS J 107 -26.55 -47.99 24.02
CA HIS J 107 -26.87 -48.93 22.96
C HIS J 107 -25.84 -48.89 21.84
N CYS J 108 -25.32 -47.70 21.52
CA CYS J 108 -24.31 -47.64 20.47
C CYS J 108 -23.09 -48.46 20.85
N GLU J 109 -22.62 -48.29 22.09
CA GLU J 109 -21.46 -49.04 22.58
C GLU J 109 -21.70 -50.55 22.50
N GLN J 110 -22.89 -50.98 22.90
CA GLN J 110 -23.24 -52.40 22.92
C GLN J 110 -23.15 -53.04 21.52
N VAL J 111 -23.55 -52.33 20.46
CA VAL J 111 -23.51 -52.88 19.12
C VAL J 111 -22.31 -52.37 18.33
N HIS J 112 -21.35 -51.72 19.00
CA HIS J 112 -20.10 -51.31 18.38
C HIS J 112 -20.30 -50.23 17.32
N ASP J 113 -21.34 -49.41 17.44
CA ASP J 113 -21.48 -48.29 16.51
C ASP J 113 -20.80 -47.10 17.17
N TYR J 114 -19.46 -47.07 17.01
CA TYR J 114 -18.63 -46.09 17.68
C TYR J 114 -18.69 -44.70 17.04
N VAL J 115 -18.94 -44.61 15.73
CA VAL J 115 -19.11 -43.31 15.10
C VAL J 115 -20.40 -42.64 15.58
N SER J 116 -21.52 -43.39 15.69
CA SER J 116 -22.75 -42.81 16.24
C SER J 116 -22.58 -42.43 17.71
N ARG J 117 -21.88 -43.27 18.48
CA ARG J 117 -21.59 -42.90 19.87
C ARG J 117 -20.86 -41.57 19.91
N ASP J 118 -19.86 -41.41 19.06
CA ASP J 118 -19.08 -40.18 19.08
C ASP J 118 -19.95 -38.97 18.72
N LEU J 119 -20.81 -39.11 17.71
CA LEU J 119 -21.73 -38.01 17.39
C LEU J 119 -22.61 -37.67 18.58
N LEU J 120 -23.10 -38.68 19.29
CA LEU J 120 -24.00 -38.44 20.38
C LEU J 120 -23.29 -37.81 21.58
N LYS J 121 -22.04 -38.19 21.83
CA LYS J 121 -21.27 -37.57 22.90
C LYS J 121 -21.05 -36.08 22.60
N ASP J 122 -20.69 -35.77 21.36
CA ASP J 122 -20.60 -34.37 20.95
C ASP J 122 -21.89 -33.62 21.29
N ILE J 123 -23.04 -34.18 20.93
CA ILE J 123 -24.29 -33.48 21.25
C ILE J 123 -24.43 -33.36 22.76
N LEU J 124 -24.13 -34.43 23.48
CA LEU J 124 -24.27 -34.43 24.92
C LEU J 124 -23.39 -33.36 25.58
N GLU J 125 -22.17 -33.18 25.08
CA GLU J 125 -21.32 -32.10 25.60
C GLU J 125 -22.04 -30.77 25.46
N SER J 126 -22.61 -30.54 24.28
CA SER J 126 -23.33 -29.29 24.03
CA SER J 126 -23.34 -29.28 24.03
C SER J 126 -24.53 -29.15 24.96
N GLU J 127 -25.28 -30.22 25.16
CA GLU J 127 -26.43 -30.12 26.08
C GLU J 127 -25.98 -29.81 27.52
N GLU J 128 -24.84 -30.34 27.97
CA GLU J 128 -24.41 -30.02 29.32
C GLU J 128 -23.95 -28.59 29.44
N GLU J 129 -23.39 -28.00 28.38
CA GLU J 129 -23.16 -26.55 28.36
C GLU J 129 -24.46 -25.76 28.39
N HIS J 130 -25.51 -26.23 27.71
CA HIS J 130 -26.82 -25.59 27.82
C HIS J 130 -27.37 -25.67 29.24
N ILE J 131 -27.28 -26.87 29.87
CA ILE J 131 -27.74 -27.01 31.25
C ILE J 131 -27.01 -26.04 32.15
N ASP J 132 -25.70 -25.92 31.94
CA ASP J 132 -24.90 -25.03 32.77
C ASP J 132 -25.32 -23.58 32.57
N TYR J 133 -25.55 -23.17 31.33
CA TYR J 133 -26.05 -21.82 31.09
C TYR J 133 -27.36 -21.58 31.84
N LEU J 134 -28.30 -22.52 31.74
CA LEU J 134 -29.63 -22.32 32.31
C LEU J 134 -29.57 -22.30 33.83
N GLU J 135 -28.88 -23.28 34.42
CA GLU J 135 -28.73 -23.31 35.87
C GLU J 135 -28.10 -22.01 36.37
N THR J 136 -27.07 -21.54 35.66
CA THR J 136 -26.37 -20.32 36.09
C THR J 136 -27.32 -19.12 36.07
N GLN J 137 -28.12 -18.96 35.01
CA GLN J 137 -29.03 -17.82 34.96
C GLN J 137 -30.01 -17.85 36.12
N LEU J 138 -30.55 -19.03 36.42
CA LEU J 138 -31.46 -19.16 37.56
C LEU J 138 -30.77 -18.79 38.86
N GLY J 139 -29.50 -19.18 39.02
CA GLY J 139 -28.73 -18.77 40.18
C GLY J 139 -28.42 -17.29 40.20
N LEU J 140 -28.20 -16.68 39.02
CA LEU J 140 -27.97 -15.24 39.01
C LEU J 140 -29.22 -14.49 39.42
N ILE J 141 -30.39 -14.97 38.99
CA ILE J 141 -31.64 -14.34 39.40
C ILE J 141 -31.72 -14.30 40.91
N GLN J 142 -31.27 -15.38 41.57
CA GLN J 142 -31.27 -15.39 43.04
C GLN J 142 -30.25 -14.42 43.61
N LYS J 143 -29.07 -14.35 43.00
CA LYS J 143 -28.00 -13.56 43.60
C LYS J 143 -28.18 -12.04 43.38
N VAL J 144 -28.62 -11.61 42.20
CA VAL J 144 -28.65 -10.18 41.90
C VAL J 144 -30.07 -9.59 41.97
N GLY J 145 -31.09 -10.44 42.06
CA GLY J 145 -32.51 -10.09 42.06
C GLY J 145 -33.09 -10.16 40.66
N LEU J 146 -34.39 -10.49 40.56
CA LEU J 146 -35.00 -10.63 39.26
C LEU J 146 -34.91 -9.34 38.44
N GLU J 147 -35.16 -8.20 39.08
CA GLU J 147 -35.23 -6.92 38.36
C GLU J 147 -33.87 -6.52 37.80
N ASN J 148 -32.81 -6.67 38.61
CA ASN J 148 -31.47 -6.46 38.12
C ASN J 148 -31.17 -7.42 36.98
N TYR J 149 -31.52 -8.70 37.15
CA TYR J 149 -31.15 -9.66 36.11
C TYR J 149 -31.77 -9.27 34.78
N LEU J 150 -33.06 -8.94 34.79
CA LEU J 150 -33.73 -8.58 33.54
C LEU J 150 -33.16 -7.29 32.97
N GLN J 151 -32.94 -6.32 33.85
CA GLN J 151 -32.28 -5.09 33.47
C GLN J 151 -31.01 -5.37 32.69
N SER J 152 -30.19 -6.30 33.20
CA SER J 152 -28.91 -6.59 32.57
C SER J 152 -29.07 -7.31 31.24
N HIS J 153 -30.27 -7.76 30.91
CA HIS J 153 -30.50 -8.47 29.66
C HIS J 153 -31.46 -7.74 28.72
N MET J 154 -31.65 -6.44 28.94
CA MET J 154 -32.40 -5.58 28.01
C MET J 154 -31.59 -5.30 26.75
N HIS J 155 -30.43 -4.66 26.92
CA HIS J 155 -29.60 -4.22 25.80
C HIS J 155 -28.52 -5.26 25.46
N GLU J 156 -28.35 -5.51 24.17
CA GLU J 156 -27.22 -6.33 23.70
C GLU J 156 -25.86 -5.63 23.80
N MET K 1 -27.63 16.75 -43.29
CA MET K 1 -27.07 16.59 -44.65
C MET K 1 -28.10 15.86 -45.51
N LYS K 2 -28.43 16.38 -46.68
CA LYS K 2 -29.59 15.81 -47.37
C LYS K 2 -29.22 14.46 -47.96
N GLY K 3 -29.88 13.41 -47.51
CA GLY K 3 -29.60 12.09 -48.04
C GLY K 3 -30.39 11.79 -49.28
N ASP K 4 -29.97 10.72 -49.96
CA ASP K 4 -30.70 10.21 -51.12
C ASP K 4 -31.97 9.51 -50.66
N LYS K 5 -33.11 9.87 -51.29
CA LYS K 5 -34.41 9.36 -50.87
C LYS K 5 -34.46 7.83 -50.86
N LYS K 6 -33.95 7.20 -51.92
CA LYS K 6 -33.99 5.75 -52.00
C LYS K 6 -33.08 5.10 -50.96
N VAL K 7 -31.93 5.71 -50.67
CA VAL K 7 -31.11 5.25 -49.55
C VAL K 7 -31.92 5.27 -48.25
N ILE K 8 -32.58 6.39 -47.97
CA ILE K 8 -33.32 6.46 -46.72
C ILE K 8 -34.38 5.38 -46.66
N GLN K 9 -35.02 5.11 -47.79
CA GLN K 9 -36.00 4.01 -47.83
C GLN K 9 -35.36 2.67 -47.49
N HIS K 10 -34.19 2.39 -48.06
CA HIS K 10 -33.49 1.16 -47.73
C HIS K 10 -33.17 1.12 -46.24
N LEU K 11 -32.64 2.22 -45.70
CA LEU K 11 -32.31 2.26 -44.28
C LEU K 11 -33.54 2.01 -43.42
N ASN K 12 -34.69 2.61 -43.78
CA ASN K 12 -35.93 2.33 -43.04
C ASN K 12 -36.39 0.89 -43.22
N LYS K 13 -36.07 0.28 -44.36
CA LYS K 13 -36.40 -1.13 -44.55
C LYS K 13 -35.55 -2.01 -43.64
N ILE K 14 -34.24 -1.75 -43.59
CA ILE K 14 -33.35 -2.46 -42.68
C ILE K 14 -33.82 -2.26 -41.25
N LEU K 15 -34.19 -1.03 -40.90
CA LEU K 15 -34.65 -0.73 -39.55
C LEU K 15 -35.89 -1.52 -39.20
N GLY K 16 -36.80 -1.68 -40.17
CA GLY K 16 -37.97 -2.52 -39.93
C GLY K 16 -37.62 -3.96 -39.60
N ASN K 17 -36.61 -4.52 -40.28
CA ASN K 17 -36.15 -5.87 -39.95
C ASN K 17 -35.55 -5.93 -38.55
N GLU K 18 -34.80 -4.90 -38.16
CA GLU K 18 -34.24 -4.87 -36.81
C GLU K 18 -35.34 -4.87 -35.78
N LEU K 19 -36.41 -4.11 -36.02
CA LEU K 19 -37.47 -4.04 -35.03
C LEU K 19 -38.17 -5.39 -34.84
N ILE K 20 -38.32 -6.18 -35.90
CA ILE K 20 -38.89 -7.53 -35.74
C ILE K 20 -37.95 -8.38 -34.91
N ALA K 21 -36.66 -8.36 -35.26
CA ALA K 21 -35.68 -9.22 -34.62
C ALA K 21 -35.55 -8.89 -33.13
N ILE K 22 -35.60 -7.61 -32.77
CA ILE K 22 -35.59 -7.22 -31.36
C ILE K 22 -36.69 -7.94 -30.59
N ASN K 23 -37.94 -7.84 -31.08
CA ASN K 23 -39.06 -8.36 -30.30
C ASN K 23 -39.07 -9.88 -30.31
N GLN K 24 -38.77 -10.46 -31.47
CA GLN K 24 -38.75 -11.91 -31.61
C GLN K 24 -37.68 -12.53 -30.72
N TYR K 25 -36.45 -12.01 -30.79
CA TYR K 25 -35.38 -12.56 -29.96
C TYR K 25 -35.66 -12.30 -28.48
N PHE K 26 -36.25 -11.14 -28.15
CA PHE K 26 -36.48 -10.90 -26.74
C PHE K 26 -37.49 -11.86 -26.18
N LEU K 27 -38.57 -12.10 -26.92
CA LEU K 27 -39.59 -13.03 -26.44
C LEU K 27 -39.03 -14.43 -26.36
N HIS K 28 -38.24 -14.85 -27.35
CA HIS K 28 -37.63 -16.18 -27.30
C HIS K 28 -36.70 -16.31 -26.09
N SER K 29 -35.91 -15.28 -25.85
CA SER K 29 -35.03 -15.26 -24.68
C SER K 29 -35.81 -15.53 -23.42
N ARG K 30 -36.93 -14.82 -23.26
CA ARG K 30 -37.71 -14.95 -22.04
C ARG K 30 -38.47 -16.27 -21.97
N MET K 31 -38.84 -16.84 -23.13
CA MET K 31 -39.41 -18.18 -23.15
C MET K 31 -38.40 -19.22 -22.68
N TRP K 32 -37.19 -19.18 -23.22
CA TRP K 32 -36.12 -20.06 -22.75
C TRP K 32 -35.86 -19.87 -21.25
N ASN K 33 -35.78 -18.61 -20.79
CA ASN K 33 -35.57 -18.40 -19.35
C ASN K 33 -36.72 -19.00 -18.55
N ASP K 34 -37.95 -18.74 -18.96
CA ASP K 34 -39.11 -19.31 -18.28
C ASP K 34 -39.00 -20.83 -18.17
N TRP K 35 -38.46 -21.49 -19.19
CA TRP K 35 -38.34 -22.94 -19.20
C TRP K 35 -37.12 -23.43 -18.45
N GLY K 36 -36.32 -22.55 -17.86
CA GLY K 36 -35.10 -22.93 -17.17
C GLY K 36 -33.91 -23.20 -18.06
N LEU K 37 -34.00 -22.86 -19.34
CA LEU K 37 -32.86 -23.00 -20.24
C LEU K 37 -32.10 -21.67 -20.31
N LYS K 38 -31.43 -21.35 -19.20
CA LYS K 38 -30.94 -19.99 -18.94
C LYS K 38 -29.79 -19.62 -19.83
N ARG K 39 -28.99 -20.60 -20.24
CA ARG K 39 -27.89 -20.29 -21.12
C ARG K 39 -28.41 -19.90 -22.50
N LEU K 40 -29.37 -20.65 -23.02
CA LEU K 40 -29.99 -20.25 -24.29
C LEU K 40 -30.66 -18.90 -24.15
N GLY K 41 -31.36 -18.68 -23.03
CA GLY K 41 -32.03 -17.42 -22.82
C GLY K 41 -31.08 -16.24 -22.76
N ALA K 42 -29.92 -16.41 -22.12
CA ALA K 42 -29.00 -15.30 -21.97
C ALA K 42 -28.33 -14.96 -23.30
N HIS K 43 -27.99 -15.97 -24.11
CA HIS K 43 -27.44 -15.70 -25.44
C HIS K 43 -28.46 -15.02 -26.34
N GLU K 44 -29.71 -15.45 -26.28
CA GLU K 44 -30.75 -14.84 -27.10
C GLU K 44 -31.01 -13.41 -26.67
N TYR K 45 -30.95 -13.14 -25.37
CA TYR K 45 -31.02 -11.77 -24.86
C TYR K 45 -29.90 -10.92 -25.46
N HIS K 46 -28.69 -11.46 -25.55
CA HIS K 46 -27.60 -10.67 -26.14
C HIS K 46 -27.76 -10.52 -27.66
N GLU K 47 -28.37 -11.46 -28.36
CA GLU K 47 -28.71 -11.21 -29.75
C GLU K 47 -29.72 -10.07 -29.86
N SER K 48 -30.73 -10.07 -28.99
CA SER K 48 -31.71 -9.01 -28.95
C SER K 48 -31.02 -7.65 -28.79
N ILE K 49 -30.08 -7.57 -27.85
CA ILE K 49 -29.40 -6.31 -27.57
C ILE K 49 -28.60 -5.87 -28.78
N ASP K 50 -27.94 -6.82 -29.47
CA ASP K 50 -27.23 -6.48 -30.70
C ASP K 50 -28.17 -5.79 -31.70
N GLU K 51 -29.39 -6.32 -31.87
CA GLU K 51 -30.31 -5.71 -32.84
C GLU K 51 -30.81 -4.35 -32.35
N MET K 52 -30.97 -4.18 -31.04
CA MET K 52 -31.32 -2.86 -30.53
C MET K 52 -30.27 -1.84 -30.91
N LYS K 53 -29.00 -2.22 -30.86
CA LYS K 53 -27.92 -1.31 -31.23
C LYS K 53 -27.89 -1.05 -32.74
N HIS K 54 -28.10 -2.09 -33.55
CA HIS K 54 -28.28 -1.89 -34.99
C HIS K 54 -29.36 -0.87 -35.28
N ALA K 55 -30.54 -1.06 -34.68
CA ALA K 55 -31.65 -0.11 -34.87
C ALA K 55 -31.24 1.31 -34.47
N ASP K 56 -30.60 1.45 -33.31
CA ASP K 56 -30.11 2.77 -32.86
C ASP K 56 -29.23 3.44 -33.91
N LYS K 57 -28.25 2.71 -34.44
CA LYS K 57 -27.36 3.33 -35.43
C LYS K 57 -28.11 3.68 -36.71
N LEU K 58 -29.09 2.85 -37.10
CA LEU K 58 -29.89 3.16 -38.28
C LEU K 58 -30.75 4.40 -38.06
N ILE K 59 -31.36 4.52 -36.87
CA ILE K 59 -32.17 5.69 -36.56
C ILE K 59 -31.34 6.96 -36.60
N GLU K 60 -30.13 6.89 -36.08
CA GLU K 60 -29.27 8.06 -36.05
C GLU K 60 -28.85 8.47 -37.45
N ARG K 61 -28.54 7.50 -38.29
CA ARG K 61 -28.16 7.80 -39.67
C ARG K 61 -29.32 8.38 -40.45
N ILE K 62 -30.51 7.79 -40.31
CA ILE K 62 -31.69 8.32 -40.99
C ILE K 62 -31.91 9.78 -40.63
N LEU K 63 -31.84 10.08 -39.32
CA LEU K 63 -32.05 11.47 -38.90
C LEU K 63 -30.99 12.40 -39.47
N PHE K 64 -29.72 12.00 -39.43
CA PHE K 64 -28.67 12.83 -39.97
C PHE K 64 -28.95 13.14 -41.44
N LEU K 65 -29.44 12.17 -42.19
CA LEU K 65 -29.75 12.33 -43.61
C LEU K 65 -31.07 13.03 -43.84
N GLU K 66 -31.72 13.48 -42.77
CA GLU K 66 -32.93 14.28 -42.80
C GLU K 66 -34.15 13.48 -43.23
N GLY K 67 -34.12 12.17 -42.95
CA GLY K 67 -35.27 11.31 -43.12
C GLY K 67 -36.05 11.17 -41.82
N ALA K 68 -37.17 10.43 -41.94
CA ALA K 68 -38.09 10.13 -40.85
C ALA K 68 -37.99 8.65 -40.50
N PRO K 69 -37.32 8.28 -39.40
CA PRO K 69 -37.28 6.85 -39.03
C PRO K 69 -38.68 6.31 -38.77
N ASN K 70 -38.95 5.13 -39.31
CA ASN K 70 -40.22 4.43 -39.14
C ASN K 70 -40.08 3.37 -38.05
N LEU K 71 -40.58 3.70 -36.86
CA LEU K 71 -40.69 2.74 -35.77
C LEU K 71 -42.12 2.26 -35.59
N GLN K 72 -43.00 2.61 -36.50
CA GLN K 72 -44.43 2.35 -36.34
C GLN K 72 -44.83 1.02 -36.94
N ASP K 73 -44.20 0.60 -38.03
CA ASP K 73 -44.61 -0.59 -38.74
C ASP K 73 -43.76 -1.74 -38.23
N LEU K 74 -44.43 -2.71 -37.61
CA LEU K 74 -43.79 -3.93 -37.11
C LEU K 74 -44.27 -5.09 -37.97
N GLY K 75 -43.33 -5.71 -38.67
CA GLY K 75 -43.59 -6.92 -39.44
C GLY K 75 -43.92 -8.13 -38.55
N LYS K 76 -44.01 -9.28 -39.20
CA LYS K 76 -44.52 -10.48 -38.53
C LYS K 76 -43.42 -11.11 -37.67
N LEU K 77 -43.71 -11.32 -36.38
CA LEU K 77 -42.81 -12.09 -35.52
C LEU K 77 -43.01 -13.58 -35.77
N LEU K 78 -41.90 -14.30 -35.91
CA LEU K 78 -41.89 -15.76 -36.08
C LEU K 78 -41.53 -16.37 -34.73
N ILE K 79 -42.55 -16.71 -33.95
CA ILE K 79 -42.39 -17.27 -32.61
C ILE K 79 -42.51 -18.80 -32.67
N GLY K 80 -41.42 -19.51 -32.37
CA GLY K 80 -41.46 -20.96 -32.30
C GLY K 80 -42.09 -21.45 -31.01
N ALA K 81 -42.43 -22.74 -31.00
CA ALA K 81 -42.99 -23.40 -29.82
C ALA K 81 -42.01 -24.28 -29.06
N ASN K 82 -40.84 -24.58 -29.62
CA ASN K 82 -39.81 -25.32 -28.91
C ASN K 82 -38.46 -24.82 -29.40
N THR K 83 -37.38 -25.33 -28.78
CA THR K 83 -36.04 -24.80 -29.03
C THR K 83 -35.69 -24.89 -30.51
N GLN K 84 -35.95 -26.04 -31.14
CA GLN K 84 -35.54 -26.21 -32.53
C GLN K 84 -36.30 -25.26 -33.44
N GLU K 85 -37.60 -25.08 -33.18
CA GLU K 85 -38.40 -24.17 -33.99
C GLU K 85 -37.98 -22.73 -33.76
N MET K 86 -37.66 -22.38 -32.51
CA MET K 86 -37.23 -21.02 -32.23
C MET K 86 -35.90 -20.72 -32.92
N LEU K 87 -34.95 -21.64 -32.86
CA LEU K 87 -33.70 -21.40 -33.57
C LEU K 87 -33.95 -21.25 -35.07
N GLN K 88 -34.82 -22.08 -35.64
CA GLN K 88 -35.04 -22.05 -37.08
C GLN K 88 -35.78 -20.78 -37.50
N CYS K 89 -36.73 -20.31 -36.67
CA CYS K 89 -37.39 -19.03 -36.90
C CYS K 89 -36.40 -17.88 -36.88
N ASP K 90 -35.46 -17.88 -35.92
CA ASP K 90 -34.42 -16.84 -35.92
C ASP K 90 -33.61 -16.90 -37.20
N LEU K 91 -33.27 -18.12 -37.66
CA LEU K 91 -32.44 -18.24 -38.84
C LEU K 91 -33.17 -17.73 -40.08
N ASN K 92 -34.45 -18.05 -40.20
CA ASN K 92 -35.22 -17.59 -41.35
C ASN K 92 -35.26 -16.07 -41.40
N LEU K 93 -35.47 -15.43 -40.24
CA LEU K 93 -35.43 -13.97 -40.16
C LEU K 93 -34.06 -13.42 -40.55
N GLU K 94 -32.98 -14.05 -40.05
CA GLU K 94 -31.66 -13.53 -40.38
C GLU K 94 -31.38 -13.64 -41.87
N LEU K 95 -31.77 -14.75 -42.49
CA LEU K 95 -31.52 -14.89 -43.92
C LEU K 95 -32.29 -13.86 -44.74
N LYS K 96 -33.54 -13.61 -44.40
CA LYS K 96 -34.31 -12.57 -45.08
C LYS K 96 -33.69 -11.19 -44.83
N ALA K 97 -33.23 -10.93 -43.61
CA ALA K 97 -32.60 -9.65 -43.31
C ALA K 97 -31.34 -9.42 -44.14
N THR K 98 -30.48 -10.44 -44.28
CA THR K 98 -29.25 -10.21 -45.02
C THR K 98 -29.53 -10.00 -46.49
N LYS K 99 -30.63 -10.56 -47.02
CA LYS K 99 -30.97 -10.28 -48.41
C LYS K 99 -31.24 -8.80 -48.61
N ASP K 100 -31.98 -8.18 -47.68
CA ASP K 100 -32.28 -6.75 -47.79
C ASP K 100 -31.03 -5.91 -47.59
N LEU K 101 -30.13 -6.34 -46.69
CA LEU K 101 -28.90 -5.58 -46.46
C LEU K 101 -28.06 -5.53 -47.70
N ARG K 102 -27.96 -6.64 -48.43
CA ARG K 102 -27.12 -6.61 -49.63
C ARG K 102 -27.69 -5.67 -50.68
N GLU K 103 -29.01 -5.68 -50.84
CA GLU K 103 -29.62 -4.76 -51.81
C GLU K 103 -29.43 -3.31 -51.40
N ALA K 104 -29.51 -3.02 -50.09
CA ALA K 104 -29.30 -1.65 -49.65
C ALA K 104 -27.85 -1.24 -49.88
N ILE K 105 -26.91 -2.17 -49.75
CA ILE K 105 -25.51 -1.80 -49.97
C ILE K 105 -25.26 -1.53 -51.45
N VAL K 106 -25.85 -2.33 -52.35
CA VAL K 106 -25.78 -2.02 -53.79
C VAL K 106 -26.20 -0.58 -54.04
N HIS K 107 -27.34 -0.18 -53.50
CA HIS K 107 -27.86 1.15 -53.79
C HIS K 107 -26.97 2.25 -53.20
N CYS K 108 -26.50 2.07 -51.97
CA CYS K 108 -25.54 3.02 -51.39
C CYS K 108 -24.33 3.21 -52.30
N GLU K 109 -23.74 2.09 -52.75
CA GLU K 109 -22.60 2.14 -53.66
C GLU K 109 -22.95 2.92 -54.93
N GLN K 110 -24.15 2.69 -55.43
CA GLN K 110 -24.59 3.30 -56.69
C GLN K 110 -24.71 4.81 -56.59
N VAL K 111 -25.12 5.36 -55.44
CA VAL K 111 -25.22 6.81 -55.31
C VAL K 111 -24.07 7.40 -54.49
N HIS K 112 -23.00 6.65 -54.27
CA HIS K 112 -21.80 7.16 -53.60
C HIS K 112 -22.05 7.50 -52.12
N ASP K 113 -22.96 6.80 -51.44
CA ASP K 113 -23.14 7.01 -50.01
C ASP K 113 -22.29 5.94 -49.33
N TYR K 114 -21.01 6.22 -49.30
CA TYR K 114 -20.06 5.25 -48.83
C TYR K 114 -20.10 5.07 -47.32
N VAL K 115 -20.56 6.09 -46.58
CA VAL K 115 -20.64 6.00 -45.12
C VAL K 115 -21.79 5.09 -44.72
N SER K 116 -22.97 5.29 -45.33
CA SER K 116 -24.09 4.38 -45.10
C SER K 116 -23.73 2.94 -45.48
N ARG K 117 -23.09 2.77 -46.64
CA ARG K 117 -22.64 1.42 -47.01
C ARG K 117 -21.77 0.82 -45.92
N ASP K 118 -20.86 1.63 -45.37
CA ASP K 118 -20.00 1.12 -44.30
C ASP K 118 -20.81 0.71 -43.08
N LEU K 119 -21.77 1.54 -42.67
CA LEU K 119 -22.64 1.15 -41.55
C LEU K 119 -23.41 -0.14 -41.86
N LEU K 120 -23.93 -0.27 -43.07
CA LEU K 120 -24.68 -1.49 -43.40
C LEU K 120 -23.77 -2.69 -43.48
N LYS K 121 -22.54 -2.52 -44.00
CA LYS K 121 -21.58 -3.62 -43.99
C LYS K 121 -21.25 -4.08 -42.57
N ASP K 122 -21.08 -3.14 -41.62
CA ASP K 122 -20.86 -3.52 -40.23
C ASP K 122 -22.03 -4.32 -39.67
N ILE K 123 -23.26 -3.89 -39.96
CA ILE K 123 -24.44 -4.65 -39.52
C ILE K 123 -24.45 -6.03 -40.16
N LEU K 124 -24.18 -6.10 -41.47
CA LEU K 124 -24.15 -7.38 -42.17
C LEU K 124 -23.14 -8.35 -41.56
N GLU K 125 -21.99 -7.84 -41.13
CA GLU K 125 -20.99 -8.69 -40.49
C GLU K 125 -21.56 -9.28 -39.21
N SER K 126 -22.28 -8.46 -38.44
CA SER K 126 -22.95 -8.98 -37.24
CA SER K 126 -22.95 -8.98 -37.24
C SER K 126 -23.99 -10.04 -37.60
N GLU K 127 -24.78 -9.80 -38.63
CA GLU K 127 -25.83 -10.77 -38.97
C GLU K 127 -25.22 -12.10 -39.43
N GLU K 128 -24.13 -12.05 -40.17
CA GLU K 128 -23.50 -13.31 -40.56
C GLU K 128 -22.97 -14.05 -39.36
N GLU K 129 -22.58 -13.35 -38.30
CA GLU K 129 -22.20 -14.04 -37.06
C GLU K 129 -23.42 -14.64 -36.38
N HIS K 130 -24.57 -13.95 -36.41
CA HIS K 130 -25.80 -14.50 -35.86
C HIS K 130 -26.23 -15.74 -36.65
N ILE K 131 -26.08 -15.69 -37.96
CA ILE K 131 -26.38 -16.86 -38.79
C ILE K 131 -25.47 -18.01 -38.42
N ASP K 132 -24.17 -17.74 -38.26
CA ASP K 132 -23.24 -18.79 -37.89
C ASP K 132 -23.62 -19.39 -36.55
N TYR K 133 -23.92 -18.56 -35.56
CA TYR K 133 -24.37 -19.06 -34.27
C TYR K 133 -25.56 -20.00 -34.43
N LEU K 134 -26.58 -19.58 -35.18
CA LEU K 134 -27.82 -20.35 -35.26
C LEU K 134 -27.61 -21.66 -36.02
N GLU K 135 -27.00 -21.58 -37.19
CA GLU K 135 -26.66 -22.80 -37.94
C GLU K 135 -25.86 -23.76 -37.09
N THR K 136 -24.92 -23.23 -36.27
CA THR K 136 -24.07 -24.10 -35.47
C THR K 136 -24.89 -24.82 -34.40
N GLN K 137 -25.84 -24.12 -33.76
CA GLN K 137 -26.65 -24.76 -32.73
C GLN K 137 -27.53 -25.87 -33.31
N LEU K 138 -28.08 -25.63 -34.49
CA LEU K 138 -28.90 -26.65 -35.13
C LEU K 138 -28.04 -27.86 -35.46
N GLY K 139 -26.79 -27.61 -35.87
CA GLY K 139 -25.88 -28.70 -36.14
C GLY K 139 -25.48 -29.46 -34.88
N LEU K 140 -25.36 -28.74 -33.76
CA LEU K 140 -24.99 -29.39 -32.51
C LEU K 140 -26.11 -30.28 -32.02
N ILE K 141 -27.36 -29.83 -32.20
CA ILE K 141 -28.51 -30.63 -31.82
C ILE K 141 -28.48 -31.97 -32.54
N GLN K 142 -28.12 -31.95 -33.82
CA GLN K 142 -27.96 -33.20 -34.55
C GLN K 142 -26.77 -34.01 -34.03
N LYS K 143 -25.68 -33.35 -33.67
CA LYS K 143 -24.46 -34.08 -33.33
C LYS K 143 -24.51 -34.69 -31.93
N VAL K 144 -25.06 -33.97 -30.96
CA VAL K 144 -25.08 -34.42 -29.58
C VAL K 144 -26.45 -34.86 -29.12
N GLY K 145 -27.48 -34.68 -29.94
CA GLY K 145 -28.84 -35.01 -29.53
C GLY K 145 -29.55 -33.87 -28.83
N LEU K 146 -30.86 -33.74 -29.05
CA LEU K 146 -31.59 -32.61 -28.50
C LEU K 146 -31.52 -32.58 -26.98
N GLU K 147 -31.74 -33.73 -26.33
CA GLU K 147 -31.76 -33.74 -24.86
C GLU K 147 -30.43 -33.29 -24.26
N ASN K 148 -29.31 -33.80 -24.79
CA ASN K 148 -28.00 -33.35 -24.34
C ASN K 148 -27.81 -31.86 -24.62
N TYR K 149 -28.25 -31.41 -25.81
CA TYR K 149 -28.11 -29.99 -26.13
C TYR K 149 -28.87 -29.11 -25.14
N LEU K 150 -30.15 -29.45 -24.87
CA LEU K 150 -30.87 -28.67 -23.87
C LEU K 150 -30.20 -28.78 -22.50
N GLN K 151 -29.63 -29.94 -22.17
CA GLN K 151 -28.98 -30.11 -20.88
C GLN K 151 -27.82 -29.14 -20.72
N SER K 152 -26.99 -29.03 -21.76
CA SER K 152 -25.81 -28.17 -21.69
C SER K 152 -26.17 -26.69 -21.69
N HIS K 153 -27.44 -26.33 -21.91
CA HIS K 153 -27.86 -24.93 -21.94
C HIS K 153 -28.85 -24.60 -20.83
N MET K 154 -28.91 -25.46 -19.81
CA MET K 154 -29.75 -25.23 -18.64
C MET K 154 -29.15 -24.18 -17.70
N HIS K 155 -27.87 -24.34 -17.35
CA HIS K 155 -27.20 -23.53 -16.34
C HIS K 155 -26.19 -22.60 -17.00
N GLU K 156 -26.05 -21.39 -16.47
CA GLU K 156 -25.11 -20.42 -17.09
C GLU K 156 -23.67 -20.65 -16.64
N MET L 1 -47.62 -21.53 -13.42
CA MET L 1 -48.80 -21.50 -12.50
C MET L 1 -49.97 -20.86 -13.23
N LYS L 2 -51.12 -21.52 -13.32
CA LYS L 2 -52.18 -21.02 -14.19
C LYS L 2 -52.79 -19.76 -13.62
N GLY L 3 -52.68 -18.65 -14.36
CA GLY L 3 -53.27 -17.40 -13.95
C GLY L 3 -54.69 -17.22 -14.47
N ASP L 4 -55.30 -16.15 -14.01
CA ASP L 4 -56.64 -15.82 -14.44
C ASP L 4 -56.60 -15.21 -15.83
N LYS L 5 -57.50 -15.65 -16.69
CA LYS L 5 -57.42 -15.31 -18.12
C LYS L 5 -57.55 -13.81 -18.34
N LYS L 6 -58.39 -13.14 -17.56
CA LYS L 6 -58.60 -11.70 -17.72
C LYS L 6 -57.44 -10.89 -17.15
N VAL L 7 -56.83 -11.34 -16.06
CA VAL L 7 -55.59 -10.73 -15.58
C VAL L 7 -54.53 -10.75 -16.67
N ILE L 8 -54.34 -11.91 -17.31
CA ILE L 8 -53.34 -12.03 -18.36
C ILE L 8 -53.69 -11.12 -19.51
N GLN L 9 -54.98 -10.90 -19.75
CA GLN L 9 -55.42 -9.96 -20.77
C GLN L 9 -55.01 -8.53 -20.42
N HIS L 10 -55.27 -8.14 -19.18
CA HIS L 10 -54.80 -6.85 -18.68
C HIS L 10 -53.28 -6.70 -18.81
N LEU L 11 -52.52 -7.68 -18.32
CA LEU L 11 -51.05 -7.61 -18.43
C LEU L 11 -50.63 -7.39 -19.86
N ASN L 12 -51.27 -8.09 -20.81
CA ASN L 12 -50.89 -7.94 -22.21
C ASN L 12 -51.26 -6.55 -22.71
N LYS L 13 -52.30 -5.95 -22.17
CA LYS L 13 -52.68 -4.59 -22.58
C LYS L 13 -51.69 -3.56 -22.04
N ILE L 14 -51.27 -3.69 -20.76
CA ILE L 14 -50.17 -2.86 -20.23
C ILE L 14 -48.93 -3.02 -21.10
N LEU L 15 -48.59 -4.27 -21.41
CA LEU L 15 -47.42 -4.51 -22.26
C LEU L 15 -47.55 -3.76 -23.58
N GLY L 16 -48.76 -3.77 -24.18
CA GLY L 16 -49.00 -2.99 -25.39
C GLY L 16 -48.63 -1.54 -25.22
N ASN L 17 -48.97 -0.95 -24.08
CA ASN L 17 -48.64 0.44 -23.83
C ASN L 17 -47.15 0.64 -23.66
N GLU L 18 -46.48 -0.25 -22.89
CA GLU L 18 -45.02 -0.20 -22.78
C GLU L 18 -44.35 -0.24 -24.15
N LEU L 19 -44.82 -1.08 -25.04
CA LEU L 19 -44.17 -1.18 -26.34
C LEU L 19 -44.28 0.13 -27.12
N ILE L 20 -45.44 0.82 -27.06
CA ILE L 20 -45.60 2.11 -27.71
C ILE L 20 -44.61 3.12 -27.11
N ALA L 21 -44.48 3.11 -25.79
CA ALA L 21 -43.63 4.07 -25.09
C ALA L 21 -42.14 3.87 -25.40
N ILE L 22 -41.68 2.62 -25.42
CA ILE L 22 -40.30 2.34 -25.79
C ILE L 22 -39.99 3.02 -27.11
N ASN L 23 -40.81 2.77 -28.13
CA ASN L 23 -40.46 3.26 -29.45
C ASN L 23 -40.60 4.77 -29.52
N GLN L 24 -41.69 5.31 -28.96
CA GLN L 24 -41.91 6.75 -28.99
C GLN L 24 -40.78 7.48 -28.28
N TYR L 25 -40.43 7.04 -27.07
CA TYR L 25 -39.41 7.73 -26.30
C TYR L 25 -38.03 7.53 -26.90
N PHE L 26 -37.77 6.36 -27.49
CA PHE L 26 -36.45 6.18 -28.11
C PHE L 26 -36.27 7.11 -29.30
N LEU L 27 -37.30 7.23 -30.16
CA LEU L 27 -37.21 8.14 -31.29
C LEU L 27 -37.13 9.60 -30.84
N HIS L 28 -37.93 9.99 -29.85
CA HIS L 28 -37.83 11.34 -29.31
C HIS L 28 -36.43 11.62 -28.78
N SER L 29 -35.83 10.65 -28.08
CA SER L 29 -34.47 10.78 -27.60
C SER L 29 -33.48 11.08 -28.72
N ARG L 30 -33.58 10.32 -29.82
CA ARG L 30 -32.59 10.44 -30.88
C ARG L 30 -32.84 11.67 -31.73
N MET L 31 -34.09 12.11 -31.77
CA MET L 31 -34.41 13.41 -32.37
C MET L 31 -33.77 14.54 -31.56
N TRP L 32 -33.92 14.51 -30.24
CA TRP L 32 -33.28 15.55 -29.43
C TRP L 32 -31.76 15.51 -29.58
N ASN L 33 -31.16 14.32 -29.55
CA ASN L 33 -29.72 14.20 -29.78
C ASN L 33 -29.35 14.75 -31.14
N ASP L 34 -30.13 14.41 -32.16
CA ASP L 34 -29.82 14.85 -33.51
C ASP L 34 -29.83 16.38 -33.58
N TRP L 35 -30.64 17.04 -32.77
CA TRP L 35 -30.72 18.50 -32.74
C TRP L 35 -29.68 19.13 -31.83
N GLY L 36 -28.87 18.34 -31.15
CA GLY L 36 -27.91 18.88 -30.21
C GLY L 36 -28.49 19.20 -28.85
N LEU L 37 -29.69 18.74 -28.56
CA LEU L 37 -30.30 18.93 -27.23
C LEU L 37 -30.06 17.64 -26.42
N LYS L 38 -28.80 17.47 -26.06
CA LYS L 38 -28.32 16.17 -25.62
C LYS L 38 -28.73 15.83 -24.18
N ARG L 39 -28.99 16.82 -23.36
CA ARG L 39 -29.52 16.55 -22.03
C ARG L 39 -30.95 16.03 -22.10
N LEU L 40 -31.78 16.65 -22.93
CA LEU L 40 -33.11 16.09 -23.18
C LEU L 40 -33.00 14.70 -23.81
N GLY L 41 -32.12 14.53 -24.79
CA GLY L 41 -31.97 13.24 -25.41
C GLY L 41 -31.58 12.16 -24.40
N ALA L 42 -30.62 12.48 -23.52
CA ALA L 42 -30.15 11.48 -22.56
C ALA L 42 -31.24 11.13 -21.57
N HIS L 43 -31.99 12.14 -21.12
CA HIS L 43 -33.08 11.84 -20.22
C HIS L 43 -34.20 11.07 -20.90
N GLU L 44 -34.52 11.39 -22.16
CA GLU L 44 -35.54 10.61 -22.85
C GLU L 44 -35.09 9.19 -23.08
N TYR L 45 -33.79 8.98 -23.31
CA TYR L 45 -33.28 7.63 -23.46
C TYR L 45 -33.48 6.84 -22.17
N HIS L 46 -33.25 7.48 -21.03
CA HIS L 46 -33.43 6.75 -19.79
C HIS L 46 -34.89 6.43 -19.54
N GLU L 47 -35.82 7.30 -19.95
CA GLU L 47 -37.24 6.93 -19.86
C GLU L 47 -37.53 5.72 -20.74
N SER L 48 -36.93 5.67 -21.94
CA SER L 48 -37.15 4.54 -22.85
C SER L 48 -36.66 3.24 -22.20
N ILE L 49 -35.48 3.27 -21.57
CA ILE L 49 -34.94 2.09 -20.88
C ILE L 49 -35.89 1.65 -19.77
N ASP L 50 -36.40 2.60 -18.96
CA ASP L 50 -37.39 2.28 -17.92
C ASP L 50 -38.54 1.48 -18.51
N GLU L 51 -39.01 1.87 -19.69
CA GLU L 51 -40.18 1.19 -20.26
C GLU L 51 -39.78 -0.19 -20.78
N MET L 52 -38.55 -0.32 -21.22
CA MET L 52 -38.06 -1.62 -21.64
C MET L 52 -38.06 -2.60 -20.48
N LYS L 53 -37.68 -2.11 -19.29
CA LYS L 53 -37.69 -2.92 -18.08
C LYS L 53 -39.11 -3.25 -17.62
N HIS L 54 -40.03 -2.29 -17.71
CA HIS L 54 -41.44 -2.62 -17.46
C HIS L 54 -41.90 -3.72 -18.39
N ALA L 55 -41.63 -3.57 -19.69
CA ALA L 55 -42.05 -4.60 -20.61
C ALA L 55 -41.46 -5.94 -20.23
N ASP L 56 -40.18 -5.95 -19.86
CA ASP L 56 -39.52 -7.20 -19.47
C ASP L 56 -40.28 -7.87 -18.33
N LYS L 57 -40.62 -7.12 -17.29
CA LYS L 57 -41.22 -7.73 -16.12
C LYS L 57 -42.62 -8.25 -16.44
N LEU L 58 -43.33 -7.55 -17.33
CA LEU L 58 -44.67 -8.00 -17.72
C LEU L 58 -44.59 -9.26 -18.54
N ILE L 59 -43.60 -9.34 -19.45
CA ILE L 59 -43.43 -10.54 -20.26
C ILE L 59 -43.13 -11.75 -19.37
N GLU L 60 -42.25 -11.56 -18.36
CA GLU L 60 -41.91 -12.67 -17.47
C GLU L 60 -43.11 -13.12 -16.67
N ARG L 61 -43.90 -12.15 -16.18
CA ARG L 61 -45.06 -12.49 -15.39
C ARG L 61 -46.09 -13.24 -16.23
N ILE L 62 -46.31 -12.77 -17.46
CA ILE L 62 -47.29 -13.41 -18.35
C ILE L 62 -46.89 -14.85 -18.62
N LEU L 63 -45.60 -15.06 -18.87
CA LEU L 63 -45.14 -16.42 -19.18
C LEU L 63 -45.25 -17.31 -17.95
N PHE L 64 -44.96 -16.77 -16.77
CA PHE L 64 -45.13 -17.54 -15.55
C PHE L 64 -46.59 -17.97 -15.36
N LEU L 65 -47.55 -17.06 -15.60
CA LEU L 65 -48.98 -17.37 -15.54
C LEU L 65 -49.49 -18.17 -16.73
N GLU L 66 -48.59 -18.65 -17.59
CA GLU L 66 -48.91 -19.53 -18.72
C GLU L 66 -49.68 -18.79 -19.83
N GLY L 67 -49.51 -17.48 -19.92
CA GLY L 67 -50.02 -16.74 -21.04
C GLY L 67 -49.00 -16.56 -22.15
N ALA L 68 -49.47 -15.93 -23.22
CA ALA L 68 -48.69 -15.73 -24.42
C ALA L 68 -48.44 -14.24 -24.54
N PRO L 69 -47.24 -13.75 -24.22
CA PRO L 69 -46.99 -12.32 -24.39
C PRO L 69 -47.21 -11.93 -25.85
N ASN L 70 -47.90 -10.82 -26.03
CA ASN L 70 -48.15 -10.25 -27.36
C ASN L 70 -47.20 -9.09 -27.61
N LEU L 71 -46.15 -9.34 -28.39
CA LEU L 71 -45.26 -8.27 -28.83
C LEU L 71 -45.55 -7.84 -30.25
N GLN L 72 -46.60 -8.38 -30.86
CA GLN L 72 -46.83 -8.20 -32.28
C GLN L 72 -47.57 -6.92 -32.61
N ASP L 73 -48.48 -6.51 -31.76
CA ASP L 73 -49.38 -5.42 -32.10
C ASP L 73 -48.82 -4.16 -31.46
N LEU L 74 -48.37 -3.23 -32.30
CA LEU L 74 -47.83 -1.96 -31.84
C LEU L 74 -48.88 -0.89 -32.12
N GLY L 75 -49.40 -0.26 -31.07
CA GLY L 75 -50.30 0.85 -31.20
C GLY L 75 -49.63 2.08 -31.80
N LYS L 76 -50.40 3.17 -31.84
CA LYS L 76 -50.00 4.37 -32.56
C LYS L 76 -48.96 5.14 -31.76
N LEU L 77 -47.80 5.39 -32.37
CA LEU L 77 -46.81 6.27 -31.77
C LEU L 77 -47.22 7.74 -31.97
N LEU L 78 -47.05 8.53 -30.92
CA LEU L 78 -47.35 9.97 -30.97
C LEU L 78 -46.03 10.73 -31.06
N ILE L 79 -45.62 11.08 -32.27
CA ILE L 79 -44.32 11.70 -32.49
C ILE L 79 -44.53 13.19 -32.68
N GLY L 80 -43.93 13.98 -31.80
CA GLY L 80 -44.02 15.43 -31.88
C GLY L 80 -43.03 15.99 -32.87
N ALA L 81 -43.24 17.25 -33.26
CA ALA L 81 -42.36 17.92 -34.22
C ALA L 81 -41.38 18.88 -33.56
N ASN L 82 -41.61 19.27 -32.32
CA ASN L 82 -40.70 20.16 -31.60
C ASN L 82 -40.76 19.80 -30.11
N THR L 83 -39.87 20.41 -29.32
CA THR L 83 -39.69 19.96 -27.94
C THR L 83 -41.00 19.99 -27.16
N GLN L 84 -41.77 21.09 -27.30
CA GLN L 84 -43.03 21.21 -26.56
C GLN L 84 -44.02 20.12 -26.95
N GLU L 85 -44.14 19.86 -28.25
CA GLU L 85 -45.10 18.86 -28.70
C GLU L 85 -44.66 17.46 -28.27
N MET L 86 -43.35 17.21 -28.31
CA MET L 86 -42.85 15.89 -27.92
C MET L 86 -43.13 15.59 -26.45
N LEU L 87 -42.91 16.58 -25.58
CA LEU L 87 -43.20 16.40 -24.17
C LEU L 87 -44.69 16.15 -23.92
N GLN L 88 -45.55 16.89 -24.64
CA GLN L 88 -46.99 16.72 -24.49
C GLN L 88 -47.44 15.38 -25.03
N CYS L 89 -46.83 14.92 -26.14
CA CYS L 89 -47.14 13.59 -26.66
C CYS L 89 -46.80 12.50 -25.64
N ASP L 90 -45.63 12.61 -25.02
CA ASP L 90 -45.27 11.65 -23.99
C ASP L 90 -46.25 11.73 -22.82
N LEU L 91 -46.65 12.93 -22.44
CA LEU L 91 -47.56 13.06 -21.31
C LEU L 91 -48.92 12.48 -21.63
N ASN L 92 -49.45 12.75 -22.83
CA ASN L 92 -50.71 12.13 -23.26
C ASN L 92 -50.61 10.62 -23.20
N LEU L 93 -49.50 10.04 -23.66
CA LEU L 93 -49.31 8.59 -23.58
C LEU L 93 -49.29 8.10 -22.12
N GLU L 94 -48.57 8.79 -21.24
CA GLU L 94 -48.50 8.35 -19.85
C GLU L 94 -49.86 8.41 -19.16
N LEU L 95 -50.66 9.44 -19.45
CA LEU L 95 -51.96 9.52 -18.77
C LEU L 95 -52.90 8.42 -19.27
N LYS L 96 -52.85 8.11 -20.55
CA LYS L 96 -53.58 6.96 -21.08
C LYS L 96 -53.14 5.68 -20.40
N ALA L 97 -51.83 5.50 -20.23
CA ALA L 97 -51.32 4.27 -19.68
C ALA L 97 -51.63 4.11 -18.19
N THR L 98 -51.70 5.20 -17.42
CA THR L 98 -52.00 5.01 -16.00
C THR L 98 -53.44 4.61 -15.81
N LYS L 99 -54.32 5.09 -16.70
CA LYS L 99 -55.72 4.67 -16.64
C LYS L 99 -55.83 3.16 -16.80
N ASP L 100 -55.11 2.59 -17.78
CA ASP L 100 -55.12 1.14 -17.96
C ASP L 100 -54.51 0.40 -16.77
N LEU L 101 -53.46 0.96 -16.17
CA LEU L 101 -52.85 0.32 -15.00
C LEU L 101 -53.82 0.27 -13.84
N ARG L 102 -54.57 1.35 -13.63
CA ARG L 102 -55.50 1.36 -12.50
C ARG L 102 -56.60 0.32 -12.69
N GLU L 103 -57.19 0.25 -13.89
CA GLU L 103 -58.17 -0.80 -14.18
C GLU L 103 -57.58 -2.18 -14.00
N ALA L 104 -56.33 -2.40 -14.41
CA ALA L 104 -55.74 -3.73 -14.28
C ALA L 104 -55.52 -4.10 -12.81
N ILE L 105 -55.16 -3.11 -11.98
CA ILE L 105 -54.97 -3.33 -10.55
C ILE L 105 -56.28 -3.71 -9.88
N VAL L 106 -57.37 -3.01 -10.24
CA VAL L 106 -58.73 -3.35 -9.76
C VAL L 106 -59.03 -4.81 -10.03
N HIS L 107 -58.79 -5.27 -11.26
CA HIS L 107 -59.11 -6.67 -11.57
C HIS L 107 -58.22 -7.65 -10.81
N CYS L 108 -56.91 -7.38 -10.77
CA CYS L 108 -56.02 -8.23 -9.97
C CYS L 108 -56.56 -8.38 -8.57
N GLU L 109 -56.91 -7.26 -7.94
CA GLU L 109 -57.47 -7.31 -6.59
C GLU L 109 -58.72 -8.16 -6.55
N GLN L 110 -59.56 -8.09 -7.59
CA GLN L 110 -60.83 -8.83 -7.57
C GLN L 110 -60.60 -10.34 -7.57
N VAL L 111 -59.57 -10.81 -8.25
CA VAL L 111 -59.34 -12.24 -8.32
C VAL L 111 -58.19 -12.68 -7.40
N HIS L 112 -57.73 -11.82 -6.50
CA HIS L 112 -56.73 -12.19 -5.48
C HIS L 112 -55.35 -12.47 -6.07
N ASP L 113 -55.04 -11.91 -7.25
CA ASP L 113 -53.70 -11.98 -7.83
C ASP L 113 -52.90 -10.80 -7.28
N TYR L 114 -52.49 -10.95 -6.02
CA TYR L 114 -51.84 -9.86 -5.31
C TYR L 114 -50.42 -9.62 -5.79
N VAL L 115 -49.74 -10.65 -6.28
CA VAL L 115 -48.38 -10.47 -6.80
C VAL L 115 -48.44 -9.67 -8.09
N SER L 116 -49.38 -10.01 -8.99
CA SER L 116 -49.57 -9.19 -10.18
C SER L 116 -49.96 -7.76 -9.81
N ARG L 117 -50.85 -7.60 -8.83
CA ARG L 117 -51.16 -6.25 -8.38
C ARG L 117 -49.90 -5.49 -7.93
N ASP L 118 -49.03 -6.15 -7.19
CA ASP L 118 -47.81 -5.50 -6.70
C ASP L 118 -46.89 -5.10 -7.85
N LEU L 119 -46.72 -5.97 -8.85
CA LEU L 119 -45.95 -5.61 -10.04
C LEU L 119 -46.52 -4.35 -10.70
N LEU L 120 -47.84 -4.35 -10.93
CA LEU L 120 -48.47 -3.23 -11.59
C LEU L 120 -48.39 -1.96 -10.76
N LYS L 121 -48.53 -2.09 -9.44
CA LYS L 121 -48.37 -0.94 -8.56
C LYS L 121 -46.97 -0.34 -8.68
N ASP L 122 -45.95 -1.20 -8.76
CA ASP L 122 -44.59 -0.69 -8.92
C ASP L 122 -44.42 0.04 -10.25
N ILE L 123 -44.99 -0.51 -11.32
CA ILE L 123 -44.97 0.18 -12.60
C ILE L 123 -45.70 1.52 -12.47
N LEU L 124 -46.88 1.53 -11.85
CA LEU L 124 -47.68 2.75 -11.71
C LEU L 124 -46.88 3.86 -11.04
N GLU L 125 -46.16 3.52 -9.99
CA GLU L 125 -45.29 4.45 -9.27
C GLU L 125 -44.27 5.09 -10.20
N SER L 126 -43.67 4.27 -11.06
CA SER L 126 -42.72 4.79 -12.04
CA SER L 126 -42.72 4.79 -12.04
C SER L 126 -43.42 5.70 -13.05
N GLU L 127 -44.63 5.31 -13.51
CA GLU L 127 -45.32 6.14 -14.49
C GLU L 127 -45.71 7.48 -13.89
N GLU L 128 -46.08 7.52 -12.61
CA GLU L 128 -46.43 8.82 -12.03
C GLU L 128 -45.21 9.73 -11.87
N GLU L 129 -44.02 9.15 -11.68
CA GLU L 129 -42.77 9.91 -11.74
C GLU L 129 -42.51 10.43 -13.15
N HIS L 130 -42.79 9.61 -14.18
CA HIS L 130 -42.68 10.09 -15.55
C HIS L 130 -43.60 11.27 -15.77
N ILE L 131 -44.84 11.18 -15.31
CA ILE L 131 -45.79 12.27 -15.44
C ILE L 131 -45.28 13.50 -14.72
N ASP L 132 -44.78 13.32 -13.49
CA ASP L 132 -44.20 14.43 -12.76
C ASP L 132 -43.12 15.12 -13.58
N TYR L 133 -42.21 14.34 -14.16
CA TYR L 133 -41.11 14.91 -14.93
C TYR L 133 -41.63 15.69 -16.14
N LEU L 134 -42.59 15.11 -16.86
CA LEU L 134 -43.12 15.75 -18.06
C LEU L 134 -43.87 17.04 -17.72
N GLU L 135 -44.73 16.97 -16.72
CA GLU L 135 -45.47 18.16 -16.28
C GLU L 135 -44.53 19.25 -15.82
N THR L 136 -43.45 18.86 -15.14
CA THR L 136 -42.51 19.85 -14.62
C THR L 136 -41.72 20.51 -15.75
N GLN L 137 -41.30 19.73 -16.74
CA GLN L 137 -40.61 20.32 -17.89
C GLN L 137 -41.53 21.30 -18.61
N LEU L 138 -42.79 20.92 -18.83
CA LEU L 138 -43.71 21.87 -19.47
C LEU L 138 -43.88 23.13 -18.62
N GLY L 139 -43.94 22.96 -17.30
CA GLY L 139 -44.00 24.13 -16.41
C GLY L 139 -42.75 25.00 -16.50
N LEU L 140 -41.57 24.37 -16.57
CA LEU L 140 -40.32 25.14 -16.66
C LEU L 140 -40.26 25.94 -17.96
N ILE L 141 -40.76 25.37 -19.06
CA ILE L 141 -40.76 26.12 -20.31
C ILE L 141 -41.54 27.40 -20.13
N GLN L 142 -42.64 27.36 -19.39
CA GLN L 142 -43.41 28.57 -19.13
C GLN L 142 -42.68 29.51 -18.19
N LYS L 143 -41.95 28.98 -17.20
CA LYS L 143 -41.33 29.84 -16.19
C LYS L 143 -40.03 30.48 -16.69
N VAL L 144 -39.17 29.73 -17.41
CA VAL L 144 -37.88 30.28 -17.82
C VAL L 144 -37.90 30.69 -19.28
N GLY L 145 -38.97 30.37 -20.02
CA GLY L 145 -39.07 30.58 -21.45
C GLY L 145 -38.43 29.48 -22.27
N LEU L 146 -38.96 29.28 -23.46
CA LEU L 146 -38.55 28.16 -24.29
C LEU L 146 -37.08 28.22 -24.66
N GLU L 147 -36.59 29.39 -25.12
CA GLU L 147 -35.18 29.52 -25.52
C GLU L 147 -34.25 29.14 -24.37
N ASN L 148 -34.49 29.70 -23.18
CA ASN L 148 -33.69 29.34 -22.02
C ASN L 148 -33.81 27.86 -21.70
N TYR L 149 -35.04 27.32 -21.69
CA TYR L 149 -35.20 25.90 -21.38
C TYR L 149 -34.35 25.04 -22.34
N LEU L 150 -34.40 25.33 -23.65
CA LEU L 150 -33.62 24.55 -24.61
C LEU L 150 -32.12 24.73 -24.39
N GLN L 151 -31.69 25.97 -24.13
CA GLN L 151 -30.29 26.24 -23.83
C GLN L 151 -29.79 25.35 -22.70
N SER L 152 -30.59 25.27 -21.63
CA SER L 152 -30.19 24.51 -20.45
C SER L 152 -30.16 23.02 -20.69
N HIS L 153 -30.67 22.56 -21.81
CA HIS L 153 -30.70 21.13 -22.13
C HIS L 153 -29.89 20.80 -23.37
N MET L 154 -28.98 21.71 -23.78
CA MET L 154 -28.04 21.43 -24.86
C MET L 154 -26.91 20.51 -24.40
N HIS L 155 -26.23 20.87 -23.32
CA HIS L 155 -25.05 20.19 -22.84
C HIS L 155 -25.40 19.31 -21.65
N GLU L 156 -24.79 18.14 -21.58
CA GLU L 156 -25.04 17.23 -20.45
C GLU L 156 -24.29 17.61 -19.17
N MET M 1 -6.45 45.43 -28.00
CA MET M 1 -5.71 46.70 -27.73
C MET M 1 -5.08 47.12 -29.04
N LYS M 2 -5.19 48.40 -29.41
CA LYS M 2 -4.86 48.82 -30.76
C LYS M 2 -3.35 48.82 -30.97
N GLY M 3 -2.85 47.90 -31.81
CA GLY M 3 -1.43 47.83 -32.05
C GLY M 3 -0.94 48.76 -33.18
N ASP M 4 0.37 48.83 -33.30
CA ASP M 4 1.01 49.59 -34.38
C ASP M 4 0.87 48.82 -35.69
N LYS M 5 0.44 49.50 -36.76
CA LYS M 5 0.12 48.78 -37.99
C LYS M 5 1.35 48.13 -38.61
N LYS M 6 2.52 48.75 -38.45
CA LYS M 6 3.75 48.19 -39.02
C LYS M 6 4.28 47.02 -38.17
N VAL M 7 4.10 47.05 -36.85
CA VAL M 7 4.39 45.87 -36.04
C VAL M 7 3.54 44.69 -36.51
N ILE M 8 2.25 44.93 -36.74
CA ILE M 8 1.36 43.86 -37.15
C ILE M 8 1.81 43.30 -38.50
N GLN M 9 2.23 44.17 -39.41
CA GLN M 9 2.78 43.72 -40.67
C GLN M 9 3.97 42.81 -40.43
N HIS M 10 4.87 43.21 -39.52
CA HIS M 10 6.02 42.37 -39.20
C HIS M 10 5.58 41.04 -38.63
N LEU M 11 4.63 41.07 -37.69
CA LEU M 11 4.15 39.83 -37.09
C LEU M 11 3.56 38.91 -38.14
N ASN M 12 2.81 39.46 -39.10
CA ASN M 12 2.28 38.65 -40.19
C ASN M 12 3.38 38.13 -41.11
N LYS M 13 4.47 38.88 -41.26
CA LYS M 13 5.58 38.38 -42.06
C LYS M 13 6.26 37.20 -41.36
N ILE M 14 6.49 37.30 -40.05
CA ILE M 14 7.04 36.17 -39.31
C ILE M 14 6.09 34.97 -39.42
N LEU M 15 4.81 35.21 -39.23
CA LEU M 15 3.83 34.13 -39.34
C LEU M 15 3.97 33.43 -40.68
N GLY M 16 4.11 34.21 -41.75
CA GLY M 16 4.27 33.63 -43.07
C GLY M 16 5.47 32.70 -43.17
N ASN M 17 6.57 33.07 -42.49
CA ASN M 17 7.75 32.20 -42.45
C ASN M 17 7.46 30.90 -41.68
N GLU M 18 6.82 31.00 -40.51
CA GLU M 18 6.40 29.81 -39.79
C GLU M 18 5.57 28.88 -40.66
N LEU M 19 4.65 29.44 -41.46
CA LEU M 19 3.75 28.60 -42.24
C LEU M 19 4.52 27.82 -43.31
N ILE M 20 5.51 28.44 -43.94
CA ILE M 20 6.41 27.71 -44.82
C ILE M 20 7.10 26.58 -44.06
N ALA M 21 7.69 26.93 -42.91
CA ALA M 21 8.43 25.95 -42.12
C ALA M 21 7.54 24.79 -41.68
N ILE M 22 6.33 25.07 -41.23
CA ILE M 22 5.46 23.97 -40.79
C ILE M 22 5.36 22.93 -41.91
N ASN M 23 5.08 23.38 -43.12
CA ASN M 23 4.79 22.45 -44.20
C ASN M 23 6.05 21.77 -44.71
N GLN M 24 7.13 22.55 -44.84
CA GLN M 24 8.39 22.01 -45.29
C GLN M 24 8.91 20.95 -44.32
N TYR M 25 8.90 21.24 -43.02
CA TYR M 25 9.44 20.27 -42.06
C TYR M 25 8.53 19.05 -41.96
N PHE M 26 7.21 19.25 -42.05
CA PHE M 26 6.32 18.10 -41.94
C PHE M 26 6.51 17.15 -43.11
N LEU M 27 6.61 17.69 -44.33
CA LEU M 27 6.88 16.85 -45.51
C LEU M 27 8.25 16.17 -45.40
N HIS M 28 9.29 16.92 -45.01
CA HIS M 28 10.60 16.29 -44.82
C HIS M 28 10.53 15.18 -43.79
N SER M 29 9.81 15.42 -42.68
CA SER M 29 9.66 14.40 -41.66
C SER M 29 9.05 13.15 -42.24
N ARG M 30 7.98 13.30 -43.01
CA ARG M 30 7.32 12.13 -43.55
C ARG M 30 8.14 11.47 -44.65
N MET M 31 8.98 12.22 -45.35
CA MET M 31 9.88 11.61 -46.32
C MET M 31 10.94 10.74 -45.62
N TRP M 32 11.51 11.27 -44.53
CA TRP M 32 12.46 10.49 -43.76
C TRP M 32 11.82 9.23 -43.17
N ASN M 33 10.60 9.35 -42.66
CA ASN M 33 9.87 8.18 -42.16
C ASN M 33 9.69 7.16 -43.27
N ASP M 34 9.25 7.63 -44.42
CA ASP M 34 9.01 6.77 -45.58
C ASP M 34 10.27 6.02 -45.98
N TRP M 35 11.43 6.66 -45.88
CA TRP M 35 12.67 6.01 -46.21
C TRP M 35 13.19 5.11 -45.09
N GLY M 36 12.51 5.03 -43.95
CA GLY M 36 13.00 4.23 -42.86
C GLY M 36 14.05 4.91 -42.03
N LEU M 37 14.24 6.21 -42.22
CA LEU M 37 15.16 6.99 -41.39
C LEU M 37 14.37 7.64 -40.26
N LYS M 38 13.94 6.79 -39.32
CA LYS M 38 12.86 7.18 -38.44
C LYS M 38 13.31 8.13 -37.35
N ARG M 39 14.59 8.14 -37.02
CA ARG M 39 15.09 9.07 -36.02
C ARG M 39 15.18 10.48 -36.59
N LEU M 40 15.59 10.61 -37.85
CA LEU M 40 15.49 11.90 -38.54
C LEU M 40 14.03 12.33 -38.73
N GLY M 41 13.16 11.38 -39.09
CA GLY M 41 11.75 11.72 -39.24
C GLY M 41 11.15 12.27 -37.96
N ALA M 42 11.49 11.66 -36.82
CA ALA M 42 10.90 12.05 -35.54
C ALA M 42 11.37 13.42 -35.12
N HIS M 43 12.66 13.69 -35.31
CA HIS M 43 13.18 14.98 -34.90
C HIS M 43 12.64 16.09 -35.77
N GLU M 44 12.52 15.83 -37.07
CA GLU M 44 11.98 16.82 -37.98
C GLU M 44 10.51 17.09 -37.65
N TYR M 45 9.78 16.05 -37.29
CA TYR M 45 8.40 16.21 -36.88
C TYR M 45 8.32 17.13 -35.67
N HIS M 46 9.22 16.92 -34.69
CA HIS M 46 9.20 17.81 -33.55
CA HIS M 46 9.31 17.80 -33.53
C HIS M 46 9.59 19.24 -33.94
N GLU M 47 10.46 19.43 -34.95
CA GLU M 47 10.72 20.77 -35.46
C GLU M 47 9.45 21.38 -36.01
N SER M 48 8.73 20.61 -36.83
CA SER M 48 7.44 21.05 -37.36
C SER M 48 6.48 21.48 -36.25
N ILE M 49 6.40 20.72 -35.16
CA ILE M 49 5.50 21.08 -34.07
C ILE M 49 5.91 22.39 -33.44
N ASP M 50 7.22 22.60 -33.24
CA ASP M 50 7.73 23.86 -32.71
C ASP M 50 7.22 25.04 -33.53
N GLU M 51 7.24 24.90 -34.85
CA GLU M 51 6.82 26.01 -35.72
C GLU M 51 5.31 26.19 -35.66
N MET M 52 4.57 25.08 -35.49
CA MET M 52 3.15 25.21 -35.27
C MET M 52 2.89 26.03 -34.02
N LYS M 53 3.67 25.82 -32.97
CA LYS M 53 3.46 26.60 -31.75
C LYS M 53 3.90 28.05 -31.91
N HIS M 54 4.93 28.34 -32.71
CA HIS M 54 5.24 29.74 -32.97
C HIS M 54 4.09 30.43 -33.69
N ALA M 55 3.57 29.79 -34.73
CA ALA M 55 2.47 30.36 -35.48
C ALA M 55 1.31 30.69 -34.55
N ASP M 56 0.99 29.76 -33.63
CA ASP M 56 -0.13 29.94 -32.72
C ASP M 56 0.06 31.20 -31.89
N LYS M 57 1.25 31.38 -31.31
CA LYS M 57 1.52 32.59 -30.53
C LYS M 57 1.43 33.85 -31.38
N LEU M 58 1.88 33.78 -32.63
CA LEU M 58 1.84 35.00 -33.44
C LEU M 58 0.40 35.36 -33.78
N ILE M 59 -0.42 34.34 -34.12
CA ILE M 59 -1.83 34.54 -34.42
C ILE M 59 -2.54 35.15 -33.22
N GLU M 60 -2.30 34.59 -32.03
CA GLU M 60 -2.94 35.11 -30.84
C GLU M 60 -2.53 36.54 -30.60
N ARG M 61 -1.25 36.86 -30.83
CA ARG M 61 -0.77 38.21 -30.59
C ARG M 61 -1.34 39.19 -31.63
N ILE M 62 -1.34 38.79 -32.91
CA ILE M 62 -1.92 39.64 -33.95
C ILE M 62 -3.39 39.96 -33.62
N LEU M 63 -4.16 38.96 -33.19
CA LEU M 63 -5.59 39.17 -32.93
C LEU M 63 -5.79 40.08 -31.72
N PHE M 64 -5.03 39.88 -30.65
CA PHE M 64 -5.06 40.80 -29.52
C PHE M 64 -4.77 42.24 -29.95
N LEU M 65 -3.81 42.44 -30.86
CA LEU M 65 -3.49 43.80 -31.30
C LEU M 65 -4.46 44.34 -32.35
N GLU M 66 -5.51 43.58 -32.66
CA GLU M 66 -6.64 43.97 -33.49
C GLU M 66 -6.26 43.94 -34.96
N GLY M 67 -5.32 43.07 -35.31
CA GLY M 67 -4.98 42.83 -36.69
C GLY M 67 -5.65 41.57 -37.21
N ALA M 68 -5.43 41.34 -38.49
CA ALA M 68 -5.97 40.18 -39.18
C ALA M 68 -4.83 39.23 -39.50
N PRO M 69 -4.73 38.07 -38.84
CA PRO M 69 -3.70 37.10 -39.21
C PRO M 69 -3.90 36.61 -40.65
N ASN M 70 -2.80 36.53 -41.36
CA ASN M 70 -2.78 36.09 -42.76
C ASN M 70 -2.27 34.67 -42.81
N LEU M 71 -3.19 33.72 -42.94
CA LEU M 71 -2.81 32.33 -43.15
C LEU M 71 -3.00 31.90 -44.60
N GLN M 72 -3.30 32.86 -45.49
CA GLN M 72 -3.63 32.60 -46.88
C GLN M 72 -2.40 32.55 -47.78
N ASP M 73 -1.41 33.40 -47.52
CA ASP M 73 -0.28 33.58 -48.44
C ASP M 73 0.84 32.64 -48.02
N LEU M 74 1.03 31.55 -48.78
CA LEU M 74 2.03 30.53 -48.46
C LEU M 74 3.20 30.72 -49.42
N GLY M 75 4.35 31.03 -48.88
CA GLY M 75 5.51 31.17 -49.72
C GLY M 75 6.10 29.83 -50.16
N LYS M 76 7.26 29.95 -50.76
CA LYS M 76 7.89 28.84 -51.46
C LYS M 76 8.49 27.83 -50.47
N LEU M 77 8.02 26.58 -50.54
CA LEU M 77 8.64 25.50 -49.79
C LEU M 77 9.96 25.12 -50.44
N LEU M 78 10.97 24.87 -49.62
CA LEU M 78 12.27 24.36 -50.11
C LEU M 78 12.36 22.87 -49.81
N ILE M 79 11.92 22.02 -50.75
CA ILE M 79 11.86 20.58 -50.53
C ILE M 79 13.11 19.94 -51.11
N GLY M 80 13.88 19.25 -50.28
CA GLY M 80 15.06 18.54 -50.76
C GLY M 80 14.74 17.11 -51.20
N ALA M 81 15.66 16.50 -51.96
CA ALA M 81 15.42 15.17 -52.50
C ALA M 81 16.19 14.06 -51.78
N ASN M 82 17.13 14.39 -50.90
CA ASN M 82 17.78 13.42 -50.06
C ASN M 82 18.24 14.15 -48.78
N THR M 83 18.83 13.41 -47.84
CA THR M 83 19.00 13.92 -46.48
C THR M 83 19.82 15.21 -46.46
N GLN M 84 21.01 15.21 -47.07
CA GLN M 84 21.85 16.40 -46.96
C GLN M 84 21.19 17.63 -47.59
N GLU M 85 20.50 17.46 -48.72
CA GLU M 85 19.79 18.56 -49.35
C GLU M 85 18.63 19.05 -48.49
N MET M 86 17.88 18.12 -47.89
CA MET M 86 16.78 18.50 -46.98
C MET M 86 17.29 19.31 -45.80
N LEU M 87 18.37 18.87 -45.17
CA LEU M 87 18.91 19.64 -44.05
C LEU M 87 19.38 21.02 -44.51
N GLN M 88 20.02 21.10 -45.67
CA GLN M 88 20.49 22.39 -46.15
C GLN M 88 19.31 23.31 -46.45
N CYS M 89 18.23 22.74 -47.00
CA CYS M 89 17.03 23.52 -47.28
C CYS M 89 16.41 24.05 -46.01
N ASP M 90 16.30 23.21 -44.96
CA ASP M 90 15.84 23.69 -43.67
C ASP M 90 16.72 24.82 -43.17
N LEU M 91 18.04 24.66 -43.28
CA LEU M 91 18.95 25.67 -42.76
C LEU M 91 18.81 26.99 -43.51
N ASN M 92 18.71 26.95 -44.84
CA ASN M 92 18.43 28.16 -45.62
C ASN M 92 17.15 28.85 -45.17
N LEU M 93 16.09 28.09 -44.91
CA LEU M 93 14.84 28.70 -44.43
C LEU M 93 15.02 29.35 -43.08
N GLU M 94 15.65 28.65 -42.14
CA GLU M 94 15.88 29.21 -40.81
C GLU M 94 16.69 30.49 -40.86
N LEU M 95 17.77 30.50 -41.65
CA LEU M 95 18.60 31.70 -41.69
C LEU M 95 17.84 32.89 -42.27
N LYS M 96 17.01 32.66 -43.28
CA LYS M 96 16.14 33.71 -43.78
C LYS M 96 15.16 34.17 -42.70
N ALA M 97 14.62 33.23 -41.94
CA ALA M 97 13.65 33.57 -40.91
C ALA M 97 14.26 34.43 -39.81
N THR M 98 15.50 34.14 -39.40
CA THR M 98 16.10 34.92 -38.32
C THR M 98 16.36 36.35 -38.77
N LYS M 99 16.66 36.55 -40.05
CA LYS M 99 16.82 37.92 -40.55
C LYS M 99 15.53 38.71 -40.39
N ASP M 100 14.41 38.13 -40.81
CA ASP M 100 13.13 38.80 -40.62
C ASP M 100 12.82 39.05 -39.14
N LEU M 101 13.13 38.08 -38.26
CA LEU M 101 12.85 38.29 -36.84
C LEU M 101 13.65 39.46 -36.27
N ARG M 102 14.91 39.57 -36.65
CA ARG M 102 15.73 40.66 -36.12
C ARG M 102 15.18 42.03 -36.52
N GLU M 103 14.71 42.15 -37.77
CA GLU M 103 14.12 43.41 -38.22
C GLU M 103 12.79 43.70 -37.52
N ALA M 104 12.00 42.68 -37.22
CA ALA M 104 10.75 42.91 -36.49
C ALA M 104 11.04 43.36 -35.07
N ILE M 105 12.07 42.79 -34.44
CA ILE M 105 12.42 43.19 -33.08
C ILE M 105 12.86 44.66 -33.08
N VAL M 106 13.72 45.05 -34.04
CA VAL M 106 14.10 46.45 -34.20
C VAL M 106 12.85 47.35 -34.19
N HIS M 107 11.84 47.02 -35.00
CA HIS M 107 10.65 47.86 -35.09
C HIS M 107 9.83 47.86 -33.79
N CYS M 108 9.65 46.69 -33.15
CA CYS M 108 8.97 46.67 -31.85
C CYS M 108 9.66 47.59 -30.86
N GLU M 109 11.00 47.54 -30.82
CA GLU M 109 11.72 48.39 -29.88
C GLU M 109 11.47 49.86 -30.20
N GLN M 110 11.39 50.21 -31.48
CA GLN M 110 11.28 51.62 -31.88
C GLN M 110 9.92 52.20 -31.50
N VAL M 111 8.87 51.39 -31.48
CA VAL M 111 7.54 51.88 -31.12
C VAL M 111 7.13 51.45 -29.71
N HIS M 112 8.06 50.90 -28.93
CA HIS M 112 7.87 50.55 -27.52
C HIS M 112 6.91 49.37 -27.34
N ASP M 113 6.75 48.48 -28.33
CA ASP M 113 5.92 47.27 -28.16
C ASP M 113 6.83 46.19 -27.59
N TYR M 114 7.09 46.32 -26.29
CA TYR M 114 8.06 45.46 -25.62
C TYR M 114 7.54 44.04 -25.42
N VAL M 115 6.21 43.83 -25.36
CA VAL M 115 5.67 42.48 -25.24
C VAL M 115 5.83 41.72 -26.56
N SER M 116 5.55 42.38 -27.69
CA SER M 116 5.80 41.75 -28.98
C SER M 116 7.27 41.45 -29.14
N ARG M 117 8.13 42.38 -28.74
CA ARG M 117 9.57 42.13 -28.83
C ARG M 117 9.94 40.87 -28.05
N ASP M 118 9.42 40.75 -26.83
CA ASP M 118 9.74 39.59 -26.00
C ASP M 118 9.28 38.30 -26.65
N LEU M 119 8.07 38.30 -27.23
CA LEU M 119 7.61 37.12 -27.96
C LEU M 119 8.56 36.77 -29.09
N LEU M 120 8.91 37.76 -29.90
CA LEU M 120 9.77 37.51 -31.04
C LEU M 120 11.14 37.02 -30.59
N LYS M 121 11.66 37.57 -29.49
CA LYS M 121 12.95 37.11 -28.99
C LYS M 121 12.90 35.64 -28.57
N ASP M 122 11.80 35.23 -27.94
CA ASP M 122 11.58 33.82 -27.62
C ASP M 122 11.56 32.96 -28.87
N ILE M 123 10.87 33.40 -29.92
CA ILE M 123 10.87 32.64 -31.15
C ILE M 123 12.28 32.56 -31.72
N LEU M 124 13.01 33.66 -31.63
CA LEU M 124 14.36 33.73 -32.21
C LEU M 124 15.32 32.79 -31.49
N GLU M 125 15.19 32.69 -30.17
CA GLU M 125 15.99 31.71 -29.43
C GLU M 125 15.74 30.30 -29.96
N SER M 126 14.47 29.95 -30.17
CA SER M 126 14.14 28.63 -30.69
CA SER M 126 14.15 28.63 -30.69
C SER M 126 14.71 28.42 -32.09
N GLU M 127 14.66 29.46 -32.94
CA GLU M 127 15.19 29.33 -34.30
C GLU M 127 16.70 29.12 -34.27
N GLU M 128 17.39 29.82 -33.38
CA GLU M 128 18.83 29.64 -33.29
C GLU M 128 19.19 28.24 -32.77
N GLU M 129 18.34 27.65 -31.91
CA GLU M 129 18.51 26.25 -31.56
C GLU M 129 18.27 25.33 -32.77
N HIS M 130 17.25 25.62 -33.57
CA HIS M 130 17.03 24.85 -34.81
C HIS M 130 18.27 24.94 -35.71
N ILE M 131 18.80 26.14 -35.90
CA ILE M 131 20.00 26.34 -36.71
C ILE M 131 21.16 25.52 -36.14
N ASP M 132 21.33 25.56 -34.83
CA ASP M 132 22.39 24.77 -34.23
C ASP M 132 22.21 23.29 -34.54
N TYR M 133 20.98 22.80 -34.42
CA TYR M 133 20.71 21.40 -34.74
C TYR M 133 21.13 21.10 -36.17
N LEU M 134 20.69 21.93 -37.12
CA LEU M 134 20.93 21.67 -38.54
C LEU M 134 22.40 21.75 -38.88
N GLU M 135 23.07 22.83 -38.46
CA GLU M 135 24.50 22.95 -38.70
C GLU M 135 25.25 21.77 -38.10
N THR M 136 24.82 21.30 -36.93
CA THR M 136 25.53 20.20 -36.28
C THR M 136 25.37 18.90 -37.05
N GLN M 137 24.16 18.61 -37.57
CA GLN M 137 23.98 17.40 -38.37
C GLN M 137 24.84 17.41 -39.64
N LEU M 138 24.90 18.54 -40.33
CA LEU M 138 25.76 18.68 -41.51
C LEU M 138 27.22 18.46 -41.16
N GLY M 139 27.66 19.02 -40.03
CA GLY M 139 28.98 18.74 -39.55
C GLY M 139 29.21 17.27 -39.24
N LEU M 140 28.21 16.63 -38.62
CA LEU M 140 28.37 15.21 -38.29
C LEU M 140 28.51 14.39 -39.56
N ILE M 141 27.68 14.70 -40.57
CA ILE M 141 27.80 14.00 -41.86
C ILE M 141 29.23 14.04 -42.35
N GLN M 142 29.85 15.22 -42.29
CA GLN M 142 31.25 15.32 -42.72
C GLN M 142 32.16 14.48 -41.83
N LYS M 143 31.92 14.44 -40.51
CA LYS M 143 32.88 13.83 -39.60
C LYS M 143 32.74 12.32 -39.53
N VAL M 144 31.50 11.81 -39.49
CA VAL M 144 31.31 10.38 -39.38
C VAL M 144 31.05 9.72 -40.73
N GLY M 145 30.87 10.49 -41.80
CA GLY M 145 30.54 9.94 -43.11
C GLY M 145 29.04 9.85 -43.34
N LEU M 146 28.60 10.12 -44.57
CA LEU M 146 27.17 10.17 -44.85
C LEU M 146 26.48 8.86 -44.51
N GLU M 147 27.06 7.74 -44.94
CA GLU M 147 26.42 6.43 -44.74
C GLU M 147 26.30 6.09 -43.25
N ASN M 148 27.35 6.33 -42.47
CA ASN M 148 27.29 6.13 -41.02
C ASN M 148 26.23 7.03 -40.39
N TYR M 149 26.21 8.30 -40.80
CA TYR M 149 25.23 9.23 -40.26
C TYR M 149 23.81 8.73 -40.50
N LEU M 150 23.51 8.33 -41.74
CA LEU M 150 22.18 7.79 -42.00
C LEU M 150 21.93 6.54 -41.18
N GLN M 151 22.93 5.67 -41.05
CA GLN M 151 22.76 4.45 -40.29
C GLN M 151 22.31 4.76 -38.85
N SER M 152 22.98 5.71 -38.21
CA SER M 152 22.69 6.11 -36.83
C SER M 152 21.33 6.75 -36.67
N HIS M 153 20.64 7.05 -37.78
CA HIS M 153 19.32 7.66 -37.72
C HIS M 153 18.23 6.81 -38.36
N MET M 154 18.51 5.51 -38.61
CA MET M 154 17.46 4.57 -39.00
C MET M 154 16.50 4.28 -37.85
N HIS M 155 17.03 3.86 -36.71
CA HIS M 155 16.25 3.26 -35.62
C HIS M 155 16.08 4.25 -34.48
N GLU M 156 14.86 4.39 -34.00
CA GLU M 156 14.55 5.35 -32.93
C GLU M 156 15.18 5.00 -31.59
N MET N 1 5.82 1.36 -53.61
CA MET N 1 4.89 0.56 -54.47
C MET N 1 4.29 1.53 -55.50
N LYS N 2 4.39 1.28 -56.80
CA LYS N 2 3.99 2.33 -57.75
C LYS N 2 2.47 2.41 -57.81
N GLY N 3 1.93 3.57 -57.42
CA GLY N 3 0.49 3.76 -57.45
C GLY N 3 0.00 4.17 -58.82
N ASP N 4 -1.32 4.25 -58.96
CA ASP N 4 -1.92 4.81 -60.15
C ASP N 4 -1.78 6.34 -60.13
N LYS N 5 -1.25 6.91 -61.22
CA LYS N 5 -0.97 8.35 -61.24
C LYS N 5 -2.24 9.17 -61.01
N LYS N 6 -3.40 8.70 -61.50
CA LYS N 6 -4.62 9.49 -61.33
C LYS N 6 -5.13 9.41 -59.89
N VAL N 7 -4.98 8.25 -59.25
CA VAL N 7 -5.27 8.14 -57.81
C VAL N 7 -4.42 9.12 -57.02
N ILE N 8 -3.13 9.21 -57.34
CA ILE N 8 -2.26 10.12 -56.61
C ILE N 8 -2.71 11.56 -56.81
N GLN N 9 -3.16 11.91 -58.01
CA GLN N 9 -3.70 13.25 -58.20
C GLN N 9 -4.93 13.48 -57.34
N HIS N 10 -5.82 12.51 -57.28
CA HIS N 10 -6.96 12.60 -56.37
C HIS N 10 -6.52 12.77 -54.93
N LEU N 11 -5.53 11.98 -54.50
CA LEU N 11 -5.07 12.09 -53.13
C LEU N 11 -4.49 13.46 -52.87
N ASN N 12 -3.70 13.99 -53.81
CA ASN N 12 -3.21 15.36 -53.67
C ASN N 12 -4.33 16.39 -53.66
N LYS N 13 -5.42 16.14 -54.39
CA LYS N 13 -6.52 17.08 -54.35
C LYS N 13 -7.23 17.07 -52.99
N ILE N 14 -7.43 15.89 -52.42
CA ILE N 14 -7.98 15.81 -51.06
C ILE N 14 -7.03 16.48 -50.08
N LEU N 15 -5.74 16.23 -50.23
CA LEU N 15 -4.78 16.87 -49.34
C LEU N 15 -4.89 18.38 -49.43
N GLY N 16 -5.04 18.89 -50.66
CA GLY N 16 -5.25 20.32 -50.83
C GLY N 16 -6.43 20.83 -50.02
N ASN N 17 -7.52 20.08 -49.98
CA ASN N 17 -8.67 20.50 -49.18
C ASN N 17 -8.36 20.48 -47.69
N GLU N 18 -7.65 19.44 -47.21
CA GLU N 18 -7.29 19.36 -45.79
C GLU N 18 -6.46 20.57 -45.37
N LEU N 19 -5.57 21.00 -46.24
CA LEU N 19 -4.69 22.10 -45.88
C LEU N 19 -5.48 23.41 -45.77
N ILE N 20 -6.49 23.59 -46.62
CA ILE N 20 -7.39 24.72 -46.45
C ILE N 20 -8.08 24.63 -45.09
N ALA N 21 -8.62 23.45 -44.77
CA ALA N 21 -9.40 23.32 -43.55
C ALA N 21 -8.53 23.54 -42.30
N ILE N 22 -7.29 23.04 -42.32
CA ILE N 22 -6.42 23.24 -41.16
C ILE N 22 -6.29 24.71 -40.83
N ASN N 23 -5.97 25.53 -41.84
CA ASN N 23 -5.75 26.95 -41.60
C ASN N 23 -7.06 27.67 -41.31
N GLN N 24 -8.10 27.38 -42.10
CA GLN N 24 -9.39 28.01 -41.82
C GLN N 24 -9.84 27.73 -40.39
N TYR N 25 -9.80 26.46 -39.97
CA TYR N 25 -10.35 26.13 -38.66
C TYR N 25 -9.43 26.63 -37.55
N PHE N 26 -8.11 26.58 -37.78
CA PHE N 26 -7.22 27.09 -36.74
C PHE N 26 -7.43 28.59 -36.53
N LEU N 27 -7.59 29.37 -37.61
CA LEU N 27 -7.83 30.80 -37.44
C LEU N 27 -9.18 31.06 -36.77
N HIS N 28 -10.24 30.36 -37.21
CA HIS N 28 -11.55 30.48 -36.56
C HIS N 28 -11.46 30.14 -35.07
N SER N 29 -10.74 29.08 -34.72
CA SER N 29 -10.56 28.73 -33.33
C SER N 29 -9.94 29.88 -32.54
N ARG N 30 -8.85 30.48 -33.07
CA ARG N 30 -8.18 31.54 -32.34
C ARG N 30 -9.00 32.83 -32.32
N MET N 31 -9.86 33.05 -33.32
CA MET N 31 -10.77 34.18 -33.27
C MET N 31 -11.79 34.01 -32.14
N TRP N 32 -12.38 32.81 -32.03
CA TRP N 32 -13.32 32.54 -30.95
C TRP N 32 -12.63 32.70 -29.59
N ASN N 33 -11.43 32.16 -29.44
CA ASN N 33 -10.72 32.32 -28.17
C ASN N 33 -10.49 33.80 -27.86
N ASP N 34 -10.10 34.56 -28.88
CA ASP N 34 -9.81 35.98 -28.68
C ASP N 34 -11.05 36.73 -28.21
N TRP N 35 -12.22 36.35 -28.70
CA TRP N 35 -13.50 36.92 -28.31
C TRP N 35 -14.01 36.40 -26.97
N GLY N 36 -13.32 35.47 -26.35
CA GLY N 36 -13.78 34.91 -25.08
C GLY N 36 -14.81 33.82 -25.23
N LEU N 37 -14.97 33.28 -26.43
CA LEU N 37 -15.86 32.16 -26.67
C LEU N 37 -15.04 30.86 -26.67
N LYS N 38 -14.58 30.49 -25.48
CA LYS N 38 -13.51 29.49 -25.38
C LYS N 38 -14.01 28.10 -25.67
N ARG N 39 -15.29 27.86 -25.48
CA ARG N 39 -15.81 26.54 -25.77
C ARG N 39 -15.89 26.32 -27.27
N LEU N 40 -16.34 27.33 -28.01
CA LEU N 40 -16.27 27.27 -29.46
C LEU N 40 -14.84 27.19 -29.94
N GLY N 41 -13.96 28.01 -29.36
CA GLY N 41 -12.55 27.97 -29.72
C GLY N 41 -11.95 26.59 -29.54
N ALA N 42 -12.24 25.95 -28.39
CA ALA N 42 -11.67 24.63 -28.11
C ALA N 42 -12.17 23.58 -29.09
N HIS N 43 -13.48 23.58 -29.39
CA HIS N 43 -14.00 22.61 -30.33
C HIS N 43 -13.44 22.81 -31.73
N GLU N 44 -13.32 24.06 -32.20
CA GLU N 44 -12.79 24.32 -33.54
C GLU N 44 -11.32 23.92 -33.64
N TYR N 45 -10.56 24.12 -32.55
CA TYR N 45 -9.19 23.63 -32.48
C TYR N 45 -9.13 22.13 -32.70
N HIS N 46 -10.00 21.38 -32.03
CA HIS N 46 -9.96 19.95 -32.20
CA HIS N 46 -10.07 19.94 -32.18
C HIS N 46 -10.37 19.56 -33.62
N GLU N 47 -11.27 20.32 -34.26
CA GLU N 47 -11.56 20.05 -35.67
C GLU N 47 -10.33 20.29 -36.56
N SER N 48 -9.57 21.35 -36.29
CA SER N 48 -8.31 21.64 -36.99
C SER N 48 -7.33 20.48 -36.82
N ILE N 49 -7.18 19.97 -35.59
CA ILE N 49 -6.32 18.82 -35.33
C ILE N 49 -6.77 17.63 -36.16
N ASP N 50 -8.09 17.37 -36.22
CA ASP N 50 -8.60 16.27 -37.04
C ASP N 50 -8.12 16.39 -38.48
N GLU N 51 -8.16 17.61 -39.04
CA GLU N 51 -7.73 17.78 -40.42
C GLU N 51 -6.22 17.58 -40.57
N MET N 52 -5.45 18.00 -39.58
CA MET N 52 -4.01 17.73 -39.60
C MET N 52 -3.72 16.23 -39.64
N LYS N 53 -4.50 15.45 -38.91
CA LYS N 53 -4.34 14.00 -38.96
C LYS N 53 -4.74 13.44 -40.32
N HIS N 54 -5.80 13.97 -40.94
CA HIS N 54 -6.15 13.52 -42.28
C HIS N 54 -5.02 13.83 -43.25
N ALA N 55 -4.45 15.03 -43.13
CA ALA N 55 -3.35 15.41 -44.01
C ALA N 55 -2.18 14.47 -43.86
N ASP N 56 -1.81 14.17 -42.61
CA ASP N 56 -0.71 13.23 -42.34
C ASP N 56 -0.93 11.91 -43.03
N LYS N 57 -2.14 11.34 -42.92
CA LYS N 57 -2.38 10.04 -43.51
C LYS N 57 -2.29 10.09 -45.03
N LEU N 58 -2.79 11.17 -45.64
CA LEU N 58 -2.72 11.29 -47.10
C LEU N 58 -1.27 11.46 -47.56
N ILE N 59 -0.52 12.29 -46.86
CA ILE N 59 0.90 12.48 -47.19
C ILE N 59 1.63 11.15 -47.15
N GLU N 60 1.38 10.35 -46.10
CA GLU N 60 2.08 9.07 -45.95
C GLU N 60 1.72 8.10 -47.06
N ARG N 61 0.42 8.05 -47.41
CA ARG N 61 -0.03 7.18 -48.50
C ARG N 61 0.53 7.63 -49.84
N ILE N 62 0.52 8.93 -50.12
CA ILE N 62 1.07 9.43 -51.38
C ILE N 62 2.52 9.01 -51.53
N LEU N 63 3.30 9.16 -50.45
CA LEU N 63 4.71 8.79 -50.49
C LEU N 63 4.91 7.30 -50.70
N PHE N 64 4.13 6.48 -50.00
CA PHE N 64 4.21 5.05 -50.22
C PHE N 64 3.94 4.69 -51.69
N LEU N 65 3.02 5.41 -52.33
CA LEU N 65 2.65 5.13 -53.71
C LEU N 65 3.60 5.77 -54.69
N GLU N 66 4.66 6.41 -54.20
CA GLU N 66 5.74 7.01 -54.97
C GLU N 66 5.31 8.29 -55.68
N GLY N 67 4.29 8.97 -55.18
CA GLY N 67 3.96 10.31 -55.63
C GLY N 67 4.63 11.36 -54.80
N ALA N 68 4.41 12.60 -55.19
CA ALA N 68 4.96 13.77 -54.53
C ALA N 68 3.84 14.54 -53.84
N PRO N 69 3.80 14.58 -52.50
CA PRO N 69 2.75 15.35 -51.83
C PRO N 69 2.89 16.83 -52.13
N ASN N 70 1.76 17.45 -52.46
CA ASN N 70 1.70 18.89 -52.76
C ASN N 70 1.22 19.63 -51.52
N LEU N 71 2.15 20.26 -50.81
CA LEU N 71 1.81 21.13 -49.70
C LEU N 71 2.01 22.58 -50.06
N GLN N 72 2.31 22.85 -51.34
CA GLN N 72 2.61 24.20 -51.80
C GLN N 72 1.36 25.02 -52.10
N ASP N 73 0.34 24.39 -52.67
CA ASP N 73 -0.80 25.11 -53.25
C ASP N 73 -1.90 25.16 -52.21
N LEU N 74 -2.17 26.35 -51.72
CA LEU N 74 -3.19 26.54 -50.69
C LEU N 74 -4.35 27.28 -51.34
N GLY N 75 -5.51 26.64 -51.37
CA GLY N 75 -6.69 27.27 -51.90
C GLY N 75 -7.25 28.33 -50.96
N LYS N 76 -8.41 28.85 -51.32
CA LYS N 76 -8.98 30.03 -50.68
C LYS N 76 -9.57 29.69 -49.31
N LEU N 77 -9.09 30.35 -48.28
CA LEU N 77 -9.73 30.27 -46.97
C LEU N 77 -11.04 31.03 -46.98
N LEU N 78 -12.04 30.49 -46.31
CA LEU N 78 -13.32 31.19 -46.10
C LEU N 78 -13.34 31.59 -44.63
N ILE N 79 -12.90 32.82 -44.33
CA ILE N 79 -12.88 33.35 -42.97
C ILE N 79 -14.15 34.16 -42.77
N GLY N 80 -14.94 33.79 -41.78
CA GLY N 80 -16.14 34.51 -41.49
C GLY N 80 -15.90 35.67 -40.53
N ALA N 81 -16.86 36.58 -40.46
CA ALA N 81 -16.76 37.76 -39.61
C ALA N 81 -17.36 37.57 -38.22
N ASN N 82 -18.25 36.59 -38.03
CA ASN N 82 -18.89 36.32 -36.75
C ASN N 82 -19.25 34.83 -36.69
N THR N 83 -19.78 34.39 -35.53
CA THR N 83 -19.95 32.97 -35.25
C THR N 83 -20.79 32.29 -36.33
N GLN N 84 -21.94 32.88 -36.67
CA GLN N 84 -22.86 32.28 -37.64
C GLN N 84 -22.18 32.11 -39.00
N GLU N 85 -21.51 33.16 -39.45
CA GLU N 85 -20.75 33.12 -40.69
C GLU N 85 -19.59 32.15 -40.63
N MET N 86 -18.88 32.10 -39.51
CA MET N 86 -17.77 31.17 -39.41
C MET N 86 -18.25 29.72 -39.52
N LEU N 87 -19.32 29.36 -38.79
CA LEU N 87 -19.85 28.00 -38.90
C LEU N 87 -20.28 27.68 -40.34
N GLN N 88 -20.89 28.65 -41.02
CA GLN N 88 -21.36 28.40 -42.39
C GLN N 88 -20.19 28.30 -43.36
N CYS N 89 -19.13 29.12 -43.16
CA CYS N 89 -17.92 28.97 -43.94
C CYS N 89 -17.32 27.56 -43.81
N ASP N 90 -17.21 27.07 -42.58
CA ASP N 90 -16.75 25.69 -42.36
C ASP N 90 -17.67 24.68 -43.06
N LEU N 91 -18.98 24.89 -42.98
CA LEU N 91 -19.91 23.91 -43.57
C LEU N 91 -19.75 23.86 -45.07
N ASN N 92 -19.61 25.03 -45.70
CA ASN N 92 -19.43 25.11 -47.15
C ASN N 92 -18.16 24.38 -47.59
N LEU N 93 -17.07 24.56 -46.83
CA LEU N 93 -15.82 23.87 -47.13
C LEU N 93 -15.96 22.36 -46.97
N GLU N 94 -16.55 21.91 -45.85
CA GLU N 94 -16.81 20.48 -45.68
C GLU N 94 -17.61 19.89 -46.84
N LEU N 95 -18.64 20.63 -47.30
CA LEU N 95 -19.48 20.08 -48.36
C LEU N 95 -18.73 19.98 -49.69
N LYS N 96 -17.93 21.00 -50.03
CA LYS N 96 -17.06 20.89 -51.20
C LYS N 96 -16.10 19.71 -51.07
N ALA N 97 -15.57 19.47 -49.87
CA ALA N 97 -14.56 18.44 -49.71
C ALA N 97 -15.15 17.04 -49.78
N THR N 98 -16.39 16.85 -49.33
CA THR N 98 -16.97 15.52 -49.46
C THR N 98 -17.24 15.18 -50.93
N LYS N 99 -17.54 16.17 -51.76
CA LYS N 99 -17.69 15.91 -53.19
C LYS N 99 -16.40 15.40 -53.82
N ASP N 100 -15.27 16.01 -53.48
CA ASP N 100 -14.00 15.50 -53.99
C ASP N 100 -13.66 14.13 -53.42
N LEU N 101 -14.02 13.90 -52.15
CA LEU N 101 -13.79 12.58 -51.56
C LEU N 101 -14.58 11.52 -52.30
N ARG N 102 -15.82 11.82 -52.69
CA ARG N 102 -16.63 10.78 -53.33
C ARG N 102 -16.09 10.45 -54.71
N GLU N 103 -15.59 11.44 -55.46
CA GLU N 103 -15.08 11.15 -56.80
C GLU N 103 -13.77 10.39 -56.71
N ALA N 104 -12.94 10.73 -55.72
CA ALA N 104 -11.71 10.00 -55.46
C ALA N 104 -11.99 8.52 -55.16
N ILE N 105 -12.98 8.25 -54.30
CA ILE N 105 -13.33 6.87 -53.97
C ILE N 105 -13.75 6.12 -55.23
N VAL N 106 -14.56 6.75 -56.07
CA VAL N 106 -14.99 6.12 -57.32
C VAL N 106 -13.77 5.71 -58.14
N HIS N 107 -12.78 6.60 -58.23
CA HIS N 107 -11.60 6.28 -59.01
C HIS N 107 -10.77 5.17 -58.36
N CYS N 108 -10.64 5.17 -57.03
CA CYS N 108 -9.89 4.09 -56.38
C CYS N 108 -10.50 2.75 -56.70
N GLU N 109 -11.83 2.68 -56.63
CA GLU N 109 -12.55 1.43 -56.89
C GLU N 109 -12.32 0.97 -58.31
N GLN N 110 -12.28 1.92 -59.24
CA GLN N 110 -12.13 1.64 -60.66
C GLN N 110 -10.80 0.95 -60.96
N VAL N 111 -9.72 1.36 -60.31
CA VAL N 111 -8.42 0.77 -60.58
C VAL N 111 -8.00 -0.20 -59.49
N HIS N 112 -8.92 -0.58 -58.60
CA HIS N 112 -8.70 -1.62 -57.60
C HIS N 112 -7.72 -1.21 -56.50
N ASP N 113 -7.55 0.09 -56.23
CA ASP N 113 -6.74 0.57 -55.10
C ASP N 113 -7.65 0.63 -53.87
N TYR N 114 -7.93 -0.55 -53.35
CA TYR N 114 -8.88 -0.70 -52.27
C TYR N 114 -8.34 -0.16 -50.95
N VAL N 115 -7.02 -0.10 -50.77
CA VAL N 115 -6.50 0.43 -49.52
C VAL N 115 -6.65 1.94 -49.51
N SER N 116 -6.38 2.59 -50.64
CA SER N 116 -6.63 4.02 -50.72
C SER N 116 -8.11 4.32 -50.53
N ARG N 117 -8.99 3.51 -51.15
CA ARG N 117 -10.42 3.72 -50.96
C ARG N 117 -10.79 3.65 -49.49
N ASP N 118 -10.22 2.68 -48.77
CA ASP N 118 -10.55 2.52 -47.35
C ASP N 118 -10.07 3.71 -46.53
N LEU N 119 -8.89 4.25 -46.86
CA LEU N 119 -8.41 5.46 -46.21
C LEU N 119 -9.36 6.63 -46.46
N LEU N 120 -9.77 6.83 -47.73
CA LEU N 120 -10.65 7.94 -48.07
C LEU N 120 -12.01 7.79 -47.42
N LYS N 121 -12.52 6.56 -47.31
CA LYS N 121 -13.77 6.31 -46.61
C LYS N 121 -13.68 6.67 -45.12
N ASP N 122 -12.55 6.39 -44.47
CA ASP N 122 -12.40 6.80 -43.08
C ASP N 122 -12.35 8.32 -42.96
N ILE N 123 -11.67 9.01 -43.88
CA ILE N 123 -11.71 10.47 -43.84
C ILE N 123 -13.14 10.97 -44.07
N LEU N 124 -13.82 10.40 -45.06
CA LEU N 124 -15.19 10.83 -45.36
C LEU N 124 -16.10 10.68 -44.14
N GLU N 125 -15.94 9.59 -43.40
CA GLU N 125 -16.72 9.39 -42.19
C GLU N 125 -16.47 10.50 -41.19
N SER N 126 -15.20 10.91 -41.02
CA SER N 126 -14.89 12.05 -40.18
CA SER N 126 -14.88 12.06 -40.18
C SER N 126 -15.51 13.33 -40.72
N GLU N 127 -15.43 13.56 -42.03
CA GLU N 127 -16.01 14.79 -42.57
C GLU N 127 -17.52 14.84 -42.38
N GLU N 128 -18.21 13.69 -42.50
CA GLU N 128 -19.65 13.72 -42.30
C GLU N 128 -20.00 14.01 -40.85
N GLU N 129 -19.19 13.53 -39.91
CA GLU N 129 -19.33 13.95 -38.52
C GLU N 129 -19.13 15.45 -38.37
N HIS N 130 -18.10 16.02 -39.02
CA HIS N 130 -17.88 17.46 -38.99
C HIS N 130 -19.13 18.21 -39.49
N ILE N 131 -19.71 17.74 -40.58
CA ILE N 131 -20.90 18.37 -41.15
C ILE N 131 -22.04 18.30 -40.15
N ASP N 132 -22.16 17.16 -39.46
CA ASP N 132 -23.20 17.00 -38.46
C ASP N 132 -23.03 18.03 -37.35
N TYR N 133 -21.82 18.15 -36.83
CA TYR N 133 -21.57 19.15 -35.80
C TYR N 133 -21.95 20.56 -36.28
N LEU N 134 -21.51 20.94 -37.48
CA LEU N 134 -21.75 22.30 -37.95
C LEU N 134 -23.23 22.54 -38.20
N GLU N 135 -23.90 21.60 -38.87
CA GLU N 135 -25.32 21.79 -39.12
C GLU N 135 -26.07 21.87 -37.80
N THR N 136 -25.66 21.05 -36.83
CA THR N 136 -26.35 21.03 -35.54
C THR N 136 -26.16 22.36 -34.81
N GLN N 137 -24.97 22.97 -34.92
CA GLN N 137 -24.73 24.25 -34.24
C GLN N 137 -25.59 25.36 -34.87
N LEU N 138 -25.67 25.39 -36.19
CA LEU N 138 -26.52 26.39 -36.87
C LEU N 138 -27.97 26.21 -36.49
N GLY N 139 -28.43 24.96 -36.39
CA GLY N 139 -29.79 24.71 -35.93
C GLY N 139 -30.02 25.14 -34.49
N LEU N 140 -29.01 24.99 -33.63
CA LEU N 140 -29.18 25.35 -32.24
C LEU N 140 -29.26 26.86 -32.07
N ILE N 141 -28.51 27.62 -32.87
CA ILE N 141 -28.65 29.07 -32.90
C ILE N 141 -30.11 29.45 -33.15
N GLN N 142 -30.77 28.77 -34.07
CA GLN N 142 -32.17 29.06 -34.34
C GLN N 142 -33.07 28.64 -33.17
N LYS N 143 -32.75 27.55 -32.49
CA LYS N 143 -33.63 27.07 -31.43
C LYS N 143 -33.45 27.86 -30.13
N VAL N 144 -32.22 28.15 -29.72
CA VAL N 144 -32.02 28.82 -28.45
C VAL N 144 -31.80 30.30 -28.60
N GLY N 145 -31.66 30.81 -29.82
CA GLY N 145 -31.27 32.19 -30.08
C GLY N 145 -29.76 32.39 -30.02
N LEU N 146 -29.29 33.38 -30.77
CA LEU N 146 -27.86 33.57 -30.91
C LEU N 146 -27.20 33.97 -29.58
N GLU N 147 -27.82 34.88 -28.82
CA GLU N 147 -27.20 35.34 -27.58
C GLU N 147 -27.02 34.21 -26.58
N ASN N 148 -28.06 33.37 -26.38
CA ASN N 148 -27.94 32.17 -25.54
C ASN N 148 -26.88 31.21 -26.07
N TYR N 149 -26.88 30.96 -27.38
CA TYR N 149 -25.90 30.03 -27.92
C TYR N 149 -24.47 30.49 -27.58
N LEU N 150 -24.16 31.76 -27.85
CA LEU N 150 -22.83 32.27 -27.53
C LEU N 150 -22.58 32.19 -26.02
N GLN N 151 -23.57 32.55 -25.21
CA GLN N 151 -23.39 32.46 -23.76
C GLN N 151 -22.96 31.07 -23.36
N SER N 152 -23.59 30.06 -23.97
CA SER N 152 -23.33 28.68 -23.62
C SER N 152 -21.96 28.21 -24.07
N HIS N 153 -21.28 28.99 -24.91
CA HIS N 153 -19.98 28.61 -25.41
C HIS N 153 -18.89 29.59 -24.97
N MET N 154 -19.17 30.41 -23.94
CA MET N 154 -18.15 31.28 -23.36
C MET N 154 -17.13 30.50 -22.53
N HIS N 155 -17.62 29.66 -21.63
CA HIS N 155 -16.80 28.98 -20.64
C HIS N 155 -16.69 27.50 -20.97
N GLU N 156 -15.50 26.96 -20.81
CA GLU N 156 -15.28 25.51 -20.96
C GLU N 156 -15.73 24.73 -19.74
N MET O 1 28.77 -25.77 -37.81
CA MET O 1 29.49 -27.05 -37.55
C MET O 1 28.97 -28.12 -38.52
N LYS O 2 29.87 -28.73 -39.30
CA LYS O 2 29.40 -29.62 -40.37
C LYS O 2 28.84 -30.90 -39.76
N GLY O 3 27.55 -31.16 -40.00
CA GLY O 3 26.92 -32.35 -39.50
C GLY O 3 26.99 -33.50 -40.50
N ASP O 4 26.58 -34.67 -40.04
CA ASP O 4 26.57 -35.85 -40.88
C ASP O 4 25.42 -35.76 -41.87
N LYS O 5 25.72 -35.95 -43.17
CA LYS O 5 24.70 -35.76 -44.21
C LYS O 5 23.48 -36.67 -44.01
N LYS O 6 23.67 -37.89 -43.53
CA LYS O 6 22.51 -38.74 -43.33
C LYS O 6 21.71 -38.34 -42.08
N VAL O 7 22.36 -37.78 -41.07
CA VAL O 7 21.61 -37.19 -39.96
C VAL O 7 20.76 -36.04 -40.45
N ILE O 8 21.36 -35.14 -41.24
CA ILE O 8 20.61 -34.02 -41.78
C ILE O 8 19.44 -34.52 -42.62
N GLN O 9 19.65 -35.60 -43.41
CA GLN O 9 18.50 -36.17 -44.13
C GLN O 9 17.41 -36.65 -43.18
N HIS O 10 17.79 -37.35 -42.10
CA HIS O 10 16.81 -37.77 -41.11
C HIS O 10 16.06 -36.57 -40.53
N LEU O 11 16.79 -35.54 -40.13
CA LEU O 11 16.16 -34.35 -39.56
C LEU O 11 15.17 -33.73 -40.56
N ASN O 12 15.58 -33.61 -41.83
CA ASN O 12 14.64 -33.14 -42.84
C ASN O 12 13.43 -34.05 -42.96
N LYS O 13 13.61 -35.36 -42.75
CA LYS O 13 12.44 -36.22 -42.82
C LYS O 13 11.51 -36.00 -41.63
N ILE O 14 12.07 -35.92 -40.41
CA ILE O 14 11.23 -35.60 -39.26
C ILE O 14 10.48 -34.29 -39.52
N LEU O 15 11.21 -33.29 -40.03
CA LEU O 15 10.61 -31.99 -40.31
C LEU O 15 9.44 -32.12 -41.28
N GLY O 16 9.60 -32.93 -42.32
CA GLY O 16 8.49 -33.21 -43.21
C GLY O 16 7.26 -33.70 -42.49
N ASN O 17 7.43 -34.57 -41.49
CA ASN O 17 6.28 -35.05 -40.74
C ASN O 17 5.66 -33.94 -39.89
N GLU O 18 6.49 -33.09 -39.29
CA GLU O 18 5.95 -31.97 -38.51
C GLU O 18 5.09 -31.07 -39.39
N LEU O 19 5.54 -30.80 -40.61
CA LEU O 19 4.81 -29.89 -41.49
C LEU O 19 3.44 -30.45 -41.86
N ILE O 20 3.34 -31.75 -42.02
CA ILE O 20 2.03 -32.37 -42.27
C ILE O 20 1.13 -32.15 -41.06
N ALA O 21 1.64 -32.50 -39.88
CA ALA O 21 0.85 -32.45 -38.67
C ALA O 21 0.41 -31.03 -38.35
N ILE O 22 1.29 -30.03 -38.51
CA ILE O 22 0.88 -28.63 -38.36
C ILE O 22 -0.42 -28.37 -39.12
N ASN O 23 -0.41 -28.62 -40.43
CA ASN O 23 -1.57 -28.27 -41.25
C ASN O 23 -2.77 -29.14 -40.93
N GLN O 24 -2.54 -30.44 -40.75
CA GLN O 24 -3.65 -31.33 -40.45
C GLN O 24 -4.31 -30.98 -39.12
N TYR O 25 -3.51 -30.68 -38.09
CA TYR O 25 -4.10 -30.38 -36.79
C TYR O 25 -4.75 -29.02 -36.81
N PHE O 26 -4.17 -28.07 -37.53
CA PHE O 26 -4.79 -26.75 -37.61
C PHE O 26 -6.16 -26.84 -38.30
N LEU O 27 -6.22 -27.52 -39.44
CA LEU O 27 -7.50 -27.67 -40.13
C LEU O 27 -8.50 -28.39 -39.24
N HIS O 28 -8.10 -29.51 -38.60
CA HIS O 28 -9.03 -30.21 -37.73
C HIS O 28 -9.53 -29.31 -36.62
N SER O 29 -8.62 -28.53 -36.03
CA SER O 29 -9.01 -27.59 -34.97
C SER O 29 -10.09 -26.63 -35.45
N ARG O 30 -9.91 -26.04 -36.63
CA ARG O 30 -10.87 -25.06 -37.13
C ARG O 30 -12.16 -25.73 -37.60
N MET O 31 -12.11 -26.99 -38.03
CA MET O 31 -13.33 -27.72 -38.33
C MET O 31 -14.13 -27.94 -37.06
N TRP O 32 -13.48 -28.37 -35.98
CA TRP O 32 -14.19 -28.51 -34.71
C TRP O 32 -14.73 -27.16 -34.21
N ASN O 33 -13.93 -26.10 -34.31
CA ASN O 33 -14.45 -24.79 -33.91
C ASN O 33 -15.67 -24.46 -34.76
N ASP O 34 -15.59 -24.74 -36.05
CA ASP O 34 -16.70 -24.41 -36.94
C ASP O 34 -17.98 -25.12 -36.53
N TRP O 35 -17.87 -26.33 -35.95
CA TRP O 35 -19.02 -27.14 -35.59
C TRP O 35 -19.58 -26.81 -34.21
N GLY O 36 -18.93 -25.91 -33.48
CA GLY O 36 -19.32 -25.60 -32.12
C GLY O 36 -18.67 -26.48 -31.07
N LEU O 37 -17.69 -27.29 -31.45
CA LEU O 37 -17.00 -28.19 -30.53
C LEU O 37 -15.69 -27.53 -30.10
N LYS O 38 -15.86 -26.46 -29.34
CA LYS O 38 -14.78 -25.51 -29.11
C LYS O 38 -13.70 -26.08 -28.23
N ARG O 39 -14.04 -27.04 -27.37
CA ARG O 39 -13.02 -27.60 -26.48
C ARG O 39 -12.11 -28.57 -27.23
N LEU O 40 -12.69 -29.41 -28.07
CA LEU O 40 -11.87 -30.16 -29.02
C LEU O 40 -11.07 -29.21 -29.90
N GLY O 41 -11.70 -28.13 -30.36
CA GLY O 41 -11.02 -27.22 -31.26
C GLY O 41 -9.82 -26.59 -30.60
N ALA O 42 -9.97 -26.17 -29.33
CA ALA O 42 -8.87 -25.52 -28.65
C ALA O 42 -7.74 -26.51 -28.38
N HIS O 43 -8.07 -27.74 -28.00
CA HIS O 43 -7.02 -28.71 -27.76
C HIS O 43 -6.28 -29.06 -29.04
N GLU O 44 -6.99 -29.16 -30.17
CA GLU O 44 -6.31 -29.49 -31.41
C GLU O 44 -5.42 -28.34 -31.83
N TYR O 45 -5.84 -27.11 -31.55
CA TYR O 45 -5.00 -25.96 -31.86
C TYR O 45 -3.68 -26.03 -31.10
N HIS O 46 -3.71 -26.42 -29.81
CA HIS O 46 -2.48 -26.53 -29.05
C HIS O 46 -1.60 -27.69 -29.55
N GLU O 47 -2.21 -28.78 -29.98
CA GLU O 47 -1.42 -29.82 -30.66
C GLU O 47 -0.69 -29.22 -31.86
N SER O 48 -1.38 -28.40 -32.66
CA SER O 48 -0.76 -27.78 -33.83
C SER O 48 0.43 -26.90 -33.43
N ILE O 49 0.25 -26.05 -32.43
CA ILE O 49 1.33 -25.19 -31.96
C ILE O 49 2.53 -26.01 -31.50
N ASP O 50 2.29 -27.16 -30.85
CA ASP O 50 3.39 -28.05 -30.47
C ASP O 50 4.20 -28.47 -31.69
N GLU O 51 3.52 -28.86 -32.75
CA GLU O 51 4.20 -29.31 -33.96
C GLU O 51 4.97 -28.15 -34.58
N MET O 52 4.40 -26.94 -34.53
CA MET O 52 5.13 -25.76 -34.98
C MET O 52 6.40 -25.53 -34.19
N LYS O 53 6.36 -25.74 -32.87
CA LYS O 53 7.59 -25.64 -32.07
C LYS O 53 8.58 -26.77 -32.41
N HIS O 54 8.09 -27.97 -32.69
CA HIS O 54 9.01 -29.02 -33.12
C HIS O 54 9.71 -28.65 -34.41
N ALA O 55 8.94 -28.19 -35.40
CA ALA O 55 9.51 -27.79 -36.69
C ALA O 55 10.58 -26.72 -36.49
N ASP O 56 10.31 -25.74 -35.62
CA ASP O 56 11.26 -24.65 -35.40
C ASP O 56 12.60 -25.20 -34.90
N LYS O 57 12.56 -26.11 -33.91
CA LYS O 57 13.78 -26.66 -33.36
C LYS O 57 14.56 -27.45 -34.40
N LEU O 58 13.84 -28.26 -35.20
CA LEU O 58 14.48 -29.00 -36.29
C LEU O 58 15.15 -28.06 -37.28
N ILE O 59 14.41 -27.04 -37.73
CA ILE O 59 14.97 -26.08 -38.69
C ILE O 59 16.25 -25.47 -38.15
N GLU O 60 16.25 -25.09 -36.87
CA GLU O 60 17.43 -24.44 -36.28
C GLU O 60 18.61 -25.41 -36.20
N ARG O 61 18.34 -26.67 -35.83
CA ARG O 61 19.39 -27.69 -35.78
C ARG O 61 19.98 -27.94 -37.17
N ILE O 62 19.12 -28.12 -38.18
CA ILE O 62 19.60 -28.37 -39.54
C ILE O 62 20.50 -27.23 -39.99
N LEU O 63 20.11 -25.97 -39.74
CA LEU O 63 20.92 -24.84 -40.16
C LEU O 63 22.25 -24.82 -39.43
N PHE O 64 22.25 -25.05 -38.11
CA PHE O 64 23.51 -25.10 -37.37
C PHE O 64 24.43 -26.16 -37.96
N LEU O 65 23.87 -27.31 -38.34
CA LEU O 65 24.68 -28.37 -38.93
C LEU O 65 25.01 -28.11 -40.39
N GLU O 66 24.69 -26.92 -40.89
CA GLU O 66 25.06 -26.48 -42.24
C GLU O 66 24.30 -27.24 -43.30
N GLY O 67 23.08 -27.68 -42.98
CA GLY O 67 22.18 -28.26 -43.95
C GLY O 67 21.15 -27.26 -44.46
N ALA O 68 20.29 -27.76 -45.35
CA ALA O 68 19.26 -26.94 -45.98
C ALA O 68 17.90 -27.44 -45.54
N PRO O 69 17.19 -26.73 -44.66
CA PRO O 69 15.87 -27.20 -44.25
C PRO O 69 14.93 -27.25 -45.44
N ASN O 70 14.19 -28.34 -45.54
CA ASN O 70 13.23 -28.55 -46.61
C ASN O 70 11.82 -28.25 -46.10
N LEU O 71 11.31 -27.05 -46.41
CA LEU O 71 9.93 -26.70 -46.13
C LEU O 71 9.04 -26.75 -47.37
N GLN O 72 9.56 -27.24 -48.49
CA GLN O 72 8.88 -27.23 -49.77
C GLN O 72 8.01 -28.44 -49.99
N ASP O 73 8.45 -29.61 -49.52
CA ASP O 73 7.77 -30.86 -49.84
C ASP O 73 6.78 -31.21 -48.74
N LEU O 74 5.50 -30.98 -49.01
CA LEU O 74 4.46 -31.25 -48.05
C LEU O 74 3.81 -32.58 -48.39
N GLY O 75 3.88 -33.53 -47.46
CA GLY O 75 3.24 -34.81 -47.64
C GLY O 75 1.74 -34.73 -47.44
N LYS O 76 1.12 -35.91 -47.39
CA LYS O 76 -0.33 -36.01 -47.52
C LYS O 76 -1.01 -35.74 -46.17
N LEU O 77 -1.92 -34.77 -46.16
CA LEU O 77 -2.77 -34.56 -44.99
C LEU O 77 -3.81 -35.66 -44.92
N LEU O 78 -4.11 -36.12 -43.71
CA LEU O 78 -5.19 -37.08 -43.46
C LEU O 78 -6.29 -36.31 -42.74
N ILE O 79 -7.32 -35.93 -43.49
CA ILE O 79 -8.41 -35.11 -42.97
C ILE O 79 -9.62 -36.00 -42.79
N GLY O 80 -10.16 -36.02 -41.57
CA GLY O 80 -11.36 -36.79 -41.32
C GLY O 80 -12.62 -36.02 -41.63
N ALA O 81 -13.74 -36.75 -41.72
CA ALA O 81 -15.03 -36.15 -41.97
C ALA O 81 -15.84 -35.95 -40.70
N ASN O 82 -15.46 -36.57 -39.59
CA ASN O 82 -16.16 -36.42 -38.33
C ASN O 82 -15.17 -36.68 -37.20
N THR O 83 -15.65 -36.57 -35.96
CA THR O 83 -14.75 -36.49 -34.80
C THR O 83 -13.96 -37.78 -34.64
N GLN O 84 -14.64 -38.93 -34.70
CA GLN O 84 -13.94 -40.21 -34.60
C GLN O 84 -12.92 -40.37 -35.71
N GLU O 85 -13.26 -40.00 -36.94
CA GLU O 85 -12.30 -40.13 -38.04
C GLU O 85 -11.12 -39.19 -37.86
N MET O 86 -11.38 -37.95 -37.44
CA MET O 86 -10.30 -36.96 -37.30
C MET O 86 -9.31 -37.39 -36.23
N LEU O 87 -9.80 -37.93 -35.11
CA LEU O 87 -8.91 -38.41 -34.07
C LEU O 87 -8.06 -39.59 -34.55
N GLN O 88 -8.68 -40.54 -35.24
CA GLN O 88 -7.95 -41.69 -35.81
C GLN O 88 -6.94 -41.23 -36.86
N CYS O 89 -7.32 -40.27 -37.69
CA CYS O 89 -6.37 -39.72 -38.65
C CYS O 89 -5.15 -39.15 -37.94
N ASP O 90 -5.36 -38.39 -36.86
CA ASP O 90 -4.23 -37.82 -36.12
C ASP O 90 -3.36 -38.93 -35.55
N LEU O 91 -3.99 -39.97 -35.00
CA LEU O 91 -3.27 -41.08 -34.40
C LEU O 91 -2.44 -41.82 -35.45
N ASN O 92 -3.05 -42.16 -36.60
CA ASN O 92 -2.29 -42.74 -37.69
C ASN O 92 -1.05 -41.91 -38.01
N LEU O 93 -1.22 -40.58 -38.10
CA LEU O 93 -0.07 -39.75 -38.42
C LEU O 93 0.99 -39.83 -37.32
N GLU O 94 0.57 -39.79 -36.06
CA GLU O 94 1.54 -39.80 -34.96
C GLU O 94 2.31 -41.13 -34.91
N LEU O 95 1.62 -42.26 -35.07
CA LEU O 95 2.31 -43.55 -35.08
C LEU O 95 3.31 -43.64 -36.23
N LYS O 96 2.95 -43.13 -37.40
CA LYS O 96 3.91 -43.12 -38.50
C LYS O 96 5.11 -42.23 -38.17
N ALA O 97 4.88 -41.10 -37.51
CA ALA O 97 5.98 -40.18 -37.19
C ALA O 97 6.93 -40.75 -36.14
N THR O 98 6.42 -41.47 -35.15
CA THR O 98 7.31 -41.98 -34.12
C THR O 98 8.22 -43.05 -34.68
N LYS O 99 7.77 -43.81 -35.67
CA LYS O 99 8.64 -44.79 -36.31
C LYS O 99 9.83 -44.10 -36.99
N ASP O 100 9.59 -42.99 -37.66
CA ASP O 100 10.70 -42.26 -38.26
C ASP O 100 11.61 -41.65 -37.19
N LEU O 101 11.04 -41.23 -36.05
CA LEU O 101 11.89 -40.63 -35.02
C LEU O 101 12.85 -41.65 -34.45
N ARG O 102 12.36 -42.88 -34.24
CA ARG O 102 13.22 -43.93 -33.67
C ARG O 102 14.39 -44.22 -34.59
N GLU O 103 14.13 -44.37 -35.91
CA GLU O 103 15.20 -44.58 -36.87
C GLU O 103 16.20 -43.43 -36.89
N ALA O 104 15.71 -42.18 -36.79
CA ALA O 104 16.65 -41.06 -36.78
C ALA O 104 17.54 -41.11 -35.54
N ILE O 105 16.96 -41.49 -34.39
CA ILE O 105 17.73 -41.58 -33.15
C ILE O 105 18.80 -42.67 -33.26
N VAL O 106 18.44 -43.84 -33.81
CA VAL O 106 19.42 -44.89 -34.06
C VAL O 106 20.61 -44.33 -34.81
N HIS O 107 20.34 -43.56 -35.86
CA HIS O 107 21.44 -43.05 -36.69
C HIS O 107 22.29 -42.03 -35.95
N CYS O 108 21.66 -41.07 -35.26
CA CYS O 108 22.41 -40.13 -34.44
C CYS O 108 23.34 -40.85 -33.47
N GLU O 109 22.84 -41.88 -32.82
CA GLU O 109 23.65 -42.63 -31.86
C GLU O 109 24.85 -43.25 -32.55
N GLN O 110 24.63 -43.77 -33.75
CA GLN O 110 25.66 -44.47 -34.50
C GLN O 110 26.80 -43.54 -34.90
N VAL O 111 26.50 -42.29 -35.27
CA VAL O 111 27.55 -41.37 -35.67
C VAL O 111 27.91 -40.39 -34.56
N HIS O 112 27.45 -40.64 -33.33
CA HIS O 112 27.84 -39.90 -32.15
C HIS O 112 27.30 -38.47 -32.11
N ASP O 113 26.20 -38.20 -32.83
CA ASP O 113 25.55 -36.88 -32.76
C ASP O 113 24.54 -36.92 -31.60
N TYR O 114 25.08 -36.79 -30.40
CA TYR O 114 24.27 -37.01 -29.20
C TYR O 114 23.33 -35.82 -28.90
N VAL O 115 23.66 -34.62 -29.39
CA VAL O 115 22.78 -33.47 -29.21
C VAL O 115 21.55 -33.59 -30.09
N SER O 116 21.72 -33.98 -31.36
CA SER O 116 20.56 -34.25 -32.19
C SER O 116 19.74 -35.41 -31.65
N ARG O 117 20.40 -36.43 -31.11
CA ARG O 117 19.66 -37.52 -30.47
C ARG O 117 18.78 -36.97 -29.35
N ASP O 118 19.34 -36.07 -28.54
CA ASP O 118 18.61 -35.52 -27.41
C ASP O 118 17.43 -34.66 -27.86
N LEU O 119 17.62 -33.84 -28.89
CA LEU O 119 16.51 -33.08 -29.47
C LEU O 119 15.41 -34.02 -29.94
N LEU O 120 15.78 -35.07 -30.68
CA LEU O 120 14.78 -35.98 -31.22
C LEU O 120 14.06 -36.75 -30.11
N LYS O 121 14.77 -37.10 -29.03
CA LYS O 121 14.12 -37.78 -27.92
C LYS O 121 13.08 -36.86 -27.26
N ASP O 122 13.42 -35.58 -27.08
CA ASP O 122 12.45 -34.60 -26.59
C ASP O 122 11.21 -34.55 -27.46
N ILE O 123 11.39 -34.53 -28.79
CA ILE O 123 10.24 -34.53 -29.69
C ILE O 123 9.46 -35.82 -29.52
N LEU O 124 10.17 -36.95 -29.43
CA LEU O 124 9.51 -38.25 -29.31
C LEU O 124 8.66 -38.32 -28.07
N GLU O 125 9.16 -37.78 -26.97
CA GLU O 125 8.41 -37.74 -25.72
C GLU O 125 7.11 -36.97 -25.92
N SER O 126 7.17 -35.83 -26.62
CA SER O 126 5.96 -35.07 -26.92
CA SER O 126 5.96 -35.08 -26.93
C SER O 126 5.00 -35.87 -27.81
N GLU O 127 5.53 -36.54 -28.86
CA GLU O 127 4.63 -37.32 -29.70
C GLU O 127 3.98 -38.45 -28.93
N GLU O 128 4.68 -39.08 -27.97
CA GLU O 128 4.02 -40.14 -27.22
C GLU O 128 2.93 -39.59 -26.32
N GLU O 129 3.11 -38.39 -25.78
CA GLU O 129 2.00 -37.70 -25.10
C GLU O 129 0.84 -37.44 -26.05
N HIS O 130 1.11 -37.02 -27.28
CA HIS O 130 0.01 -36.84 -28.24
C HIS O 130 -0.68 -38.17 -28.52
N ILE O 131 0.08 -39.26 -28.71
CA ILE O 131 -0.55 -40.57 -28.88
C ILE O 131 -1.43 -40.89 -27.70
N ASP O 132 -0.94 -40.63 -26.49
CA ASP O 132 -1.72 -40.93 -25.30
C ASP O 132 -3.03 -40.13 -25.29
N TYR O 133 -2.96 -38.85 -25.63
CA TYR O 133 -4.17 -38.02 -25.67
C TYR O 133 -5.16 -38.59 -26.67
N LEU O 134 -4.70 -38.92 -27.88
CA LEU O 134 -5.59 -39.40 -28.93
C LEU O 134 -6.21 -40.75 -28.58
N GLU O 135 -5.38 -41.74 -28.21
CA GLU O 135 -5.92 -43.03 -27.80
C GLU O 135 -6.94 -42.85 -26.70
N THR O 136 -6.65 -41.95 -25.76
CA THR O 136 -7.54 -41.77 -24.61
C THR O 136 -8.88 -41.19 -25.06
N GLN O 137 -8.88 -40.25 -26.01
CA GLN O 137 -10.15 -39.72 -26.50
C GLN O 137 -10.96 -40.80 -27.20
N LEU O 138 -10.30 -41.64 -28.00
CA LEU O 138 -11.05 -42.71 -28.66
C LEU O 138 -11.62 -43.68 -27.63
N GLY O 139 -10.85 -43.96 -26.56
CA GLY O 139 -11.36 -44.79 -25.49
C GLY O 139 -12.56 -44.19 -24.77
N LEU O 140 -12.54 -42.88 -24.55
CA LEU O 140 -13.64 -42.20 -23.86
C LEU O 140 -14.90 -42.22 -24.70
N ILE O 141 -14.78 -42.05 -26.03
CA ILE O 141 -15.96 -42.15 -26.89
C ILE O 141 -16.66 -43.50 -26.66
N GLN O 142 -15.89 -44.59 -26.57
CA GLN O 142 -16.48 -45.91 -26.31
C GLN O 142 -17.12 -45.97 -24.93
N LYS O 143 -16.51 -45.32 -23.92
CA LYS O 143 -16.98 -45.47 -22.55
C LYS O 143 -18.17 -44.57 -22.24
N VAL O 144 -18.18 -43.35 -22.75
CA VAL O 144 -19.26 -42.42 -22.42
C VAL O 144 -20.26 -42.28 -23.55
N GLY O 145 -19.98 -42.83 -24.73
CA GLY O 145 -20.79 -42.67 -25.92
C GLY O 145 -20.38 -41.45 -26.71
N LEU O 146 -20.61 -41.52 -28.02
CA LEU O 146 -20.17 -40.43 -28.90
C LEU O 146 -20.87 -39.12 -28.55
N GLU O 147 -22.19 -39.17 -28.34
CA GLU O 147 -22.98 -37.95 -28.14
C GLU O 147 -22.58 -37.25 -26.85
N ASN O 148 -22.43 -38.02 -25.77
CA ASN O 148 -21.96 -37.46 -24.52
C ASN O 148 -20.57 -36.88 -24.66
N TYR O 149 -19.68 -37.60 -25.35
CA TYR O 149 -18.31 -37.11 -25.51
C TYR O 149 -18.30 -35.77 -26.24
N LEU O 150 -19.07 -35.66 -27.33
CA LEU O 150 -19.13 -34.42 -28.08
C LEU O 150 -19.76 -33.30 -27.24
N GLN O 151 -20.83 -33.64 -26.51
CA GLN O 151 -21.46 -32.68 -25.61
C GLN O 151 -20.44 -32.11 -24.64
N SER O 152 -19.56 -32.95 -24.10
CA SER O 152 -18.58 -32.47 -23.12
C SER O 152 -17.48 -31.65 -23.75
N HIS O 153 -17.44 -31.56 -25.08
CA HIS O 153 -16.43 -30.75 -25.77
C HIS O 153 -17.05 -29.65 -26.61
N MET O 154 -18.31 -29.30 -26.33
CA MET O 154 -18.92 -28.13 -26.94
C MET O 154 -18.32 -26.86 -26.38
N HIS O 155 -18.35 -26.71 -25.06
CA HIS O 155 -17.97 -25.50 -24.35
C HIS O 155 -16.57 -25.63 -23.74
N GLU O 156 -15.87 -24.51 -23.66
CA GLU O 156 -14.58 -24.46 -22.99
C GLU O 156 -14.71 -24.28 -21.49
N MET P 1 -23.54 -21.27 -43.79
CA MET P 1 -24.16 -20.40 -44.85
C MET P 1 -23.54 -20.73 -46.19
N LYS P 2 -24.34 -21.03 -47.21
CA LYS P 2 -23.79 -21.49 -48.47
C LYS P 2 -23.21 -20.31 -49.24
N GLY P 3 -21.91 -20.34 -49.47
CA GLY P 3 -21.25 -19.27 -50.19
C GLY P 3 -21.15 -19.54 -51.68
N ASP P 4 -20.71 -18.51 -52.39
CA ASP P 4 -20.50 -18.60 -53.83
C ASP P 4 -19.28 -19.46 -54.15
N LYS P 5 -19.45 -20.42 -55.07
CA LYS P 5 -18.40 -21.38 -55.42
C LYS P 5 -17.11 -20.69 -55.90
N LYS P 6 -17.25 -19.68 -56.76
CA LYS P 6 -16.06 -19.00 -57.25
C LYS P 6 -15.42 -18.13 -56.15
N VAL P 7 -16.21 -17.63 -55.19
CA VAL P 7 -15.61 -16.88 -54.08
C VAL P 7 -14.77 -17.81 -53.25
N ILE P 8 -15.29 -19.00 -52.96
CA ILE P 8 -14.54 -19.99 -52.19
C ILE P 8 -13.27 -20.37 -52.93
N GLN P 9 -13.34 -20.52 -54.25
CA GLN P 9 -12.12 -20.81 -55.01
C GLN P 9 -11.11 -19.68 -54.84
N HIS P 10 -11.59 -18.44 -54.92
CA HIS P 10 -10.69 -17.32 -54.68
C HIS P 10 -10.06 -17.37 -53.29
N LEU P 11 -10.86 -17.66 -52.28
CA LEU P 11 -10.33 -17.70 -50.92
C LEU P 11 -9.28 -18.77 -50.77
N ASN P 12 -9.49 -19.94 -51.40
CA ASN P 12 -8.49 -21.00 -51.32
C ASN P 12 -7.24 -20.61 -52.06
N LYS P 13 -7.35 -19.74 -53.06
CA LYS P 13 -6.15 -19.29 -53.75
C LYS P 13 -5.35 -18.33 -52.89
N ILE P 14 -6.03 -17.41 -52.21
CA ILE P 14 -5.36 -16.54 -51.24
C ILE P 14 -4.70 -17.38 -50.16
N LEU P 15 -5.45 -18.33 -49.61
CA LEU P 15 -4.89 -19.21 -48.59
C LEU P 15 -3.61 -19.86 -49.10
N GLY P 16 -3.63 -20.35 -50.34
CA GLY P 16 -2.43 -20.95 -50.90
C GLY P 16 -1.22 -20.03 -50.90
N ASN P 17 -1.44 -18.73 -51.15
CA ASN P 17 -0.33 -17.78 -51.12
C ASN P 17 0.17 -17.57 -49.70
N GLU P 18 -0.76 -17.55 -48.73
CA GLU P 18 -0.40 -17.41 -47.32
C GLU P 18 0.48 -18.57 -46.89
N LEU P 19 0.12 -19.79 -47.33
CA LEU P 19 0.87 -20.96 -46.92
C LEU P 19 2.31 -20.92 -47.43
N ILE P 20 2.51 -20.45 -48.67
CA ILE P 20 3.87 -20.23 -49.18
C ILE P 20 4.59 -19.18 -48.33
N ALA P 21 3.91 -18.07 -48.03
CA ALA P 21 4.53 -16.98 -47.28
C ALA P 21 4.94 -17.42 -45.89
N ILE P 22 4.06 -18.16 -45.20
CA ILE P 22 4.41 -18.68 -43.87
C ILE P 22 5.75 -19.39 -43.91
N ASN P 23 5.89 -20.35 -44.82
CA ASN P 23 7.09 -21.18 -44.84
C ASN P 23 8.30 -20.39 -45.31
N GLN P 24 8.14 -19.55 -46.33
CA GLN P 24 9.28 -18.81 -46.85
C GLN P 24 9.82 -17.85 -45.79
N TYR P 25 8.93 -17.13 -45.12
CA TYR P 25 9.36 -16.16 -44.12
C TYR P 25 9.91 -16.86 -42.89
N PHE P 26 9.33 -17.99 -42.50
CA PHE P 26 9.86 -18.70 -41.35
C PHE P 26 11.28 -19.16 -41.62
N LEU P 27 11.51 -19.72 -42.79
CA LEU P 27 12.87 -20.18 -43.11
C LEU P 27 13.82 -19.01 -43.19
N HIS P 28 13.41 -17.92 -43.84
CA HIS P 28 14.27 -16.76 -43.95
C HIS P 28 14.62 -16.23 -42.56
N SER P 29 13.63 -16.21 -41.65
CA SER P 29 13.85 -15.74 -40.30
C SER P 29 14.96 -16.55 -39.62
N ARG P 30 14.82 -17.88 -39.65
CA ARG P 30 15.78 -18.76 -39.00
C ARG P 30 17.15 -18.74 -39.67
N MET P 31 17.21 -18.49 -40.98
CA MET P 31 18.49 -18.28 -41.62
C MET P 31 19.17 -17.02 -41.09
N TRP P 32 18.43 -15.91 -41.03
CA TRP P 32 18.97 -14.70 -40.44
C TRP P 32 19.42 -14.92 -38.99
N ASN P 33 18.59 -15.58 -38.17
CA ASN P 33 19.02 -15.87 -36.79
C ASN P 33 20.27 -16.72 -36.77
N ASP P 34 20.33 -17.74 -37.63
CA ASP P 34 21.51 -18.59 -37.74
C ASP P 34 22.76 -17.79 -38.08
N TRP P 35 22.62 -16.74 -38.89
CA TRP P 35 23.78 -15.91 -39.23
C TRP P 35 24.11 -14.89 -38.17
N GLY P 36 23.33 -14.83 -37.09
CA GLY P 36 23.54 -13.79 -36.10
C GLY P 36 22.92 -12.46 -36.44
N LEU P 37 22.01 -12.41 -37.42
CA LEU P 37 21.35 -11.17 -37.83
C LEU P 37 19.97 -11.14 -37.17
N LYS P 38 19.99 -10.98 -35.85
CA LYS P 38 18.84 -11.34 -35.02
C LYS P 38 17.69 -10.35 -35.16
N ARG P 39 17.97 -9.12 -35.53
CA ARG P 39 16.91 -8.14 -35.71
C ARG P 39 16.16 -8.39 -37.01
N LEU P 40 16.88 -8.78 -38.06
CA LEU P 40 16.21 -9.24 -39.29
C LEU P 40 15.39 -10.47 -38.99
N GLY P 41 16.00 -11.46 -38.35
CA GLY P 41 15.28 -12.69 -38.06
C GLY P 41 14.02 -12.44 -37.25
N ALA P 42 14.11 -11.57 -36.24
CA ALA P 42 12.95 -11.31 -35.40
C ALA P 42 11.86 -10.61 -36.18
N HIS P 43 12.24 -9.68 -37.06
CA HIS P 43 11.20 -9.02 -37.84
C HIS P 43 10.60 -9.98 -38.85
N GLU P 44 11.42 -10.84 -39.48
CA GLU P 44 10.88 -11.80 -40.43
C GLU P 44 9.96 -12.80 -39.72
N TYR P 45 10.30 -13.17 -38.48
CA TYR P 45 9.42 -14.06 -37.73
C TYR P 45 8.07 -13.40 -37.50
N HIS P 46 8.04 -12.09 -37.25
CA HIS P 46 6.73 -11.47 -37.05
C HIS P 46 5.96 -11.38 -38.37
N GLU P 47 6.64 -11.13 -39.50
CA GLU P 47 5.95 -11.24 -40.78
C GLU P 47 5.32 -12.62 -40.93
N SER P 48 6.07 -13.67 -40.56
CA SER P 48 5.59 -15.04 -40.67
C SER P 48 4.33 -15.25 -39.85
N ILE P 49 4.32 -14.77 -38.61
CA ILE P 49 3.14 -14.87 -37.75
C ILE P 49 1.96 -14.14 -38.35
N ASP P 50 2.19 -12.94 -38.93
CA ASP P 50 1.12 -12.23 -39.62
C ASP P 50 0.46 -13.10 -40.69
N GLU P 51 1.27 -13.77 -41.50
CA GLU P 51 0.72 -14.64 -42.53
C GLU P 51 -0.05 -15.79 -41.91
N MET P 52 0.42 -16.30 -40.77
CA MET P 52 -0.30 -17.37 -40.11
C MET P 52 -1.69 -16.90 -39.69
N LYS P 53 -1.79 -15.67 -39.21
CA LYS P 53 -3.11 -15.18 -38.82
C LYS P 53 -4.02 -14.93 -40.04
N HIS P 54 -3.45 -14.49 -41.17
CA HIS P 54 -4.26 -14.37 -42.39
C HIS P 54 -4.84 -15.72 -42.78
N ALA P 55 -4.00 -16.75 -42.80
CA ALA P 55 -4.48 -18.06 -43.20
C ALA P 55 -5.58 -18.55 -42.26
N ASP P 56 -5.43 -18.29 -40.96
CA ASP P 56 -6.45 -18.72 -40.01
C ASP P 56 -7.79 -18.08 -40.34
N LYS P 57 -7.79 -16.78 -40.61
CA LYS P 57 -9.02 -16.07 -40.91
C LYS P 57 -9.64 -16.58 -42.21
N LEU P 58 -8.79 -16.86 -43.20
CA LEU P 58 -9.27 -17.42 -44.46
C LEU P 58 -9.90 -18.80 -44.24
N ILE P 59 -9.20 -19.68 -43.52
CA ILE P 59 -9.75 -21.01 -43.19
C ILE P 59 -11.11 -20.89 -42.53
N GLU P 60 -11.23 -20.03 -41.50
CA GLU P 60 -12.51 -19.93 -40.79
C GLU P 60 -13.63 -19.48 -41.72
N ARG P 61 -13.35 -18.50 -42.59
CA ARG P 61 -14.37 -18.01 -43.52
C ARG P 61 -14.73 -19.10 -44.55
N ILE P 62 -13.73 -19.81 -45.08
CA ILE P 62 -14.04 -20.86 -46.05
C ILE P 62 -15.01 -21.88 -45.43
N LEU P 63 -14.79 -22.23 -44.16
CA LEU P 63 -15.61 -23.24 -43.49
C LEU P 63 -17.02 -22.75 -43.22
N PHE P 64 -17.14 -21.51 -42.75
CA PHE P 64 -18.46 -20.91 -42.60
C PHE P 64 -19.23 -20.90 -43.93
N LEU P 65 -18.54 -20.65 -45.05
CA LEU P 65 -19.19 -20.68 -46.36
C LEU P 65 -19.37 -22.11 -46.91
N GLU P 66 -19.15 -23.13 -46.08
CA GLU P 66 -19.38 -24.53 -46.41
C GLU P 66 -18.47 -25.02 -47.54
N GLY P 67 -17.28 -24.44 -47.65
CA GLY P 67 -16.25 -24.95 -48.51
C GLY P 67 -15.20 -25.75 -47.74
N ALA P 68 -14.26 -26.29 -48.51
CA ALA P 68 -13.21 -27.14 -47.98
C ALA P 68 -11.89 -26.39 -48.08
N PRO P 69 -11.29 -25.94 -46.99
CA PRO P 69 -10.00 -25.26 -47.10
C PRO P 69 -8.94 -26.23 -47.60
N ASN P 70 -8.10 -25.74 -48.49
CA ASN P 70 -7.03 -26.53 -49.09
C ASN P 70 -5.69 -26.13 -48.49
N LEU P 71 -5.22 -26.92 -47.54
CA LEU P 71 -3.89 -26.79 -46.98
C LEU P 71 -2.92 -27.82 -47.56
N GLN P 72 -3.35 -28.54 -48.58
CA GLN P 72 -2.53 -29.60 -49.13
C GLN P 72 -1.56 -29.08 -50.18
N ASP P 73 -1.97 -28.11 -50.97
CA ASP P 73 -1.16 -27.65 -52.09
C ASP P 73 -0.27 -26.51 -51.61
N LEU P 74 1.03 -26.69 -51.80
CA LEU P 74 2.04 -25.71 -51.41
C LEU P 74 2.84 -25.35 -52.64
N GLY P 75 2.69 -24.10 -53.07
CA GLY P 75 3.46 -23.58 -54.19
C GLY P 75 4.92 -23.39 -53.86
N LYS P 76 5.61 -22.78 -54.83
CA LYS P 76 7.06 -22.72 -54.79
C LYS P 76 7.53 -21.67 -53.80
N LEU P 77 8.38 -22.08 -52.87
CA LEU P 77 9.02 -21.13 -51.97
C LEU P 77 10.20 -20.50 -52.69
N LEU P 78 10.34 -19.18 -52.53
CA LEU P 78 11.45 -18.42 -53.11
C LEU P 78 12.47 -18.14 -52.00
N ILE P 79 13.52 -18.94 -51.93
CA ILE P 79 14.53 -18.82 -50.88
C ILE P 79 15.75 -18.10 -51.43
N GLY P 80 16.16 -17.04 -50.76
CA GLY P 80 17.37 -16.36 -51.13
C GLY P 80 18.59 -16.95 -50.46
N ALA P 81 19.76 -16.60 -50.98
CA ALA P 81 21.00 -17.07 -50.39
C ALA P 81 21.72 -16.00 -49.58
N ASN P 82 21.30 -14.74 -49.68
CA ASN P 82 21.88 -13.65 -48.90
C ASN P 82 20.76 -12.66 -48.59
N THR P 83 21.06 -11.65 -47.75
CA THR P 83 20.00 -10.76 -47.27
C THR P 83 19.28 -10.05 -48.42
N GLN P 84 20.04 -9.48 -49.35
CA GLN P 84 19.42 -8.77 -50.45
C GLN P 84 18.51 -9.67 -51.26
N GLU P 85 18.96 -10.89 -51.58
CA GLU P 85 18.11 -11.80 -52.34
C GLU P 85 16.88 -12.19 -51.55
N MET P 86 17.03 -12.42 -50.24
CA MET P 86 15.91 -12.88 -49.44
C MET P 86 14.83 -11.81 -49.36
N LEU P 87 15.22 -10.55 -49.13
CA LEU P 87 14.26 -9.44 -49.14
C LEU P 87 13.56 -9.35 -50.49
N GLN P 88 14.31 -9.47 -51.58
CA GLN P 88 13.68 -9.38 -52.90
C GLN P 88 12.76 -10.58 -53.15
N CYS P 89 13.13 -11.78 -52.68
CA CYS P 89 12.23 -12.91 -52.82
C CYS P 89 10.92 -12.67 -52.09
N ASP P 90 10.99 -12.11 -50.88
CA ASP P 90 9.78 -11.78 -50.15
C ASP P 90 8.95 -10.75 -50.91
N LEU P 91 9.61 -9.75 -51.47
CA LEU P 91 8.90 -8.69 -52.19
C LEU P 91 8.19 -9.25 -53.42
N ASN P 92 8.89 -10.08 -54.20
CA ASN P 92 8.26 -10.76 -55.32
C ASN P 92 7.01 -11.49 -54.89
N LEU P 93 7.10 -12.23 -53.78
CA LEU P 93 5.94 -12.98 -53.31
C LEU P 93 4.78 -12.05 -52.93
N GLU P 94 5.06 -10.98 -52.18
CA GLU P 94 3.98 -10.08 -51.76
C GLU P 94 3.29 -9.46 -52.98
N LEU P 95 4.06 -9.12 -54.01
CA LEU P 95 3.47 -8.47 -55.19
C LEU P 95 2.55 -9.42 -55.94
N LYS P 96 2.97 -10.68 -56.10
CA LYS P 96 2.08 -11.68 -56.69
C LYS P 96 0.82 -11.85 -55.84
N ALA P 97 0.99 -11.85 -54.53
CA ALA P 97 -0.16 -12.08 -53.65
C ALA P 97 -1.19 -10.96 -53.73
N THR P 98 -0.73 -9.70 -53.86
CA THR P 98 -1.69 -8.59 -53.90
C THR P 98 -2.48 -8.62 -55.19
N LYS P 99 -1.83 -8.99 -56.29
CA LYS P 99 -2.57 -9.16 -57.54
C LYS P 99 -3.73 -10.13 -57.36
N ASP P 100 -3.48 -11.27 -56.72
CA ASP P 100 -4.56 -12.23 -56.50
C ASP P 100 -5.62 -11.70 -55.55
N LEU P 101 -5.23 -10.88 -54.54
CA LEU P 101 -6.20 -10.30 -53.61
C LEU P 101 -7.15 -9.35 -54.32
N ARG P 102 -6.60 -8.49 -55.19
CA ARG P 102 -7.44 -7.53 -55.90
C ARG P 102 -8.48 -8.24 -56.76
N GLU P 103 -8.05 -9.28 -57.50
CA GLU P 103 -8.98 -10.06 -58.31
C GLU P 103 -10.06 -10.70 -57.45
N ALA P 104 -9.70 -11.24 -56.27
CA ALA P 104 -10.73 -11.83 -55.40
C ALA P 104 -11.70 -10.78 -54.87
N ILE P 105 -11.22 -9.57 -54.53
CA ILE P 105 -12.13 -8.53 -54.08
C ILE P 105 -13.12 -8.18 -55.18
N VAL P 106 -12.65 -8.08 -56.43
CA VAL P 106 -13.55 -7.76 -57.54
C VAL P 106 -14.70 -8.76 -57.56
N HIS P 107 -14.39 -10.05 -57.41
CA HIS P 107 -15.42 -11.07 -57.50
C HIS P 107 -16.37 -11.03 -56.31
N CYS P 108 -15.83 -10.88 -55.10
CA CYS P 108 -16.69 -10.67 -53.94
C CYS P 108 -17.66 -9.54 -54.19
N GLU P 109 -17.16 -8.43 -54.73
CA GLU P 109 -18.04 -7.29 -55.03
C GLU P 109 -19.13 -7.70 -56.01
N GLN P 110 -18.77 -8.45 -57.06
CA GLN P 110 -19.72 -8.81 -58.10
C GLN P 110 -20.87 -9.67 -57.58
N VAL P 111 -20.60 -10.55 -56.61
CA VAL P 111 -21.66 -11.40 -56.07
C VAL P 111 -22.16 -10.93 -54.72
N HIS P 112 -21.83 -9.72 -54.30
CA HIS P 112 -22.41 -9.14 -53.09
C HIS P 112 -21.97 -9.83 -51.80
N ASP P 113 -20.81 -10.48 -51.81
CA ASP P 113 -20.26 -11.09 -50.60
C ASP P 113 -19.39 -10.03 -49.91
N TYR P 114 -20.07 -9.08 -49.28
CA TYR P 114 -19.38 -7.92 -48.75
C TYR P 114 -18.53 -8.25 -47.54
N VAL P 115 -18.96 -9.21 -46.73
CA VAL P 115 -18.16 -9.61 -45.57
C VAL P 115 -16.85 -10.23 -46.02
N SER P 116 -16.87 -11.11 -47.04
CA SER P 116 -15.59 -11.63 -47.55
C SER P 116 -14.72 -10.51 -48.14
N ARG P 117 -15.33 -9.56 -48.87
CA ARG P 117 -14.55 -8.43 -49.38
C ARG P 117 -13.83 -7.72 -48.23
N ASP P 118 -14.55 -7.46 -47.14
CA ASP P 118 -13.94 -6.72 -46.04
C ASP P 118 -12.74 -7.47 -45.46
N LEU P 119 -12.88 -8.79 -45.27
CA LEU P 119 -11.78 -9.63 -44.80
C LEU P 119 -10.56 -9.53 -45.73
N LEU P 120 -10.80 -9.61 -47.05
CA LEU P 120 -9.69 -9.55 -47.98
C LEU P 120 -9.09 -8.15 -48.03
N LYS P 121 -9.92 -7.12 -47.85
CA LYS P 121 -9.37 -5.76 -47.79
C LYS P 121 -8.42 -5.62 -46.60
N ASP P 122 -8.80 -6.17 -45.45
CA ASP P 122 -7.94 -6.15 -44.26
C ASP P 122 -6.63 -6.90 -44.53
N ILE P 123 -6.71 -8.05 -45.18
CA ILE P 123 -5.47 -8.74 -45.56
C ILE P 123 -4.66 -7.89 -46.54
N LEU P 124 -5.32 -7.30 -47.53
CA LEU P 124 -4.58 -6.49 -48.49
C LEU P 124 -3.87 -5.34 -47.80
N GLU P 125 -4.50 -4.74 -46.80
CA GLU P 125 -3.86 -3.66 -46.07
C GLU P 125 -2.56 -4.13 -45.41
N SER P 126 -2.59 -5.32 -44.78
CA SER P 126 -1.38 -5.86 -44.16
CA SER P 126 -1.37 -5.86 -44.16
C SER P 126 -0.31 -6.18 -45.21
N GLU P 127 -0.71 -6.72 -46.36
CA GLU P 127 0.28 -7.06 -47.37
C GLU P 127 0.96 -5.80 -47.89
N GLU P 128 0.21 -4.70 -48.04
CA GLU P 128 0.83 -3.47 -48.50
C GLU P 128 1.77 -2.90 -47.44
N GLU P 129 1.49 -3.12 -46.16
CA GLU P 129 2.48 -2.81 -45.13
C GLU P 129 3.72 -3.70 -45.25
N HIS P 130 3.54 -4.99 -45.52
CA HIS P 130 4.71 -5.84 -45.73
C HIS P 130 5.52 -5.33 -46.91
N ILE P 131 4.83 -4.98 -48.01
CA ILE P 131 5.52 -4.46 -49.19
C ILE P 131 6.30 -3.22 -48.82
N ASP P 132 5.69 -2.34 -48.03
CA ASP P 132 6.38 -1.12 -47.63
C ASP P 132 7.64 -1.45 -46.81
N TYR P 133 7.51 -2.33 -45.82
CA TYR P 133 8.67 -2.78 -45.06
C TYR P 133 9.79 -3.26 -45.99
N LEU P 134 9.46 -4.14 -46.95
CA LEU P 134 10.49 -4.76 -47.77
C LEU P 134 11.14 -3.73 -48.69
N GLU P 135 10.32 -2.92 -49.37
CA GLU P 135 10.87 -1.88 -50.23
C GLU P 135 11.77 -0.94 -49.45
N THR P 136 11.38 -0.65 -48.23
CA THR P 136 12.12 0.28 -47.40
C THR P 136 13.47 -0.30 -47.01
N GLN P 137 13.50 -1.60 -46.64
CA GLN P 137 14.78 -2.23 -46.31
C GLN P 137 15.71 -2.22 -47.52
N LEU P 138 15.20 -2.52 -48.72
CA LEU P 138 16.07 -2.47 -49.90
C LEU P 138 16.59 -1.06 -50.16
N GLY P 139 15.75 -0.05 -49.94
CA GLY P 139 16.24 1.31 -50.06
C GLY P 139 17.29 1.65 -49.01
N LEU P 140 17.12 1.15 -47.78
CA LEU P 140 18.11 1.47 -46.74
C LEU P 140 19.46 0.85 -47.08
N ILE P 141 19.46 -0.36 -47.63
CA ILE P 141 20.71 -0.99 -48.07
C ILE P 141 21.44 -0.05 -49.02
N GLN P 142 20.71 0.56 -49.94
CA GLN P 142 21.32 1.52 -50.85
C GLN P 142 21.80 2.77 -50.13
N LYS P 143 21.04 3.29 -49.17
CA LYS P 143 21.39 4.59 -48.59
C LYS P 143 22.51 4.49 -47.58
N VAL P 144 22.55 3.42 -46.80
CA VAL P 144 23.52 3.33 -45.71
C VAL P 144 24.65 2.35 -46.02
N GLY P 145 24.54 1.58 -47.10
CA GLY P 145 25.48 0.53 -47.46
C GLY P 145 25.09 -0.81 -46.88
N LEU P 146 25.42 -1.88 -47.61
CA LEU P 146 25.02 -3.22 -47.20
C LEU P 146 25.67 -3.61 -45.87
N GLU P 147 26.96 -3.32 -45.71
CA GLU P 147 27.64 -3.73 -44.50
C GLU P 147 27.07 -3.02 -43.28
N ASN P 148 26.82 -1.70 -43.37
CA ASN P 148 26.18 -0.96 -42.29
C ASN P 148 24.78 -1.49 -42.02
N TYR P 149 24.01 -1.75 -43.07
CA TYR P 149 22.65 -2.25 -42.88
C TYR P 149 22.66 -3.55 -42.08
N LEU P 150 23.55 -4.49 -42.45
CA LEU P 150 23.63 -5.75 -41.73
C LEU P 150 24.10 -5.53 -40.29
N GLN P 151 25.13 -4.69 -40.12
CA GLN P 151 25.59 -4.32 -38.79
C GLN P 151 24.44 -3.88 -37.88
N SER P 152 23.54 -3.05 -38.41
CA SER P 152 22.43 -2.48 -37.63
C SER P 152 21.35 -3.50 -37.32
N HIS P 153 21.39 -4.69 -37.92
CA HIS P 153 20.39 -5.70 -37.64
C HIS P 153 21.00 -6.97 -37.04
N MET P 154 22.24 -6.89 -36.57
CA MET P 154 22.85 -7.98 -35.78
C MET P 154 22.16 -8.15 -34.44
N HIS P 155 22.13 -7.07 -33.64
CA HIS P 155 21.63 -7.07 -32.28
C HIS P 155 20.21 -6.56 -32.21
N GLU P 156 19.42 -7.15 -31.32
CA GLU P 156 18.06 -6.69 -31.06
C GLU P 156 18.00 -5.48 -30.15
N MET Q 1 25.26 20.25 43.35
CA MET Q 1 24.74 20.07 44.73
C MET Q 1 25.85 19.42 45.55
N LYS Q 2 26.24 20.03 46.65
CA LYS Q 2 27.42 19.54 47.36
C LYS Q 2 27.11 18.18 47.98
N GLY Q 3 27.90 17.18 47.63
CA GLY Q 3 27.75 15.84 48.17
C GLY Q 3 28.66 15.59 49.36
N ASP Q 4 28.35 14.51 50.08
CA ASP Q 4 29.14 14.06 51.19
C ASP Q 4 30.50 13.58 50.69
N LYS Q 5 31.59 14.08 51.31
CA LYS Q 5 32.94 13.78 50.86
C LYS Q 5 33.23 12.29 50.86
N LYS Q 6 32.71 11.56 51.86
CA LYS Q 6 33.00 10.14 51.93
C LYS Q 6 32.16 9.34 50.91
N VAL Q 7 30.96 9.80 50.58
CA VAL Q 7 30.19 9.18 49.50
C VAL Q 7 30.92 9.31 48.17
N ILE Q 8 31.40 10.52 47.87
CA ILE Q 8 32.15 10.73 46.64
C ILE Q 8 33.37 9.82 46.59
N GLN Q 9 34.06 9.64 47.72
CA GLN Q 9 35.19 8.72 47.74
C GLN Q 9 34.75 7.30 47.42
N HIS Q 10 33.63 6.87 48.00
CA HIS Q 10 33.05 5.57 47.66
C HIS Q 10 32.75 5.46 46.19
N LEU Q 11 32.10 6.47 45.63
CA LEU Q 11 31.74 6.45 44.22
C LEU Q 11 32.99 6.33 43.35
N ASN Q 12 34.05 7.02 43.73
CA ASN Q 12 35.31 6.95 43.00
C ASN Q 12 35.95 5.59 43.14
N LYS Q 13 35.80 4.95 44.30
CA LYS Q 13 36.25 3.58 44.45
C LYS Q 13 35.45 2.61 43.57
N ILE Q 14 34.12 2.74 43.52
CA ILE Q 14 33.33 1.91 42.61
C ILE Q 14 33.79 2.15 41.18
N LEU Q 15 34.02 3.41 40.83
CA LEU Q 15 34.45 3.77 39.47
C LEU Q 15 35.76 3.07 39.13
N GLY Q 16 36.70 3.08 40.06
CA GLY Q 16 37.96 2.36 39.86
C GLY Q 16 37.75 0.88 39.50
N ASN Q 17 36.81 0.23 40.16
CA ASN Q 17 36.56 -1.18 39.86
C ASN Q 17 35.98 -1.34 38.47
N GLU Q 18 35.03 -0.46 38.11
CA GLU Q 18 34.48 -0.45 36.78
C GLU Q 18 35.58 -0.32 35.73
N LEU Q 19 36.57 0.53 36.00
CA LEU Q 19 37.62 0.76 35.01
C LEU Q 19 38.50 -0.48 34.84
N ILE Q 20 38.74 -1.25 35.91
CA ILE Q 20 39.45 -2.52 35.75
C ILE Q 20 38.62 -3.46 34.86
N ALA Q 21 37.34 -3.57 35.15
CA ALA Q 21 36.48 -4.53 34.47
C ALA Q 21 36.33 -4.17 33.00
N ILE Q 22 36.18 -2.89 32.67
CA ILE Q 22 36.13 -2.50 31.25
C ILE Q 22 37.29 -3.12 30.51
N ASN Q 23 38.50 -2.90 31.00
CA ASN Q 23 39.66 -3.31 30.24
C ASN Q 23 39.87 -4.81 30.29
N GLN Q 24 39.67 -5.43 31.45
CA GLN Q 24 39.84 -6.87 31.54
C GLN Q 24 38.85 -7.60 30.64
N TYR Q 25 37.60 -7.15 30.64
CA TYR Q 25 36.59 -7.86 29.85
C TYR Q 25 36.80 -7.60 28.37
N PHE Q 26 37.19 -6.37 28.01
CA PHE Q 26 37.44 -6.11 26.61
C PHE Q 26 38.61 -6.93 26.09
N LEU Q 27 39.68 -7.05 26.86
CA LEU Q 27 40.79 -7.87 26.42
C LEU Q 27 40.39 -9.34 26.31
N HIS Q 28 39.71 -9.87 27.33
CA HIS Q 28 39.22 -11.23 27.27
C HIS Q 28 38.31 -11.45 26.06
N SER Q 29 37.44 -10.49 25.77
CA SER Q 29 36.59 -10.59 24.58
C SER Q 29 37.44 -10.75 23.32
N ARG Q 30 38.43 -9.90 23.14
CA ARG Q 30 39.22 -9.97 21.91
C ARG Q 30 40.12 -11.19 21.89
N MET Q 31 40.54 -11.67 23.05
CA MET Q 31 41.27 -12.93 23.08
C MET Q 31 40.39 -14.08 22.63
N TRP Q 32 39.15 -14.14 23.12
CA TRP Q 32 38.23 -15.19 22.65
C TRP Q 32 37.94 -15.04 21.16
N ASN Q 33 37.70 -13.82 20.67
CA ASN Q 33 37.48 -13.63 19.23
C ASN Q 33 38.68 -14.14 18.44
N ASP Q 34 39.86 -13.74 18.87
CA ASP Q 34 41.09 -14.15 18.20
C ASP Q 34 41.20 -15.67 18.09
N TRP Q 35 40.74 -16.38 19.11
CA TRP Q 35 40.83 -17.84 19.12
C TRP Q 35 39.72 -18.49 18.31
N GLY Q 36 38.78 -17.71 17.77
CA GLY Q 36 37.65 -18.28 17.06
C GLY Q 36 36.50 -18.68 17.95
N LEU Q 37 36.51 -18.25 19.20
CA LEU Q 37 35.41 -18.52 20.11
C LEU Q 37 34.52 -17.28 20.18
N LYS Q 38 33.79 -17.06 19.07
CA LYS Q 38 33.15 -15.79 18.79
C LYS Q 38 31.95 -15.56 19.67
N ARG Q 39 31.27 -16.62 20.07
CA ARG Q 39 30.11 -16.43 20.94
C ARG Q 39 30.55 -16.04 22.34
N LEU Q 40 31.64 -16.65 22.86
CA LEU Q 40 32.27 -16.17 24.08
C LEU Q 40 32.71 -14.71 23.94
N GLY Q 41 33.38 -14.40 22.83
CA GLY Q 41 33.89 -13.05 22.60
C GLY Q 41 32.78 -12.01 22.57
N ALA Q 42 31.68 -12.32 21.88
CA ALA Q 42 30.59 -11.35 21.81
C ALA Q 42 29.96 -11.11 23.17
N HIS Q 43 29.74 -12.17 23.95
CA HIS Q 43 29.15 -11.97 25.27
C HIS Q 43 30.08 -11.19 26.19
N GLU Q 44 31.39 -11.46 26.13
CA GLU Q 44 32.32 -10.73 26.98
C GLU Q 44 32.38 -9.26 26.57
N TYR Q 45 32.28 -8.99 25.27
CA TYR Q 45 32.17 -7.61 24.79
C TYR Q 45 30.97 -6.90 25.40
N HIS Q 46 29.82 -7.59 25.48
CA HIS Q 46 28.65 -6.93 26.05
C HIS Q 46 28.79 -6.73 27.55
N GLU Q 47 29.44 -7.64 28.27
CA GLU Q 47 29.74 -7.33 29.66
C GLU Q 47 30.64 -6.10 29.78
N SER Q 48 31.58 -5.94 28.84
CA SER Q 48 32.47 -4.78 28.85
C SER Q 48 31.67 -3.50 28.68
N ILE Q 49 30.73 -3.51 27.72
CA ILE Q 49 29.92 -2.33 27.46
C ILE Q 49 29.08 -1.99 28.67
N ASP Q 50 28.60 -3.01 29.40
CA ASP Q 50 27.85 -2.80 30.63
C ASP Q 50 28.67 -2.00 31.63
N GLU Q 51 29.94 -2.37 31.78
CA GLU Q 51 30.78 -1.69 32.74
C GLU Q 51 31.11 -0.27 32.26
N MET Q 52 31.21 -0.08 30.94
CA MET Q 52 31.33 1.27 30.41
C MET Q 52 30.14 2.13 30.82
N LYS Q 53 28.94 1.55 30.81
CA LYS Q 53 27.75 2.32 31.19
C LYS Q 53 27.71 2.56 32.70
N HIS Q 54 28.18 1.59 33.49
CA HIS Q 54 28.28 1.83 34.92
C HIS Q 54 29.21 3.01 35.21
N ALA Q 55 30.42 2.98 34.62
CA ALA Q 55 31.38 4.05 34.81
C ALA Q 55 30.78 5.40 34.42
N ASP Q 56 30.04 5.43 33.32
CA ASP Q 56 29.44 6.68 32.85
C ASP Q 56 28.49 7.26 33.89
N LYS Q 57 27.62 6.42 34.43
CA LYS Q 57 26.69 6.87 35.44
C LYS Q 57 27.41 7.33 36.71
N LEU Q 58 28.46 6.61 37.12
CA LEU Q 58 29.23 7.04 38.29
C LEU Q 58 29.90 8.39 38.05
N ILE Q 59 30.56 8.55 36.90
CA ILE Q 59 31.20 9.83 36.58
C ILE Q 59 30.18 10.96 36.66
N GLU Q 60 29.01 10.79 36.03
CA GLU Q 60 28.01 11.87 36.02
C GLU Q 60 27.54 12.22 37.43
N ARG Q 61 27.29 11.21 38.27
CA ARG Q 61 26.86 11.44 39.65
C ARG Q 61 27.94 12.17 40.45
N ILE Q 62 29.20 11.76 40.29
CA ILE Q 62 30.29 12.39 41.01
C ILE Q 62 30.38 13.88 40.67
N LEU Q 63 30.38 14.19 39.37
CA LEU Q 63 30.41 15.57 38.92
C LEU Q 63 29.21 16.36 39.46
N PHE Q 64 28.02 15.79 39.39
CA PHE Q 64 26.86 16.47 39.97
C PHE Q 64 27.07 16.77 41.45
N LEU Q 65 27.73 15.86 42.18
CA LEU Q 65 27.92 16.09 43.60
C LEU Q 65 29.12 16.97 43.89
N GLU Q 66 29.73 17.52 42.84
CA GLU Q 66 30.80 18.51 42.90
C GLU Q 66 32.13 17.89 43.32
N GLY Q 67 32.30 16.61 42.97
CA GLY Q 67 33.55 15.92 43.12
C GLY Q 67 34.27 15.77 41.79
N ALA Q 68 35.44 15.18 41.87
CA ALA Q 68 36.34 15.02 40.75
C ALA Q 68 36.44 13.54 40.42
N PRO Q 69 35.94 13.07 39.27
CA PRO Q 69 36.05 11.65 38.95
C PRO Q 69 37.51 11.26 38.70
N ASN Q 70 37.91 10.14 39.27
CA ASN Q 70 39.30 9.65 39.13
C ASN Q 70 39.33 8.56 38.05
N LEU Q 71 39.79 8.92 36.87
CA LEU Q 71 40.03 7.96 35.81
C LEU Q 71 41.51 7.68 35.64
N GLN Q 72 42.34 8.18 36.54
CA GLN Q 72 43.78 8.02 36.40
C GLN Q 72 44.29 6.69 36.94
N ASP Q 73 43.69 6.20 38.04
CA ASP Q 73 44.22 5.05 38.74
C ASP Q 73 43.52 3.80 38.22
N LEU Q 74 44.31 2.95 37.62
CA LEU Q 74 43.83 1.70 37.05
C LEU Q 74 44.48 0.59 37.85
N GLY Q 75 43.67 -0.15 38.60
CA GLY Q 75 44.13 -1.29 39.36
C GLY Q 75 44.56 -2.47 38.48
N LYS Q 76 44.84 -3.59 39.15
CA LYS Q 76 45.41 -4.75 38.47
C LYS Q 76 44.37 -5.48 37.63
N LEU Q 77 44.64 -5.64 36.34
CA LEU Q 77 43.82 -6.53 35.52
C LEU Q 77 44.18 -7.99 35.79
N LEU Q 78 43.17 -8.85 35.90
CA LEU Q 78 43.37 -10.29 36.03
C LEU Q 78 43.13 -10.92 34.67
N ILE Q 79 44.19 -11.14 33.90
CA ILE Q 79 44.09 -11.70 32.56
C ILE Q 79 44.38 -13.19 32.63
N GLY Q 80 43.43 -14.02 32.16
CA GLY Q 80 43.66 -15.45 32.14
C GLY Q 80 44.35 -15.89 30.86
N ALA Q 81 44.77 -17.14 30.84
CA ALA Q 81 45.46 -17.72 29.69
C ALA Q 81 44.63 -18.72 28.91
N ASN Q 82 43.46 -19.11 29.44
CA ASN Q 82 42.56 -20.03 28.77
C ASN Q 82 41.16 -19.75 29.31
N THR Q 83 40.16 -20.37 28.68
CA THR Q 83 38.78 -20.01 28.95
C THR Q 83 38.44 -20.15 30.43
N GLN Q 84 38.79 -21.28 31.06
CA GLN Q 84 38.42 -21.49 32.44
C GLN Q 84 39.06 -20.45 33.35
N GLU Q 85 40.32 -20.10 33.07
CA GLU Q 85 40.99 -19.09 33.90
C GLU Q 85 40.38 -17.71 33.69
N MET Q 86 40.05 -17.36 32.45
CA MET Q 86 39.50 -16.04 32.19
C MET Q 86 38.14 -15.89 32.88
N LEU Q 87 37.29 -16.92 32.81
CA LEU Q 87 36.01 -16.85 33.51
C LEU Q 87 36.21 -16.70 35.02
N GLN Q 88 37.18 -17.42 35.59
CA GLN Q 88 37.40 -17.34 37.03
C GLN Q 88 37.97 -15.98 37.41
N CYS Q 89 38.85 -15.43 36.56
CA CYS Q 89 39.39 -14.09 36.77
C CYS Q 89 38.28 -13.04 36.80
N ASP Q 90 37.35 -13.11 35.83
CA ASP Q 90 36.20 -12.21 35.85
C ASP Q 90 35.36 -12.41 37.11
N LEU Q 91 35.14 -13.66 37.51
CA LEU Q 91 34.33 -13.91 38.71
C LEU Q 91 35.00 -13.34 39.96
N ASN Q 92 36.31 -13.52 40.10
CA ASN Q 92 37.03 -12.93 41.23
C ASN Q 92 36.86 -11.43 41.26
N LEU Q 93 36.91 -10.78 40.10
CA LEU Q 93 36.78 -9.32 40.07
C LEU Q 93 35.36 -8.89 40.45
N GLU Q 94 34.35 -9.58 39.93
CA GLU Q 94 32.97 -9.24 40.26
C GLU Q 94 32.70 -9.39 41.76
N LEU Q 95 33.25 -10.44 42.38
CA LEU Q 95 33.01 -10.66 43.80
C LEU Q 95 33.69 -9.58 44.65
N LYS Q 96 34.87 -9.14 44.25
CA LYS Q 96 35.49 -8.01 44.94
C LYS Q 96 34.70 -6.73 44.70
N ALA Q 97 34.18 -6.55 43.49
CA ALA Q 97 33.39 -5.36 43.21
C ALA Q 97 32.13 -5.30 44.04
N THR Q 98 31.48 -6.44 44.29
CA THR Q 98 30.21 -6.36 45.00
C THR Q 98 30.43 -6.05 46.46
N LYS Q 99 31.53 -6.51 47.04
CA LYS Q 99 31.84 -6.16 48.41
C LYS Q 99 31.96 -4.65 48.56
N ASP Q 100 32.69 -4.01 47.65
CA ASP Q 100 32.81 -2.55 47.67
C ASP Q 100 31.48 -1.87 47.46
N LEU Q 101 30.62 -2.42 46.58
CA LEU Q 101 29.30 -1.81 46.35
C LEU Q 101 28.46 -1.85 47.62
N ARG Q 102 28.52 -2.96 48.34
CA ARG Q 102 27.70 -3.07 49.53
C ARG Q 102 28.13 -2.04 50.57
N GLU Q 103 29.45 -1.87 50.76
CA GLU Q 103 29.94 -0.90 51.72
C GLU Q 103 29.60 0.51 51.31
N ALA Q 104 29.64 0.81 50.01
CA ALA Q 104 29.19 2.12 49.54
C ALA Q 104 27.71 2.35 49.85
N ILE Q 105 26.86 1.33 49.66
CA ILE Q 105 25.43 1.51 49.88
C ILE Q 105 25.14 1.78 51.35
N VAL Q 106 25.87 1.10 52.25
CA VAL Q 106 25.76 1.38 53.70
C VAL Q 106 26.02 2.85 53.97
N HIS Q 107 27.09 3.41 53.43
CA HIS Q 107 27.41 4.79 53.71
C HIS Q 107 26.36 5.75 53.14
N CYS Q 108 25.91 5.50 51.92
CA CYS Q 108 24.84 6.34 51.37
C CYS Q 108 23.63 6.35 52.29
N GLU Q 109 23.25 5.18 52.80
CA GLU Q 109 22.10 5.11 53.69
C GLU Q 109 22.37 5.93 54.95
N GLN Q 110 23.59 5.84 55.46
CA GLN Q 110 23.96 6.53 56.68
C GLN Q 110 23.79 8.05 56.56
N VAL Q 111 24.15 8.64 55.42
CA VAL Q 111 24.10 10.09 55.30
C VAL Q 111 22.91 10.57 54.48
N HIS Q 112 21.93 9.68 54.20
CA HIS Q 112 20.67 10.03 53.55
C HIS Q 112 20.84 10.40 52.08
N ASP Q 113 21.89 9.90 51.42
CA ASP Q 113 22.05 10.09 49.96
C ASP Q 113 21.36 8.94 49.24
N TYR Q 114 20.03 8.98 49.26
CA TYR Q 114 19.22 7.89 48.76
C TYR Q 114 19.27 7.74 47.25
N VAL Q 115 19.53 8.83 46.53
CA VAL Q 115 19.65 8.76 45.07
C VAL Q 115 20.92 8.01 44.67
N SER Q 116 22.03 8.31 45.31
CA SER Q 116 23.26 7.54 45.09
C SER Q 116 23.07 6.08 45.48
N ARG Q 117 22.41 5.82 46.61
CA ARG Q 117 22.13 4.46 47.01
C ARG Q 117 21.40 3.72 45.89
N ASP Q 118 20.37 4.36 45.34
CA ASP Q 118 19.58 3.74 44.28
C ASP Q 118 20.45 3.45 43.05
N LEU Q 119 21.30 4.39 42.66
CA LEU Q 119 22.23 4.16 41.55
C LEU Q 119 23.13 2.97 41.82
N LEU Q 120 23.67 2.86 43.04
CA LEU Q 120 24.60 1.77 43.35
C LEU Q 120 23.89 0.43 43.43
N LYS Q 121 22.64 0.44 43.92
CA LYS Q 121 21.82 -0.77 43.94
C LYS Q 121 21.55 -1.25 42.52
N ASP Q 122 21.28 -0.32 41.58
CA ASP Q 122 21.10 -0.69 40.18
C ASP Q 122 22.34 -1.37 39.63
N ILE Q 123 23.52 -0.78 39.87
CA ILE Q 123 24.77 -1.40 39.47
C ILE Q 123 24.93 -2.76 40.12
N LEU Q 124 24.62 -2.86 41.42
CA LEU Q 124 24.77 -4.12 42.13
C LEU Q 124 23.92 -5.22 41.51
N GLU Q 125 22.69 -4.88 41.13
CA GLU Q 125 21.84 -5.84 40.44
C GLU Q 125 22.51 -6.35 39.18
N SER Q 126 23.10 -5.44 38.41
CA SER Q 126 23.81 -5.83 37.20
CA SER Q 126 23.82 -5.84 37.20
C SER Q 126 24.99 -6.73 37.52
N GLU Q 127 25.73 -6.41 38.59
CA GLU Q 127 26.91 -7.22 38.89
C GLU Q 127 26.50 -8.64 39.33
N GLU Q 128 25.40 -8.78 40.05
CA GLU Q 128 24.98 -10.11 40.47
C GLU Q 128 24.55 -10.91 39.25
N GLU Q 129 23.95 -10.26 38.26
CA GLU Q 129 23.68 -10.94 37.01
C GLU Q 129 24.97 -11.37 36.31
N HIS Q 130 26.00 -10.51 36.34
CA HIS Q 130 27.29 -10.94 35.78
C HIS Q 130 27.81 -12.15 36.55
N ILE Q 131 27.74 -12.09 37.87
CA ILE Q 131 28.19 -13.23 38.67
C ILE Q 131 27.43 -14.50 38.27
N ASP Q 132 26.10 -14.39 38.15
CA ASP Q 132 25.30 -15.55 37.78
C ASP Q 132 25.76 -16.12 36.44
N TYR Q 133 25.94 -15.26 35.44
CA TYR Q 133 26.44 -15.68 34.14
C TYR Q 133 27.75 -16.45 34.27
N LEU Q 134 28.71 -15.87 35.00
CA LEU Q 134 30.02 -16.51 35.10
C LEU Q 134 29.94 -17.84 35.82
N GLU Q 135 29.27 -17.87 36.98
CA GLU Q 135 29.15 -19.11 37.73
C GLU Q 135 28.47 -20.17 36.88
N THR Q 136 27.50 -19.74 36.09
CA THR Q 136 26.74 -20.67 35.25
C THR Q 136 27.63 -21.25 34.19
N GLN Q 137 28.51 -20.43 33.58
CA GLN Q 137 29.39 -20.95 32.54
C GLN Q 137 30.34 -21.97 33.13
N LEU Q 138 30.92 -21.66 34.29
CA LEU Q 138 31.85 -22.59 34.92
C LEU Q 138 31.16 -23.91 35.25
N GLY Q 139 29.90 -23.82 35.71
CA GLY Q 139 29.12 -25.03 35.94
C GLY Q 139 28.78 -25.77 34.66
N LEU Q 140 28.54 -25.05 33.56
CA LEU Q 140 28.27 -25.76 32.30
C LEU Q 140 29.50 -26.50 31.81
N ILE Q 141 30.69 -25.91 32.01
CA ILE Q 141 31.91 -26.59 31.61
C ILE Q 141 31.98 -27.94 32.29
N GLN Q 142 31.55 -28.00 33.54
CA GLN Q 142 31.60 -29.27 34.26
C GLN Q 142 30.54 -30.23 33.75
N LYS Q 143 29.33 -29.73 33.41
CA LYS Q 143 28.22 -30.60 33.01
C LYS Q 143 28.35 -31.15 31.59
N VAL Q 144 28.84 -30.34 30.64
CA VAL Q 144 28.96 -30.78 29.25
C VAL Q 144 30.38 -31.07 28.85
N GLY Q 145 31.36 -30.79 29.71
CA GLY Q 145 32.75 -30.97 29.39
C GLY Q 145 33.33 -29.77 28.67
N LEU Q 146 34.63 -29.49 28.88
CA LEU Q 146 35.24 -28.28 28.32
C LEU Q 146 35.18 -28.26 26.79
N GLU Q 147 35.49 -29.38 26.12
CA GLU Q 147 35.53 -29.39 24.66
C GLU Q 147 34.17 -29.08 24.06
N ASN Q 148 33.10 -29.67 24.59
CA ASN Q 148 31.76 -29.34 24.09
C ASN Q 148 31.39 -27.90 24.39
N TYR Q 149 31.72 -27.42 25.61
CA TYR Q 149 31.41 -26.04 25.97
C TYR Q 149 32.06 -25.06 25.00
N LEU Q 150 33.35 -25.24 24.73
CA LEU Q 150 34.04 -24.42 23.75
C LEU Q 150 33.43 -24.59 22.35
N GLN Q 151 33.09 -25.82 22.00
CA GLN Q 151 32.46 -26.03 20.70
C GLN Q 151 31.20 -25.18 20.58
N SER Q 152 30.37 -25.19 21.63
CA SER Q 152 29.10 -24.46 21.60
C SER Q 152 29.30 -22.95 21.56
N HIS Q 153 30.51 -22.43 21.82
CA HIS Q 153 30.72 -20.99 21.80
C HIS Q 153 31.66 -20.55 20.69
N MET Q 154 31.80 -21.39 19.67
CA MET Q 154 32.60 -21.08 18.49
C MET Q 154 31.86 -20.11 17.58
N HIS Q 155 30.69 -20.51 17.10
CA HIS Q 155 29.89 -19.76 16.14
C HIS Q 155 28.80 -18.98 16.84
N GLU Q 156 28.54 -17.76 16.37
CA GLU Q 156 27.45 -16.94 16.92
C GLU Q 156 26.09 -17.43 16.42
N MET R 1 49.99 -15.48 13.22
CA MET R 1 51.17 -15.19 12.37
C MET R 1 52.21 -14.47 13.20
N LYS R 2 53.44 -14.96 13.21
CA LYS R 2 54.46 -14.33 14.05
C LYS R 2 54.82 -12.97 13.49
N GLY R 3 54.60 -11.93 14.29
CA GLY R 3 54.94 -10.58 13.91
C GLY R 3 56.30 -10.17 14.47
N ASP R 4 56.74 -9.02 14.02
CA ASP R 4 58.01 -8.46 14.46
C ASP R 4 57.87 -7.94 15.89
N LYS R 5 58.81 -8.30 16.76
CA LYS R 5 58.70 -7.92 18.17
C LYS R 5 58.71 -6.41 18.37
N LYS R 6 59.56 -5.70 17.64
CA LYS R 6 59.60 -4.25 17.75
C LYS R 6 58.33 -3.59 17.16
N VAL R 7 57.71 -4.20 16.14
CA VAL R 7 56.43 -3.68 15.66
C VAL R 7 55.36 -3.82 16.73
N ILE R 8 55.31 -4.97 17.40
CA ILE R 8 54.35 -5.18 18.49
C ILE R 8 54.58 -4.17 19.60
N GLN R 9 55.85 -3.88 19.93
CA GLN R 9 56.14 -2.81 20.89
C GLN R 9 55.56 -1.49 20.45
N HIS R 10 55.75 -1.13 19.17
CA HIS R 10 55.15 0.10 18.67
C HIS R 10 53.63 0.08 18.76
N LEU R 11 53.00 -1.02 18.37
CA LEU R 11 51.54 -1.08 18.47
C LEU R 11 51.08 -0.90 19.91
N ASN R 12 51.79 -1.51 20.87
CA ASN R 12 51.42 -1.32 22.29
C ASN R 12 51.67 0.09 22.76
N LYS R 13 52.69 0.74 22.23
CA LYS R 13 52.89 2.16 22.54
C LYS R 13 51.71 3.01 22.03
N ILE R 14 51.29 2.80 20.78
CA ILE R 14 50.13 3.52 20.24
C ILE R 14 48.88 3.21 21.06
N LEU R 15 48.71 1.94 21.41
CA LEU R 15 47.58 1.52 22.24
C LEU R 15 47.58 2.28 23.56
N GLY R 16 48.75 2.42 24.18
CA GLY R 16 48.82 3.17 25.43
C GLY R 16 48.35 4.61 25.27
N ASN R 17 48.67 5.24 24.13
CA ASN R 17 48.17 6.59 23.86
C ASN R 17 46.65 6.61 23.69
N GLU R 18 46.11 5.64 22.93
CA GLU R 18 44.67 5.55 22.79
C GLU R 18 43.98 5.49 24.15
N LEU R 19 44.48 4.63 25.04
CA LEU R 19 43.86 4.45 26.34
C LEU R 19 43.86 5.73 27.15
N ILE R 20 44.91 6.55 27.04
CA ILE R 20 44.89 7.87 27.68
C ILE R 20 43.78 8.73 27.09
N ALA R 21 43.73 8.77 25.75
CA ALA R 21 42.76 9.64 25.07
C ALA R 21 41.32 9.22 25.36
N ILE R 22 41.04 7.91 25.43
CA ILE R 22 39.70 7.47 25.79
C ILE R 22 39.26 8.14 27.10
N ASN R 23 40.05 7.97 28.16
CA ASN R 23 39.64 8.45 29.48
C ASN R 23 39.63 9.97 29.55
N GLN R 24 40.67 10.61 29.01
CA GLN R 24 40.72 12.07 29.01
C GLN R 24 39.53 12.67 28.29
N TYR R 25 39.21 12.19 27.09
CA TYR R 25 38.10 12.75 26.34
C TYR R 25 36.74 12.38 26.96
N PHE R 26 36.60 11.16 27.50
CA PHE R 26 35.34 10.84 28.17
C PHE R 26 35.11 11.75 29.37
N LEU R 27 36.14 11.99 30.19
CA LEU R 27 35.96 12.89 31.32
C LEU R 27 35.64 14.31 30.86
N HIS R 28 36.40 14.85 29.89
CA HIS R 28 36.10 16.18 29.38
C HIS R 28 34.67 16.24 28.84
N SER R 29 34.24 15.20 28.13
CA SER R 29 32.89 15.18 27.61
C SER R 29 31.88 15.32 28.75
N ARG R 30 32.06 14.53 29.81
CA ARG R 30 31.07 14.56 30.87
C ARG R 30 31.16 15.83 31.70
N MET R 31 32.35 16.45 31.78
CA MET R 31 32.44 17.76 32.42
C MET R 31 31.65 18.81 31.65
N TRP R 32 31.80 18.82 30.32
CA TRP R 32 31.04 19.77 29.49
C TRP R 32 29.55 19.52 29.63
N ASN R 33 29.14 18.26 29.64
CA ASN R 33 27.73 17.96 29.85
C ASN R 33 27.27 18.47 31.20
N ASP R 34 28.10 18.25 32.22
CA ASP R 34 27.71 18.65 33.58
C ASP R 34 27.49 20.16 33.66
N TRP R 35 28.32 20.93 32.94
CA TRP R 35 28.22 22.39 32.87
C TRP R 35 27.09 22.85 31.95
N GLY R 36 26.42 21.94 31.23
CA GLY R 36 25.37 22.34 30.32
C GLY R 36 25.85 22.74 28.94
N LEU R 37 27.09 22.45 28.60
CA LEU R 37 27.63 22.69 27.26
C LEU R 37 27.51 21.40 26.46
N LYS R 38 26.27 21.07 26.11
CA LYS R 38 25.96 19.71 25.63
C LYS R 38 26.52 19.46 24.25
N ARG R 39 26.67 20.50 23.43
CA ARG R 39 27.16 20.28 22.08
C ARG R 39 28.65 19.99 22.12
N LEU R 40 29.38 20.66 23.00
CA LEU R 40 30.77 20.27 23.25
C LEU R 40 30.84 18.89 23.88
N GLY R 41 29.98 18.61 24.86
CA GLY R 41 30.01 17.30 25.47
C GLY R 41 29.82 16.21 24.45
N ALA R 42 28.87 16.40 23.53
CA ALA R 42 28.55 15.34 22.58
C ALA R 42 29.70 15.15 21.60
N HIS R 43 30.33 16.26 21.16
CA HIS R 43 31.40 16.09 20.19
C HIS R 43 32.59 15.42 20.86
N GLU R 44 32.86 15.78 22.10
CA GLU R 44 33.95 15.15 22.84
C GLU R 44 33.65 13.67 23.09
N TYR R 45 32.37 13.35 23.37
CA TYR R 45 31.98 11.94 23.49
C TYR R 45 32.34 11.18 22.22
N HIS R 46 32.03 11.75 21.06
CA HIS R 46 32.32 11.03 19.83
CA HIS R 46 32.33 11.12 19.77
C HIS R 46 33.83 10.96 19.57
N GLU R 47 34.61 11.94 20.00
CA GLU R 47 36.06 11.76 19.91
C GLU R 47 36.51 10.58 20.78
N SER R 48 35.96 10.45 21.99
CA SER R 48 36.28 9.31 22.84
C SER R 48 35.94 7.98 22.16
N ILE R 49 34.77 7.88 21.52
CA ILE R 49 34.38 6.64 20.86
C ILE R 49 35.37 6.29 19.75
N ASP R 50 35.80 7.31 18.98
CA ASP R 50 36.81 7.10 17.95
C ASP R 50 38.07 6.43 18.52
N GLU R 51 38.56 6.94 19.65
CA GLU R 51 39.75 6.34 20.25
C GLU R 51 39.47 4.92 20.73
N MET R 52 38.25 4.66 21.21
CA MET R 52 37.89 3.29 21.59
C MET R 52 38.02 2.35 20.39
N LYS R 53 37.60 2.80 19.20
CA LYS R 53 37.68 1.97 18.02
C LYS R 53 39.12 1.80 17.54
N HIS R 54 39.94 2.84 17.70
CA HIS R 54 41.37 2.71 17.45
C HIS R 54 41.98 1.64 18.33
N ALA R 55 41.74 1.73 19.64
CA ALA R 55 42.25 0.74 20.58
C ALA R 55 41.84 -0.66 20.17
N ASP R 56 40.57 -0.82 19.82
CA ASP R 56 40.05 -2.14 19.44
C ASP R 56 40.83 -2.72 18.27
N LYS R 57 41.04 -1.92 17.22
CA LYS R 57 41.78 -2.42 16.07
C LYS R 57 43.22 -2.74 16.44
N LEU R 58 43.85 -1.94 17.30
CA LEU R 58 45.23 -2.22 17.71
C LEU R 58 45.30 -3.51 18.53
N ILE R 59 44.35 -3.71 19.45
CA ILE R 59 44.32 -4.95 20.23
C ILE R 59 44.21 -6.16 19.32
N GLU R 60 43.28 -6.11 18.33
CA GLU R 60 43.08 -7.24 17.43
C GLU R 60 44.34 -7.53 16.60
N ARG R 61 45.01 -6.48 16.14
CA ARG R 61 46.24 -6.67 15.38
C ARG R 61 47.36 -7.24 16.26
N ILE R 62 47.52 -6.75 17.49
CA ILE R 62 48.54 -7.28 18.40
C ILE R 62 48.30 -8.77 18.63
N LEU R 63 47.03 -9.13 18.86
CA LEU R 63 46.72 -10.53 19.12
C LEU R 63 47.01 -11.38 17.90
N PHE R 64 46.66 -10.91 16.71
CA PHE R 64 46.92 -11.69 15.50
C PHE R 64 48.41 -11.91 15.30
N LEU R 65 49.22 -10.91 15.62
CA LEU R 65 50.67 -11.05 15.47
C LEU R 65 51.30 -11.80 16.63
N GLU R 66 50.48 -12.42 17.50
CA GLU R 66 50.93 -13.26 18.61
C GLU R 66 51.63 -12.47 19.71
N GLY R 67 51.17 -11.24 19.93
CA GLY R 67 51.63 -10.39 21.00
C GLY R 67 50.60 -10.32 22.12
N ALA R 68 50.97 -9.55 23.13
CA ALA R 68 50.19 -9.40 24.36
C ALA R 68 49.77 -7.95 24.50
N PRO R 69 48.52 -7.58 24.20
CA PRO R 69 48.11 -6.19 24.37
C PRO R 69 48.22 -5.76 25.83
N ASN R 70 48.77 -4.56 26.02
CA ASN R 70 48.97 -3.93 27.33
C ASN R 70 47.86 -2.93 27.57
N LEU R 71 46.85 -3.34 28.32
CA LEU R 71 45.79 -2.46 28.77
C LEU R 71 45.99 -2.03 30.21
N GLN R 72 47.14 -2.38 30.79
CA GLN R 72 47.38 -2.16 32.21
C GLN R 72 48.05 -0.83 32.51
N ASP R 73 48.91 -0.35 31.62
CA ASP R 73 49.67 0.87 31.87
C ASP R 73 48.89 2.04 31.29
N LEU R 74 48.40 2.90 32.16
CA LEU R 74 47.64 4.08 31.78
C LEU R 74 48.50 5.29 32.11
N GLY R 75 48.94 6.02 31.09
CA GLY R 75 49.73 7.22 31.25
C GLY R 75 48.92 8.38 31.80
N LYS R 76 49.57 9.53 31.87
CA LYS R 76 49.03 10.67 32.61
C LYS R 76 47.91 11.33 31.79
N LEU R 77 46.74 11.46 32.41
CA LEU R 77 45.65 12.21 31.80
C LEU R 77 45.90 13.70 32.01
N LEU R 78 45.71 14.49 30.96
CA LEU R 78 45.80 15.94 31.03
C LEU R 78 44.36 16.48 31.08
N ILE R 79 43.91 16.85 32.26
CA ILE R 79 42.55 17.35 32.46
C ILE R 79 42.60 18.86 32.64
N GLY R 80 41.76 19.60 31.91
CA GLY R 80 41.70 21.04 32.03
C GLY R 80 40.62 21.49 33.01
N ALA R 81 40.68 22.76 33.39
CA ALA R 81 39.73 23.32 34.33
C ALA R 81 38.61 24.10 33.65
N ASN R 82 38.77 24.42 32.38
CA ASN R 82 37.81 25.20 31.63
C ASN R 82 37.96 24.84 30.16
N THR R 83 37.02 25.34 29.34
CA THR R 83 36.94 24.93 27.94
C THR R 83 38.25 25.14 27.18
N GLN R 84 38.85 26.32 27.31
CA GLN R 84 40.10 26.58 26.59
C GLN R 84 41.19 25.61 26.98
N GLU R 85 41.39 25.42 28.30
CA GLU R 85 42.39 24.47 28.77
C GLU R 85 42.09 23.07 28.31
N MET R 86 40.82 22.67 28.36
CA MET R 86 40.47 21.29 28.00
C MET R 86 40.79 21.04 26.53
N LEU R 87 40.42 21.98 25.65
CA LEU R 87 40.75 21.82 24.24
C LEU R 87 42.27 21.76 24.04
N GLN R 88 43.01 22.61 24.75
CA GLN R 88 44.46 22.62 24.59
C GLN R 88 45.09 21.32 25.13
N CYS R 89 44.57 20.80 26.25
CA CYS R 89 45.05 19.50 26.73
C CYS R 89 44.84 18.40 25.70
N ASP R 90 43.67 18.37 25.07
CA ASP R 90 43.41 17.42 24.01
C ASP R 90 44.41 17.59 22.87
N LEU R 91 44.62 18.84 22.44
CA LEU R 91 45.50 19.05 21.31
C LEU R 91 46.93 18.62 21.64
N ASN R 92 47.39 18.90 22.85
CA ASN R 92 48.72 18.47 23.26
C ASN R 92 48.85 16.95 23.16
N LEU R 93 47.82 16.22 23.61
CA LEU R 93 47.86 14.76 23.55
C LEU R 93 47.90 14.25 22.11
N GLU R 94 47.04 14.79 21.25
CA GLU R 94 46.99 14.36 19.86
C GLU R 94 48.33 14.57 19.14
N LEU R 95 49.00 15.69 19.42
CA LEU R 95 50.30 15.98 18.81
C LEU R 95 51.37 15.02 19.29
N LYS R 96 51.44 14.77 20.61
CA LYS R 96 52.31 13.69 21.09
C LYS R 96 51.99 12.38 20.40
N ALA R 97 50.71 12.05 20.27
CA ALA R 97 50.34 10.76 19.70
C ALA R 97 50.70 10.63 18.23
N THR R 98 50.65 11.73 17.46
CA THR R 98 51.00 11.58 16.05
C THR R 98 52.49 11.36 15.89
N LYS R 99 53.29 11.94 16.77
CA LYS R 99 54.73 11.68 16.72
C LYS R 99 55.02 10.19 16.82
N ASP R 100 54.39 9.50 17.80
CA ASP R 100 54.58 8.07 17.95
C ASP R 100 54.01 7.28 16.77
N LEU R 101 52.92 7.75 16.17
CA LEU R 101 52.37 7.05 15.00
C LEU R 101 53.35 7.06 13.85
N ARG R 102 53.96 8.23 13.57
CA ARG R 102 54.92 8.32 12.47
C ARG R 102 56.12 7.41 12.72
N GLU R 103 56.62 7.40 13.94
CA GLU R 103 57.74 6.51 14.26
C GLU R 103 57.36 5.05 14.06
N ALA R 104 56.10 4.70 14.40
CA ALA R 104 55.69 3.30 14.25
C ALA R 104 55.57 2.91 12.79
N ILE R 105 55.08 3.84 11.95
CA ILE R 105 54.93 3.56 10.52
C ILE R 105 56.29 3.38 9.87
N VAL R 106 57.27 4.22 10.24
CA VAL R 106 58.64 4.02 9.77
C VAL R 106 59.08 2.59 10.07
N HIS R 107 58.83 2.12 11.29
CA HIS R 107 59.32 0.80 11.62
C HIS R 107 58.58 -0.29 10.84
N CYS R 108 57.26 -0.15 10.67
CA CYS R 108 56.51 -1.14 9.89
C CYS R 108 57.06 -1.24 8.48
N GLU R 109 57.27 -0.09 7.82
CA GLU R 109 57.81 -0.09 6.45
C GLU R 109 59.14 -0.82 6.40
N GLN R 110 60.04 -0.48 7.34
CA GLN R 110 61.37 -1.07 7.41
C GLN R 110 61.35 -2.59 7.48
N VAL R 111 60.40 -3.19 8.22
CA VAL R 111 60.34 -4.65 8.31
C VAL R 111 59.29 -5.24 7.38
N HIS R 112 58.70 -4.43 6.51
CA HIS R 112 57.74 -4.88 5.49
C HIS R 112 56.44 -5.39 6.08
N ASP R 113 56.04 -4.84 7.22
CA ASP R 113 54.74 -5.13 7.80
C ASP R 113 53.77 -4.10 7.23
N TYR R 114 53.39 -4.32 5.96
CA TYR R 114 52.60 -3.33 5.24
C TYR R 114 51.17 -3.26 5.73
N VAL R 115 50.63 -4.35 6.29
CA VAL R 115 49.25 -4.35 6.80
C VAL R 115 49.19 -3.54 8.08
N SER R 116 50.16 -3.71 8.99
CA SER R 116 50.21 -2.84 10.17
C SER R 116 50.42 -1.38 9.76
N ARG R 117 51.31 -1.11 8.80
CA ARG R 117 51.48 0.26 8.33
C ARG R 117 50.15 0.85 7.91
N ASP R 118 49.37 0.08 7.14
CA ASP R 118 48.09 0.58 6.63
C ASP R 118 47.13 0.89 7.78
N LEU R 119 47.05 0.00 8.76
CA LEU R 119 46.24 0.29 9.94
C LEU R 119 46.69 1.58 10.62
N LEU R 120 48.00 1.73 10.83
CA LEU R 120 48.48 2.91 11.53
C LEU R 120 48.21 4.18 10.74
N LYS R 121 48.32 4.11 9.41
CA LYS R 121 48.03 5.28 8.58
C LYS R 121 46.57 5.68 8.70
N ASP R 122 45.67 4.70 8.78
CA ASP R 122 44.25 5.03 8.95
C ASP R 122 44.02 5.71 10.29
N ILE R 123 44.66 5.23 11.35
CA ILE R 123 44.55 5.91 12.64
C ILE R 123 45.11 7.32 12.54
N LEU R 124 46.27 7.48 11.90
CA LEU R 124 46.89 8.80 11.75
C LEU R 124 45.94 9.80 11.08
N GLU R 125 45.33 9.39 9.97
CA GLU R 125 44.36 10.22 9.27
C GLU R 125 43.25 10.69 10.21
N SER R 126 42.75 9.78 11.05
CA SER R 126 41.77 10.16 12.07
CA SER R 126 41.77 10.17 12.06
C SER R 126 42.36 11.16 13.07
N GLU R 127 43.59 10.93 13.55
CA GLU R 127 44.16 11.86 14.51
C GLU R 127 44.34 13.24 13.90
N GLU R 128 44.73 13.32 12.64
CA GLU R 128 44.89 14.65 12.03
C GLU R 128 43.54 15.35 11.85
N GLU R 129 42.45 14.62 11.66
CA GLU R 129 41.12 15.25 11.73
C GLU R 129 40.81 15.73 13.14
N HIS R 130 41.20 14.98 14.17
CA HIS R 130 41.01 15.45 15.54
C HIS R 130 41.79 16.74 15.77
N ILE R 131 43.07 16.75 15.40
CA ILE R 131 43.87 17.98 15.50
C ILE R 131 43.18 19.12 14.76
N ASP R 132 42.67 18.85 13.57
CA ASP R 132 41.99 19.92 12.85
C ASP R 132 40.77 20.44 13.62
N TYR R 133 39.97 19.53 14.19
CA TYR R 133 38.83 19.98 14.97
C TYR R 133 39.27 20.85 16.15
N LEU R 134 40.30 20.41 16.89
CA LEU R 134 40.72 21.12 18.10
C LEU R 134 41.35 22.46 17.76
N GLU R 135 42.23 22.47 16.76
CA GLU R 135 42.82 23.73 16.32
C GLU R 135 41.74 24.69 15.88
N THR R 136 40.72 24.17 15.20
CA THR R 136 39.68 25.04 14.68
C THR R 136 38.84 25.62 15.80
N GLN R 137 38.52 24.83 16.85
CA GLN R 137 37.71 25.37 17.94
C GLN R 137 38.46 26.49 18.65
N LEU R 138 39.76 26.30 18.85
CA LEU R 138 40.56 27.34 19.51
C LEU R 138 40.59 28.61 18.67
N GLY R 139 40.66 28.46 17.35
CA GLY R 139 40.60 29.65 16.50
C GLY R 139 39.23 30.31 16.55
N LEU R 140 38.16 29.52 16.57
CA LEU R 140 36.82 30.11 16.66
C LEU R 140 36.65 30.90 17.95
N ILE R 141 37.23 30.42 19.06
CA ILE R 141 37.18 31.18 20.31
C ILE R 141 37.80 32.56 20.14
N GLN R 142 38.94 32.66 19.43
CA GLN R 142 39.52 33.97 19.16
C GLN R 142 38.60 34.81 18.27
N LYS R 143 38.01 34.19 17.24
CA LYS R 143 37.24 34.96 16.25
C LYS R 143 35.90 35.44 16.79
N VAL R 144 35.15 34.58 17.49
CA VAL R 144 33.79 34.93 17.88
C VAL R 144 33.72 35.34 19.33
N GLY R 145 34.80 35.13 20.09
CA GLY R 145 34.89 35.43 21.51
C GLY R 145 34.41 34.26 22.36
N LEU R 146 35.01 34.12 23.54
CA LEU R 146 34.76 32.93 24.36
C LEU R 146 33.28 32.80 24.70
N GLU R 147 32.67 33.86 25.18
CA GLU R 147 31.27 33.78 25.61
C GLU R 147 30.34 33.37 24.46
N ASN R 148 30.54 33.92 23.26
CA ASN R 148 29.76 33.49 22.10
C ASN R 148 30.02 32.03 21.78
N TYR R 149 31.27 31.59 21.90
CA TYR R 149 31.59 30.24 21.49
C TYR R 149 30.91 29.24 22.42
N LEU R 150 30.93 29.51 23.72
CA LEU R 150 30.23 28.65 24.67
C LEU R 150 28.73 28.70 24.43
N GLN R 151 28.20 29.90 24.20
CA GLN R 151 26.76 30.02 23.94
C GLN R 151 26.34 29.08 22.82
N SER R 152 27.11 29.07 21.72
CA SER R 152 26.78 28.26 20.56
C SER R 152 26.97 26.77 20.79
N HIS R 153 27.60 26.37 21.89
CA HIS R 153 27.74 24.95 22.21
C HIS R 153 26.98 24.56 23.47
N MET R 154 25.97 25.35 23.88
CA MET R 154 25.11 24.95 24.97
C MET R 154 24.10 23.90 24.53
N HIS R 155 23.33 24.20 23.48
CA HIS R 155 22.24 23.36 23.01
C HIS R 155 22.65 22.51 21.83
N GLU R 156 22.28 21.23 21.87
CA GLU R 156 22.60 20.30 20.77
C GLU R 156 21.90 20.66 19.44
N MET S 1 23.15 48.64 -3.80
CA MET S 1 23.78 49.01 -5.08
C MET S 1 23.09 50.27 -5.55
N LYS S 2 23.83 51.38 -5.72
CA LYS S 2 23.23 52.68 -5.98
C LYS S 2 22.59 52.66 -7.36
N GLY S 3 21.31 52.89 -7.41
CA GLY S 3 20.62 52.94 -8.68
C GLY S 3 20.54 54.34 -9.22
N ASP S 4 20.15 54.42 -10.49
CA ASP S 4 19.95 55.71 -11.13
C ASP S 4 18.74 56.42 -10.53
N LYS S 5 18.94 57.66 -10.14
CA LYS S 5 17.91 58.39 -9.40
C LYS S 5 16.60 58.52 -10.20
N LYS S 6 16.68 58.75 -11.50
CA LYS S 6 15.46 58.86 -12.29
C LYS S 6 14.82 57.49 -12.54
N VAL S 7 15.62 56.43 -12.68
CA VAL S 7 15.03 55.09 -12.72
C VAL S 7 14.23 54.84 -11.46
N ILE S 8 14.77 55.24 -10.31
CA ILE S 8 14.07 54.98 -9.06
C ILE S 8 12.77 55.77 -9.02
N GLN S 9 12.76 56.99 -9.57
CA GLN S 9 11.54 57.77 -9.61
C GLN S 9 10.51 57.10 -10.50
N HIS S 10 10.94 56.56 -11.65
CA HIS S 10 10.03 55.79 -12.49
C HIS S 10 9.45 54.60 -11.74
N LEU S 11 10.30 53.86 -11.04
CA LEU S 11 9.81 52.69 -10.27
C LEU S 11 8.79 53.11 -9.24
N ASN S 12 9.03 54.22 -8.55
CA ASN S 12 8.03 54.71 -7.60
C ASN S 12 6.74 55.14 -8.28
N LYS S 13 6.83 55.65 -9.50
CA LYS S 13 5.62 56.03 -10.22
C LYS S 13 4.82 54.79 -10.62
N ILE S 14 5.51 53.74 -11.12
CA ILE S 14 4.84 52.46 -11.39
C ILE S 14 4.22 51.90 -10.11
N LEU S 15 4.95 51.97 -9.00
CA LEU S 15 4.42 51.49 -7.72
C LEU S 15 3.14 52.24 -7.35
N GLY S 16 3.12 53.55 -7.56
CA GLY S 16 1.92 54.33 -7.28
C GLY S 16 0.72 53.86 -8.09
N ASN S 17 0.94 53.51 -9.37
CA ASN S 17 -0.12 52.92 -10.17
C ASN S 17 -0.59 51.57 -9.60
N GLU S 18 0.34 50.73 -9.15
CA GLU S 18 -0.03 49.44 -8.56
C GLU S 18 -0.90 49.66 -7.34
N LEU S 19 -0.57 50.66 -6.52
CA LEU S 19 -1.35 50.87 -5.29
C LEU S 19 -2.77 51.31 -5.59
N ILE S 20 -2.98 52.10 -6.65
CA ILE S 20 -4.34 52.41 -7.08
C ILE S 20 -5.09 51.13 -7.48
N ALA S 21 -4.46 50.34 -8.33
CA ALA S 21 -5.10 49.14 -8.87
C ALA S 21 -5.46 48.14 -7.77
N ILE S 22 -4.57 47.93 -6.79
CA ILE S 22 -4.87 47.05 -5.65
C ILE S 22 -6.20 47.43 -5.03
N ASN S 23 -6.32 48.71 -4.64
CA ASN S 23 -7.52 49.12 -3.92
C ASN S 23 -8.73 49.14 -4.82
N GLN S 24 -8.58 49.61 -6.06
CA GLN S 24 -9.73 49.69 -6.97
C GLN S 24 -10.27 48.30 -7.27
N TYR S 25 -9.38 47.36 -7.61
CA TYR S 25 -9.83 46.02 -7.95
C TYR S 25 -10.32 45.27 -6.72
N PHE S 26 -9.70 45.48 -5.55
CA PHE S 26 -10.21 44.84 -4.35
C PHE S 26 -11.64 45.31 -4.02
N LEU S 27 -11.88 46.63 -4.10
CA LEU S 27 -13.24 47.12 -3.85
C LEU S 27 -14.23 46.61 -4.91
N HIS S 28 -13.82 46.61 -6.18
CA HIS S 28 -14.71 46.08 -7.22
C HIS S 28 -15.02 44.59 -6.98
N SER S 29 -14.00 43.81 -6.62
CA SER S 29 -14.24 42.41 -6.29
C SER S 29 -15.30 42.27 -5.21
N ARG S 30 -15.19 43.06 -4.15
CA ARG S 30 -16.10 42.93 -3.02
C ARG S 30 -17.49 43.47 -3.34
N MET S 31 -17.57 44.47 -4.23
CA MET S 31 -18.86 44.91 -4.74
C MET S 31 -19.54 43.82 -5.54
N TRP S 32 -18.80 43.16 -6.44
CA TRP S 32 -19.37 42.06 -7.21
C TRP S 32 -19.82 40.92 -6.30
N ASN S 33 -18.99 40.56 -5.30
CA ASN S 33 -19.40 39.51 -4.38
C ASN S 33 -20.66 39.90 -3.62
N ASP S 34 -20.69 41.13 -3.12
CA ASP S 34 -21.88 41.61 -2.40
C ASP S 34 -23.13 41.53 -3.28
N TRP S 35 -23.01 41.77 -4.57
CA TRP S 35 -24.14 41.68 -5.48
C TRP S 35 -24.49 40.24 -5.87
N GLY S 36 -23.73 39.25 -5.41
CA GLY S 36 -24.00 37.89 -5.82
C GLY S 36 -23.42 37.51 -7.16
N LEU S 37 -22.53 38.32 -7.71
CA LEU S 37 -21.88 38.02 -8.97
C LEU S 37 -20.48 37.47 -8.68
N LYS S 38 -20.46 36.26 -8.16
CA LYS S 38 -19.27 35.78 -7.47
C LYS S 38 -18.16 35.36 -8.42
N ARG S 39 -18.49 35.00 -9.66
CA ARG S 39 -17.45 34.67 -10.62
C ARG S 39 -16.68 35.92 -11.01
N LEU S 40 -17.40 37.03 -11.24
CA LEU S 40 -16.73 38.32 -11.45
C LEU S 40 -15.92 38.74 -10.24
N GLY S 41 -16.51 38.61 -9.05
CA GLY S 41 -15.80 38.96 -7.83
C GLY S 41 -14.51 38.16 -7.63
N ALA S 42 -14.55 36.85 -7.86
CA ALA S 42 -13.35 36.02 -7.69
C ALA S 42 -12.28 36.40 -8.70
N HIS S 43 -12.65 36.69 -9.96
CA HIS S 43 -11.65 37.06 -10.96
C HIS S 43 -11.02 38.41 -10.63
N GLU S 44 -11.84 39.37 -10.20
CA GLU S 44 -11.31 40.67 -9.84
C GLU S 44 -10.40 40.58 -8.62
N TYR S 45 -10.71 39.67 -7.70
CA TYR S 45 -9.84 39.43 -6.55
C TYR S 45 -8.48 38.93 -7.01
N HIS S 46 -8.46 38.00 -7.97
CA HIS S 46 -7.17 37.52 -8.42
CA HIS S 46 -7.20 37.49 -8.52
C HIS S 46 -6.40 38.61 -9.17
N GLU S 47 -7.09 39.49 -9.89
CA GLU S 47 -6.40 40.64 -10.48
C GLU S 47 -5.79 41.52 -9.40
N SER S 48 -6.54 41.77 -8.31
CA SER S 48 -6.02 42.53 -7.19
C SER S 48 -4.74 41.89 -6.63
N ILE S 49 -4.76 40.57 -6.46
CA ILE S 49 -3.59 39.87 -5.92
C ILE S 49 -2.41 40.03 -6.87
N ASP S 50 -2.69 39.96 -8.18
CA ASP S 50 -1.66 40.19 -9.19
C ASP S 50 -0.95 41.53 -8.96
N GLU S 51 -1.72 42.59 -8.70
CA GLU S 51 -1.15 43.93 -8.50
C GLU S 51 -0.36 43.99 -7.18
N MET S 52 -0.83 43.31 -6.13
CA MET S 52 -0.05 43.23 -4.90
C MET S 52 1.31 42.62 -5.15
N LYS S 53 1.37 41.63 -6.03
CA LYS S 53 2.65 41.00 -6.35
C LYS S 53 3.54 41.94 -7.15
N HIS S 54 2.98 42.70 -8.08
CA HIS S 54 3.78 43.69 -8.80
C HIS S 54 4.37 44.70 -7.83
N ALA S 55 3.55 45.17 -6.88
CA ALA S 55 4.00 46.18 -5.92
C ALA S 55 5.15 45.64 -5.09
N ASP S 56 5.00 44.40 -4.62
CA ASP S 56 6.04 43.76 -3.84
C ASP S 56 7.36 43.77 -4.60
N LYS S 57 7.34 43.34 -5.86
CA LYS S 57 8.58 43.26 -6.62
C LYS S 57 9.19 44.65 -6.80
N LEU S 58 8.36 45.65 -7.00
CA LEU S 58 8.88 47.00 -7.19
C LEU S 58 9.46 47.53 -5.89
N ILE S 59 8.75 47.32 -4.77
CA ILE S 59 9.27 47.70 -3.46
C ILE S 59 10.66 47.13 -3.23
N GLU S 60 10.82 45.83 -3.47
CA GLU S 60 12.11 45.16 -3.23
C GLU S 60 13.20 45.70 -4.15
N ARG S 61 12.87 45.95 -5.41
CA ARG S 61 13.84 46.55 -6.33
C ARG S 61 14.24 47.95 -5.88
N ILE S 62 13.27 48.78 -5.51
CA ILE S 62 13.58 50.14 -5.08
C ILE S 62 14.52 50.12 -3.90
N LEU S 63 14.27 49.22 -2.95
CA LEU S 63 15.12 49.11 -1.76
C LEU S 63 16.52 48.63 -2.13
N PHE S 64 16.62 47.58 -2.95
CA PHE S 64 17.94 47.14 -3.43
C PHE S 64 18.72 48.30 -4.03
N LEU S 65 18.06 49.14 -4.82
CA LEU S 65 18.72 50.26 -5.49
C LEU S 65 18.93 51.46 -4.55
N GLU S 66 18.72 51.28 -3.25
CA GLU S 66 18.97 52.30 -2.23
C GLU S 66 18.01 53.48 -2.35
N GLY S 67 16.81 53.24 -2.89
CA GLY S 67 15.75 54.21 -2.89
C GLY S 67 14.76 53.97 -1.74
N ALA S 68 13.83 54.90 -1.65
CA ALA S 68 12.79 54.90 -0.63
C ALA S 68 11.44 54.61 -1.29
N PRO S 69 10.87 53.41 -1.13
CA PRO S 69 9.55 53.15 -1.72
C PRO S 69 8.51 54.07 -1.11
N ASN S 70 7.66 54.61 -1.97
CA ASN S 70 6.63 55.55 -1.59
C ASN S 70 5.29 54.82 -1.57
N LEU S 71 4.85 54.42 -0.38
CA LEU S 71 3.53 53.84 -0.23
C LEU S 71 2.53 54.85 0.32
N GLN S 72 2.93 56.12 0.43
CA GLN S 72 2.12 57.14 1.11
C GLN S 72 1.14 57.85 0.18
N ASP S 73 1.48 58.03 -1.09
CA ASP S 73 0.71 58.85 -2.02
C ASP S 73 -0.21 57.90 -2.80
N LEU S 74 -1.51 57.99 -2.53
CA LEU S 74 -2.49 57.16 -3.23
C LEU S 74 -3.27 58.06 -4.17
N GLY S 75 -3.17 57.79 -5.47
CA GLY S 75 -3.91 58.54 -6.48
C GLY S 75 -5.39 58.17 -6.49
N LYS S 76 -6.09 58.67 -7.51
CA LYS S 76 -7.54 58.60 -7.56
C LYS S 76 -8.00 57.20 -7.96
N LEU S 77 -8.84 56.58 -7.10
CA LEU S 77 -9.51 55.34 -7.47
C LEU S 77 -10.68 55.64 -8.37
N LEU S 78 -10.88 54.81 -9.39
CA LEU S 78 -11.99 54.94 -10.34
C LEU S 78 -12.99 53.84 -10.04
N ILE S 79 -14.01 54.16 -9.25
CA ILE S 79 -14.93 53.15 -8.74
C ILE S 79 -16.21 53.21 -9.54
N GLY S 80 -16.50 52.16 -10.31
CA GLY S 80 -17.73 52.12 -11.10
C GLY S 80 -18.98 51.84 -10.26
N ALA S 81 -20.15 52.19 -10.79
CA ALA S 81 -21.43 51.97 -10.11
C ALA S 81 -22.16 50.71 -10.58
N ASN S 82 -21.71 50.10 -11.66
CA ASN S 82 -22.32 48.90 -12.19
C ASN S 82 -21.24 48.16 -12.95
N THR S 83 -21.57 46.94 -13.42
CA THR S 83 -20.55 46.05 -13.98
C THR S 83 -19.87 46.69 -15.18
N GLN S 84 -20.65 47.26 -16.09
CA GLN S 84 -20.09 47.88 -17.29
C GLN S 84 -19.10 48.97 -16.95
N GLU S 85 -19.47 49.85 -16.01
CA GLU S 85 -18.58 50.93 -15.59
C GLU S 85 -17.35 50.43 -14.86
N MET S 86 -17.51 49.43 -14.00
CA MET S 86 -16.37 48.90 -13.27
C MET S 86 -15.34 48.32 -14.23
N LEU S 87 -15.79 47.57 -15.25
CA LEU S 87 -14.85 47.01 -16.22
C LEU S 87 -14.15 48.15 -16.99
N GLN S 88 -14.90 49.16 -17.40
CA GLN S 88 -14.29 50.26 -18.14
C GLN S 88 -13.34 51.09 -17.27
N CYS S 89 -13.69 51.33 -15.99
CA CYS S 89 -12.77 52.00 -15.08
C CYS S 89 -11.47 51.23 -14.93
N ASP S 90 -11.55 49.91 -14.74
CA ASP S 90 -10.33 49.10 -14.70
C ASP S 90 -9.54 49.22 -15.99
N LEU S 91 -10.24 49.23 -17.12
CA LEU S 91 -9.53 49.33 -18.40
C LEU S 91 -8.86 50.71 -18.55
N ASN S 92 -9.55 51.78 -18.17
CA ASN S 92 -8.93 53.10 -18.20
C ASN S 92 -7.67 53.14 -17.36
N LEU S 93 -7.69 52.49 -16.18
CA LEU S 93 -6.51 52.50 -15.31
C LEU S 93 -5.38 51.67 -15.91
N GLU S 94 -5.68 50.48 -16.44
CA GLU S 94 -4.64 49.68 -17.09
C GLU S 94 -3.97 50.43 -18.23
N LEU S 95 -4.74 51.15 -19.04
CA LEU S 95 -4.16 51.86 -20.17
C LEU S 95 -3.21 52.98 -19.73
N LYS S 96 -3.58 53.73 -18.68
CA LYS S 96 -2.66 54.74 -18.14
C LYS S 96 -1.40 54.08 -17.57
N ALA S 97 -1.57 52.97 -16.85
CA ALA S 97 -0.43 52.27 -16.27
C ALA S 97 0.55 51.80 -17.35
N THR S 98 0.06 51.25 -18.47
CA THR S 98 1.02 50.75 -19.46
C THR S 98 1.76 51.90 -20.11
N LYS S 99 1.13 53.05 -20.30
CA LYS S 99 1.85 54.19 -20.84
C LYS S 99 3.02 54.56 -19.93
N ASP S 100 2.79 54.57 -18.62
CA ASP S 100 3.87 54.84 -17.68
C ASP S 100 4.95 53.76 -17.71
N LEU S 101 4.55 52.48 -17.83
CA LEU S 101 5.54 51.40 -17.89
C LEU S 101 6.45 51.56 -19.10
N ARG S 102 5.88 51.93 -20.25
CA ARG S 102 6.67 52.04 -21.46
C ARG S 102 7.74 53.12 -21.31
N GLU S 103 7.36 54.26 -20.73
CA GLU S 103 8.30 55.35 -20.47
C GLU S 103 9.36 54.96 -19.44
N ALA S 104 8.97 54.19 -18.42
CA ALA S 104 9.96 53.67 -17.46
C ALA S 104 10.96 52.76 -18.16
N ILE S 105 10.48 51.94 -19.11
CA ILE S 105 11.36 50.99 -19.79
C ILE S 105 12.33 51.71 -20.73
N VAL S 106 11.88 52.77 -21.41
CA VAL S 106 12.80 53.61 -22.18
C VAL S 106 13.93 54.12 -21.31
N HIS S 107 13.60 54.62 -20.12
CA HIS S 107 14.63 55.20 -19.27
C HIS S 107 15.60 54.14 -18.79
N CYS S 108 15.10 52.96 -18.39
CA CYS S 108 15.98 51.90 -17.95
C CYS S 108 16.97 51.53 -19.04
N GLU S 109 16.48 51.40 -20.28
CA GLU S 109 17.35 51.05 -21.40
C GLU S 109 18.43 52.09 -21.58
N GLN S 110 18.06 53.36 -21.45
CA GLN S 110 18.97 54.49 -21.70
C GLN S 110 20.14 54.51 -20.72
N VAL S 111 19.90 54.19 -19.45
CA VAL S 111 20.99 54.20 -18.45
C VAL S 111 21.54 52.79 -18.18
N HIS S 112 21.17 51.80 -18.99
CA HIS S 112 21.71 50.44 -18.90
C HIS S 112 21.27 49.67 -17.63
N ASP S 113 20.10 50.00 -17.07
CA ASP S 113 19.55 49.21 -15.95
C ASP S 113 18.67 48.12 -16.56
N TYR S 114 19.34 47.09 -17.07
CA TYR S 114 18.67 46.05 -17.82
C TYR S 114 17.84 45.14 -16.92
N VAL S 115 18.24 44.98 -15.66
CA VAL S 115 17.47 44.14 -14.74
C VAL S 115 16.16 44.82 -14.37
N SER S 116 16.18 46.13 -14.13
CA SER S 116 14.92 46.85 -13.89
C SER S 116 14.04 46.81 -15.13
N ARG S 117 14.63 46.97 -16.32
CA ARG S 117 13.86 46.83 -17.55
C ARG S 117 13.17 45.47 -17.62
N ASP S 118 13.90 44.41 -17.34
CA ASP S 118 13.31 43.06 -17.35
C ASP S 118 12.13 42.96 -16.39
N LEU S 119 12.28 43.46 -15.16
CA LEU S 119 11.18 43.42 -14.20
C LEU S 119 9.98 44.18 -14.74
N LEU S 120 10.22 45.37 -15.29
CA LEU S 120 9.11 46.17 -15.82
C LEU S 120 8.46 45.52 -17.05
N LYS S 121 9.24 44.83 -17.88
CA LYS S 121 8.64 44.13 -19.00
C LYS S 121 7.77 42.97 -18.53
N ASP S 122 8.14 42.30 -17.44
CA ASP S 122 7.29 41.24 -16.87
C ASP S 122 5.97 41.80 -16.39
N ILE S 123 6.01 42.90 -15.64
CA ILE S 123 4.79 43.56 -15.21
C ILE S 123 3.93 43.92 -16.41
N LEU S 124 4.56 44.49 -17.44
CA LEU S 124 3.82 44.98 -18.62
C LEU S 124 3.13 43.83 -19.34
N GLU S 125 3.79 42.68 -19.43
CA GLU S 125 3.16 41.49 -19.98
C GLU S 125 1.87 41.18 -19.22
N SER S 126 1.94 41.23 -17.89
CA SER S 126 0.77 40.99 -17.06
CA SER S 126 0.76 40.99 -17.07
C SER S 126 -0.30 42.05 -17.30
N GLU S 127 0.10 43.33 -17.38
CA GLU S 127 -0.89 44.37 -17.63
C GLU S 127 -1.59 44.18 -18.98
N GLU S 128 -0.84 43.74 -20.01
CA GLU S 128 -1.51 43.53 -21.29
C GLU S 128 -2.48 42.34 -21.24
N GLU S 129 -2.16 41.31 -20.46
CA GLU S 129 -3.15 40.26 -20.18
C GLU S 129 -4.38 40.81 -19.46
N HIS S 130 -4.18 41.69 -18.49
CA HIS S 130 -5.31 42.32 -17.82
C HIS S 130 -6.16 43.10 -18.83
N ILE S 131 -5.52 43.87 -19.71
CA ILE S 131 -6.24 44.63 -20.72
C ILE S 131 -7.01 43.68 -21.62
N ASP S 132 -6.37 42.58 -22.05
CA ASP S 132 -7.08 41.63 -22.89
C ASP S 132 -8.32 41.06 -22.18
N TYR S 133 -8.20 40.77 -20.88
CA TYR S 133 -9.35 40.25 -20.15
C TYR S 133 -10.49 41.27 -20.10
N LEU S 134 -10.16 42.52 -19.76
CA LEU S 134 -11.19 43.57 -19.64
C LEU S 134 -11.85 43.85 -20.99
N GLU S 135 -11.06 44.02 -22.04
CA GLU S 135 -11.62 44.27 -23.37
C GLU S 135 -12.53 43.13 -23.79
N THR S 136 -12.08 41.90 -23.53
CA THR S 136 -12.86 40.73 -23.89
C THR S 136 -14.19 40.69 -23.13
N GLN S 137 -14.18 41.03 -21.83
CA GLN S 137 -15.43 41.00 -21.09
C GLN S 137 -16.41 42.00 -21.67
N LEU S 138 -15.94 43.22 -21.96
CA LEU S 138 -16.79 44.24 -22.56
C LEU S 138 -17.31 43.79 -23.91
N GLY S 139 -16.46 43.13 -24.71
CA GLY S 139 -16.93 42.54 -25.96
C GLY S 139 -17.99 41.48 -25.75
N LEU S 140 -17.82 40.63 -24.74
CA LEU S 140 -18.78 39.57 -24.52
C LEU S 140 -20.14 40.13 -24.10
N ILE S 141 -20.15 41.23 -23.35
CA ILE S 141 -21.43 41.85 -22.98
C ILE S 141 -22.23 42.22 -24.22
N GLN S 142 -21.56 42.75 -25.25
CA GLN S 142 -22.30 43.06 -26.47
C GLN S 142 -22.73 41.81 -27.24
N LYS S 143 -21.95 40.73 -27.23
CA LYS S 143 -22.31 39.56 -28.03
C LYS S 143 -23.40 38.71 -27.39
N VAL S 144 -23.39 38.56 -26.06
CA VAL S 144 -24.35 37.69 -25.40
C VAL S 144 -25.43 38.47 -24.68
N GLY S 145 -25.28 39.78 -24.52
CA GLY S 145 -26.26 40.58 -23.82
C GLY S 145 -25.86 40.76 -22.37
N LEU S 146 -26.11 41.94 -21.79
CA LEU S 146 -25.69 42.19 -20.40
C LEU S 146 -26.32 41.20 -19.43
N GLU S 147 -27.61 40.91 -19.58
CA GLU S 147 -28.24 40.03 -18.60
C GLU S 147 -27.68 38.60 -18.66
N ASN S 148 -27.42 38.08 -19.87
CA ASN S 148 -26.75 36.78 -20.01
C ASN S 148 -25.33 36.84 -19.45
N TYR S 149 -24.59 37.88 -19.78
CA TYR S 149 -23.23 37.98 -19.27
C TYR S 149 -23.23 37.93 -17.74
N LEU S 150 -24.10 38.72 -17.08
CA LEU S 150 -24.15 38.71 -15.62
C LEU S 150 -24.61 37.36 -15.07
N GLN S 151 -25.63 36.77 -15.70
CA GLN S 151 -26.06 35.43 -15.32
C GLN S 151 -24.89 34.45 -15.32
N SER S 152 -24.08 34.46 -16.39
CA SER S 152 -22.96 33.54 -16.47
C SER S 152 -21.90 33.81 -15.41
N HIS S 153 -21.94 34.96 -14.74
CA HIS S 153 -20.95 35.26 -13.73
C HIS S 153 -21.51 35.26 -12.32
N MET S 154 -22.68 34.66 -12.13
CA MET S 154 -23.27 34.58 -10.80
C MET S 154 -22.58 33.51 -9.95
N HIS S 155 -22.43 32.33 -10.52
CA HIS S 155 -21.95 31.16 -9.80
C HIS S 155 -20.54 30.82 -10.24
N GLU S 156 -19.69 30.47 -9.28
CA GLU S 156 -18.33 30.01 -9.60
C GLU S 156 -18.33 28.62 -10.23
N MET T 1 -28.90 45.28 3.83
CA MET T 1 -29.75 45.65 5.01
C MET T 1 -29.32 47.05 5.47
N LYS T 2 -30.27 47.94 5.77
CA LYS T 2 -29.94 49.35 5.96
C LYS T 2 -29.22 49.52 7.30
N GLY T 3 -27.96 49.89 7.26
CA GLY T 3 -27.21 50.09 8.48
C GLY T 3 -27.36 51.49 9.04
N ASP T 4 -26.87 51.64 10.26
CA ASP T 4 -26.82 52.93 10.93
C ASP T 4 -25.70 53.76 10.34
N LYS T 5 -26.01 55.01 9.95
CA LYS T 5 -25.06 55.82 9.21
C LYS T 5 -23.83 56.10 10.04
N LYS T 6 -23.98 56.31 11.34
CA LYS T 6 -22.78 56.58 12.13
C LYS T 6 -21.98 55.31 12.43
N VAL T 7 -22.62 54.15 12.52
CA VAL T 7 -21.85 52.91 12.58
C VAL T 7 -21.00 52.77 11.32
N ILE T 8 -21.59 53.07 10.17
CA ILE T 8 -20.85 52.97 8.91
C ILE T 8 -19.67 53.91 8.91
N GLN T 9 -19.84 55.14 9.41
CA GLN T 9 -18.70 56.05 9.55
C GLN T 9 -17.63 55.45 10.45
N HIS T 10 -18.04 54.86 11.58
CA HIS T 10 -17.08 54.21 12.46
C HIS T 10 -16.33 53.11 11.71
N LEU T 11 -17.04 52.28 10.93
CA LEU T 11 -16.37 51.19 10.22
C LEU T 11 -15.40 51.72 9.18
N ASN T 12 -15.75 52.81 8.49
CA ASN T 12 -14.81 53.41 7.55
C ASN T 12 -13.61 54.01 8.26
N LYS T 13 -13.80 54.55 9.47
CA LYS T 13 -12.65 55.02 10.20
C LYS T 13 -11.72 53.86 10.60
N ILE T 14 -12.28 52.74 11.06
CA ILE T 14 -11.44 51.58 11.38
C ILE T 14 -10.73 51.10 10.11
N LEU T 15 -11.47 51.03 8.99
CA LEU T 15 -10.90 50.61 7.71
C LEU T 15 -9.73 51.50 7.34
N GLY T 16 -9.86 52.79 7.58
CA GLY T 16 -8.77 53.68 7.26
C GLY T 16 -7.53 53.40 8.09
N ASN T 17 -7.69 52.99 9.35
CA ASN T 17 -6.54 52.58 10.14
C ASN T 17 -5.89 51.30 9.58
N GLU T 18 -6.72 50.36 9.15
CA GLU T 18 -6.22 49.12 8.56
C GLU T 18 -5.37 49.40 7.33
N LEU T 19 -5.82 50.31 6.45
CA LEU T 19 -5.07 50.61 5.24
C LEU T 19 -3.71 51.22 5.52
N ILE T 20 -3.59 52.02 6.58
CA ILE T 20 -2.28 52.53 7.00
C ILE T 20 -1.39 51.38 7.45
N ALA T 21 -1.94 50.51 8.30
CA ALA T 21 -1.19 49.37 8.83
C ALA T 21 -0.70 48.45 7.72
N ILE T 22 -1.56 48.13 6.76
CA ILE T 22 -1.16 47.27 5.65
C ILE T 22 0.11 47.82 5.01
N ASN T 23 0.07 49.10 4.62
CA ASN T 23 1.21 49.70 3.93
C ASN T 23 2.40 49.85 4.84
N GLN T 24 2.18 50.27 6.08
CA GLN T 24 3.31 50.50 6.97
C GLN T 24 4.04 49.19 7.27
N TYR T 25 3.30 48.13 7.58
CA TYR T 25 3.92 46.86 7.92
C TYR T 25 4.51 46.19 6.70
N PHE T 26 3.85 46.32 5.55
CA PHE T 26 4.44 45.73 4.35
C PHE T 26 5.78 46.37 4.06
N LEU T 27 5.86 47.71 4.14
CA LEU T 27 7.14 48.36 3.88
C LEU T 27 8.19 47.96 4.91
N HIS T 28 7.80 47.93 6.19
CA HIS T 28 8.76 47.51 7.22
C HIS T 28 9.24 46.07 6.98
N SER T 29 8.34 45.18 6.58
CA SER T 29 8.73 43.81 6.31
C SER T 29 9.78 43.74 5.20
N ARG T 30 9.55 44.48 4.13
CA ARG T 30 10.50 44.46 3.03
C ARG T 30 11.78 45.19 3.38
N MET T 31 11.73 46.19 4.26
CA MET T 31 12.98 46.81 4.71
C MET T 31 13.81 45.84 5.56
N TRP T 32 13.18 45.09 6.48
CA TRP T 32 13.92 44.09 7.23
C TRP T 32 14.46 43.00 6.30
N ASN T 33 13.67 42.49 5.35
CA ASN T 33 14.22 41.53 4.39
C ASN T 33 15.41 42.09 3.67
N ASP T 34 15.28 43.32 3.16
CA ASP T 34 16.38 43.95 2.43
C ASP T 34 17.64 44.03 3.27
N TRP T 35 17.51 44.29 4.58
CA TRP T 35 18.67 44.30 5.45
C TRP T 35 19.17 42.92 5.84
N GLY T 36 18.46 41.87 5.44
CA GLY T 36 18.85 40.53 5.83
C GLY T 36 18.38 40.09 7.20
N LEU T 37 17.45 40.82 7.81
CA LEU T 37 16.80 40.40 9.04
C LEU T 37 15.49 39.66 8.72
N LYS T 38 15.66 38.47 8.18
CA LYS T 38 14.56 37.77 7.52
C LYS T 38 13.49 37.32 8.48
N ARG T 39 13.87 37.04 9.73
CA ARG T 39 12.87 36.58 10.69
C ARG T 39 11.95 37.71 11.09
N LEU T 40 12.50 38.90 11.34
CA LEU T 40 11.68 40.09 11.51
C LEU T 40 10.84 40.33 10.27
N GLY T 41 11.46 40.24 9.10
CA GLY T 41 10.75 40.52 7.86
C GLY T 41 9.53 39.65 7.71
N ALA T 42 9.71 38.34 7.96
CA ALA T 42 8.60 37.38 7.77
C ALA T 42 7.51 37.59 8.80
N HIS T 43 7.88 37.80 10.06
CA HIS T 43 6.86 38.11 11.04
C HIS T 43 6.07 39.38 10.68
N GLU T 44 6.75 40.42 10.20
CA GLU T 44 6.04 41.68 9.86
C GLU T 44 5.14 41.50 8.64
N TYR T 45 5.59 40.69 7.68
CA TYR T 45 4.74 40.34 6.55
C TYR T 45 3.44 39.69 7.02
N HIS T 46 3.53 38.77 7.98
CA HIS T 46 2.31 38.13 8.45
C HIS T 46 1.45 39.11 9.25
N GLU T 47 2.05 40.07 9.95
CA GLU T 47 1.23 41.14 10.50
C GLU T 47 0.49 41.91 9.41
N SER T 48 1.17 42.19 8.29
CA SER T 48 0.52 42.90 7.20
C SER T 48 -0.67 42.13 6.64
N ILE T 49 -0.49 40.83 6.43
CA ILE T 49 -1.59 39.97 5.97
C ILE T 49 -2.76 40.01 6.94
N ASP T 50 -2.48 39.95 8.25
CA ASP T 50 -3.54 40.08 9.24
C ASP T 50 -4.40 41.32 8.97
N GLU T 51 -3.73 42.47 8.74
CA GLU T 51 -4.44 43.72 8.52
C GLU T 51 -5.21 43.68 7.21
N MET T 52 -4.67 43.02 6.18
CA MET T 52 -5.41 42.89 4.93
C MET T 52 -6.72 42.13 5.17
N LYS T 53 -6.69 41.11 6.02
CA LYS T 53 -7.91 40.35 6.33
C LYS T 53 -8.91 41.17 7.15
N HIS T 54 -8.42 42.00 8.07
CA HIS T 54 -9.31 42.91 8.78
C HIS T 54 -10.02 43.86 7.81
N ALA T 55 -9.27 44.44 6.88
CA ALA T 55 -9.84 45.39 5.94
C ALA T 55 -10.91 44.72 5.10
N ASP T 56 -10.64 43.48 4.69
CA ASP T 56 -11.58 42.76 3.84
C ASP T 56 -12.90 42.54 4.56
N LYS T 57 -12.83 42.13 5.84
CA LYS T 57 -14.04 41.95 6.65
C LYS T 57 -14.78 43.26 6.84
N LEU T 58 -14.07 44.36 7.06
CA LEU T 58 -14.73 45.65 7.19
C LEU T 58 -15.39 46.07 5.88
N ILE T 59 -14.66 45.93 4.77
CA ILE T 59 -15.22 46.25 3.46
C ILE T 59 -16.51 45.48 3.22
N GLU T 60 -16.49 44.15 3.47
CA GLU T 60 -17.70 43.33 3.24
C GLU T 60 -18.86 43.76 4.13
N ARG T 61 -18.58 44.09 5.39
CA ARG T 61 -19.62 44.52 6.31
C ARG T 61 -20.25 45.85 5.86
N ILE T 62 -19.40 46.84 5.58
CA ILE T 62 -19.88 48.14 5.08
C ILE T 62 -20.80 47.92 3.89
N LEU T 63 -20.36 47.13 2.92
CA LEU T 63 -21.19 46.91 1.73
C LEU T 63 -22.52 46.24 2.09
N PHE T 64 -22.51 45.26 2.99
CA PHE T 64 -23.75 44.65 3.41
C PHE T 64 -24.69 45.67 4.06
N LEU T 65 -24.13 46.59 4.84
CA LEU T 65 -24.92 47.62 5.47
C LEU T 65 -25.28 48.76 4.51
N GLU T 66 -24.95 48.64 3.22
CA GLU T 66 -25.33 49.57 2.15
C GLU T 66 -24.59 50.91 2.28
N GLY T 67 -23.37 50.87 2.77
CA GLY T 67 -22.49 52.02 2.74
C GLY T 67 -21.41 51.87 1.69
N ALA T 68 -20.59 52.90 1.59
CA ALA T 68 -19.54 52.97 0.58
C ALA T 68 -18.20 52.83 1.27
N PRO T 69 -17.48 51.72 1.10
CA PRO T 69 -16.16 51.64 1.72
C PRO T 69 -15.24 52.71 1.15
N ASN T 70 -14.48 53.32 2.03
CA ASN T 70 -13.54 54.36 1.63
C ASN T 70 -12.13 53.79 1.62
N LEU T 71 -11.63 53.48 0.42
CA LEU T 71 -10.24 53.03 0.25
C LEU T 71 -9.37 54.11 -0.36
N GLN T 72 -9.88 55.33 -0.43
CA GLN T 72 -9.22 56.44 -1.10
C GLN T 72 -8.33 57.24 -0.17
N ASP T 73 -8.74 57.45 1.07
CA ASP T 73 -8.06 58.33 2.00
C ASP T 73 -7.11 57.50 2.86
N LEU T 74 -5.83 57.78 2.72
CA LEU T 74 -4.76 57.05 3.38
C LEU T 74 -4.04 58.03 4.28
N GLY T 75 -4.05 57.74 5.58
CA GLY T 75 -3.40 58.55 6.59
C GLY T 75 -1.89 58.36 6.57
N LYS T 76 -1.25 58.95 7.58
CA LYS T 76 0.20 59.08 7.61
C LYS T 76 0.86 57.74 7.97
N LEU T 77 1.72 57.24 7.10
CA LEU T 77 2.53 56.08 7.45
C LEU T 77 3.65 56.52 8.38
N LEU T 78 3.88 55.73 9.42
CA LEU T 78 5.02 55.97 10.33
C LEU T 78 6.09 54.93 10.00
N ILE T 79 7.10 55.36 9.26
CA ILE T 79 8.20 54.53 8.81
C ILE T 79 9.41 54.91 9.63
N GLY T 80 10.06 53.95 10.25
CA GLY T 80 11.29 54.24 10.96
C GLY T 80 12.51 53.92 10.12
N ALA T 81 13.68 54.28 10.65
CA ALA T 81 14.92 54.03 9.95
C ALA T 81 15.74 52.90 10.56
N ASN T 82 15.31 52.32 11.68
CA ASN T 82 15.99 51.17 12.24
C ASN T 82 14.98 50.32 13.00
N THR T 83 15.42 49.12 13.40
CA THR T 83 14.51 48.13 13.98
C THR T 83 13.76 48.70 15.18
N GLN T 84 14.49 49.32 16.09
CA GLN T 84 13.86 49.90 17.27
C GLN T 84 12.79 50.92 16.89
N GLU T 85 13.10 51.83 15.96
CA GLU T 85 12.13 52.84 15.55
C GLU T 85 10.94 52.20 14.82
N MET T 86 11.20 51.25 13.94
CA MET T 86 10.11 50.61 13.20
C MET T 86 9.13 49.91 14.14
N LEU T 87 9.64 49.18 15.15
CA LEU T 87 8.77 48.54 16.13
C LEU T 87 7.95 49.57 16.89
N GLN T 88 8.59 50.65 17.34
CA GLN T 88 7.86 51.66 18.09
C GLN T 88 6.84 52.38 17.21
N CYS T 89 7.18 52.66 15.95
CA CYS T 89 6.20 53.18 15.01
C CYS T 89 4.99 52.25 14.87
N ASP T 90 5.21 50.94 14.69
CA ASP T 90 4.07 50.03 14.62
C ASP T 90 3.23 50.09 15.90
N LEU T 91 3.90 50.12 17.05
CA LEU T 91 3.20 50.12 18.32
C LEU T 91 2.39 51.41 18.49
N ASN T 92 2.95 52.54 18.06
CA ASN T 92 2.19 53.79 18.12
C ASN T 92 0.92 53.69 17.30
N LEU T 93 1.00 53.07 16.11
CA LEU T 93 -0.17 52.95 15.27
C LEU T 93 -1.22 52.02 15.87
N GLU T 94 -0.80 50.91 16.48
CA GLU T 94 -1.76 49.98 17.05
C GLU T 94 -2.49 50.59 18.23
N LEU T 95 -1.79 51.37 19.05
CA LEU T 95 -2.44 52.01 20.19
C LEU T 95 -3.46 53.04 19.73
N LYS T 96 -3.12 53.87 18.76
CA LYS T 96 -4.11 54.76 18.16
C LYS T 96 -5.29 53.96 17.62
N ALA T 97 -5.02 52.86 16.90
CA ALA T 97 -6.12 52.10 16.30
C ALA T 97 -7.03 51.42 17.32
N THR T 98 -6.48 50.96 18.46
CA THR T 98 -7.37 50.34 19.45
C THR T 98 -8.30 51.36 20.10
N LYS T 99 -7.84 52.61 20.26
CA LYS T 99 -8.73 53.65 20.77
C LYS T 99 -9.95 53.83 19.87
N ASP T 100 -9.73 53.86 18.55
CA ASP T 100 -10.84 53.98 17.60
C ASP T 100 -11.75 52.75 17.63
N LEU T 101 -11.19 51.55 17.79
CA LEU T 101 -12.03 50.36 17.87
C LEU T 101 -12.96 50.41 19.08
N ARG T 102 -12.46 50.84 20.24
CA ARG T 102 -13.30 50.90 21.43
C ARG T 102 -14.46 51.88 21.24
N GLU T 103 -14.20 53.06 20.66
CA GLU T 103 -15.28 54.04 20.44
C GLU T 103 -16.29 53.50 19.46
N ALA T 104 -15.82 52.81 18.41
CA ALA T 104 -16.72 52.16 17.46
C ALA T 104 -17.56 51.09 18.15
N ILE T 105 -16.97 50.36 19.09
CA ILE T 105 -17.74 49.30 19.73
C ILE T 105 -18.82 49.91 20.59
N VAL T 106 -18.48 50.98 21.33
CA VAL T 106 -19.48 51.74 22.09
C VAL T 106 -20.68 52.10 21.21
N HIS T 107 -20.41 52.64 20.02
CA HIS T 107 -21.51 53.05 19.16
C HIS T 107 -22.34 51.86 18.68
N CYS T 108 -21.69 50.78 18.25
CA CYS T 108 -22.45 49.60 17.82
C CYS T 108 -23.39 49.13 18.94
N GLU T 109 -22.91 49.12 20.17
CA GLU T 109 -23.75 48.70 21.29
C GLU T 109 -24.94 49.65 21.48
N GLN T 110 -24.69 50.96 21.38
CA GLN T 110 -25.75 51.95 21.60
C GLN T 110 -26.92 51.75 20.64
N VAL T 111 -26.64 51.44 19.38
CA VAL T 111 -27.69 51.26 18.38
C VAL T 111 -27.97 49.79 18.10
N HIS T 112 -27.44 48.89 18.93
CA HIS T 112 -27.82 47.47 18.86
C HIS T 112 -27.34 46.78 17.58
N ASP T 113 -26.28 47.27 16.95
CA ASP T 113 -25.62 46.53 15.84
C ASP T 113 -24.64 45.53 16.47
N TYR T 114 -25.20 44.45 16.98
CA TYR T 114 -24.41 43.49 17.72
C TYR T 114 -23.49 42.69 16.80
N VAL T 115 -23.88 42.51 15.54
CA VAL T 115 -23.01 41.78 14.63
C VAL T 115 -21.78 42.62 14.29
N SER T 116 -21.97 43.92 14.03
CA SER T 116 -20.80 44.77 13.83
C SER T 116 -19.94 44.81 15.08
N ARG T 117 -20.57 44.89 16.26
CA ARG T 117 -19.81 44.84 17.50
C ARG T 117 -18.91 43.60 17.55
N ASP T 118 -19.50 42.42 17.29
CA ASP T 118 -18.72 41.19 17.34
C ASP T 118 -17.51 41.24 16.41
N LEU T 119 -17.72 41.69 15.18
CA LEU T 119 -16.63 41.80 14.23
C LEU T 119 -15.52 42.72 14.76
N LEU T 120 -15.90 43.84 15.34
CA LEU T 120 -14.88 44.77 15.82
C LEU T 120 -14.16 44.20 17.04
N LYS T 121 -14.87 43.46 17.88
CA LYS T 121 -14.22 42.79 19.02
C LYS T 121 -13.18 41.79 18.51
N ASP T 122 -13.52 41.02 17.49
CA ASP T 122 -12.56 40.09 16.89
C ASP T 122 -11.32 40.83 16.40
N ILE T 123 -11.51 41.95 15.71
CA ILE T 123 -10.35 42.71 15.26
C ILE T 123 -9.58 43.22 16.47
N LEU T 124 -10.30 43.72 17.48
CA LEU T 124 -9.62 44.25 18.65
C LEU T 124 -8.74 43.21 19.32
N GLU T 125 -9.26 41.98 19.47
CA GLU T 125 -8.44 40.90 20.01
C GLU T 125 -7.14 40.75 19.23
N SER T 126 -7.24 40.81 17.90
CA SER T 126 -6.02 40.69 17.06
CA SER T 126 -6.02 40.69 17.07
C SER T 126 -5.09 41.86 17.33
N GLU T 127 -5.59 43.07 17.38
CA GLU T 127 -4.70 44.20 17.59
C GLU T 127 -4.00 44.10 18.94
N GLU T 128 -4.70 43.62 19.98
CA GLU T 128 -4.04 43.49 21.29
C GLU T 128 -2.94 42.42 21.26
N GLU T 129 -3.12 41.37 20.46
CA GLU T 129 -2.01 40.44 20.22
C GLU T 129 -0.86 41.11 19.47
N HIS T 130 -1.19 41.96 18.47
CA HIS T 130 -0.14 42.74 17.81
C HIS T 130 0.61 43.62 18.82
N ILE T 131 -0.13 44.34 19.67
CA ILE T 131 0.51 45.16 20.69
C ILE T 131 1.43 44.28 21.54
N ASP T 132 0.93 43.11 21.95
CA ASP T 132 1.73 42.27 22.83
C ASP T 132 3.02 41.86 22.14
N TYR T 133 2.93 41.46 20.86
CA TYR T 133 4.13 41.14 20.11
C TYR T 133 5.12 42.31 20.09
N LEU T 134 4.64 43.51 19.80
CA LEU T 134 5.54 44.67 19.68
C LEU T 134 6.18 45.07 21.01
N GLU T 135 5.38 45.16 22.08
CA GLU T 135 5.93 45.45 23.40
C GLU T 135 6.96 44.41 23.82
N THR T 136 6.67 43.14 23.53
CA THR T 136 7.58 42.07 23.91
C THR T 136 8.91 42.23 23.19
N GLN T 137 8.88 42.52 21.86
CA GLN T 137 10.12 42.68 21.12
C GLN T 137 10.95 43.83 21.69
N LEU T 138 10.31 44.98 21.95
CA LEU T 138 11.03 46.11 22.54
C LEU T 138 11.62 45.73 23.90
N GLY T 139 10.88 44.94 24.68
CA GLY T 139 11.42 44.44 25.93
C GLY T 139 12.61 43.50 25.74
N LEU T 140 12.56 42.65 24.73
CA LEU T 140 13.70 41.74 24.52
C LEU T 140 14.94 42.50 24.09
N ILE T 141 14.76 43.57 23.30
CA ILE T 141 15.90 44.41 22.96
C ILE T 141 16.58 44.91 24.24
N GLN T 142 15.80 45.30 25.25
CA GLN T 142 16.41 45.71 26.51
C GLN T 142 17.06 44.54 27.24
N LYS T 143 16.45 43.35 27.21
CA LYS T 143 16.98 42.25 28.02
C LYS T 143 18.20 41.58 27.38
N VAL T 144 18.21 41.36 26.06
CA VAL T 144 19.32 40.63 25.45
C VAL T 144 20.32 41.55 24.74
N GLY T 145 20.03 42.84 24.66
CA GLY T 145 20.84 43.73 23.85
C GLY T 145 20.39 43.76 22.40
N LEU T 146 20.51 44.95 21.81
CA LEU T 146 20.09 45.17 20.43
C LEU T 146 20.84 44.25 19.46
N GLU T 147 22.16 44.19 19.57
CA GLU T 147 22.92 43.41 18.59
C GLU T 147 22.57 41.93 18.68
N ASN T 148 22.40 41.39 19.90
CA ASN T 148 21.95 40.01 20.05
C ASN T 148 20.54 39.84 19.48
N TYR T 149 19.64 40.80 19.78
CA TYR T 149 18.28 40.70 19.28
C TYR T 149 18.26 40.63 17.76
N LEU T 150 19.04 41.50 17.11
CA LEU T 150 19.08 41.48 15.66
C LEU T 150 19.72 40.19 15.14
N GLN T 151 20.80 39.74 15.78
CA GLN T 151 21.43 38.47 15.40
C GLN T 151 20.42 37.33 15.39
N SER T 152 19.57 37.24 16.43
CA SER T 152 18.55 36.21 16.52
C SER T 152 17.44 36.35 15.50
N HIS T 153 17.38 37.46 14.78
CA HIS T 153 16.32 37.64 13.78
C HIS T 153 16.89 37.73 12.38
N MET T 154 18.15 37.37 12.20
CA MET T 154 18.73 37.32 10.86
C MET T 154 18.17 36.16 10.07
N HIS T 155 18.22 34.94 10.63
CA HIS T 155 17.93 33.71 9.89
C HIS T 155 16.55 33.15 10.24
N GLU T 156 15.77 32.84 9.21
CA GLU T 156 14.46 32.19 9.41
C GLU T 156 14.58 30.87 10.17
N MET U 1 26.80 28.95 -36.34
CA MET U 1 26.27 30.22 -36.92
C MET U 1 27.24 31.38 -36.69
N LYS U 2 27.64 32.08 -37.75
CA LYS U 2 28.72 33.05 -37.65
C LYS U 2 28.28 34.23 -36.79
N GLY U 3 28.95 34.43 -35.66
CA GLY U 3 28.66 35.56 -34.82
C GLY U 3 29.48 36.79 -35.18
N ASP U 4 29.09 37.90 -34.57
CA ASP U 4 29.86 39.13 -34.69
C ASP U 4 31.15 39.02 -33.88
N LYS U 5 32.27 39.39 -34.50
CA LYS U 5 33.59 39.22 -33.89
C LYS U 5 33.69 39.98 -32.58
N LYS U 6 33.12 41.19 -32.52
CA LYS U 6 33.19 42.00 -31.32
C LYS U 6 32.29 41.48 -30.23
N VAL U 7 31.12 40.94 -30.58
CA VAL U 7 30.30 40.24 -29.60
C VAL U 7 31.10 39.12 -28.95
N ILE U 8 31.71 38.27 -29.78
CA ILE U 8 32.50 37.15 -29.27
C ILE U 8 33.60 37.65 -28.34
N GLN U 9 34.26 38.76 -28.72
CA GLN U 9 35.26 39.39 -27.86
C GLN U 9 34.66 39.75 -26.52
N HIS U 10 33.49 40.39 -26.55
CA HIS U 10 32.80 40.72 -25.32
C HIS U 10 32.50 39.47 -24.50
N LEU U 11 32.03 38.41 -25.15
CA LEU U 11 31.68 37.19 -24.42
C LEU U 11 32.92 36.58 -23.77
N ASN U 12 34.05 36.57 -24.47
CA ASN U 12 35.29 36.11 -23.88
C ASN U 12 35.75 37.00 -22.73
N LYS U 13 35.42 38.29 -22.75
CA LYS U 13 35.76 39.14 -21.63
C LYS U 13 34.90 38.81 -20.42
N ILE U 14 33.60 38.59 -20.62
CA ILE U 14 32.75 38.18 -19.51
C ILE U 14 33.23 36.84 -18.98
N LEU U 15 33.57 35.91 -19.88
CA LEU U 15 34.05 34.61 -19.46
C LEU U 15 35.31 34.73 -18.61
N GLY U 16 36.22 35.64 -18.98
CA GLY U 16 37.39 35.90 -18.16
C GLY U 16 37.03 36.32 -16.74
N ASN U 17 36.05 37.20 -16.59
CA ASN U 17 35.61 37.58 -15.24
C ASN U 17 35.05 36.39 -14.49
N GLU U 18 34.26 35.53 -15.17
CA GLU U 18 33.72 34.34 -14.51
C GLU U 18 34.83 33.48 -13.96
N LEU U 19 35.88 33.27 -14.75
CA LEU U 19 36.98 32.41 -14.34
C LEU U 19 37.69 32.98 -13.11
N ILE U 20 37.76 34.30 -12.97
CA ILE U 20 38.36 34.85 -11.76
C ILE U 20 37.49 34.52 -10.56
N ALA U 21 36.17 34.76 -10.70
CA ALA U 21 35.24 34.59 -9.59
C ALA U 21 35.15 33.15 -9.14
N ILE U 22 35.21 32.19 -10.07
CA ILE U 22 35.19 30.79 -9.70
C ILE U 22 36.29 30.50 -8.70
N ASN U 23 37.53 30.87 -9.04
CA ASN U 23 38.69 30.54 -8.22
C ASN U 23 38.70 31.34 -6.93
N GLN U 24 38.40 32.63 -7.04
CA GLN U 24 38.32 33.49 -5.86
C GLN U 24 37.30 32.99 -4.86
N TYR U 25 36.05 32.72 -5.31
CA TYR U 25 35.01 32.28 -4.39
C TYR U 25 35.29 30.88 -3.90
N PHE U 26 35.88 30.02 -4.73
CA PHE U 26 36.16 28.68 -4.25
C PHE U 26 37.19 28.70 -3.14
N LEU U 27 38.24 29.50 -3.32
CA LEU U 27 39.26 29.61 -2.30
C LEU U 27 38.69 30.23 -1.04
N HIS U 28 37.93 31.32 -1.16
CA HIS U 28 37.29 31.93 0.01
C HIS U 28 36.40 30.92 0.72
N SER U 29 35.68 30.10 -0.05
CA SER U 29 34.81 29.09 0.54
C SER U 29 35.60 28.12 1.40
N ARG U 30 36.71 27.60 0.87
CA ARG U 30 37.52 26.64 1.59
C ARG U 30 38.26 27.28 2.74
N MET U 31 38.60 28.58 2.61
CA MET U 31 39.19 29.28 3.76
C MET U 31 38.19 29.37 4.90
N TRP U 32 36.94 29.74 4.59
CA TRP U 32 35.92 29.83 5.63
C TRP U 32 35.65 28.46 6.24
N ASN U 33 35.59 27.42 5.41
CA ASN U 33 35.40 26.07 5.94
C ASN U 33 36.56 25.71 6.85
N ASP U 34 37.77 26.01 6.41
CA ASP U 34 38.95 25.68 7.18
C ASP U 34 38.91 26.32 8.55
N TRP U 35 38.38 27.54 8.64
CA TRP U 35 38.25 28.28 9.90
C TRP U 35 37.06 27.84 10.74
N GLY U 36 36.25 26.90 10.25
CA GLY U 36 35.05 26.50 10.98
C GLY U 36 33.88 27.45 10.82
N LEU U 37 33.91 28.33 9.82
CA LEU U 37 32.78 29.18 9.49
C LEU U 37 32.01 28.54 8.34
N LYS U 38 31.38 27.41 8.66
CA LYS U 38 30.86 26.51 7.63
C LYS U 38 29.67 27.10 6.90
N ARG U 39 28.87 27.93 7.57
CA ARG U 39 27.75 28.54 6.89
C ARG U 39 28.21 29.53 5.82
N LEU U 40 29.21 30.34 6.14
CA LEU U 40 29.81 31.21 5.13
C LEU U 40 30.46 30.39 4.02
N GLY U 41 31.18 29.34 4.41
CA GLY U 41 31.85 28.50 3.42
C GLY U 41 30.90 27.83 2.47
N ALA U 42 29.76 27.35 2.98
CA ALA U 42 28.75 26.72 2.12
C ALA U 42 28.12 27.73 1.16
N HIS U 43 27.80 28.94 1.64
CA HIS U 43 27.18 29.92 0.74
C HIS U 43 28.17 30.40 -0.30
N GLU U 44 29.42 30.61 0.10
CA GLU U 44 30.44 31.00 -0.88
C GLU U 44 30.64 29.91 -1.91
N TYR U 45 30.60 28.64 -1.51
CA TYR U 45 30.71 27.55 -2.45
C TYR U 45 29.60 27.61 -3.49
N HIS U 46 28.37 27.86 -3.04
CA HIS U 46 27.29 27.96 -4.01
CA HIS U 46 27.22 28.03 -3.94
C HIS U 46 27.46 29.16 -4.94
N GLU U 47 28.07 30.27 -4.48
CA GLU U 47 28.37 31.36 -5.40
C GLU U 47 29.37 30.91 -6.46
N SER U 48 30.42 30.18 -6.04
CA SER U 48 31.36 29.59 -6.99
C SER U 48 30.63 28.75 -8.04
N ILE U 49 29.73 27.88 -7.61
CA ILE U 49 29.01 27.03 -8.56
C ILE U 49 28.19 27.87 -9.53
N ASP U 50 27.52 28.92 -9.03
CA ASP U 50 26.84 29.86 -9.91
C ASP U 50 27.76 30.34 -11.01
N GLU U 51 28.99 30.76 -10.64
CA GLU U 51 29.91 31.31 -11.63
C GLU U 51 30.35 30.23 -12.61
N MET U 52 30.45 28.98 -12.14
CA MET U 52 30.78 27.89 -13.04
C MET U 52 29.70 27.70 -14.09
N LYS U 53 28.43 27.85 -13.68
CA LYS U 53 27.33 27.71 -14.62
C LYS U 53 27.31 28.87 -15.61
N HIS U 54 27.62 30.08 -15.15
CA HIS U 54 27.75 31.22 -16.08
C HIS U 54 28.81 30.95 -17.12
N ALA U 55 29.98 30.48 -16.68
CA ALA U 55 31.07 30.17 -17.59
C ALA U 55 30.66 29.11 -18.60
N ASP U 56 29.95 28.07 -18.14
CA ASP U 56 29.48 27.03 -19.05
C ASP U 56 28.61 27.63 -20.15
N LYS U 57 27.68 28.50 -19.78
CA LYS U 57 26.79 29.06 -20.78
C LYS U 57 27.50 29.99 -21.75
N LEU U 58 28.53 30.70 -21.26
CA LEU U 58 29.28 31.59 -22.15
C LEU U 58 30.14 30.78 -23.12
N ILE U 59 30.76 29.71 -22.64
CA ILE U 59 31.53 28.82 -23.51
C ILE U 59 30.65 28.24 -24.61
N GLU U 60 29.49 27.70 -24.21
CA GLU U 60 28.58 27.12 -25.18
C GLU U 60 28.15 28.14 -26.24
N ARG U 61 27.87 29.38 -25.82
CA ARG U 61 27.44 30.41 -26.77
C ARG U 61 28.58 30.77 -27.71
N ILE U 62 29.78 30.98 -27.16
CA ILE U 62 30.94 31.34 -27.98
C ILE U 62 31.18 30.28 -29.05
N LEU U 63 31.08 28.99 -28.69
CA LEU U 63 31.30 27.92 -29.65
C LEU U 63 30.20 27.89 -30.72
N PHE U 64 28.94 28.10 -30.34
CA PHE U 64 27.89 28.18 -31.34
C PHE U 64 28.13 29.32 -32.32
N LEU U 65 28.61 30.46 -31.83
CA LEU U 65 28.89 31.58 -32.70
C LEU U 65 30.22 31.43 -33.45
N GLU U 66 30.80 30.24 -33.41
CA GLU U 66 32.02 29.89 -34.15
C GLU U 66 33.24 30.69 -33.67
N GLY U 67 33.24 31.10 -32.39
CA GLY U 67 34.42 31.68 -31.78
C GLY U 67 35.24 30.65 -30.99
N ALA U 68 36.33 31.14 -30.41
CA ALA U 68 37.22 30.28 -29.63
C ALA U 68 37.17 30.70 -28.17
N PRO U 69 36.58 29.92 -27.26
CA PRO U 69 36.54 30.35 -25.85
C PRO U 69 37.95 30.41 -25.26
N ASN U 70 38.20 31.45 -24.47
CA ASN U 70 39.51 31.69 -23.88
C ASN U 70 39.46 31.32 -22.39
N LEU U 71 39.97 30.16 -22.04
CA LEU U 71 40.08 29.78 -20.64
C LEU U 71 41.52 29.88 -20.16
N GLN U 72 42.40 30.48 -20.95
CA GLN U 72 43.83 30.46 -20.67
C GLN U 72 44.25 31.65 -19.85
N ASP U 73 43.56 32.78 -20.00
CA ASP U 73 43.96 34.02 -19.36
C ASP U 73 43.14 34.19 -18.10
N LEU U 74 43.83 34.17 -16.96
CA LEU U 74 43.20 34.29 -15.65
C LEU U 74 43.68 35.59 -15.05
N GLY U 75 42.74 36.51 -14.84
CA GLY U 75 43.04 37.78 -14.21
C GLY U 75 43.35 37.61 -12.73
N LYS U 76 43.49 38.75 -12.06
CA LYS U 76 44.02 38.78 -10.70
C LYS U 76 42.94 38.35 -9.69
N LEU U 77 43.23 37.33 -8.89
CA LEU U 77 42.33 36.99 -7.79
C LEU U 77 42.54 37.97 -6.64
N LEU U 78 41.43 38.43 -6.05
CA LEU U 78 41.48 39.29 -4.85
C LEU U 78 41.16 38.41 -3.64
N ILE U 79 42.18 37.97 -2.91
CA ILE U 79 41.99 37.09 -1.77
C ILE U 79 42.11 37.93 -0.52
N GLY U 80 41.06 37.92 0.30
CA GLY U 80 41.12 38.64 1.55
C GLY U 80 41.78 37.82 2.66
N ALA U 81 42.09 38.49 3.76
CA ALA U 81 42.74 37.87 4.91
C ALA U 81 41.79 37.60 6.07
N ASN U 82 40.58 38.16 6.04
CA ASN U 82 39.58 37.91 7.07
C ASN U 82 38.20 38.09 6.45
N THR U 83 37.16 37.73 7.22
CA THR U 83 35.81 37.68 6.65
C THR U 83 35.41 39.02 6.01
N GLN U 84 35.62 40.13 6.70
CA GLN U 84 35.28 41.44 6.15
C GLN U 84 35.98 41.73 4.81
N GLU U 85 37.30 41.52 4.77
CA GLU U 85 38.06 41.76 3.54
C GLU U 85 37.61 40.83 2.42
N MET U 86 37.33 39.57 2.75
CA MET U 86 36.95 38.61 1.71
C MET U 86 35.63 39.02 1.07
N LEU U 87 34.65 39.44 1.88
CA LEU U 87 33.38 39.90 1.33
C LEU U 87 33.57 41.16 0.49
N GLN U 88 34.45 42.06 0.92
CA GLN U 88 34.69 43.27 0.14
C GLN U 88 35.38 42.94 -1.18
N CYS U 89 36.36 42.02 -1.13
CA CYS U 89 37.01 41.55 -2.36
C CYS U 89 36.00 40.99 -3.34
N ASP U 90 35.11 40.10 -2.86
CA ASP U 90 34.07 39.56 -3.73
C ASP U 90 33.21 40.68 -4.33
N LEU U 91 32.84 41.68 -3.52
CA LEU U 91 31.97 42.76 -3.97
C LEU U 91 32.67 43.64 -5.01
N ASN U 92 33.97 43.89 -4.83
CA ASN U 92 34.74 44.63 -5.83
C ASN U 92 34.71 43.88 -7.16
N LEU U 93 34.93 42.57 -7.11
CA LEU U 93 34.92 41.78 -8.33
C LEU U 93 33.56 41.83 -9.01
N GLU U 94 32.48 41.73 -8.23
CA GLU U 94 31.14 41.68 -8.83
C GLU U 94 30.80 43.00 -9.52
N LEU U 95 31.12 44.13 -8.85
CA LEU U 95 30.81 45.44 -9.40
C LEU U 95 31.57 45.69 -10.70
N LYS U 96 32.84 45.28 -10.74
CA LYS U 96 33.61 45.39 -11.98
C LYS U 96 33.03 44.50 -13.06
N ALA U 97 32.52 43.33 -12.68
CA ALA U 97 31.98 42.40 -13.66
C ALA U 97 30.67 42.91 -14.26
N THR U 98 29.83 43.57 -13.47
CA THR U 98 28.57 44.10 -13.99
C THR U 98 28.83 45.26 -14.93
N LYS U 99 29.91 46.00 -14.71
CA LYS U 99 30.29 47.03 -15.68
C LYS U 99 30.59 46.41 -17.04
N ASP U 100 31.34 45.31 -17.07
CA ASP U 100 31.60 44.68 -18.37
C ASP U 100 30.35 44.05 -18.96
N LEU U 101 29.45 43.52 -18.14
CA LEU U 101 28.22 42.93 -18.67
C LEU U 101 27.37 43.98 -19.37
N ARG U 102 27.28 45.18 -18.79
CA ARG U 102 26.45 46.22 -19.40
C ARG U 102 27.01 46.66 -20.74
N GLU U 103 28.32 46.83 -20.84
CA GLU U 103 28.91 47.21 -22.13
C GLU U 103 28.72 46.10 -23.17
N ALA U 104 28.71 44.85 -22.73
CA ALA U 104 28.51 43.76 -23.69
C ALA U 104 27.07 43.76 -24.19
N ILE U 105 26.11 44.05 -23.31
CA ILE U 105 24.71 44.08 -23.72
C ILE U 105 24.49 45.20 -24.74
N VAL U 106 25.04 46.40 -24.46
CA VAL U 106 25.00 47.50 -25.44
C VAL U 106 25.46 47.02 -26.80
N HIS U 107 26.58 46.28 -26.87
CA HIS U 107 27.07 45.87 -28.18
C HIS U 107 26.18 44.81 -28.80
N CYS U 108 25.69 43.86 -27.99
CA CYS U 108 24.74 42.88 -28.50
C CYS U 108 23.53 43.56 -29.13
N GLU U 109 22.99 44.56 -28.43
CA GLU U 109 21.83 45.29 -28.94
C GLU U 109 22.17 46.00 -30.25
N GLN U 110 23.39 46.53 -30.33
CA GLN U 110 23.78 47.32 -31.49
C GLN U 110 23.83 46.48 -32.75
N VAL U 111 24.27 45.23 -32.66
CA VAL U 111 24.37 44.35 -33.83
C VAL U 111 23.22 43.33 -33.87
N HIS U 112 22.15 43.53 -33.10
CA HIS U 112 20.94 42.71 -33.16
C HIS U 112 21.14 41.27 -32.71
N ASP U 113 22.15 41.02 -31.87
CA ASP U 113 22.37 39.67 -31.33
C ASP U 113 21.54 39.57 -30.06
N TYR U 114 20.22 39.42 -30.25
CA TYR U 114 19.28 39.50 -29.15
C TYR U 114 19.33 38.27 -28.26
N VAL U 115 19.79 37.14 -28.77
CA VAL U 115 19.89 35.94 -27.95
C VAL U 115 21.08 36.06 -27.00
N SER U 116 22.25 36.48 -27.51
CA SER U 116 23.36 36.76 -26.61
C SER U 116 22.98 37.82 -25.58
N ARG U 117 22.23 38.84 -25.99
CA ARG U 117 21.79 39.86 -25.05
C ARG U 117 20.97 39.21 -23.92
N ASP U 118 20.05 38.33 -24.28
CA ASP U 118 19.22 37.70 -23.28
C ASP U 118 20.07 36.86 -22.33
N LEU U 119 21.04 36.11 -22.85
CA LEU U 119 21.95 35.34 -21.99
C LEU U 119 22.68 36.25 -21.00
N LEU U 120 23.22 37.37 -21.48
CA LEU U 120 23.96 38.29 -20.62
C LEU U 120 23.05 38.96 -19.60
N LYS U 121 21.81 39.25 -19.96
CA LYS U 121 20.88 39.81 -19.00
C LYS U 121 20.60 38.83 -17.87
N ASP U 122 20.43 37.55 -18.20
CA ASP U 122 20.23 36.52 -17.18
C ASP U 122 21.43 36.41 -16.24
N ILE U 123 22.65 36.41 -16.79
CA ILE U 123 23.84 36.44 -15.96
C ILE U 123 23.85 37.70 -15.09
N LEU U 124 23.57 38.86 -15.70
CA LEU U 124 23.61 40.13 -14.96
C LEU U 124 22.61 40.13 -13.81
N GLU U 125 21.45 39.50 -14.01
CA GLU U 125 20.48 39.35 -12.94
C GLU U 125 21.05 38.54 -11.78
N SER U 126 21.72 37.43 -12.08
CA SER U 126 22.42 36.67 -11.04
CA SER U 126 22.43 36.66 -11.04
C SER U 126 23.49 37.50 -10.34
N GLU U 127 24.24 38.32 -11.08
CA GLU U 127 25.29 39.10 -10.44
C GLU U 127 24.72 40.15 -9.51
N GLU U 128 23.60 40.78 -9.87
CA GLU U 128 23.02 41.76 -8.95
C GLU U 128 22.49 41.08 -7.70
N GLU U 129 22.03 39.82 -7.80
CA GLU U 129 21.68 39.05 -6.61
C GLU U 129 22.91 38.78 -5.75
N HIS U 130 24.03 38.41 -6.39
CA HIS U 130 25.28 38.24 -5.67
C HIS U 130 25.69 39.54 -4.98
N ILE U 131 25.56 40.67 -5.68
CA ILE U 131 25.89 41.96 -5.08
C ILE U 131 25.01 42.20 -3.87
N ASP U 132 23.71 41.93 -4.01
CA ASP U 132 22.81 42.14 -2.88
C ASP U 132 23.24 41.31 -1.70
N TYR U 133 23.60 40.05 -1.93
CA TYR U 133 24.00 39.18 -0.83
C TYR U 133 25.21 39.75 -0.10
N LEU U 134 26.23 40.14 -0.86
CA LEU U 134 27.47 40.66 -0.30
C LEU U 134 27.24 41.98 0.44
N GLU U 135 26.50 42.90 -0.18
CA GLU U 135 26.21 44.15 0.50
C GLU U 135 25.46 43.90 1.80
N THR U 136 24.51 42.97 1.76
CA THR U 136 23.69 42.69 2.94
C THR U 136 24.53 42.13 4.07
N GLN U 137 25.47 41.24 3.74
CA GLN U 137 26.34 40.66 4.78
C GLN U 137 27.21 41.73 5.42
N LEU U 138 27.80 42.61 4.61
CA LEU U 138 28.57 43.72 5.18
C LEU U 138 27.68 44.61 6.04
N GLY U 139 26.45 44.88 5.61
CA GLY U 139 25.54 45.63 6.46
C GLY U 139 25.21 44.92 7.77
N LEU U 140 25.05 43.59 7.71
CA LEU U 140 24.73 42.83 8.92
C LEU U 140 25.90 42.83 9.90
N ILE U 141 27.14 42.81 9.39
CA ILE U 141 28.30 42.91 10.29
C ILE U 141 28.22 44.19 11.10
N GLN U 142 27.85 45.30 10.45
CA GLN U 142 27.69 46.56 11.17
C GLN U 142 26.56 46.50 12.17
N LYS U 143 25.42 45.90 11.80
CA LYS U 143 24.25 45.94 12.69
C LYS U 143 24.38 44.98 13.88
N VAL U 144 24.86 43.75 13.67
CA VAL U 144 24.91 42.78 14.78
C VAL U 144 26.30 42.68 15.40
N GLY U 145 27.32 43.28 14.80
CA GLY U 145 28.68 43.16 15.31
C GLY U 145 29.43 41.98 14.74
N LEU U 146 30.73 42.15 14.45
CA LEU U 146 31.49 41.12 13.73
C LEU U 146 31.45 39.77 14.43
N GLU U 147 31.63 39.76 15.76
CA GLU U 147 31.71 38.49 16.48
C GLU U 147 30.38 37.76 16.49
N ASN U 148 29.28 38.49 16.68
CA ASN U 148 27.97 37.90 16.50
C ASN U 148 27.78 37.39 15.07
N TYR U 149 28.20 38.17 14.05
CA TYR U 149 27.99 37.72 12.67
C TYR U 149 28.72 36.42 12.41
N LEU U 150 29.97 36.34 12.85
CA LEU U 150 30.73 35.12 12.64
C LEU U 150 30.14 33.95 13.41
N GLN U 151 29.74 34.19 14.67
CA GLN U 151 29.10 33.15 15.47
C GLN U 151 27.91 32.56 14.73
N SER U 152 27.08 33.43 14.12
CA SER U 152 25.89 32.96 13.42
C SER U 152 26.21 32.20 12.15
N HIS U 153 27.46 32.23 11.66
CA HIS U 153 27.82 31.47 10.47
C HIS U 153 28.87 30.40 10.74
N MET U 154 29.01 29.96 12.00
CA MET U 154 29.86 28.82 12.31
C MET U 154 29.20 27.51 11.88
N HIS U 155 27.94 27.31 12.29
CA HIS U 155 27.20 26.08 12.08
C HIS U 155 26.18 26.21 10.95
N GLU U 156 26.10 25.19 10.10
CA GLU U 156 25.02 25.10 9.12
C GLU U 156 23.68 24.70 9.75
N MET V 1 47.67 22.60 11.52
CA MET V 1 48.90 21.84 11.85
C MET V 1 50.03 22.30 10.92
N LYS V 2 51.21 22.58 11.45
CA LYS V 2 52.28 23.15 10.63
C LYS V 2 52.84 22.07 9.73
N GLY V 3 52.56 22.16 8.42
CA GLY V 3 53.14 21.23 7.48
C GLY V 3 54.56 21.59 7.08
N ASP V 4 55.20 20.64 6.39
CA ASP V 4 56.51 20.86 5.81
C ASP V 4 56.39 21.77 4.58
N LYS V 5 57.30 22.75 4.46
CA LYS V 5 57.16 23.79 3.44
C LYS V 5 57.32 23.22 2.03
N LYS V 6 58.24 22.26 1.85
CA LYS V 6 58.42 21.63 0.56
C LYS V 6 57.26 20.69 0.19
N VAL V 7 56.66 19.98 1.16
CA VAL V 7 55.44 19.22 0.85
C VAL V 7 54.36 20.14 0.32
N ILE V 8 54.23 21.31 0.94
CA ILE V 8 53.20 22.26 0.54
C ILE V 8 53.48 22.76 -0.87
N GLN V 9 54.76 23.04 -1.17
CA GLN V 9 55.12 23.43 -2.53
C GLN V 9 54.74 22.34 -3.52
N HIS V 10 55.04 21.09 -3.19
CA HIS V 10 54.62 19.97 -4.03
C HIS V 10 53.10 19.93 -4.18
N LEU V 11 52.37 20.11 -3.09
CA LEU V 11 50.91 20.11 -3.19
C LEU V 11 50.43 21.23 -4.10
N ASN V 12 51.03 22.41 -3.99
CA ASN V 12 50.62 23.50 -4.87
C ASN V 12 50.97 23.21 -6.31
N LYS V 13 52.06 22.46 -6.54
CA LYS V 13 52.41 22.10 -7.91
C LYS V 13 51.36 21.17 -8.54
N ILE V 14 50.97 20.13 -7.79
CA ILE V 14 49.90 19.23 -8.23
C ILE V 14 48.62 20.01 -8.48
N LEU V 15 48.28 20.93 -7.56
CA LEU V 15 47.09 21.75 -7.73
C LEU V 15 47.17 22.52 -9.04
N GLY V 16 48.34 23.06 -9.36
CA GLY V 16 48.51 23.75 -10.63
C GLY V 16 48.20 22.87 -11.81
N ASN V 17 48.58 21.61 -11.72
CA ASN V 17 48.25 20.66 -12.79
C ASN V 17 46.75 20.41 -12.86
N GLU V 18 46.09 20.27 -11.70
CA GLU V 18 44.66 20.04 -11.68
C GLU V 18 43.91 21.19 -12.36
N LEU V 19 44.35 22.43 -12.10
CA LEU V 19 43.67 23.61 -12.62
C LEU V 19 43.77 23.70 -14.15
N ILE V 20 44.91 23.30 -14.71
CA ILE V 20 45.04 23.17 -16.15
C ILE V 20 44.04 22.14 -16.66
N ALA V 21 44.01 20.96 -16.02
CA ALA V 21 43.19 19.88 -16.53
C ALA V 21 41.70 20.23 -16.46
N ILE V 22 41.26 20.88 -15.37
CA ILE V 22 39.87 21.32 -15.29
C ILE V 22 39.49 22.09 -16.54
N ASN V 23 40.24 23.15 -16.85
CA ASN V 23 39.89 24.04 -17.96
C ASN V 23 40.04 23.34 -19.29
N GLN V 24 41.10 22.55 -19.46
CA GLN V 24 41.32 21.85 -20.72
C GLN V 24 40.21 20.86 -21.00
N TYR V 25 39.87 20.04 -20.02
CA TYR V 25 38.83 19.04 -20.22
C TYR V 25 37.44 19.68 -20.31
N PHE V 26 37.19 20.79 -19.60
CA PHE V 26 35.87 21.40 -19.76
C PHE V 26 35.69 21.95 -21.17
N LEU V 27 36.72 22.61 -21.71
CA LEU V 27 36.64 23.12 -23.08
C LEU V 27 36.52 21.98 -24.10
N HIS V 28 37.33 20.94 -23.97
CA HIS V 28 37.19 19.79 -24.86
C HIS V 28 35.79 19.20 -24.78
N SER V 29 35.23 19.12 -23.58
CA SER V 29 33.88 18.59 -23.41
C SER V 29 32.88 19.42 -24.20
N ARG V 30 32.94 20.73 -24.05
CA ARG V 30 31.96 21.58 -24.71
C ARG V 30 32.20 21.66 -26.22
N MET V 31 33.47 21.52 -26.66
CA MET V 31 33.72 21.43 -28.10
C MET V 31 33.06 20.19 -28.69
N TRP V 32 33.23 19.04 -28.02
CA TRP V 32 32.62 17.80 -28.50
C TRP V 32 31.10 17.90 -28.49
N ASN V 33 30.53 18.46 -27.43
CA ASN V 33 29.08 18.67 -27.40
C ASN V 33 28.66 19.57 -28.55
N ASP V 34 29.37 20.68 -28.74
CA ASP V 34 29.06 21.59 -29.83
C ASP V 34 29.06 20.88 -31.18
N TRP V 35 29.99 19.95 -31.39
CA TRP V 35 30.03 19.20 -32.64
C TRP V 35 28.99 18.08 -32.74
N GLY V 36 28.18 17.85 -31.70
CA GLY V 36 27.23 16.75 -31.73
C GLY V 36 27.79 15.41 -31.29
N LEU V 37 29.01 15.37 -30.77
CA LEU V 37 29.62 14.14 -30.25
C LEU V 37 29.42 14.07 -28.73
N LYS V 38 28.16 13.86 -28.35
CA LYS V 38 27.69 14.09 -26.99
C LYS V 38 28.19 13.04 -26.01
N ARG V 39 28.43 11.81 -26.48
CA ARG V 39 28.99 10.78 -25.63
C ARG V 39 30.45 11.08 -25.27
N LEU V 40 31.23 11.57 -26.22
CA LEU V 40 32.56 12.08 -25.89
C LEU V 40 32.48 13.29 -24.98
N GLY V 41 31.53 14.19 -25.28
CA GLY V 41 31.38 15.38 -24.45
C GLY V 41 31.01 15.03 -23.02
N ALA V 42 30.07 14.10 -22.83
CA ALA V 42 29.68 13.72 -21.48
C ALA V 42 30.86 13.09 -20.72
N HIS V 43 31.60 12.21 -21.37
CA HIS V 43 32.69 11.57 -20.66
C HIS V 43 33.76 12.57 -20.30
N GLU V 44 34.07 13.49 -21.21
CA GLU V 44 35.08 14.49 -20.93
C GLU V 44 34.62 15.43 -19.82
N TYR V 45 33.33 15.73 -19.79
CA TYR V 45 32.77 16.54 -18.71
C TYR V 45 33.02 15.86 -17.36
N HIS V 46 32.77 14.55 -17.27
CA HIS V 46 32.99 13.89 -15.99
C HIS V 46 34.47 13.83 -15.63
N GLU V 47 35.36 13.68 -16.61
CA GLU V 47 36.80 13.83 -16.33
C GLU V 47 37.10 15.18 -15.71
N SER V 48 36.47 16.23 -16.24
CA SER V 48 36.68 17.58 -15.70
C SER V 48 36.22 17.67 -14.24
N ILE V 49 35.08 17.07 -13.92
CA ILE V 49 34.56 17.10 -12.55
C ILE V 49 35.51 16.38 -11.62
N ASP V 50 36.04 15.23 -12.06
CA ASP V 50 37.06 14.51 -11.30
C ASP V 50 38.20 15.43 -10.89
N GLU V 51 38.71 16.23 -11.83
CA GLU V 51 39.83 17.11 -11.53
C GLU V 51 39.41 18.22 -10.60
N MET V 52 38.15 18.64 -10.68
CA MET V 52 37.67 19.64 -9.74
C MET V 52 37.71 19.10 -8.32
N LYS V 53 37.43 17.79 -8.18
CA LYS V 53 37.42 17.18 -6.85
C LYS V 53 38.85 16.98 -6.33
N HIS V 54 39.78 16.57 -7.21
CA HIS V 54 41.19 16.55 -6.82
C HIS V 54 41.62 17.91 -6.31
N ALA V 55 41.29 18.96 -7.07
CA ALA V 55 41.71 20.29 -6.69
C ALA V 55 41.12 20.68 -5.33
N ASP V 56 39.86 20.36 -5.09
CA ASP V 56 39.24 20.63 -3.80
C ASP V 56 39.99 19.94 -2.66
N LYS V 57 40.27 18.64 -2.80
CA LYS V 57 40.99 17.96 -1.71
C LYS V 57 42.37 18.58 -1.50
N LEU V 58 43.05 18.98 -2.58
CA LEU V 58 44.39 19.55 -2.41
C LEU V 58 44.31 20.89 -1.68
N ILE V 59 43.33 21.71 -2.05
CA ILE V 59 43.18 23.01 -1.43
C ILE V 59 42.91 22.84 0.06
N GLU V 60 42.03 21.91 0.41
CA GLU V 60 41.71 21.68 1.82
C GLU V 60 42.93 21.23 2.62
N ARG V 61 43.72 20.32 2.03
CA ARG V 61 44.92 19.83 2.70
C ARG V 61 45.95 20.94 2.87
N ILE V 62 46.17 21.74 1.82
CA ILE V 62 47.13 22.85 1.91
C ILE V 62 46.75 23.79 3.02
N LEU V 63 45.47 24.18 3.10
CA LEU V 63 45.03 25.08 4.17
C LEU V 63 45.23 24.44 5.53
N PHE V 64 44.94 23.14 5.66
CA PHE V 64 45.11 22.49 6.95
C PHE V 64 46.56 22.55 7.40
N LEU V 65 47.48 22.34 6.46
CA LEU V 65 48.91 22.39 6.74
C LEU V 65 49.46 23.81 6.87
N GLU V 66 48.57 24.81 6.82
CA GLU V 66 48.87 26.22 7.05
C GLU V 66 49.63 26.85 5.88
N GLY V 67 49.44 26.32 4.68
CA GLY V 67 49.93 26.96 3.47
C GLY V 67 48.89 27.81 2.78
N ALA V 68 49.33 28.44 1.70
CA ALA V 68 48.50 29.30 0.87
C ALA V 68 48.22 28.58 -0.45
N PRO V 69 47.00 28.11 -0.70
CA PRO V 69 46.73 27.48 -2.00
C PRO V 69 46.87 28.52 -3.11
N ASN V 70 47.56 28.14 -4.18
CA ASN V 70 47.79 29.01 -5.32
C ASN V 70 46.82 28.62 -6.44
N LEU V 71 45.80 29.45 -6.64
CA LEU V 71 44.86 29.29 -7.75
C LEU V 71 45.08 30.35 -8.81
N GLN V 72 46.21 31.06 -8.75
CA GLN V 72 46.45 32.21 -9.61
C GLN V 72 47.25 31.88 -10.86
N ASP V 73 48.08 30.85 -10.84
CA ASP V 73 49.11 30.63 -11.85
C ASP V 73 48.73 29.49 -12.78
N LEU V 74 47.83 29.77 -13.71
CA LEU V 74 47.37 28.79 -14.68
C LEU V 74 48.43 28.58 -15.75
N GLY V 75 48.92 27.35 -15.87
CA GLY V 75 49.83 27.00 -16.93
C GLY V 75 49.12 26.74 -18.25
N LYS V 76 49.90 26.23 -19.20
CA LYS V 76 49.50 26.20 -20.60
C LYS V 76 48.48 25.08 -20.85
N LEU V 77 47.29 25.44 -21.33
CA LEU V 77 46.33 24.44 -21.76
C LEU V 77 46.71 23.90 -23.14
N LEU V 78 46.53 22.60 -23.32
CA LEU V 78 46.77 21.95 -24.61
C LEU V 78 45.41 21.70 -25.27
N ILE V 79 44.98 22.64 -26.09
CA ILE V 79 43.67 22.55 -26.74
C ILE V 79 43.86 21.94 -28.13
N GLY V 80 43.29 20.76 -28.34
CA GLY V 80 43.27 20.17 -29.66
C GLY V 80 42.22 20.79 -30.59
N ALA V 81 42.35 20.48 -31.88
CA ALA V 81 41.41 20.96 -32.88
C ALA V 81 40.54 19.86 -33.47
N ASN V 82 40.81 18.60 -33.16
CA ASN V 82 39.93 17.50 -33.54
C ASN V 82 40.09 16.40 -32.51
N THR V 83 39.24 15.37 -32.64
CA THR V 83 39.09 14.38 -31.58
C THR V 83 40.42 13.72 -31.24
N GLN V 84 41.12 13.23 -32.26
CA GLN V 84 42.38 12.53 -32.01
C GLN V 84 43.38 13.43 -31.31
N GLU V 85 43.50 14.68 -31.76
CA GLU V 85 44.43 15.59 -31.13
C GLU V 85 44.01 15.92 -29.70
N MET V 86 42.69 16.04 -29.47
CA MET V 86 42.20 16.38 -28.13
C MET V 86 42.51 15.25 -27.16
N LEU V 87 42.28 14.01 -27.57
CA LEU V 87 42.60 12.88 -26.72
C LEU V 87 44.09 12.86 -26.40
N GLN V 88 44.94 13.04 -27.43
CA GLN V 88 46.39 13.02 -27.22
C GLN V 88 46.83 14.19 -26.36
N CYS V 89 46.22 15.36 -26.56
CA CYS V 89 46.50 16.48 -25.68
C CYS V 89 46.18 16.14 -24.23
N ASP V 90 45.06 15.46 -23.97
CA ASP V 90 44.75 15.06 -22.60
C ASP V 90 45.78 14.06 -22.09
N LEU V 91 46.18 13.09 -22.92
CA LEU V 91 47.14 12.08 -22.49
C LEU V 91 48.47 12.70 -22.12
N ASN V 92 48.96 13.63 -22.93
CA ASN V 92 50.21 14.32 -22.64
C ASN V 92 50.13 15.05 -21.29
N LEU V 93 48.99 15.69 -21.01
CA LEU V 93 48.82 16.36 -19.72
C LEU V 93 48.80 15.34 -18.57
N GLU V 94 48.08 14.23 -18.73
CA GLU V 94 48.01 13.23 -17.67
C GLU V 94 49.38 12.64 -17.37
N LEU V 95 50.17 12.39 -18.41
CA LEU V 95 51.49 11.81 -18.23
C LEU V 95 52.44 12.77 -17.52
N LYS V 96 52.43 14.06 -17.87
CA LYS V 96 53.19 15.03 -17.08
C LYS V 96 52.70 15.06 -15.65
N ALA V 97 51.38 15.03 -15.45
CA ALA V 97 50.83 15.13 -14.11
C ALA V 97 51.26 13.97 -13.22
N THR V 98 51.26 12.74 -13.76
CA THR V 98 51.65 11.62 -12.93
C THR V 98 53.11 11.70 -12.53
N LYS V 99 53.95 12.32 -13.35
CA LYS V 99 55.35 12.47 -12.99
C LYS V 99 55.49 13.36 -11.77
N ASP V 100 54.74 14.47 -11.72
CA ASP V 100 54.79 15.33 -10.55
C ASP V 100 54.21 14.63 -9.31
N LEU V 101 53.15 13.83 -9.48
CA LEU V 101 52.57 13.11 -8.35
C LEU V 101 53.58 12.16 -7.72
N ARG V 102 54.28 11.38 -8.54
CA ARG V 102 55.28 10.45 -8.02
C ARG V 102 56.37 11.20 -7.25
N GLU V 103 56.85 12.32 -7.80
CA GLU V 103 57.89 13.08 -7.09
C GLU V 103 57.37 13.66 -5.79
N ALA V 104 56.11 14.12 -5.78
CA ALA V 104 55.53 14.64 -4.54
C ALA V 104 55.37 13.54 -3.50
N ILE V 105 55.06 12.32 -3.95
CA ILE V 105 54.88 11.22 -3.01
C ILE V 105 56.21 10.85 -2.37
N VAL V 106 57.31 10.84 -3.17
CA VAL V 106 58.65 10.63 -2.62
C VAL V 106 58.89 11.58 -1.46
N HIS V 107 58.65 12.86 -1.68
CA HIS V 107 58.92 13.83 -0.63
C HIS V 107 58.04 13.58 0.59
N CYS V 108 56.75 13.32 0.40
CA CYS V 108 55.89 13.03 1.55
C CYS V 108 56.48 11.90 2.37
N GLU V 109 56.84 10.80 1.71
CA GLU V 109 57.43 9.68 2.42
C GLU V 109 58.65 10.11 3.22
N GLN V 110 59.55 10.91 2.61
CA GLN V 110 60.80 11.28 3.26
C GLN V 110 60.59 12.10 4.53
N VAL V 111 59.57 12.95 4.60
CA VAL V 111 59.37 13.73 5.82
C VAL V 111 58.25 13.18 6.67
N HIS V 112 57.79 11.96 6.38
CA HIS V 112 56.80 11.28 7.21
C HIS V 112 55.40 11.90 7.15
N ASP V 113 55.05 12.59 6.04
CA ASP V 113 53.69 13.11 5.88
C ASP V 113 52.86 12.04 5.18
N TYR V 114 52.49 11.03 5.96
CA TYR V 114 51.86 9.85 5.38
C TYR V 114 50.42 10.10 4.97
N VAL V 115 49.74 11.10 5.56
CA VAL V 115 48.38 11.43 5.16
C VAL V 115 48.38 12.14 3.81
N SER V 116 49.29 13.11 3.62
CA SER V 116 49.44 13.72 2.30
C SER V 116 49.78 12.68 1.26
N ARG V 117 50.66 11.72 1.60
CA ARG V 117 51.02 10.68 0.63
C ARG V 117 49.79 9.88 0.22
N ASP V 118 48.96 9.51 1.19
CA ASP V 118 47.72 8.80 0.91
C ASP V 118 46.81 9.59 -0.03
N LEU V 119 46.55 10.87 0.29
CA LEU V 119 45.80 11.72 -0.62
C LEU V 119 46.39 11.68 -2.04
N LEU V 120 47.69 11.89 -2.16
CA LEU V 120 48.31 11.92 -3.48
C LEU V 120 48.23 10.58 -4.18
N LYS V 121 48.37 9.47 -3.43
CA LYS V 121 48.23 8.16 -4.04
C LYS V 121 46.81 7.96 -4.59
N ASP V 122 45.79 8.38 -3.84
CA ASP V 122 44.43 8.29 -4.37
C ASP V 122 44.27 9.07 -5.67
N ILE V 123 44.82 10.29 -5.72
CA ILE V 123 44.73 11.07 -6.94
C ILE V 123 45.45 10.34 -8.06
N LEU V 124 46.62 9.79 -7.75
CA LEU V 124 47.40 9.11 -8.77
C LEU V 124 46.65 7.93 -9.33
N GLU V 125 45.88 7.25 -8.49
CA GLU V 125 45.10 6.10 -8.94
C GLU V 125 44.05 6.57 -9.95
N SER V 126 43.42 7.70 -9.69
CA SER V 126 42.47 8.27 -10.61
CA SER V 126 42.47 8.26 -10.63
C SER V 126 43.14 8.69 -11.92
N GLU V 127 44.34 9.28 -11.83
CA GLU V 127 45.00 9.73 -13.05
C GLU V 127 45.38 8.55 -13.93
N GLU V 128 45.78 7.43 -13.32
CA GLU V 128 46.08 6.23 -14.10
C GLU V 128 44.83 5.65 -14.74
N GLU V 129 43.65 5.84 -14.14
CA GLU V 129 42.41 5.45 -14.83
C GLU V 129 42.12 6.37 -16.01
N HIS V 130 42.32 7.68 -15.82
CA HIS V 130 42.24 8.63 -16.93
C HIS V 130 43.17 8.24 -18.07
N ILE V 131 44.44 7.95 -17.76
CA ILE V 131 45.39 7.51 -18.78
C ILE V 131 44.85 6.27 -19.49
N ASP V 132 44.34 5.31 -18.72
CA ASP V 132 43.85 4.09 -19.36
C ASP V 132 42.70 4.40 -20.31
N TYR V 133 41.75 5.26 -19.89
CA TYR V 133 40.64 5.62 -20.78
C TYR V 133 41.18 6.27 -22.07
N LEU V 134 42.09 7.23 -21.94
CA LEU V 134 42.60 7.94 -23.11
C LEU V 134 43.37 7.00 -24.06
N GLU V 135 44.31 6.22 -23.52
CA GLU V 135 45.01 5.27 -24.36
C GLU V 135 44.02 4.38 -25.07
N THR V 136 43.00 3.93 -24.35
CA THR V 136 42.06 2.98 -24.93
C THR V 136 41.28 3.60 -26.08
N GLN V 137 40.85 4.85 -25.94
CA GLN V 137 40.15 5.53 -27.02
C GLN V 137 41.05 5.65 -28.25
N LEU V 138 42.29 6.11 -28.05
CA LEU V 138 43.22 6.20 -29.17
C LEU V 138 43.41 4.86 -29.83
N GLY V 139 43.40 3.78 -29.05
CA GLY V 139 43.52 2.44 -29.61
C GLY V 139 42.28 1.99 -30.36
N LEU V 140 41.10 2.38 -29.88
CA LEU V 140 39.87 2.01 -30.58
C LEU V 140 39.74 2.75 -31.92
N ILE V 141 40.16 4.03 -31.98
CA ILE V 141 40.17 4.75 -33.27
C ILE V 141 40.93 3.94 -34.32
N GLN V 142 42.09 3.40 -33.95
CA GLN V 142 42.87 2.55 -34.85
C GLN V 142 42.12 1.27 -35.22
N LYS V 143 41.44 0.64 -34.25
CA LYS V 143 40.84 -0.66 -34.50
C LYS V 143 39.52 -0.56 -35.27
N VAL V 144 38.65 0.39 -34.93
CA VAL V 144 37.36 0.48 -35.60
C VAL V 144 37.36 1.54 -36.69
N GLY V 145 38.33 2.43 -36.72
CA GLY V 145 38.41 3.50 -37.70
C GLY V 145 37.86 4.80 -37.14
N LEU V 146 38.43 5.92 -37.56
CA LEU V 146 38.02 7.22 -37.01
C LEU V 146 36.54 7.47 -37.22
N GLU V 147 36.02 7.20 -38.43
CA GLU V 147 34.64 7.55 -38.73
C GLU V 147 33.68 6.76 -37.84
N ASN V 148 33.90 5.44 -37.73
CA ASN V 148 33.09 4.60 -36.86
C ASN V 148 33.20 5.03 -35.40
N TYR V 149 34.41 5.37 -34.96
CA TYR V 149 34.58 5.74 -33.56
C TYR V 149 33.77 6.99 -33.25
N LEU V 150 33.86 8.00 -34.11
CA LEU V 150 33.05 9.18 -33.92
C LEU V 150 31.56 8.83 -33.98
N GLN V 151 31.15 8.00 -34.95
CA GLN V 151 29.76 7.60 -35.04
C GLN V 151 29.26 7.03 -33.72
N SER V 152 30.04 6.13 -33.12
CA SER V 152 29.62 5.50 -31.86
C SER V 152 29.56 6.47 -30.68
N HIS V 153 30.10 7.67 -30.81
CA HIS V 153 30.12 8.62 -29.71
C HIS V 153 29.26 9.84 -29.95
N MET V 154 28.39 9.78 -30.97
CA MET V 154 27.43 10.85 -31.26
C MET V 154 26.32 10.88 -30.23
N HIS V 155 25.64 9.77 -30.07
CA HIS V 155 24.47 9.66 -29.21
C HIS V 155 24.83 9.01 -27.87
N GLU V 156 24.25 9.55 -26.81
CA GLU V 156 24.37 8.94 -25.46
C GLU V 156 23.40 7.77 -25.27
N MET W 1 -50.23 16.56 -11.58
CA MET W 1 -51.30 15.57 -11.84
C MET W 1 -52.43 15.85 -10.85
N LYS W 2 -53.64 16.07 -11.35
CA LYS W 2 -54.74 16.47 -10.48
C LYS W 2 -55.18 15.28 -9.63
N GLY W 3 -55.11 15.43 -8.33
CA GLY W 3 -55.49 14.39 -7.41
C GLY W 3 -56.90 14.58 -6.91
N ASP W 4 -57.43 13.52 -6.32
CA ASP W 4 -58.74 13.56 -5.69
C ASP W 4 -58.73 14.53 -4.51
N LYS W 5 -59.71 15.43 -4.46
CA LYS W 5 -59.73 16.45 -3.42
C LYS W 5 -59.83 15.85 -2.01
N LYS W 6 -60.60 14.77 -1.87
CA LYS W 6 -60.77 14.19 -0.56
C LYS W 6 -59.53 13.39 -0.14
N VAL W 7 -58.82 12.79 -1.11
CA VAL W 7 -57.50 12.19 -0.82
C VAL W 7 -56.55 13.25 -0.29
N ILE W 8 -56.48 14.40 -0.99
CA ILE W 8 -55.58 15.45 -0.55
C ILE W 8 -55.94 15.92 0.85
N GLN W 9 -57.24 15.99 1.15
CA GLN W 9 -57.69 16.30 2.50
C GLN W 9 -57.15 15.29 3.52
N HIS W 10 -57.25 13.99 3.20
CA HIS W 10 -56.68 12.96 4.05
C HIS W 10 -55.17 13.16 4.21
N LEU W 11 -54.45 13.39 3.10
CA LEU W 11 -53.00 13.59 3.21
C LEU W 11 -52.66 14.76 4.11
N ASN W 12 -53.40 15.88 3.98
CA ASN W 12 -53.16 17.01 4.87
C ASN W 12 -53.52 16.69 6.30
N LYS W 13 -54.48 15.79 6.53
CA LYS W 13 -54.78 15.41 7.90
C LYS W 13 -53.66 14.58 8.50
N ILE W 14 -53.18 13.57 7.76
CA ILE W 14 -51.99 12.83 8.18
C ILE W 14 -50.82 13.78 8.44
N LEU W 15 -50.60 14.73 7.53
CA LEU W 15 -49.50 15.68 7.70
C LEU W 15 -49.65 16.45 8.99
N GLY W 16 -50.88 16.85 9.32
CA GLY W 16 -51.12 17.54 10.58
C GLY W 16 -50.69 16.70 11.78
N ASN W 17 -50.95 15.40 11.74
CA ASN W 17 -50.50 14.55 12.84
C ASN W 17 -48.97 14.47 12.92
N GLU W 18 -48.32 14.37 11.75
CA GLU W 18 -46.85 14.35 11.75
C GLU W 18 -46.28 15.59 12.42
N LEU W 19 -46.88 16.75 12.15
CA LEU W 19 -46.37 18.00 12.67
C LEU W 19 -46.46 18.03 14.19
N ILE W 20 -47.55 17.50 14.75
CA ILE W 20 -47.64 17.40 16.21
C ILE W 20 -46.54 16.50 16.75
N ALA W 21 -46.37 15.34 16.10
CA ALA W 21 -45.42 14.35 16.58
C ALA W 21 -44.00 14.90 16.57
N ILE W 22 -43.62 15.60 15.48
CA ILE W 22 -42.30 16.22 15.40
C ILE W 22 -42.01 17.05 16.63
N ASN W 23 -42.91 18.00 16.95
CA ASN W 23 -42.67 18.92 18.05
C ASN W 23 -42.71 18.19 19.39
N GLN W 24 -43.71 17.34 19.57
CA GLN W 24 -43.85 16.63 20.85
C GLN W 24 -42.63 15.78 21.12
N TYR W 25 -42.20 14.99 20.13
CA TYR W 25 -41.03 14.13 20.34
C TYR W 25 -39.76 14.96 20.48
N PHE W 26 -39.60 16.02 19.69
CA PHE W 26 -38.37 16.80 19.82
C PHE W 26 -38.27 17.40 21.21
N LEU W 27 -39.37 17.93 21.74
CA LEU W 27 -39.35 18.46 23.09
C LEU W 27 -39.13 17.34 24.11
N HIS W 28 -39.80 16.18 23.95
CA HIS W 28 -39.55 15.09 24.91
C HIS W 28 -38.09 14.64 24.88
N SER W 29 -37.51 14.53 23.69
CA SER W 29 -36.09 14.22 23.55
C SER W 29 -35.23 15.18 24.36
N ARG W 30 -35.44 16.49 24.20
CA ARG W 30 -34.59 17.48 24.87
C ARG W 30 -34.87 17.55 26.36
N MET W 31 -36.09 17.23 26.77
CA MET W 31 -36.34 17.12 28.21
C MET W 31 -35.54 15.97 28.79
N TRP W 32 -35.57 14.82 28.13
CA TRP W 32 -34.77 13.69 28.58
C TRP W 32 -33.28 14.03 28.61
N ASN W 33 -32.77 14.69 27.56
CA ASN W 33 -31.36 15.06 27.56
C ASN W 33 -31.03 16.00 28.69
N ASP W 34 -31.92 16.96 28.95
CA ASP W 34 -31.72 17.91 30.03
C ASP W 34 -31.67 17.21 31.40
N TRP W 35 -32.38 16.11 31.55
CA TRP W 35 -32.37 15.36 32.80
C TRP W 35 -31.21 14.39 32.91
N GLY W 36 -30.37 14.30 31.87
CA GLY W 36 -29.28 13.36 31.85
C GLY W 36 -29.68 11.97 31.44
N LEU W 37 -30.90 11.81 30.93
CA LEU W 37 -31.36 10.52 30.43
C LEU W 37 -31.12 10.43 28.93
N LYS W 38 -29.84 10.35 28.58
CA LYS W 38 -29.42 10.64 27.22
C LYS W 38 -29.68 9.51 26.25
N ARG W 39 -29.84 8.27 26.72
CA ARG W 39 -30.24 7.20 25.82
C ARG W 39 -31.68 7.37 25.39
N LEU W 40 -32.55 7.75 26.32
CA LEU W 40 -33.93 8.06 25.97
C LEU W 40 -33.97 9.28 25.07
N GLY W 41 -33.15 10.29 25.37
CA GLY W 41 -33.14 11.49 24.56
C GLY W 41 -32.78 11.23 23.12
N ALA W 42 -31.71 10.43 22.89
CA ALA W 42 -31.27 10.15 21.53
C ALA W 42 -32.32 9.35 20.79
N HIS W 43 -32.97 8.43 21.46
CA HIS W 43 -33.92 7.59 20.75
C HIS W 43 -35.15 8.39 20.37
N GLU W 44 -35.60 9.26 21.27
CA GLU W 44 -36.75 10.10 20.96
C GLU W 44 -36.41 11.11 19.86
N TYR W 45 -35.18 11.61 19.86
CA TYR W 45 -34.70 12.43 18.75
C TYR W 45 -34.86 11.72 17.42
N HIS W 46 -34.49 10.45 17.35
CA HIS W 46 -34.61 9.75 16.09
C HIS W 46 -36.06 9.47 15.71
N GLU W 47 -36.95 9.26 16.68
CA GLU W 47 -38.37 9.25 16.39
C GLU W 47 -38.82 10.58 15.78
N SER W 48 -38.37 11.69 16.36
CA SER W 48 -38.72 13.01 15.81
C SER W 48 -38.26 13.11 14.36
N ILE W 49 -37.04 12.67 14.08
CA ILE W 49 -36.51 12.73 12.73
C ILE W 49 -37.35 11.86 11.80
N ASP W 50 -37.79 10.68 12.28
CA ASP W 50 -38.64 9.82 11.46
C ASP W 50 -39.88 10.59 11.01
N GLU W 51 -40.48 11.37 11.93
CA GLU W 51 -41.73 12.08 11.61
C GLU W 51 -41.46 13.21 10.63
N MET W 52 -40.31 13.85 10.76
CA MET W 52 -39.93 14.88 9.81
C MET W 52 -39.85 14.30 8.40
N LYS W 53 -39.39 13.05 8.29
CA LYS W 53 -39.29 12.41 6.98
C LYS W 53 -40.66 12.00 6.45
N HIS W 54 -41.56 11.51 7.32
CA HIS W 54 -42.95 11.28 6.93
C HIS W 54 -43.59 12.56 6.42
N ALA W 55 -43.41 13.66 7.14
CA ALA W 55 -43.98 14.94 6.72
C ALA W 55 -43.48 15.32 5.34
N ASP W 56 -42.16 15.25 5.14
CA ASP W 56 -41.58 15.63 3.85
C ASP W 56 -42.24 14.87 2.71
N LYS W 57 -42.39 13.55 2.87
CA LYS W 57 -42.98 12.77 1.80
C LYS W 57 -44.43 13.18 1.56
N LEU W 58 -45.17 13.44 2.63
CA LEU W 58 -46.55 13.86 2.45
C LEU W 58 -46.62 15.18 1.73
N ILE W 59 -45.74 16.12 2.11
CA ILE W 59 -45.73 17.46 1.50
C ILE W 59 -45.48 17.32 0.00
N GLU W 60 -44.54 16.45 -0.36
CA GLU W 60 -44.19 16.25 -1.76
C GLU W 60 -45.34 15.65 -2.55
N ARG W 61 -46.03 14.65 -1.96
CA ARG W 61 -47.13 14.02 -2.67
C ARG W 61 -48.26 15.02 -2.88
N ILE W 62 -48.56 15.82 -1.85
CA ILE W 62 -49.66 16.76 -1.93
C ILE W 62 -49.41 17.74 -3.06
N LEU W 63 -48.18 18.27 -3.12
CA LEU W 63 -47.85 19.22 -4.18
C LEU W 63 -47.92 18.55 -5.54
N PHE W 64 -47.40 17.33 -5.66
CA PHE W 64 -47.51 16.63 -6.94
C PHE W 64 -48.97 16.50 -7.38
N LEU W 65 -49.86 16.23 -6.42
CA LEU W 65 -51.28 16.10 -6.71
C LEU W 65 -51.98 17.44 -6.85
N GLU W 66 -51.22 18.54 -6.92
CA GLU W 66 -51.75 19.89 -7.13
C GLU W 66 -52.59 20.39 -5.95
N GLY W 67 -52.29 19.90 -4.75
CA GLY W 67 -52.86 20.43 -3.53
C GLY W 67 -51.92 21.41 -2.84
N ALA W 68 -52.42 21.98 -1.76
CA ALA W 68 -51.67 22.92 -0.96
C ALA W 68 -51.38 22.31 0.42
N PRO W 69 -50.13 21.99 0.74
CA PRO W 69 -49.85 21.41 2.05
C PRO W 69 -50.13 22.42 3.15
N ASN W 70 -50.71 21.94 4.23
CA ASN W 70 -51.09 22.79 5.35
C ASN W 70 -50.09 22.60 6.48
N LEU W 71 -49.20 23.57 6.66
CA LEU W 71 -48.21 23.53 7.75
C LEU W 71 -48.54 24.54 8.84
N GLN W 72 -49.72 25.16 8.77
CA GLN W 72 -50.12 26.26 9.64
C GLN W 72 -50.88 25.80 10.87
N ASP W 73 -51.67 24.74 10.76
CA ASP W 73 -52.64 24.34 11.79
C ASP W 73 -52.02 23.24 12.66
N LEU W 74 -51.29 23.65 13.69
CA LEU W 74 -50.63 22.73 14.60
C LEU W 74 -51.59 22.34 15.72
N GLY W 75 -51.93 21.05 15.80
CA GLY W 75 -52.78 20.53 16.85
C GLY W 75 -52.08 20.46 18.21
N LYS W 76 -52.78 19.81 19.16
CA LYS W 76 -52.39 19.88 20.56
C LYS W 76 -51.21 18.96 20.83
N LEU W 77 -50.14 19.51 21.41
CA LEU W 77 -49.03 18.65 21.85
C LEU W 77 -49.37 18.03 23.19
N LEU W 78 -49.07 16.75 23.34
CA LEU W 78 -49.27 16.01 24.60
C LEU W 78 -47.90 15.88 25.27
N ILE W 79 -47.63 16.76 26.23
CA ILE W 79 -46.34 16.86 26.90
C ILE W 79 -46.44 16.28 28.31
N GLY W 80 -45.66 15.25 28.58
CA GLY W 80 -45.66 14.64 29.89
C GLY W 80 -44.69 15.32 30.84
N ALA W 81 -44.85 15.02 32.13
CA ALA W 81 -44.03 15.60 33.19
C ALA W 81 -42.96 14.65 33.72
N ASN W 82 -42.97 13.39 33.31
CA ASN W 82 -41.96 12.41 33.71
C ASN W 82 -41.91 11.33 32.65
N THR W 83 -40.98 10.39 32.81
CA THR W 83 -40.71 9.43 31.74
C THR W 83 -41.93 8.59 31.44
N GLN W 84 -42.64 8.12 32.46
CA GLN W 84 -43.79 7.26 32.17
C GLN W 84 -44.87 8.03 31.45
N GLU W 85 -45.11 9.27 31.87
CA GLU W 85 -46.14 10.09 31.25
C GLU W 85 -45.77 10.44 29.81
N MET W 86 -44.49 10.75 29.59
CA MET W 86 -44.03 11.13 28.26
C MET W 86 -44.20 9.99 27.29
N LEU W 87 -43.81 8.77 27.70
CA LEU W 87 -44.02 7.60 26.86
C LEU W 87 -45.49 7.36 26.57
N GLN W 88 -46.35 7.52 27.57
CA GLN W 88 -47.77 7.27 27.32
C GLN W 88 -48.36 8.36 26.41
N CYS W 89 -47.95 9.62 26.59
CA CYS W 89 -48.39 10.68 25.67
C CYS W 89 -48.01 10.35 24.22
N ASP W 90 -46.75 9.93 24.00
CA ASP W 90 -46.34 9.49 22.68
C ASP W 90 -47.22 8.35 22.15
N LEU W 91 -47.49 7.36 23.00
CA LEU W 91 -48.28 6.22 22.56
C LEU W 91 -49.70 6.63 22.21
N ASN W 92 -50.29 7.50 23.02
CA ASN W 92 -51.63 8.00 22.73
C ASN W 92 -51.67 8.69 21.37
N LEU W 93 -50.66 9.51 21.08
CA LEU W 93 -50.58 10.20 19.79
C LEU W 93 -50.47 9.21 18.64
N GLU W 94 -49.57 8.23 18.77
CA GLU W 94 -49.40 7.26 17.70
C GLU W 94 -50.69 6.52 17.41
N LEU W 95 -51.43 6.17 18.46
CA LEU W 95 -52.64 5.36 18.28
C LEU W 95 -53.72 6.16 17.57
N LYS W 96 -53.84 7.45 17.88
CA LYS W 96 -54.78 8.29 17.13
C LYS W 96 -54.33 8.43 15.69
N ALA W 97 -53.02 8.60 15.48
CA ALA W 97 -52.45 8.75 14.15
C ALA W 97 -52.68 7.53 13.29
N THR W 98 -52.61 6.33 13.86
CA THR W 98 -52.78 5.14 13.03
C THR W 98 -54.22 4.99 12.59
N LYS W 99 -55.16 5.47 13.40
CA LYS W 99 -56.56 5.40 12.98
C LYS W 99 -56.81 6.32 11.79
N ASP W 100 -56.25 7.53 11.82
CA ASP W 100 -56.37 8.42 10.66
C ASP W 100 -55.70 7.82 9.43
N LEU W 101 -54.59 7.10 9.62
CA LEU W 101 -53.90 6.51 8.47
C LEU W 101 -54.75 5.44 7.82
N ARG W 102 -55.41 4.62 8.63
CA ARG W 102 -56.22 3.53 8.08
C ARG W 102 -57.41 4.08 7.29
N GLU W 103 -58.04 5.14 7.79
CA GLU W 103 -59.13 5.78 7.06
C GLU W 103 -58.63 6.41 5.76
N ALA W 104 -57.43 6.99 5.76
CA ALA W 104 -56.90 7.56 4.52
C ALA W 104 -56.63 6.46 3.50
N ILE W 105 -56.15 5.31 3.95
CA ILE W 105 -55.86 4.21 3.05
C ILE W 105 -57.15 3.67 2.42
N VAL W 106 -58.21 3.56 3.21
CA VAL W 106 -59.49 3.14 2.66
C VAL W 106 -59.89 4.06 1.51
N HIS W 107 -59.74 5.36 1.71
CA HIS W 107 -60.18 6.30 0.69
C HIS W 107 -59.32 6.21 -0.56
N CYS W 108 -57.99 6.14 -0.39
CA CYS W 108 -57.12 5.97 -1.55
C CYS W 108 -57.51 4.76 -2.37
N GLU W 109 -57.77 3.63 -1.71
CA GLU W 109 -58.19 2.42 -2.42
C GLU W 109 -59.52 2.65 -3.16
N GLN W 110 -60.44 3.39 -2.56
CA GLN W 110 -61.75 3.58 -3.17
C GLN W 110 -61.64 4.34 -4.49
N VAL W 111 -60.76 5.34 -4.56
CA VAL W 111 -60.63 6.15 -5.76
C VAL W 111 -59.43 5.71 -6.64
N HIS W 112 -58.85 4.54 -6.37
CA HIS W 112 -57.74 3.99 -7.19
C HIS W 112 -56.44 4.81 -7.11
N ASP W 113 -56.22 5.60 -6.05
CA ASP W 113 -54.93 6.28 -5.85
C ASP W 113 -54.00 5.29 -5.15
N TYR W 114 -53.50 4.34 -5.91
CA TYR W 114 -52.70 3.29 -5.34
C TYR W 114 -51.28 3.73 -4.97
N VAL W 115 -50.75 4.78 -5.60
CA VAL W 115 -49.45 5.27 -5.17
C VAL W 115 -49.57 5.97 -3.84
N SER W 116 -50.65 6.74 -3.65
CA SER W 116 -50.82 7.37 -2.35
C SER W 116 -51.04 6.33 -1.24
N ARG W 117 -51.84 5.30 -1.54
CA ARG W 117 -52.03 4.22 -0.59
C ARG W 117 -50.69 3.63 -0.16
N ASP W 118 -49.80 3.42 -1.12
CA ASP W 118 -48.52 2.78 -0.82
C ASP W 118 -47.66 3.63 0.11
N LEU W 119 -47.60 4.94 -0.15
CA LEU W 119 -46.90 5.86 0.74
C LEU W 119 -47.46 5.82 2.15
N LEU W 120 -48.79 5.86 2.27
CA LEU W 120 -49.43 5.79 3.58
C LEU W 120 -49.16 4.47 4.26
N LYS W 121 -49.17 3.36 3.52
CA LYS W 121 -48.86 2.05 4.09
C LYS W 121 -47.43 2.02 4.63
N ASP W 122 -46.48 2.66 3.93
CA ASP W 122 -45.11 2.73 4.44
C ASP W 122 -45.05 3.52 5.73
N ILE W 123 -45.72 4.67 5.78
CA ILE W 123 -45.79 5.44 7.02
C ILE W 123 -46.44 4.61 8.12
N LEU W 124 -47.47 3.83 7.77
CA LEU W 124 -48.17 3.06 8.78
C LEU W 124 -47.27 1.99 9.40
N GLU W 125 -46.46 1.33 8.56
CA GLU W 125 -45.48 0.37 9.06
C GLU W 125 -44.56 1.02 10.09
N SER W 126 -44.10 2.25 9.82
CA SER W 126 -43.24 2.95 10.77
CA SER W 126 -43.25 2.96 10.77
C SER W 126 -43.98 3.29 12.07
N GLU W 127 -45.22 3.77 11.96
CA GLU W 127 -45.96 4.11 13.18
C GLU W 127 -46.16 2.87 14.05
N GLU W 128 -46.51 1.74 13.43
CA GLU W 128 -46.66 0.51 14.19
C GLU W 128 -45.33 0.10 14.83
N GLU W 129 -44.21 0.33 14.16
CA GLU W 129 -42.92 0.13 14.81
C GLU W 129 -42.73 1.08 15.97
N HIS W 130 -43.17 2.33 15.80
CA HIS W 130 -43.11 3.30 16.91
C HIS W 130 -43.97 2.82 18.07
N ILE W 131 -45.18 2.34 17.77
CA ILE W 131 -46.06 1.81 18.81
C ILE W 131 -45.38 0.65 19.54
N ASP W 132 -44.76 -0.26 18.79
CA ASP W 132 -44.09 -1.38 19.42
C ASP W 132 -43.00 -0.90 20.37
N TYR W 133 -42.17 0.04 19.92
CA TYR W 133 -41.13 0.59 20.79
C TYR W 133 -41.73 1.12 22.09
N LEU W 134 -42.83 1.88 21.98
CA LEU W 134 -43.36 2.56 23.17
C LEU W 134 -44.02 1.59 24.14
N GLU W 135 -44.89 0.70 23.64
CA GLU W 135 -45.44 -0.37 24.47
C GLU W 135 -44.32 -1.16 25.15
N THR W 136 -43.26 -1.51 24.40
CA THR W 136 -42.17 -2.30 24.97
C THR W 136 -41.49 -1.56 26.12
N GLN W 137 -41.27 -0.25 25.95
CA GLN W 137 -40.64 0.50 27.05
C GLN W 137 -41.54 0.54 28.26
N LEU W 138 -42.84 0.75 28.07
CA LEU W 138 -43.73 0.76 29.22
C LEU W 138 -43.73 -0.59 29.92
N GLY W 139 -43.66 -1.68 29.15
CA GLY W 139 -43.58 -3.01 29.73
C GLY W 139 -42.28 -3.24 30.50
N LEU W 140 -41.15 -2.77 29.96
CA LEU W 140 -39.88 -2.95 30.66
C LEU W 140 -39.87 -2.22 31.99
N ILE W 141 -40.48 -1.04 32.05
CA ILE W 141 -40.57 -0.30 33.31
C ILE W 141 -41.25 -1.15 34.37
N GLN W 142 -42.31 -1.87 33.97
CA GLN W 142 -42.97 -2.79 34.89
C GLN W 142 -42.08 -3.96 35.26
N LYS W 143 -41.32 -4.49 34.30
CA LYS W 143 -40.56 -5.71 34.55
C LYS W 143 -39.27 -5.44 35.32
N VAL W 144 -38.55 -4.35 35.02
CA VAL W 144 -37.28 -4.08 35.69
C VAL W 144 -37.40 -3.01 36.78
N GLY W 145 -38.51 -2.30 36.85
CA GLY W 145 -38.64 -1.21 37.81
C GLY W 145 -38.20 0.11 37.22
N LEU W 146 -38.83 1.19 37.70
CA LEU W 146 -38.63 2.50 37.09
C LEU W 146 -37.20 2.98 37.25
N GLU W 147 -36.65 2.85 38.46
CA GLU W 147 -35.29 3.31 38.70
C GLU W 147 -34.27 2.56 37.86
N ASN W 148 -34.38 1.23 37.82
CA ASN W 148 -33.51 0.47 36.93
C ASN W 148 -33.70 0.90 35.49
N TYR W 149 -34.96 1.12 35.07
CA TYR W 149 -35.20 1.48 33.67
C TYR W 149 -34.53 2.79 33.33
N LEU W 150 -34.69 3.79 34.18
CA LEU W 150 -34.05 5.07 33.96
C LEU W 150 -32.52 4.94 34.00
N GLN W 151 -32.00 4.24 35.01
CA GLN W 151 -30.55 3.98 35.09
C GLN W 151 -30.01 3.47 33.77
N SER W 152 -30.70 2.51 33.18
CA SER W 152 -30.24 1.89 31.96
C SER W 152 -30.29 2.82 30.77
N HIS W 153 -30.95 3.98 30.92
CA HIS W 153 -31.08 4.94 29.83
C HIS W 153 -30.40 6.28 30.15
N MET W 154 -29.53 6.31 31.17
CA MET W 154 -28.73 7.50 31.45
C MET W 154 -27.63 7.70 30.42
N HIS W 155 -26.80 6.67 30.22
CA HIS W 155 -25.59 6.74 29.40
C HIS W 155 -25.86 6.17 28.02
N GLU W 156 -25.27 6.79 27.00
CA GLU W 156 -25.42 6.31 25.63
C GLU W 156 -24.53 5.08 25.34
N MET X 1 -30.43 25.68 36.36
CA MET X 1 -29.98 26.96 36.98
C MET X 1 -31.12 27.93 36.81
N LYS X 2 -31.46 28.68 37.85
CA LYS X 2 -32.67 29.48 37.76
C LYS X 2 -32.40 30.72 36.90
N GLY X 3 -33.13 30.86 35.80
CA GLY X 3 -32.97 32.00 34.93
C GLY X 3 -33.97 33.11 35.22
N ASP X 4 -33.74 34.23 34.58
CA ASP X 4 -34.66 35.36 34.67
C ASP X 4 -35.95 35.04 33.89
N LYS X 5 -37.10 35.25 34.53
CA LYS X 5 -38.36 34.92 33.88
C LYS X 5 -38.55 35.72 32.59
N LYS X 6 -38.14 37.00 32.56
CA LYS X 6 -38.35 37.79 31.34
C LYS X 6 -37.41 37.33 30.22
N VAL X 7 -36.19 36.90 30.57
CA VAL X 7 -35.28 36.34 29.57
C VAL X 7 -35.91 35.12 28.92
N ILE X 8 -36.41 34.20 29.75
CA ILE X 8 -37.09 33.01 29.25
C ILE X 8 -38.23 33.39 28.31
N GLN X 9 -39.02 34.42 28.67
CA GLN X 9 -40.11 34.83 27.78
C GLN X 9 -39.56 35.29 26.44
N HIS X 10 -38.48 36.06 26.47
CA HIS X 10 -37.79 36.45 25.24
C HIS X 10 -37.29 35.23 24.47
N LEU X 11 -36.59 34.31 25.15
CA LEU X 11 -36.11 33.11 24.46
C LEU X 11 -37.27 32.37 23.81
N ASN X 12 -38.40 32.28 24.51
CA ASN X 12 -39.56 31.60 23.95
C ASN X 12 -40.15 32.37 22.76
N LYS X 13 -40.03 33.69 22.75
CA LYS X 13 -40.51 34.45 21.60
C LYS X 13 -39.61 34.23 20.40
N ILE X 14 -38.29 34.22 20.59
CA ILE X 14 -37.38 33.90 19.50
C ILE X 14 -37.67 32.51 18.96
N LEU X 15 -37.86 31.54 19.86
CA LEU X 15 -38.21 30.18 19.45
C LEU X 15 -39.46 30.18 18.58
N GLY X 16 -40.45 30.99 18.94
CA GLY X 16 -41.66 31.08 18.13
C GLY X 16 -41.38 31.53 16.71
N ASN X 17 -40.49 32.51 16.54
CA ASN X 17 -40.10 32.92 15.19
C ASN X 17 -39.38 31.80 14.45
N GLU X 18 -38.48 31.06 15.12
CA GLU X 18 -37.81 29.94 14.46
C GLU X 18 -38.84 28.94 13.94
N LEU X 19 -39.87 28.66 14.74
CA LEU X 19 -40.82 27.64 14.34
C LEU X 19 -41.62 28.07 13.11
N ILE X 20 -41.95 29.36 12.99
CA ILE X 20 -42.52 29.88 11.75
C ILE X 20 -41.55 29.64 10.59
N ALA X 21 -40.30 30.08 10.76
CA ALA X 21 -39.31 29.99 9.71
C ALA X 21 -39.09 28.56 9.26
N ILE X 22 -38.99 27.61 10.21
CA ILE X 22 -38.83 26.21 9.82
C ILE X 22 -39.89 25.82 8.81
N ASN X 23 -41.16 26.02 9.16
CA ASN X 23 -42.24 25.54 8.30
C ASN X 23 -42.34 26.34 7.01
N GLN X 24 -42.15 27.66 7.10
CA GLN X 24 -42.23 28.49 5.91
C GLN X 24 -41.14 28.11 4.92
N TYR X 25 -39.92 27.97 5.41
CA TYR X 25 -38.84 27.67 4.48
C TYR X 25 -38.96 26.25 3.96
N PHE X 26 -39.40 25.32 4.82
CA PHE X 26 -39.52 23.95 4.33
C PHE X 26 -40.55 23.88 3.20
N LEU X 27 -41.69 24.56 3.37
CA LEU X 27 -42.73 24.52 2.33
C LEU X 27 -42.22 25.18 1.06
N HIS X 28 -41.59 26.36 1.20
CA HIS X 28 -41.05 27.04 0.04
C HIS X 28 -40.02 26.17 -0.68
N SER X 29 -39.19 25.47 0.08
CA SER X 29 -38.21 24.56 -0.51
C SER X 29 -38.88 23.48 -1.34
N ARG X 30 -39.93 22.87 -0.79
CA ARG X 30 -40.60 21.79 -1.50
C ARG X 30 -41.42 22.32 -2.65
N MET X 31 -41.87 23.58 -2.59
CA MET X 31 -42.56 24.18 -3.71
C MET X 31 -41.61 24.37 -4.88
N TRP X 32 -40.42 24.90 -4.61
CA TRP X 32 -39.42 25.06 -5.66
C TRP X 32 -38.99 23.71 -6.24
N ASN X 33 -38.77 22.69 -5.42
CA ASN X 33 -38.44 21.38 -5.97
C ASN X 33 -39.57 20.88 -6.84
N ASP X 34 -40.80 21.07 -6.39
CA ASP X 34 -41.93 20.59 -7.16
C ASP X 34 -41.98 21.26 -8.53
N TRP X 35 -41.62 22.55 -8.61
CA TRP X 35 -41.55 23.28 -9.88
C TRP X 35 -40.33 22.91 -10.73
N GLY X 36 -39.41 22.10 -10.22
CA GLY X 36 -38.20 21.86 -10.97
C GLY X 36 -37.12 22.90 -10.76
N LEU X 37 -37.26 23.76 -9.76
CA LEU X 37 -36.24 24.75 -9.47
C LEU X 37 -35.38 24.23 -8.32
N LYS X 38 -34.59 23.20 -8.65
CA LYS X 38 -34.00 22.35 -7.62
C LYS X 38 -32.86 23.06 -6.87
N ARG X 39 -32.19 24.01 -7.51
CA ARG X 39 -31.14 24.74 -6.80
C ARG X 39 -31.73 25.70 -5.78
N LEU X 40 -32.85 26.34 -6.12
CA LEU X 40 -33.55 27.14 -5.13
C LEU X 40 -34.11 26.26 -4.01
N GLY X 41 -34.63 25.09 -4.36
CA GLY X 41 -35.18 24.22 -3.35
C GLY X 41 -34.11 23.73 -2.39
N ALA X 42 -32.96 23.34 -2.91
CA ALA X 42 -31.86 22.87 -2.05
C ALA X 42 -31.41 23.98 -1.10
N HIS X 43 -31.26 25.20 -1.62
CA HIS X 43 -30.81 26.27 -0.75
C HIS X 43 -31.86 26.60 0.31
N GLU X 44 -33.13 26.61 -0.06
CA GLU X 44 -34.18 26.90 0.91
C GLU X 44 -34.29 25.79 1.96
N TYR X 45 -34.01 24.56 1.55
CA TYR X 45 -33.96 23.45 2.52
C TYR X 45 -32.87 23.70 3.56
N HIS X 46 -31.72 24.22 3.14
CA HIS X 46 -30.65 24.43 4.11
C HIS X 46 -30.95 25.59 5.04
N GLU X 47 -31.66 26.61 4.55
CA GLU X 47 -32.16 27.65 5.44
C GLU X 47 -33.06 27.05 6.51
N SER X 48 -33.99 26.20 6.11
CA SER X 48 -34.89 25.49 7.04
C SER X 48 -34.08 24.78 8.12
N ILE X 49 -33.04 24.05 7.72
CA ILE X 49 -32.26 23.25 8.67
C ILE X 49 -31.55 24.17 9.65
N ASP X 50 -30.98 25.27 9.17
CA ASP X 50 -30.39 26.28 10.06
C ASP X 50 -31.35 26.67 11.18
N GLU X 51 -32.61 26.94 10.82
CA GLU X 51 -33.60 27.39 11.80
C GLU X 51 -33.94 26.27 12.78
N MET X 52 -34.03 25.04 12.27
CA MET X 52 -34.18 23.88 13.15
C MET X 52 -33.05 23.85 14.17
N LYS X 53 -31.83 24.15 13.73
CA LYS X 53 -30.70 24.16 14.65
C LYS X 53 -30.82 25.31 15.65
N HIS X 54 -31.27 26.48 15.20
CA HIS X 54 -31.55 27.58 16.14
C HIS X 54 -32.58 27.18 17.18
N ALA X 55 -33.70 26.61 16.73
CA ALA X 55 -34.74 26.20 17.66
C ALA X 55 -34.17 25.23 18.69
N ASP X 56 -33.36 24.26 18.26
CA ASP X 56 -32.79 23.28 19.18
C ASP X 56 -31.97 23.96 20.27
N LYS X 57 -31.10 24.90 19.88
CA LYS X 57 -30.29 25.55 20.89
C LYS X 57 -31.13 26.39 21.83
N LEU X 58 -32.19 27.01 21.33
CA LEU X 58 -33.07 27.76 22.20
C LEU X 58 -33.78 26.85 23.19
N ILE X 59 -34.25 25.69 22.70
CA ILE X 59 -34.97 24.78 23.57
C ILE X 59 -34.05 24.32 24.69
N GLU X 60 -32.81 23.94 24.35
CA GLU X 60 -31.87 23.45 25.35
C GLU X 60 -31.60 24.49 26.42
N ARG X 61 -31.46 25.74 26.01
CA ARG X 61 -31.17 26.83 26.93
C ARG X 61 -32.36 27.14 27.84
N ILE X 62 -33.57 27.12 27.28
CA ILE X 62 -34.76 27.38 28.09
C ILE X 62 -34.88 26.31 29.17
N LEU X 63 -34.60 25.05 28.80
CA LEU X 63 -34.71 23.95 29.77
C LEU X 63 -33.64 24.03 30.84
N PHE X 64 -32.40 24.36 30.46
CA PHE X 64 -31.35 24.59 31.45
C PHE X 64 -31.74 25.69 32.43
N LEU X 65 -32.40 26.73 31.96
CA LEU X 65 -32.78 27.85 32.80
C LEU X 65 -34.07 27.58 33.55
N GLU X 66 -34.59 26.36 33.42
CA GLU X 66 -35.76 25.87 34.15
C GLU X 66 -37.05 26.50 33.68
N GLY X 67 -37.11 26.93 32.42
CA GLY X 67 -38.36 27.33 31.82
C GLY X 67 -38.96 26.22 30.98
N ALA X 68 -40.12 26.51 30.43
CA ALA X 68 -40.87 25.56 29.64
C ALA X 68 -40.87 26.00 28.18
N PRO X 69 -40.15 25.32 27.29
CA PRO X 69 -40.18 25.75 25.89
C PRO X 69 -41.60 25.63 25.34
N ASN X 70 -41.99 26.63 24.54
CA ASN X 70 -43.32 26.65 23.92
C ASN X 70 -43.16 26.21 22.46
N LEU X 71 -43.56 24.99 22.15
CA LEU X 71 -43.59 24.57 20.76
C LEU X 71 -45.03 24.47 20.25
N GLN X 72 -45.98 24.92 21.05
CA GLN X 72 -47.39 24.79 20.72
C GLN X 72 -47.91 25.92 19.86
N ASP X 73 -47.39 27.14 20.04
CA ASP X 73 -47.96 28.33 19.41
C ASP X 73 -47.17 28.61 18.14
N LEU X 74 -47.83 28.45 17.01
CA LEU X 74 -47.24 28.63 15.69
C LEU X 74 -47.88 29.85 15.07
N GLY X 75 -47.08 30.91 14.88
CA GLY X 75 -47.54 32.13 14.27
C GLY X 75 -47.75 31.99 12.76
N LYS X 76 -48.07 33.12 12.13
CA LYS X 76 -48.55 33.11 10.74
C LYS X 76 -47.41 32.82 9.77
N LEU X 77 -47.55 31.75 8.98
CA LEU X 77 -46.63 31.49 7.88
C LEU X 77 -46.92 32.42 6.70
N LEU X 78 -45.88 32.95 6.08
CA LEU X 78 -46.01 33.84 4.91
C LEU X 78 -45.58 33.04 3.68
N ILE X 79 -46.55 32.47 2.96
CA ILE X 79 -46.29 31.60 1.82
C ILE X 79 -46.57 32.38 0.55
N GLY X 80 -45.56 32.52 -0.30
CA GLY X 80 -45.77 33.19 -1.57
C GLY X 80 -46.29 32.26 -2.66
N ALA X 81 -46.71 32.85 -3.78
CA ALA X 81 -47.22 32.09 -4.90
C ALA X 81 -46.22 31.97 -6.04
N ASN X 82 -45.11 32.69 -5.98
CA ASN X 82 -44.06 32.58 -7.00
C ASN X 82 -42.75 32.95 -6.32
N THR X 83 -41.66 32.71 -7.05
CA THR X 83 -40.31 32.88 -6.52
C THR X 83 -40.10 34.27 -5.95
N GLN X 84 -40.53 35.32 -6.67
CA GLN X 84 -40.27 36.68 -6.18
C GLN X 84 -40.98 36.92 -4.85
N GLU X 85 -42.25 36.52 -4.75
CA GLU X 85 -43.01 36.68 -3.51
C GLU X 85 -42.47 35.80 -2.37
N MET X 86 -42.08 34.57 -2.70
CA MET X 86 -41.54 33.65 -1.70
C MET X 86 -40.30 34.23 -1.04
N LEU X 87 -39.37 34.76 -1.85
CA LEU X 87 -38.16 35.39 -1.33
C LEU X 87 -38.50 36.59 -0.47
N GLN X 88 -39.45 37.41 -0.91
CA GLN X 88 -39.82 38.58 -0.13
C GLN X 88 -40.56 38.20 1.14
N CYS X 89 -41.37 37.14 1.10
CA CYS X 89 -41.97 36.62 2.33
C CYS X 89 -40.90 36.17 3.31
N ASP X 90 -39.90 35.43 2.84
CA ASP X 90 -38.81 35.03 3.74
C ASP X 90 -38.11 36.26 4.30
N LEU X 91 -37.87 37.27 3.46
CA LEU X 91 -37.10 38.42 3.91
C LEU X 91 -37.89 39.23 4.94
N ASN X 92 -39.19 39.40 4.74
CA ASN X 92 -40.07 40.01 5.75
C ASN X 92 -40.01 39.25 7.07
N LEU X 93 -40.05 37.92 7.02
CA LEU X 93 -39.94 37.16 8.26
C LEU X 93 -38.60 37.43 8.96
N GLU X 94 -37.50 37.35 8.22
CA GLU X 94 -36.18 37.53 8.82
C GLU X 94 -36.03 38.91 9.47
N LEU X 95 -36.58 39.95 8.83
CA LEU X 95 -36.43 41.29 9.37
C LEU X 95 -37.17 41.43 10.69
N LYS X 96 -38.37 40.86 10.78
CA LYS X 96 -39.11 40.86 12.04
C LYS X 96 -38.36 40.07 13.11
N ALA X 97 -37.79 38.93 12.74
CA ALA X 97 -37.04 38.13 13.68
C ALA X 97 -35.83 38.88 14.24
N THR X 98 -35.10 39.61 13.40
CA THR X 98 -33.92 40.30 13.93
C THR X 98 -34.34 41.39 14.89
N LYS X 99 -35.52 41.98 14.70
CA LYS X 99 -35.97 42.99 15.65
C LYS X 99 -36.19 42.36 17.03
N ASP X 100 -36.80 41.18 17.07
CA ASP X 100 -37.00 40.51 18.35
C ASP X 100 -35.67 40.08 18.96
N LEU X 101 -34.71 39.67 18.13
CA LEU X 101 -33.42 39.23 18.67
C LEU X 101 -32.71 40.37 19.34
N ARG X 102 -32.71 41.54 18.71
CA ARG X 102 -32.05 42.71 19.30
C ARG X 102 -32.68 43.06 20.65
N GLU X 103 -34.00 43.04 20.74
CA GLU X 103 -34.64 43.38 22.01
C GLU X 103 -34.34 42.34 23.08
N ALA X 104 -34.27 41.06 22.70
CA ALA X 104 -33.90 40.02 23.65
C ALA X 104 -32.47 40.22 24.15
N ILE X 105 -31.57 40.64 23.24
CA ILE X 105 -30.18 40.83 23.63
C ILE X 105 -30.06 41.96 24.64
N VAL X 106 -30.74 43.08 24.39
CA VAL X 106 -30.79 44.16 25.36
C VAL X 106 -31.20 43.64 26.74
N HIS X 107 -32.24 42.81 26.79
CA HIS X 107 -32.70 42.34 28.09
C HIS X 107 -31.68 41.40 28.75
N CYS X 108 -31.09 40.49 27.99
CA CYS X 108 -30.03 39.65 28.55
C CYS X 108 -28.95 40.50 29.18
N GLU X 109 -28.51 41.52 28.46
CA GLU X 109 -27.46 42.39 28.98
C GLU X 109 -27.89 43.06 30.28
N GLN X 110 -29.12 43.56 30.34
CA GLN X 110 -29.59 44.29 31.53
C GLN X 110 -29.57 43.41 32.78
N VAL X 111 -29.89 42.12 32.67
CA VAL X 111 -29.89 41.24 33.84
C VAL X 111 -28.62 40.39 33.92
N HIS X 112 -27.62 40.67 33.10
CA HIS X 112 -26.31 40.00 33.13
C HIS X 112 -26.38 38.52 32.72
N ASP X 113 -27.34 38.13 31.87
CA ASP X 113 -27.37 36.77 31.33
C ASP X 113 -26.50 36.76 30.06
N TYR X 114 -25.19 36.78 30.29
CA TYR X 114 -24.25 36.95 29.17
C TYR X 114 -24.15 35.71 28.32
N VAL X 115 -24.43 34.53 28.88
CA VAL X 115 -24.37 33.34 28.06
C VAL X 115 -25.56 33.31 27.11
N SER X 116 -26.75 33.69 27.59
CA SER X 116 -27.89 33.76 26.69
C SER X 116 -27.67 34.81 25.62
N ARG X 117 -27.07 35.94 26.02
CA ARG X 117 -26.78 36.99 25.04
C ARG X 117 -25.93 36.45 23.92
N ASP X 118 -24.86 35.70 24.27
CA ASP X 118 -23.95 35.15 23.28
C ASP X 118 -24.67 34.19 22.33
N LEU X 119 -25.48 33.29 22.89
CA LEU X 119 -26.32 32.45 22.05
C LEU X 119 -27.15 33.28 21.07
N LEU X 120 -27.72 34.39 21.54
CA LEU X 120 -28.62 35.16 20.69
C LEU X 120 -27.84 35.92 19.63
N LYS X 121 -26.66 36.42 19.99
CA LYS X 121 -25.80 37.06 19.02
C LYS X 121 -25.40 36.07 17.92
N ASP X 122 -25.13 34.81 18.29
CA ASP X 122 -24.78 33.82 17.29
C ASP X 122 -25.94 33.59 16.34
N ILE X 123 -27.16 33.53 16.88
CA ILE X 123 -28.31 33.34 16.01
C ILE X 123 -28.48 34.54 15.11
N LEU X 124 -28.27 35.73 15.67
CA LEU X 124 -28.47 36.96 14.92
C LEU X 124 -27.52 37.07 13.74
N GLU X 125 -26.26 36.65 13.93
CA GLU X 125 -25.31 36.65 12.81
C GLU X 125 -25.82 35.79 11.69
N SER X 126 -26.35 34.61 12.03
CA SER X 126 -26.93 33.73 11.03
CA SER X 126 -26.93 33.72 11.02
C SER X 126 -28.12 34.37 10.32
N GLU X 127 -29.01 35.03 11.07
CA GLU X 127 -30.14 35.68 10.41
C GLU X 127 -29.67 36.81 9.50
N GLU X 128 -28.62 37.54 9.89
CA GLU X 128 -28.14 38.58 8.99
C GLU X 128 -27.54 37.99 7.72
N GLU X 129 -26.91 36.81 7.79
CA GLU X 129 -26.48 36.11 6.59
C GLU X 129 -27.67 35.68 5.77
N HIS X 130 -28.75 35.25 6.41
CA HIS X 130 -29.96 34.91 5.66
C HIS X 130 -30.53 36.14 4.96
N ILE X 131 -30.55 37.27 5.66
CA ILE X 131 -31.05 38.50 5.04
C ILE X 131 -30.19 38.83 3.84
N ASP X 132 -28.88 38.73 3.99
CA ASP X 132 -27.97 38.99 2.88
C ASP X 132 -28.31 38.09 1.70
N TYR X 133 -28.49 36.80 1.94
CA TYR X 133 -28.82 35.90 0.85
C TYR X 133 -30.09 36.36 0.14
N LEU X 134 -31.13 36.70 0.92
CA LEU X 134 -32.43 37.04 0.35
C LEU X 134 -32.35 38.35 -0.44
N GLU X 135 -31.79 39.39 0.17
CA GLU X 135 -31.62 40.64 -0.57
C GLU X 135 -30.82 40.41 -1.84
N THR X 136 -29.82 39.51 -1.78
CA THR X 136 -28.94 39.36 -2.92
C THR X 136 -29.68 38.68 -4.06
N GLN X 137 -30.53 37.69 -3.74
CA GLN X 137 -31.33 37.03 -4.76
C GLN X 137 -32.31 38.01 -5.42
N LEU X 138 -33.01 38.80 -4.61
CA LEU X 138 -33.92 39.78 -5.19
C LEU X 138 -33.17 40.78 -6.07
N GLY X 139 -31.94 41.14 -5.69
CA GLY X 139 -31.17 42.04 -6.51
C GLY X 139 -30.75 41.40 -7.82
N LEU X 140 -30.46 40.10 -7.78
CA LEU X 140 -30.01 39.40 -8.97
C LEU X 140 -31.15 39.25 -9.96
N ILE X 141 -32.36 39.03 -9.45
CA ILE X 141 -33.53 38.99 -10.34
C ILE X 141 -33.61 40.30 -11.13
N GLN X 142 -33.33 41.43 -10.49
CA GLN X 142 -33.32 42.69 -11.21
C GLN X 142 -32.15 42.77 -12.20
N LYS X 143 -30.99 42.24 -11.86
CA LYS X 143 -29.85 42.46 -12.75
C LYS X 143 -29.84 41.49 -13.93
N VAL X 144 -30.25 40.24 -13.73
CA VAL X 144 -30.15 39.27 -14.80
C VAL X 144 -31.49 38.99 -15.42
N GLY X 145 -32.59 39.47 -14.84
CA GLY X 145 -33.90 39.13 -15.35
C GLY X 145 -34.46 37.91 -14.66
N LEU X 146 -35.79 37.90 -14.50
CA LEU X 146 -36.44 36.79 -13.81
C LEU X 146 -36.19 35.47 -14.53
N GLU X 147 -36.39 35.42 -15.84
CA GLU X 147 -36.27 34.15 -16.56
C GLU X 147 -34.87 33.56 -16.44
N ASN X 148 -33.83 34.40 -16.62
CA ASN X 148 -32.46 33.92 -16.43
C ASN X 148 -32.24 33.46 -15.00
N TYR X 149 -32.75 34.22 -14.03
CA TYR X 149 -32.51 33.85 -12.64
C TYR X 149 -33.11 32.49 -12.34
N LEU X 150 -34.34 32.24 -12.79
CA LEU X 150 -34.92 30.92 -12.61
C LEU X 150 -34.14 29.86 -13.40
N GLN X 151 -33.76 30.16 -14.63
CA GLN X 151 -32.99 29.20 -15.42
C GLN X 151 -31.78 28.71 -14.65
N SER X 152 -31.05 29.66 -14.06
CA SER X 152 -29.84 29.38 -13.31
C SER X 152 -30.09 28.63 -12.01
N HIS X 153 -31.35 28.49 -11.58
CA HIS X 153 -31.62 27.72 -10.37
C HIS X 153 -32.45 26.48 -10.64
N MET X 154 -32.48 26.03 -11.88
CA MET X 154 -33.16 24.80 -12.28
C MET X 154 -32.38 23.55 -11.83
N HIS X 155 -31.14 23.43 -12.28
CA HIS X 155 -30.29 22.27 -12.06
C HIS X 155 -29.28 22.55 -10.94
N GLU X 156 -29.04 21.55 -10.10
CA GLU X 156 -28.04 21.71 -9.04
C GLU X 156 -26.62 21.55 -9.58
FE FE2 Y . 15.38 -31.53 22.39
FE FE2 Z . 26.16 -19.70 25.95
FE FE2 AA . -1.76 -33.39 33.62
FE FE2 BA . -13.92 -45.97 40.93
FE FE2 CA . 1.59 -34.78 32.48
FE FE2 DA . -23.57 -24.48 38.43
FE FE2 EA . 9.80 -44.66 22.77
FE FE2 FA . -13.83 -33.22 23.67
C ACT GA . 0.19 -35.39 35.59
O ACT GA . -0.82 -34.72 35.34
OXT ACT GA . 0.98 -35.59 34.63
CH3 ACT GA . 0.43 -35.90 37.00
K K HA . 29.48 -32.37 20.58
FE FE2 IA . -15.20 -3.73 39.00
FE FE2 JA . -25.89 -12.69 30.57
FE FE2 KA . 2.25 -12.18 45.91
FE FE2 LA . -1.03 -10.59 46.59
FE FE2 MA . 14.81 -12.38 60.09
FE FE2 NA . 24.12 -20.63 39.96
FE FE2 OA . 13.16 -3.01 40.90
CHA HEM PA . 0.10 -19.22 33.83
CHB HEM PA . -3.08 -22.05 36.21
CHC HEM PA . 0.18 -22.75 39.72
CHD HEM PA . 3.44 -20.11 37.25
C1A HEM PA . -1.02 -19.95 34.15
C2A HEM PA . -2.17 -20.13 33.29
C3A HEM PA . -3.07 -20.92 33.93
C4A HEM PA . -2.51 -21.26 35.24
CMA HEM PA . -4.43 -21.36 33.37
CAA HEM PA . -2.29 -19.52 31.89
CBA HEM PA . -1.59 -20.52 30.95
CGA HEM PA . -1.87 -20.23 29.48
O1A HEM PA . -3.02 -20.49 29.04
O2A HEM PA . -0.95 -19.75 28.77
C1B HEM PA . -2.49 -22.49 37.37
C2B HEM PA . -3.12 -23.31 38.40
C3B HEM PA . -2.21 -23.50 39.36
C4B HEM PA . -1.00 -22.79 38.98
CMB HEM PA . -4.56 -23.82 38.24
CAB HEM PA . -2.28 -24.27 40.69
CBB HEM PA . -3.42 -24.79 41.17
C1C HEM PA . 1.36 -22.12 39.36
C2C HEM PA . 2.58 -22.15 40.12
C3C HEM PA . 3.48 -21.41 39.45
C4C HEM PA . 2.85 -20.89 38.24
CMC HEM PA . 2.67 -22.94 41.46
CAC HEM PA . 4.96 -21.07 39.74
CBC HEM PA . 5.58 -21.38 40.89
C1D HEM PA . 2.83 -19.60 36.10
C2D HEM PA . 3.39 -18.65 35.13
C3D HEM PA . 2.47 -18.44 34.19
C4D HEM PA . 1.29 -19.19 34.53
CMD HEM PA . 4.80 -18.03 35.15
CAD HEM PA . 2.59 -17.50 32.98
CBD HEM PA . 2.15 -16.14 33.52
CGD HEM PA . 2.27 -15.01 32.51
O1D HEM PA . 1.27 -14.77 31.81
O2D HEM PA . 3.34 -14.36 32.44
NA HEM PA . -1.26 -20.65 35.33
NB HEM PA . -1.22 -22.19 37.78
NC HEM PA . 1.57 -21.36 38.23
ND HEM PA . 1.57 -19.88 35.70
FE HEM PA . 0.21 -21.02 36.73
C ACT QA . 0.24 -12.97 48.54
O ACT QA . 1.07 -13.21 47.66
OXT ACT QA . -0.40 -11.94 48.33
CH3 ACT QA . 0.07 -13.87 49.75
K K RA . -29.37 -1.78 39.13
FE FE2 SA . -13.28 28.01 36.10
FE FE2 TA . -22.75 9.77 34.00
FE FE2 UA . -16.02 46.57 39.83
FE FE2 VA . -16.04 25.65 36.99
FE FE2 WA . 4.07 42.57 28.18
FE FE2 XA . -14.55 34.30 21.98
C ACT YA . -14.70 27.97 39.21
O ACT YA . -15.50 27.26 38.58
OXT ACT YA . -13.76 28.47 38.57
CH3 ACT YA . -14.81 28.22 40.69
FE FE2 ZA . 11.47 36.27 17.71
FE FE2 AB . 18.77 25.72 27.64
FE FE2 BB . 8.14 17.78 43.39
FE FE2 CB . 11.02 19.95 42.20
FE FE2 DB . 9.65 11.91 61.34
FE FE2 EB . -9.18 2.81 50.40
FE FE2 FB . 10.88 2.95 41.95
CHA HEM GB . -2.25 19.45 33.81
CHB HEM GB . -2.11 24.19 35.10
CHC HEM GB . -2.70 22.94 39.77
CHD HEM GB . -2.51 18.24 38.55
C1A HEM GB . -2.24 20.85 33.71
C2A HEM GB . -2.26 21.67 32.51
C3A HEM GB . -2.23 22.97 32.87
C4A HEM GB . -2.18 23.04 34.32
CMA HEM GB . -2.25 24.21 31.94
CAA HEM GB . -2.35 21.14 31.07
CBA HEM GB . -3.80 20.83 30.78
CGA HEM GB . -3.97 20.35 29.35
O1A HEM GB . -3.79 21.17 28.42
O2A HEM GB . -4.31 19.16 29.16
C1B HEM GB . -2.28 24.29 36.46
C2B HEM GB . -2.36 25.49 37.26
C3B HEM GB . -2.54 25.12 38.55
C4B HEM GB . -2.55 23.68 38.63
CMB HEM GB . -2.32 26.92 36.68
CAB HEM GB . -2.68 26.00 39.80
CBB HEM GB . -2.15 27.22 39.85
C1C HEM GB . -2.65 21.56 39.89
C2C HEM GB . -2.69 20.79 41.12
C3C HEM GB . -2.63 19.49 40.76
C4C HEM GB . -2.58 19.40 39.32
CMC HEM GB . -2.77 21.50 42.48
CAC HEM GB . -2.61 18.23 41.62
CBC HEM GB . -2.58 18.24 42.94
C1D HEM GB . -2.40 18.12 37.17
C2D HEM GB . -2.23 16.89 36.39
C3D HEM GB . -2.17 17.22 35.09
C4D HEM GB . -2.27 18.68 34.98
CMD HEM GB . -2.16 15.46 36.97
CAD HEM GB . -1.96 16.27 33.92
CBD HEM GB . -0.45 16.32 33.67
CGD HEM GB . -0.02 15.28 32.65
O1D HEM GB . 0.36 15.67 31.52
O2D HEM GB . -0.06 14.07 32.96
NA HEM GB . -2.18 21.74 34.77
NB HEM GB . -2.39 23.22 37.34
NC HEM GB . -2.61 20.68 38.83
ND HEM GB . -2.42 19.17 36.27
FE HEM GB . -2.33 21.21 36.81
C ACT HB . 9.33 20.57 44.98
O ACT HB . 8.49 19.78 44.52
OXT ACT HB . 10.40 20.60 44.36
CH3 ACT HB . 9.02 21.44 46.18
K K IB . 25.47 36.26 20.80
FE FE2 JB . -7.78 -46.45 6.32
FE FE2 KB . -11.50 -33.46 -22.72
FE FE2 LB . -18.39 -36.67 -8.32
FE FE2 MB . -8.98 -58.96 20.54
FE FE2 NB . -10.63 -46.31 3.93
FE FE2 OB . -4.13 -45.55 -22.79
FE FE2 PB . -9.81 -37.71 18.75
CHA HEM QB . 2.60 -38.88 -0.12
CHB HEM QB . 2.87 -42.31 3.33
CHC HEM QB . 2.90 -45.79 -0.02
CHD HEM QB . 2.37 -42.42 -3.49
C1A HEM QB . 2.61 -39.49 1.13
C2A HEM QB . 2.43 -38.87 2.44
C3A HEM QB . 2.50 -39.82 3.37
C4A HEM QB . 2.72 -41.08 2.71
CMA HEM QB . 2.34 -39.63 4.87
CAA HEM QB . 2.18 -37.38 2.72
CBA HEM QB . 0.73 -37.09 2.38
CGA HEM QB . 0.41 -35.70 2.87
O1A HEM QB . 0.32 -35.49 4.11
O2A HEM QB . 0.22 -34.83 1.98
C1B HEM QB . 2.90 -43.54 2.74
C2B HEM QB . 3.00 -44.79 3.44
C3B HEM QB . 3.00 -45.75 2.51
C4B HEM QB . 2.94 -45.15 1.20
CMB HEM QB . 3.03 -44.85 5.00
CAB HEM QB . 3.07 -47.27 2.66
CBB HEM QB . 3.39 -47.85 3.82
C1C HEM QB . 2.75 -45.20 -1.27
C2C HEM QB . 2.72 -45.91 -2.52
C3C HEM QB . 2.58 -44.98 -3.49
C4C HEM QB . 2.51 -43.66 -2.87
CMC HEM QB . 2.84 -47.46 -2.55
CAC HEM QB . 2.49 -45.13 -5.02
CBC HEM QB . 2.65 -46.29 -5.65
C1D HEM QB . 2.44 -41.16 -2.92
C2D HEM QB . 2.49 -39.87 -3.59
C3D HEM QB . 2.53 -38.91 -2.66
C4D HEM QB . 2.54 -39.52 -1.35
CMD HEM QB . 2.48 -39.64 -5.11
CAD HEM QB . 2.64 -37.40 -2.91
CBD HEM QB . 4.08 -37.01 -2.70
CGD HEM QB . 4.29 -35.53 -3.00
O1D HEM QB . 4.42 -34.74 -2.03
O2D HEM QB . 4.31 -35.16 -4.20
NA HEM QB . 2.79 -40.83 1.37
NB HEM QB . 2.87 -43.78 1.39
NC HEM QB . 2.61 -43.85 -1.54
ND HEM QB . 2.47 -40.88 -1.57
FE HEM QB . 2.61 -42.29 -0.10
C ACT RB . -8.97 -49.15 4.74
O ACT RB . -8.22 -48.56 5.53
OXT ACT RB . -9.91 -48.46 4.31
CH3 ACT RB . -8.74 -50.61 4.39
K K SB . -25.40 -36.25 -20.86
FE FE2 TB . 13.57 -45.16 -6.39
FE FE2 UB . 22.79 -33.99 8.07
FE FE2 VB . 16.35 -44.71 -4.05
FE FE2 WB . 16.35 -57.49 -20.57
FE FE2 XB . 12.73 -37.34 -18.84
C ACT YB . 14.86 -47.82 -4.91
O ACT YB . 13.92 -47.53 -5.66
OXT ACT YB . 15.65 -46.88 -4.67
CH3 ACT YB . 14.99 -49.22 -4.33
FE FE2 ZB . 33.25 -26.69 -21.24
FE FE2 AC . 32.95 4.81 -25.54
FE FE2 BC . 27.16 -9.47 -30.56
FE FE2 CC . 33.17 -24.61 -24.27
FE FE2 DC . 37.48 -45.04 -23.85
FE FE2 EC . 45.92 -0.22 -22.68
FE FE2 FC . 21.20 -33.96 -16.51
CHA HEM GC . 33.41 -17.49 -10.52
CHB HEM GC . 34.90 -22.14 -10.50
CHC HEM GC . 39.19 -20.58 -12.22
CHD HEM GC . 37.69 -15.91 -12.20
C1A HEM GC . 33.42 -18.88 -10.42
C2A HEM GC . 32.28 -19.73 -10.09
C3A HEM GC . 32.68 -21.00 -10.09
C4A HEM GC . 34.10 -21.03 -10.39
CMA HEM GC . 31.76 -22.21 -9.82
CAA HEM GC . 30.86 -19.25 -9.83
CBA HEM GC . 30.19 -19.16 -11.18
CGA HEM GC . 28.74 -18.76 -10.97
O1A HEM GC . 27.94 -19.60 -10.48
O2A HEM GC . 28.40 -17.60 -11.30
C1B HEM GC . 36.20 -22.13 -10.99
C2B HEM GC . 37.04 -23.28 -11.16
C3B HEM GC . 38.22 -22.84 -11.64
C4B HEM GC . 38.17 -21.41 -11.76
CMB HEM GC . 36.51 -24.70 -10.82
CAB HEM GC . 39.49 -23.64 -12.00
CBB HEM GC . 39.65 -24.89 -11.59
C1C HEM GC . 39.19 -19.19 -12.36
C2C HEM GC . 40.30 -18.37 -12.82
C3C HEM GC . 39.88 -17.08 -12.82
C4C HEM GC . 38.50 -17.04 -12.35
CMC HEM GC . 41.65 -19.01 -13.23
CAC HEM GC . 40.62 -15.79 -13.20
CBC HEM GC . 41.89 -15.74 -13.63
C1D HEM GC . 36.42 -15.90 -11.67
C2D HEM GC . 35.61 -14.75 -11.28
C3D HEM GC . 34.43 -15.20 -10.84
C4D HEM GC . 34.43 -16.64 -10.91
CMD HEM GC . 36.02 -13.27 -11.39
CAD HEM GC . 33.27 -14.34 -10.31
CBD HEM GC . 33.52 -14.07 -8.83
CGD HEM GC . 32.46 -13.14 -8.27
O1D HEM GC . 31.49 -13.66 -7.66
O2D HEM GC . 32.58 -11.90 -8.47
NA HEM GC . 34.49 -19.74 -10.59
NB HEM GC . 36.93 -21.03 -11.36
NC HEM GC . 38.13 -18.34 -12.10
ND HEM GC . 35.65 -17.02 -11.42
FE HEM GC . 36.30 -19.04 -11.33
C ACT HC . 35.90 -26.60 -23.43
O ACT HC . 35.24 -26.95 -22.44
OXT ACT HC . 35.26 -25.91 -24.25
CH3 ACT HC . 37.34 -27.00 -23.65
K K IC . 29.26 1.80 -39.09
FE FE2 JC . 33.51 -22.14 11.70
FE FE2 KC . 45.29 -14.28 -3.21
FE FE2 LC . 45.03 -16.29 -0.06
FE FE2 MC . 62.70 -7.26 -7.32
FE FE2 NC . 31.45 -40.33 -1.48
FE FE2 OC . 43.21 0.27 -3.39
C ACT PC . 47.38 -16.95 -2.39
O ACT PC . 46.96 -16.99 -1.24
OXT ACT PC . 46.86 -16.07 -3.09
CH3 ACT PC . 48.47 -17.87 -2.92
FE FE2 QC . -43.14 -19.87 3.19
FE FE2 RC . -30.44 -26.27 -11.82
FE FE2 SC . -42.59 -21.83 -0.02
FE FE2 TC . -61.10 -15.07 7.32
FE FE2 UC . -46.00 -6.17 22.65
FE FE2 VC . -43.10 -4.41 2.37
CHA HEM WC . -30.99 -21.46 10.28
CHB HEM WC . -35.42 -20.44 12.12
CHC HEM WC . -36.37 -25.15 12.17
CHD HEM WC . -32.03 -26.26 10.31
C1A HEM WC . -32.12 -20.75 10.72
C2A HEM WC . -32.32 -19.30 10.80
C3A HEM WC . -33.53 -19.03 11.29
C4A HEM WC . -34.15 -20.30 11.60
CMA HEM WC . -34.19 -17.66 11.53
CAA HEM WC . -31.32 -18.23 10.32
CBA HEM WC . -31.53 -18.11 8.82
CGA HEM WC . -30.51 -17.19 8.20
O1A HEM WC . -30.77 -15.95 8.19
O2A HEM WC . -29.45 -17.69 7.74
C1B HEM WC . -36.08 -21.63 12.28
C2B HEM WC . -37.42 -21.79 12.79
C3B HEM WC . -37.69 -23.11 12.80
C4B HEM WC . -36.50 -23.80 12.32
CMB HEM WC . -38.33 -20.59 13.19
CAB HEM WC . -38.96 -23.85 13.25
CBB HEM WC . -39.83 -23.26 14.08
C1C HEM WC . -35.29 -25.85 11.71
C2C HEM WC . -35.21 -27.29 11.67
C3C HEM WC . -34.02 -27.63 11.16
C4C HEM WC . -33.30 -26.40 10.86
CMC HEM WC . -36.41 -28.11 12.18
CAC HEM WC . -33.40 -29.01 10.89
CBC HEM WC . -34.04 -30.17 11.11
C1D HEM WC . -31.33 -25.06 10.20
C2D HEM WC . -29.93 -24.91 9.86
C3D HEM WC . -29.62 -23.61 9.83
C4D HEM WC . -30.82 -22.85 10.17
CMD HEM WC . -28.98 -26.10 9.56
CAD HEM WC . -28.22 -23.02 9.53
CBD HEM WC . -27.63 -22.54 10.87
CGD HEM WC . -26.24 -21.94 10.75
O1D HEM WC . -26.14 -20.69 10.62
O2D HEM WC . -25.24 -22.70 10.80
NA HEM WC . -33.28 -21.29 11.23
NB HEM WC . -35.56 -22.87 12.00
NC HEM WC . -34.11 -25.35 11.22
ND HEM WC . -31.82 -23.79 10.38
FE HEM WC . -33.64 -23.29 11.22
C ACT XC . -44.88 -22.68 2.37
O ACT XC . -44.60 -21.76 3.15
OXT ACT XC . -44.40 -22.56 1.22
CH3 ACT XC . -45.73 -23.84 2.82
FE FE2 YC . -33.39 0.80 25.57
FE FE2 ZC . -29.63 -30.58 21.17
FE FE2 AD . -29.82 -28.43 24.29
FE FE2 BD . -31.63 -49.28 23.71
FE FE2 CD . -26.15 -43.76 1.33
FE FE2 DD . -15.94 -35.88 18.24
C ACT ED . -32.23 -30.65 23.57
O ACT ED . -31.65 -29.94 24.40
OXT ACT ED . -31.60 -30.86 22.51
CH3 ACT ED . -33.62 -31.22 23.81
FE FE2 FD . -29.54 -6.65 -36.89
FE FE2 GD . -23.56 -23.09 -26.17
FE FE2 HD . -32.53 0.06 -54.39
FE FE2 ID . -29.28 -10.39 -36.62
FE FE2 JD . -29.07 17.35 -38.48
FE FE2 KD . -17.22 2.09 -39.81
CHA HEM LD . -31.32 -2.09 -23.59
CHB HEM LD . -32.71 0.18 -27.66
CHC HEM LD . -36.76 -2.43 -27.75
CHD HEM LD . -35.54 -4.53 -23.52
C1A HEM LD . -31.30 -1.29 -24.72
C2A HEM LD . -30.20 -0.46 -25.20
C3A HEM LD . -30.58 0.16 -26.30
C4A HEM LD . -31.95 -0.24 -26.59
CMA HEM LD . -29.69 1.10 -27.14
CAA HEM LD . -28.81 -0.34 -24.56
CBA HEM LD . -28.00 -1.50 -25.11
CGA HEM LD . -26.57 -1.41 -24.60
O1A HEM LD . -25.76 -0.69 -25.23
O2A HEM LD . -26.24 -2.05 -23.56
C1B HEM LD . -33.91 -0.35 -28.07
C2B HEM LD . -34.65 0.00 -29.27
C3B HEM LD . -35.76 -0.72 -29.31
C4B HEM LD . -35.78 -1.55 -28.11
CMB HEM LD . -34.11 1.04 -30.27
CAB HEM LD . -36.87 -0.72 -30.37
CBB HEM LD . -37.05 0.32 -31.19
C1C HEM LD . -36.81 -3.21 -26.60
C2C HEM LD . -37.90 -4.08 -26.23
C3C HEM LD . -37.59 -4.67 -25.06
C4C HEM LD . -36.28 -4.17 -24.65
CMC HEM LD . -39.16 -4.21 -27.14
CAC HEM LD . -38.34 -5.70 -24.20
CBC HEM LD . -39.57 -6.15 -24.49
C1D HEM LD . -34.31 -4.04 -23.14
C2D HEM LD . -33.60 -4.30 -21.90
C3D HEM LD . -32.43 -3.63 -21.93
C4D HEM LD . -32.36 -2.91 -23.18
CMD HEM LD . -34.11 -5.21 -20.76
CAD HEM LD . -31.35 -3.54 -20.85
CBD HEM LD . -31.84 -2.48 -19.85
CGD HEM LD . -30.93 -2.33 -18.64
O1D HEM LD . -29.89 -1.62 -18.72
O2D HEM LD . -31.24 -2.93 -17.58
NA HEM LD . -32.34 -1.11 -25.60
NB HEM LD . -34.65 -1.28 -27.40
NC HEM LD . -35.85 -3.29 -25.62
ND HEM LD . -33.51 -3.19 -23.87
FE HEM LD . -34.09 -2.24 -25.60
C ACT MD . -31.93 -8.87 -38.19
O ACT MD . -31.24 -9.88 -37.97
OXT ACT MD . -31.49 -7.81 -37.71
CH3 ACT MD . -33.24 -8.92 -38.94
FE FE2 ND . -33.38 19.45 -16.61
FE FE2 OD . -21.79 22.89 -27.44
FE FE2 PD . -44.03 1.85 -18.38
FE FE2 QD . -61.08 -6.12 -15.96
FE FE2 RD . -43.99 5.64 -18.43
FE FE2 SD . -43.47 -22.01 -15.86
FE FE2 TD . -46.18 19.46 -10.63
FE FE2 UD . -42.67 -5.14 -5.47
C ACT VD . -46.01 3.70 -20.50
O ACT VD . -45.43 2.64 -20.25
OXT ACT VD . -45.67 4.65 -19.76
CH3 ACT VD . -47.04 3.82 -21.61
K K WD . -29.82 32.56 -20.71
FE FE2 XD . 21.10 12.29 -33.81
FE FE2 YD . 15.42 -2.03 -38.89
FE FE2 ZD . 9.54 29.27 -36.07
FE FE2 AE . 10.13 47.79 -39.87
FE FE2 BE . 12.65 27.32 -36.94
FE FE2 CE . -9.62 41.66 -28.14
FE FE2 DE . 8.91 35.71 -22.30
CHA HEM EE . -0.43 19.39 -33.76
CHB HEM EE . -0.93 24.06 -35.01
CHC HEM EE . -0.56 22.84 -39.68
CHD HEM EE . 0.12 18.20 -38.47
C1A HEM EE . -0.56 20.76 -33.67
C2A HEM EE . -0.62 21.56 -32.46
C3A HEM EE . -0.75 22.85 -32.80
C4A HEM EE . -0.80 22.92 -34.25
CMA HEM EE . -0.84 24.09 -31.87
CAA HEM EE . -0.49 20.95 -31.04
CBA HEM EE . 0.93 21.25 -30.59
CGA HEM EE . 1.18 20.75 -29.19
O1A HEM EE . 1.23 21.59 -28.25
O2A HEM EE . 1.35 19.51 -29.02
C1B HEM EE . -0.89 24.14 -36.39
C2B HEM EE . -1.03 25.36 -37.18
C3B HEM EE . -0.93 25.01 -38.47
C4B HEM EE . -0.72 23.58 -38.53
CMB HEM EE . -1.23 26.74 -36.51
CAB HEM EE . -0.99 25.88 -39.73
CBB HEM EE . -1.50 27.12 -39.72
C1C HEM EE . -0.30 21.48 -39.78
C2C HEM EE . -0.10 20.77 -41.02
C3C HEM EE . 0.09 19.48 -40.69
C4C HEM EE . -0.01 19.36 -39.23
CMC HEM EE . -0.10 21.47 -42.40
CAC HEM EE . 0.36 18.24 -41.57
CBC HEM EE . 0.61 18.31 -42.88
C1D HEM EE . -0.03 18.10 -37.09
C2D HEM EE . -0.07 16.87 -36.31
C3D HEM EE . -0.21 17.21 -35.02
C4D HEM EE . -0.28 18.65 -34.92
CMD HEM EE . 0.03 15.45 -36.87
CAD HEM EE . -0.33 16.24 -33.83
CBD HEM EE . -1.83 15.99 -33.65
CGD HEM EE . -2.09 15.00 -32.54
O1D HEM EE . -2.56 15.40 -31.45
O2D HEM EE . -1.83 13.79 -32.76
NA HEM EE . -0.67 21.64 -34.73
NB HEM EE . -0.71 23.10 -37.25
NC HEM EE . -0.27 20.59 -38.73
ND HEM EE . -0.15 19.15 -36.21
FE HEM EE . -0.47 21.08 -36.74
C ACT FE . 10.92 29.45 -39.20
O ACT FE . 11.80 28.80 -38.60
OXT ACT FE . 9.98 29.83 -38.47
CH3 ACT FE . 10.95 29.80 -40.68
FE FE2 GE . -11.05 10.37 -61.40
FE FE2 HE . -16.07 34.51 -17.63
FE FE2 IE . -10.47 16.48 -43.36
FE FE2 JE . -13.53 18.16 -42.12
FE FE2 KE . 8.84 3.33 -50.32
FE FE2 LE . -8.95 1.61 -42.77
C ACT ME . -11.92 18.95 -45.08
O ACT ME . -12.75 18.76 -44.18
OXT ACT ME . -11.07 18.05 -45.18
CH3 ACT ME . -11.92 20.16 -45.99
FE FE2 NE . 5.82 -33.18 -33.73
FE FE2 OE . 2.65 -35.03 -32.62
FE FE2 PE . 19.61 -44.01 -41.11
FE FE2 QE . 16.62 -32.51 -23.32
C ACT RE . 4.25 -35.25 -35.88
O ACT RE . 3.64 -35.49 -34.83
OXT ACT RE . 5.20 -34.47 -35.78
CH3 ACT RE . 3.85 -35.86 -37.21
FE FE2 SE . -0.77 -12.66 -45.95
FE FE2 TE . 2.34 -10.64 -46.66
FE FE2 UE . -13.28 -14.29 -60.23
FE FE2 VE . -21.31 -23.77 -40.20
FE FE2 WE . 26.23 -21.38 -38.53
FE FE2 XE . -13.02 -4.82 -41.26
CHA HEM YE . 2.16 -19.51 -33.89
CHB HEM YE . 5.75 -21.69 -36.35
CHC HEM YE . 2.53 -22.92 -39.80
CHD HEM YE . -1.05 -20.70 -37.42
C1A HEM YE . 3.42 -20.03 -34.19
C2A HEM YE . 4.62 -20.02 -33.36
C3A HEM YE . 5.61 -20.63 -34.04
C4A HEM YE . 5.08 -21.04 -35.33
CMA HEM YE . 7.06 -20.85 -33.55
CAA HEM YE . 4.75 -19.45 -31.94
CBA HEM YE . 4.12 -20.50 -31.01
CGA HEM YE . 4.27 -20.13 -29.56
O1A HEM YE . 5.42 -19.92 -29.11
O2A HEM YE . 3.23 -20.06 -28.85
C1B HEM YE . 5.19 -22.22 -37.49
C2B HEM YE . 5.88 -22.95 -38.52
C3B HEM YE . 4.98 -23.29 -39.47
C4B HEM YE . 3.70 -22.77 -39.08
CMB HEM YE . 7.38 -23.26 -38.41
CAB HEM YE . 5.18 -24.07 -40.78
CBB HEM YE . 6.39 -24.21 -41.35
C1C HEM YE . 1.28 -22.44 -39.48
C2C HEM YE . 0.08 -22.53 -40.31
C3C HEM YE . -0.91 -21.91 -39.65
C4C HEM YE . -0.37 -21.40 -38.41
CMC HEM YE . 0.08 -23.25 -41.68
CAC HEM YE . -2.39 -21.67 -39.98
CBC HEM YE . -2.99 -22.17 -41.06
C1D HEM YE . -0.49 -20.14 -36.28
C2D HEM YE . -1.14 -19.27 -35.32
C3D HEM YE . -0.25 -18.95 -34.38
C4D HEM YE . 1.01 -19.59 -34.66
CMD HEM YE . -2.61 -18.80 -35.40
CAD HEM YE . -0.48 -18.04 -33.17
CBD HEM YE . -0.01 -16.64 -33.58
CGD HEM YE . -0.16 -15.66 -32.44
O1D HEM YE . 0.84 -15.40 -31.72
O2D HEM YE . -1.29 -15.16 -32.25
NA HEM YE . 3.76 -20.67 -35.36
NB HEM YE . 3.87 -22.12 -37.86
NC HEM YE . 0.96 -21.75 -38.35
ND HEM YE . 0.81 -20.31 -35.84
FE HEM YE . 2.38 -21.18 -36.82
C ACT ZE . 1.24 -13.19 -48.66
O ACT ZE . 0.31 -13.46 -47.90
OXT ACT ZE . 1.90 -12.16 -48.36
CH3 ACT ZE . 1.54 -14.05 -49.86
FE FE2 AF . 30.11 -2.76 36.76
FE FE2 BF . 30.31 -6.45 36.50
FE FE2 CF . 32.17 4.20 54.43
FE FE2 DF . 16.58 2.19 40.04
C ACT EF . 32.70 -4.63 38.03
O ACT EF . 32.07 -5.69 37.80
OXT ACT EF . 32.09 -3.58 37.74
CH3 ACT EF . 34.10 -4.61 38.63
FE FE2 FF . 30.64 23.60 16.77
FE FE2 GF . 43.34 7.50 18.42
FE FE2 HF . 61.28 1.63 15.90
FE FE2 IF . 42.85 11.23 18.50
FE FE2 JF . 45.85 -16.35 15.89
FE FE2 KF . 26.79 21.07 38.43
FE FE2 LF . 42.97 -0.28 5.62
CHA HEM MF . 31.29 2.09 23.51
CHB HEM MF . 32.33 4.43 27.70
CHC HEM MF . 36.74 2.44 27.63
CHD HEM MF . 35.76 0.13 23.47
C1A HEM MF . 31.17 2.86 24.66
C2A HEM MF . 29.96 3.50 25.13
C3A HEM MF . 30.23 4.14 26.28
C4A HEM MF . 31.64 3.95 26.59
CMA HEM MF . 29.26 4.94 27.12
CAA HEM MF . 28.60 3.43 24.42
CBA HEM MF . 27.83 2.29 25.09
CGA HEM MF . 26.48 2.12 24.44
O1A HEM MF . 25.50 2.79 24.87
O2A HEM MF . 26.37 1.33 23.45
C1B HEM MF . 33.60 4.09 28.08
C2B HEM MF . 34.32 4.56 29.25
C3B HEM MF . 35.54 4.00 29.21
C4B HEM MF . 35.64 3.17 28.02
CMB HEM MF . 33.68 5.51 30.28
CAB HEM MF . 36.72 4.15 30.19
CBB HEM MF . 36.76 5.12 31.10
C1C HEM MF . 36.88 1.65 26.51
C2C HEM MF . 38.06 0.90 26.15
C3C HEM MF . 37.80 0.26 25.01
C4C HEM MF . 36.45 0.60 24.59
CMC HEM MF . 39.33 0.94 27.05
CAC HEM MF . 38.65 -0.69 24.14
CBC HEM MF . 39.87 -1.10 24.50
C1D HEM MF . 34.48 0.48 23.07
C2D HEM MF . 33.80 0.13 21.82
C3D HEM MF . 32.57 0.65 21.85
C4D HEM MF . 32.41 1.39 23.09
CMD HEM MF . 34.44 -0.71 20.70
CAD HEM MF . 31.50 0.59 20.74
CBD HEM MF . 31.69 1.80 19.84
CGD HEM MF . 30.72 1.73 18.69
O1D HEM MF . 29.56 2.23 18.81
O2D HEM MF . 31.09 1.18 17.64
NA HEM MF . 32.16 3.16 25.57
NB HEM MF . 34.44 3.27 27.36
NC HEM MF . 35.93 1.42 25.54
ND HEM MF . 33.58 1.24 23.79
FE HEM MF . 33.99 2.26 25.58
C ACT NF . 45.13 9.63 20.28
O ACT NF . 44.64 8.54 19.94
OXT ACT NF . 44.68 10.62 19.68
CH3 ACT NF . 46.17 9.69 21.36
FE FE2 OF . 0.18 45.86 -12.03
FE FE2 PF . -27.53 30.92 -6.76
FE FE2 QF . 12.25 59.12 -18.03
FE FE2 RF . -2.90 45.48 -14.04
FE FE2 SF . 12.27 38.41 -15.73
CHA HEM TF . -2.47 38.87 0.05
CHB HEM TF . 0.67 42.51 -0.71
CHC HEM TF . -2.89 45.71 0.00
CHD HEM TF . -6.06 42.09 0.82
C1A HEM TF . -1.33 39.56 -0.28
C2A HEM TF . -0.08 38.99 -0.74
C3A HEM TF . 0.78 39.98 -0.96
C4A HEM TF . 0.11 41.24 -0.63
CMA HEM TF . 2.24 39.82 -1.46
CAA HEM TF . 0.17 37.49 -0.97
CBA HEM TF . -0.15 37.23 -2.45
CGA HEM TF . 0.15 35.79 -2.80
O1A HEM TF . 1.32 35.50 -3.16
O2A HEM TF . -0.78 34.94 -2.73
C1B HEM TF . 0.00 43.70 -0.60
C2B HEM TF . 0.58 45.03 -0.76
C3B HEM TF . -0.42 45.92 -0.58
C4B HEM TF . -1.63 45.18 -0.27
CMB HEM TF . 2.06 45.27 -1.12
CAB HEM TF . -0.35 47.44 -0.61
CBB HEM TF . 0.79 48.07 -0.38
C1C HEM TF . -4.04 45.00 0.28
C2C HEM TF . -5.30 45.62 0.57
C3C HEM TF . -6.19 44.63 0.83
C4C HEM TF . -5.51 43.35 0.68
CMC HEM TF . -5.44 47.16 0.59
CAC HEM TF . -7.69 44.67 1.17
CBC HEM TF . -8.39 45.78 1.36
C1D HEM TF . -5.38 40.89 0.70
C2D HEM TF . -5.87 39.55 0.97
C3D HEM TF . -4.90 38.68 0.76
C4D HEM TF . -3.72 39.41 0.36
CMD HEM TF . -7.30 39.23 1.42
CAD HEM TF . -4.97 37.14 0.94
CBD HEM TF . -4.58 36.85 2.38
CGD HEM TF . -4.67 35.38 2.74
O1D HEM TF . -3.65 34.66 2.53
O2D HEM TF . -5.74 34.95 3.24
NA HEM TF . -1.17 40.93 -0.22
NB HEM TF . -1.34 43.84 -0.29
NC HEM TF . -4.20 43.62 0.36
ND HEM TF . -4.06 40.74 0.36
FE HEM TF . -2.74 42.24 0.03
C ACT UF . -1.80 48.58 -12.80
O ACT UF . -0.79 48.07 -12.28
OXT ACT UF . -2.45 47.81 -13.53
CH3 ACT UF . -2.19 50.02 -12.56
FE FE2 VF . 23.40 34.18 6.85
FE FE2 WF . -6.01 45.56 12.03
FE FE2 XF . -19.79 57.40 17.78
FE FE2 YF . -2.92 45.54 14.07
FE FE2 ZF . -26.66 43.67 -0.25
FE FE2 AG . -17.31 36.70 15.65
C ACT BG . -4.26 48.32 12.84
O ACT BG . -3.60 47.76 13.73
OXT ACT BG . -4.90 47.53 12.15
CH3 ACT BG . -4.26 49.81 12.61
FE FE2 CG . 29.09 35.30 -12.93
FE FE2 DG . 28.84 36.88 -9.56
FE FE2 EG . 31.72 47.02 -27.59
FE FE2 FG . 20.90 46.53 0.20
FE FE2 GG . 28.24 24.69 -34.48
FE FE2 HG . 15.97 34.52 -20.19
CHA HEM IG . 30.87 21.45 -10.17
CHB HEM IG . 32.11 23.95 -14.22
CHC HEM IG . 36.29 25.19 -12.13
CHD HEM IG . 35.09 22.76 -8.11
C1A HEM IG . 30.82 22.05 -11.43
C2A HEM IG . 29.71 22.04 -12.38
C3A HEM IG . 30.05 22.72 -13.47
C4A HEM IG . 31.40 23.20 -13.30
CMA HEM IG . 29.18 22.97 -14.71
CAA HEM IG . 28.36 21.37 -12.12
CBA HEM IG . 27.59 22.38 -11.29
CGA HEM IG . 26.15 21.93 -11.14
O1A HEM IG . 25.40 22.04 -12.13
O2A HEM IG . 25.78 21.49 -10.02
C1B HEM IG . 33.36 24.51 -14.04
C2B HEM IG . 34.12 25.31 -14.97
C3B HEM IG . 35.26 25.66 -14.37
C4B HEM IG . 35.29 25.07 -13.06
CMB HEM IG . 33.56 25.67 -16.35
CAB HEM IG . 36.44 26.49 -14.89
CBB HEM IG . 36.67 26.59 -16.21
C1C HEM IG . 36.34 24.65 -10.87
C2C HEM IG . 37.44 24.78 -9.93
C3C HEM IG . 37.11 24.09 -8.83
C4C HEM IG . 35.80 23.52 -9.03
CMC HEM IG . 38.72 25.57 -10.29
CAC HEM IG . 37.86 23.84 -7.50
CBC HEM IG . 39.13 24.21 -7.26
C1D HEM IG . 33.86 22.16 -8.30
C2D HEM IG . 33.19 21.24 -7.41
C3D HEM IG . 32.03 20.88 -7.99
C4D HEM IG . 31.91 21.54 -9.26
CMD HEM IG . 33.75 20.77 -6.05
CAD HEM IG . 30.99 19.92 -7.43
CBD HEM IG . 31.20 18.62 -8.17
CGD HEM IG . 30.38 17.55 -7.46
O1D HEM IG . 29.16 17.46 -7.77
O2D HEM IG . 30.94 16.82 -6.59
NA HEM IG . 31.82 22.78 -12.05
NB HEM IG . 34.12 24.39 -12.90
NC HEM IG . 35.36 23.89 -10.28
ND HEM IG . 33.06 22.29 -9.39
FE HEM IG . 33.62 23.32 -11.20
C ACT JG . 31.45 37.44 -11.79
O ACT JG . 30.56 37.66 -10.96
OXT ACT JG . 31.13 36.63 -12.68
CH3 ACT JG . 32.80 38.10 -11.76
FE FE2 KG . 43.64 15.19 -11.31
FE FE2 LG . 43.59 13.34 -14.59
FE FE2 MG . 60.78 17.22 -3.49
FE FE2 NG . 43.46 25.03 10.64
FE FE2 OG . 42.89 6.25 0.70
C ACT PG . 45.56 16.02 -14.03
O ACT PG . 45.14 14.95 -14.54
OXT ACT PG . 45.10 16.29 -12.89
CH3 ACT PG . 46.53 16.92 -14.73
FE FE2 QG . -45.25 9.71 11.39
FE FE2 RG . -44.96 7.87 14.66
FE FE2 SG . -62.55 9.42 3.43
FE FE2 TG . -43.54 2.27 -1.28
CHA HEM UG . -33.49 17.49 10.40
CHB HEM UG . -37.75 18.23 8.21
CHC HEM UG . -39.28 20.57 12.17
CHD HEM UG . -35.01 19.86 14.37
C1A HEM UG . -34.51 17.44 9.47
C2A HEM UG . -34.52 16.74 8.21
C3A HEM UG . -35.69 16.91 7.60
C4A HEM UG . -36.48 17.78 8.46
CMA HEM UG . -36.12 16.34 6.23
CAA HEM UG . -33.35 15.89 7.70
CBA HEM UG . -33.56 14.49 8.28
CGA HEM UG . -32.58 13.54 7.64
O1A HEM UG . -32.86 13.04 6.52
O2A HEM UG . -31.49 13.30 8.23
C1B HEM UG . -38.55 18.91 9.09
C2B HEM UG . -39.92 19.29 8.86
C3B HEM UG . -40.36 19.95 9.95
C4B HEM UG . -39.26 20.00 10.91
CMB HEM UG . -40.60 18.94 7.53
CAB HEM UG . -41.71 20.58 10.25
CBB HEM UG . -42.70 20.70 9.35
C1C HEM UG . -38.26 20.59 13.09
C2C HEM UG . -38.32 21.25 14.37
C3C HEM UG . -37.14 21.06 14.98
C4C HEM UG . -36.29 20.28 14.11
CMC HEM UG . -39.61 21.98 14.81
CAC HEM UG . -36.61 21.53 16.36
CBC HEM UG . -37.34 22.21 17.24
C1D HEM UG . -34.19 19.19 13.47
C2D HEM UG . -32.77 18.89 13.60
C3D HEM UG . -32.37 18.24 12.51
C4D HEM UG . -33.50 18.10 11.63
CMD HEM UG . -31.90 19.29 14.81
CAD HEM UG . -30.95 17.73 12.20
CBD HEM UG . -30.17 18.95 11.70
CGD HEM UG . -28.75 18.53 11.38
O1D HEM UG . -28.52 18.08 10.24
O2D HEM UG . -27.85 18.64 12.27
NA HEM UG . -35.74 18.08 9.57
NB HEM UG . -38.18 19.36 10.34
NC HEM UG . -37.01 20.02 12.98
ND HEM UG . -34.59 18.67 12.26
FE HEM UG . -36.33 19.00 11.29
C ACT VG . -47.42 10.25 14.13
O ACT VG . -47.00 9.32 14.87
OXT ACT VG . -46.95 10.25 12.98
CH3 ACT VG . -48.43 11.27 14.57
FE FE2 WG . -33.31 31.42 12.96
FE FE2 XG . -33.26 33.06 9.65
FE FE2 YG . -37.44 42.82 27.55
FE FE2 ZG . -31.30 21.08 34.62
FE FE2 AH . -21.31 31.39 21.32
C ACT BH . -35.91 33.27 11.84
O ACT BH . -35.37 32.54 12.69
OXT ACT BH . -35.18 33.62 10.89
CH3 ACT BH . -37.33 33.72 11.94
#